data_9DVU
#
_entry.id   9DVU
#
_cell.length_a   1.00
_cell.length_b   1.00
_cell.length_c   1.00
_cell.angle_alpha   90.00
_cell.angle_beta   90.00
_cell.angle_gamma   90.00
#
_symmetry.space_group_name_H-M   'P 1'
#
loop_
_entity.id
_entity.type
_entity.pdbx_description
1 polymer 'Non-template DNA'
2 polymer 'Template DNA'
3 polymer 'DNA-directed RNA polymerase subunit alpha'
4 polymer 'DNA-directed RNA polymerase subunit beta'
5 polymer 'DNA-directed RNA polymerase subunit gamma'
6 polymer 'DNA-directed RNA polymerase subunit omega'
7 polymer "DNA-directed RNA polymerase subunit beta'"
8 polymer 'RNA polymerase sigma factor SigA1'
9 polymer 'DNA-binding dual master transcriptional regulator RpaA'
10 non-polymer 'MAGNESIUM ION'
11 non-polymer 'ZINC ION'
#
loop_
_entity_poly.entity_id
_entity_poly.type
_entity_poly.pdbx_seq_one_letter_code
_entity_poly.pdbx_strand_id
1 'polydeoxyribonucleotide'
;(DC)(DT)(DG)(DA)(DA)(DA)(DA)(DC)(DC)(DT)(DG)(DA)(DA)(DA)(DA)(DG)(DG)(DT)(DA)(DA)
(DA)(DG)(DG)(DA)(DG)(DG)(DT)(DC)(DT)(DT)(DA)(DA)(DG)(DC)(DT)(DC)(DG)(DG)(DC)(DT)
(DC)(DA)(DA)(DT)(DT)(DT)(DC)(DT)(DC)(DT)(DC)(DT)(DT)(DT)(DA)(DT)(DC)(DC)(DT)(DG)
(DT)(DT)(DA)(DG)(DA)(DT)(DG)(DG)(DT)(DT)(DT)(DG)(DA)(DT)(DT)(DG)(DC)(DT)(DG)(DT)
(DT)(DG)(DC)(DT)(DA)(DC)(DC)(DC)(DC)(DG)(DT)(DT)(DG)(DA)(DT)(DC)(DT)(DG)(DC)(DG)
(DT)(DA)(DT)(DG)(DA)
;
1
2 'polydeoxyribonucleotide'
;(DT)(DC)(DA)(DT)(DA)(DC)(DG)(DC)(DA)(DG)(DA)(DT)(DC)(DA)(DA)(DC)(DG)(DG)(DG)(DG)
(DT)(DA)(DG)(DC)(DA)(DA)(DC)(DA)(DG)(DC)(DA)(DA)(DT)(DC)(DA)(DA)(DA)(DC)(DC)(DA)
(DT)(DC)(DT)(DA)(DA)(DC)(DA)(DG)(DG)(DA)(DT)(DA)(DA)(DA)(DG)(DA)(DG)(DA)(DG)(DA)
(DA)(DA)(DT)(DT)(DG)(DA)(DG)(DC)(DC)(DG)(DA)(DG)(DC)(DT)(DT)(DA)(DA)(DG)(DA)(DC)
(DC)(DT)(DC)(DC)(DT)(DT)(DT)(DA)(DC)(DC)(DT)(DT)(DT)(DT)(DC)(DA)(DG)(DG)(DT)(DT)
(DT)(DT)(DC)(DA)(DG)
;
2
3 'polypeptide(L)'
;MTFQVECVESRTEADQGQYGRFSIEPLARGQGTTVGNALRRVLLSNLEGTAVTAVRIGGVNHEFATIPGVREDVLDILLN
VRELVVHAHSPQPQIGRLRVVGPATVTAADVDFGPEVEVINPNHYIASLSEGATLEMELKVEWGTGYRAIDRSHDETTAL
DFLQLDAVFMPVRRVNYSVEDARVGESTAIDRLVLEVWTNGSLSPQEALSQAASCLVALFEPLKNVSVGSTHTADPEPTP
ESQTPIEDLQLSVRAYNCLKRAQVNSVADLLSYTYEDLLEIKNFGQKSAEEVVEALERIGIKLQESKVS
;
A,B
4 'polypeptide(L)'
;MAEQTQLAPAAFHLPDLVAIQRNSFRWFLEEGLIEELESFSPITDYTGKLELHFLGKQYKLKRPKYDVDEAKRRDGTYSV
QMYVPTRLINKETGEIKEQEVFIGDLPLMTDRGTFIINGAERVIVNQIVRSPGVYYKSERDKNGRLTHNASLIPNRGAWL
KFETDKNGLVWVRIDKTRKLSAQVLLKALGLSDNEIYDKLRHPEYYQKTIDKEGQFSEDEALMELYRKLRPGEPPTVSGG
QQLLESRFFDPKRYDLGRVGRYKLNKKLGLNVADTVRTLTSEDILAAIDYLINLELDLGGCEVDDIDHLGNRRVRSVGEL
LQNQVRVGLNRLERIIRERMTVSDSDSLSPASLVNPKPLVAAIKEFFGSSQLSQFMDQTNPLAELTHKRRLSALGPGGLT
RERAGFAVRDIHPSHYGRICPIETPEGPNAGLIGSLATHARVNDYGFIETPFWRVEEGRVRKDLAPVYMTADQEDDLRVA
PGDVATDDAGYILGTTIPVRYRQDFTTTTPERVDYVALSPVQIISVATSLIPFLEHDDANRALMGSNMQRQAVPLLRPER
PLVGTGLEPQAARDSGMVITSPVDGTISYVDATHIEVTADTGEKYGYALQKYQRSNQDTCLNQRPIVFEGDRVQRGQVIA
DGSATEKGELALGQNILVAYMPWEGYNYEDAILISERLVYDDVYTSIHIEKFEIEARQTKLGPEEITREIPNVGEDALRQ
LDENGIIRVGAWVESGDILVGKVTPKGESDQPPEEKLLRAIFGEKARDVRDNSLRVPNGEKGRVVDVRLFTREQGDELPP
GANMVVRVYVAQKRKIQVGDKMAGRHGNKGIISRILPCEDMPYLPDGTPLDIVLNPLGVPSRMNVGQVFECMLGWAGQLL
DARFKVTPFDEMYGAEASRLTVNAKLSEAREQTGQPWVFSDDEPGKIQVYDGRTGEPFDRPVTVGRAYMLKLVHLVDDKI
HARSTGPYSLVTQQPLGGKAQQGGQRFGEMEVWALEAYGAAYILQELLTVKSDDMQGRNEALNAIVKGKAIPRPGTPESF
KVLMRELQSLCLDIAVYKASTEDYEEDKEVDLMADVNQRRTPSRPTYESMSVGDIDDDDD
;
C
5 'polypeptide(L)'
;MAKQEQRFDYVKIALASPERIRQWGERTLPNGQVVGEVTKPETINYRTLKPEMDGLFCEKIFGPAKDWECHCGKYKRVRH
RGIVCERCGVEVTESRVRRHRMGFIKLAAPVAHVWYLKGIPSYIAILLDMPLRDVEQIVYFNSYVVLNPGNHSELQYKQL
LNEDQWMEIEDQIYAEESDLEGIEVGIGAEALQQLLQDLNLNEESEKLRQEIAESKGQKRAKLIKRLRVIDNFIGTESRP
EWMVLNVIPVIPPDLRPMVQLDGGRFATSDLNDLYRRVINRNNRLARLQEILAPEIIVRNEKRMLQEAVDALIDNGRRGR
TVVGANNRPLKSLSDIIEGKQGRFRQNLLGKRVDYSGRSVIVVGPNLKIHQCGLPREMAIELFQPFVIHRLIKNHSINNI
KQAKKLIQKNDPLIWDVLEEVIEGHPVMLNRAPTLHRLGIQAFEPILVEGRAIQLHPLVCPAFNADFDGDQMAVHVPLSI
EAQAEARMLMLASGNILSPATGQPIVTPSQDMVLGCYYLTAENPGAQKGAGRYFANLEDAIRAFEQGSVDLHAWVWVRFD
GEVESEGESDEPESVVAADDGTVTKTYRFRRIRETEDGQRLSQYVKTTPGRILFNNTVQTALIH
;
D
6 'polypeptide(L)' MLQRFDLDSQDLLFKAESLIVNSTNRYHVTLQIARRAKQARYEEMENLSEETGIKPVLRAILEMSDELNQPEIIGG E
7 'polypeptide(L)'
;MAEAKSAPIFRNRVIDKKQLKKLIGWTFAHYGTAKTAVVADDLKALGFRYATRAGVSISIDDLKVPGSKAELLESAEKRI
QETEDRYTRGEITEVERFQKVIDTWANTNDELTDRVVKNFRESDPLNSVYMMAFSGARGNISQVRQLVGMRGLMANPQGE
IIDLPIKTNFREGLTVTEYIISSYGARKGLVDTALRTADSGYLTRRLVDVSQDVIIHEVDCGTSRGLFVEAMTDGDRILI
PISQRLLGRVTAEAVLDPSTDEVLAEAGQDINEDLANRIEKAGIKKVKVRSPLTCEAARSVCQKCYGWSLAHAQMVDMGE
AVGIIAAQSIGEPGTQLTMRTFHTGGVFTGETARLLRAPVAGTIKLGKKARTRPYRTRHGEEALLAEANFDLVLEGKGRK
ETFAILQGSTIFVQDGDKVAAEAILAEVPVSGRTKRTVEKATKDVATDLAGEIRFQDIVPEEKTDRQGNTTRIAQRGGLL
WVLAGDVYNLLPGAEPTVKNGDRVEVGDVLAETKLTTERGGTVRMGEDNGSSTHREVEIITASVVLDTATVKAEASQGRE
HYVIETKGGQRFNLLAAPGTKVTTGHVVAELIDSRYRTQTGGLLKYSGVEISKKGRAKAKQGYEVTKGGTLLWIPEETHE
VNKDISLLNVEDGQLVEAGTEVVKDIFCQTTGIVSVTQNNDILREIVIKPGDVHVLDDPDTAAKYDEGRLVNAGEEVFPG
LTAEQLVWAEAVDGTDGPLLLLRPVQELVIPDEPPVPSQDSSQESSSRSIRLRAVQRLQFQDGERIKSVEGVDLLRTQLV
LESEEGSSQLSADIELLPDSKDPETLRLQLVIIEPVVIRRDVASDTTHGSTHTELRVKDGQKVKPGAVIACTQIQCKEAG
VVRGIQEGSEAVRRLLVERERDCVTLDLDVTAATQLQPGSLIVAGTQLVDGIIAPESGEVRAIAPGQLQLRIARPYRVSQ
GAVLHVEDKGLVQRGDNLVLLVFERAKTGDIIQGLPRIEELLEARKPKEACILARRPGVAHINYSDDDAIDIQVIEADGT
QADYPVGPGQPLIISDGETVDAGQALTDGPANPHDLLEIYYDYFREQLGEDYEAALESLRRVQALLVNEVQSVYQSQGID
ISDKHIEVIVRQMTSKVRIDDGGDTIMLPGELHELREVYNSNNTMALTGMAPAQFTPVLLGITKASLNTNSFISAASFQE
TTRVLTEAAIEGKSDWLRGLKENVIIGRLIPAGTGFKAYEESLLTDVDGGYEDRVYDDDLADVVIDDRAARSYTLNEGRD
FSRSMTFAEGESMILDDGEELIDDSSASLRNLVDVDED
;
F
8 'polypeptide(L)'
;MTQLISIDKEQEEAGMTQATELLDPALKPAETKAKRSSRKKATTAVVEPATTIAPTADVDAIDDEDSVGEDEDAAAKAKA
KVRKTYTEDSIRLYLQEIGRIRLLRADEEIELARQIADLLALERIRDELLEQLDRLPSDAEWAAAVDSPLDEFRRRLFRG
RRAKDKMVQSNLRLVVSIAKKYMNRGLSFQDLIQEGSLGLIRAAEKFDHEKGYKFSTYATWWIRQAITRAIADQSRTIRL
PVHLYETISRIKKTTKLLSQEMGRKPTEEEIATRMEMTIEKLRFIAKSAQLPISLETPIGKEEDSRLGDFIEADGETPED
EVAKNLLREDLEGVLSTLSPRERDVLRLRYGLDDGRMKTLEEIGQLFNVTRERIRQIEAKALRKLRHPNRNSILKEYIR
;
G
9 'polypeptide(L)'
;MKPRILVIDDDSAILELVAVNLEMSGYDVRKAEDGIKGQALAVQLVPDLIML(PHD)LMLPRVDGFTVCQRLRRDERTAE
IPVLMLTALGQTQDKVEGFNAGADDYLTKPFEVEEMLARVRALLQRTDRIPHAARHSEILSYGPLTLIPERFEAIWFNRT
VKLTHLEFELLHCLLQRHGQTVAPSEILKEVWGYDPDDDIETIRVHIRHLRTKLEPDPRHPRYIKTVYGAGYCLELPAET
ELHQHADQFPSAS
;
R,S
#
# COMPACT_ATOMS: atom_id res chain seq x y z
N THR C 2 28.20 -57.71 -32.97
CA THR C 2 29.63 -57.93 -32.75
C THR C 2 29.93 -58.08 -31.26
N PHE C 3 29.41 -57.17 -30.46
CA PHE C 3 29.68 -57.19 -29.03
C PHE C 3 28.84 -58.24 -28.32
N GLN C 4 29.24 -58.56 -27.09
CA GLN C 4 28.59 -59.59 -26.29
C GLN C 4 28.15 -58.99 -24.96
N VAL C 5 26.86 -59.02 -24.70
CA VAL C 5 26.29 -58.47 -23.48
C VAL C 5 26.09 -59.61 -22.49
N GLU C 6 26.76 -59.55 -21.35
CA GLU C 6 26.66 -60.58 -20.34
C GLU C 6 26.26 -59.99 -19.00
N CYS C 7 25.52 -60.78 -18.22
CA CYS C 7 25.14 -60.38 -16.86
C CYS C 7 26.17 -60.90 -15.88
N VAL C 8 26.76 -59.99 -15.13
CA VAL C 8 27.86 -60.29 -14.21
C VAL C 8 27.36 -60.62 -12.82
N GLU C 9 26.46 -59.80 -12.28
CA GLU C 9 25.95 -59.99 -10.93
C GLU C 9 24.46 -59.69 -10.87
N SER C 10 23.74 -60.48 -10.07
CA SER C 10 22.34 -60.24 -9.80
C SER C 10 22.05 -60.56 -8.35
N ARG C 11 21.46 -59.61 -7.64
CA ARG C 11 21.12 -59.76 -6.23
C ARG C 11 19.63 -59.51 -6.05
N THR C 12 19.20 -59.52 -4.80
CA THR C 12 17.82 -59.19 -4.45
C THR C 12 17.83 -58.59 -3.06
N GLU C 13 17.40 -57.34 -2.95
CA GLU C 13 17.46 -56.65 -1.68
C GLU C 13 16.37 -57.17 -0.74
N ALA C 14 16.33 -56.60 0.46
CA ALA C 14 15.36 -57.04 1.45
C ALA C 14 13.93 -56.68 1.07
N ASP C 15 13.75 -55.57 0.36
CA ASP C 15 12.43 -55.15 -0.08
C ASP C 15 12.04 -55.76 -1.41
N GLN C 16 12.65 -56.89 -1.77
CA GLN C 16 12.38 -57.62 -3.00
C GLN C 16 12.73 -56.82 -4.25
N GLY C 17 13.43 -55.70 -4.09
CA GLY C 17 14.00 -55.01 -5.24
C GLY C 17 15.13 -55.82 -5.83
N GLN C 18 15.46 -55.53 -7.08
CA GLN C 18 16.44 -56.34 -7.78
C GLN C 18 17.55 -55.48 -8.36
N TYR C 19 18.76 -56.04 -8.37
CA TYR C 19 19.93 -55.37 -8.90
C TYR C 19 20.57 -56.25 -9.96
N GLY C 20 20.98 -55.64 -11.06
CA GLY C 20 21.63 -56.36 -12.13
C GLY C 20 22.73 -55.56 -12.78
N ARG C 21 23.91 -56.16 -12.95
CA ARG C 21 25.03 -55.51 -13.61
C ARG C 21 25.36 -56.23 -14.91
N PHE C 22 25.53 -55.48 -15.98
CA PHE C 22 25.77 -56.02 -17.30
C PHE C 22 27.05 -55.44 -17.88
N SER C 23 27.81 -56.28 -18.59
CA SER C 23 29.02 -55.88 -19.28
C SER C 23 28.81 -56.03 -20.78
N ILE C 24 29.07 -54.95 -21.50
CA ILE C 24 28.85 -54.86 -22.94
C ILE C 24 30.17 -54.47 -23.59
N GLU C 25 30.68 -55.32 -24.47
CA GLU C 25 31.96 -55.03 -25.09
C GLU C 25 32.11 -55.88 -26.34
N PRO C 26 32.86 -55.40 -27.33
CA PRO C 26 33.55 -54.11 -27.39
C PRO C 26 32.81 -53.03 -28.17
N LEU C 27 32.64 -51.84 -27.58
CA LEU C 27 32.10 -50.71 -28.32
C LEU C 27 33.26 -49.91 -28.92
N ALA C 28 32.95 -48.82 -29.60
CA ALA C 28 33.93 -48.16 -30.47
C ALA C 28 34.19 -46.73 -30.02
N ARG C 29 35.08 -46.57 -29.05
CA ARG C 29 35.71 -45.28 -28.71
C ARG C 29 34.70 -44.14 -28.63
N GLY C 30 33.84 -44.25 -27.63
CA GLY C 30 32.84 -43.24 -27.36
C GLY C 30 31.43 -43.67 -27.67
N GLN C 31 31.27 -44.80 -28.38
CA GLN C 31 29.94 -45.37 -28.52
C GLN C 31 29.42 -45.89 -27.19
N GLY C 32 30.31 -46.17 -26.24
CA GLY C 32 29.87 -46.57 -24.91
C GLY C 32 29.02 -45.51 -24.24
N THR C 33 29.42 -44.25 -24.34
CA THR C 33 28.62 -43.18 -23.75
C THR C 33 27.27 -43.05 -24.43
N THR C 34 27.22 -43.15 -25.76
CA THR C 34 25.95 -43.05 -26.46
C THR C 34 25.01 -44.17 -26.04
N VAL C 35 25.50 -45.41 -26.09
CA VAL C 35 24.66 -46.54 -25.72
C VAL C 35 24.22 -46.43 -24.28
N GLY C 36 25.16 -46.13 -23.39
CA GLY C 36 24.84 -46.08 -21.98
C GLY C 36 23.85 -44.99 -21.64
N ASN C 37 24.01 -43.81 -22.21
CA ASN C 37 23.10 -42.72 -21.87
C ASN C 37 21.73 -42.91 -22.51
N ALA C 38 21.67 -43.47 -23.71
CA ALA C 38 20.36 -43.77 -24.28
C ALA C 38 19.64 -44.80 -23.42
N LEU C 39 20.36 -45.84 -23.00
CA LEU C 39 19.77 -46.84 -22.12
C LEU C 39 19.32 -46.22 -20.80
N ARG C 40 20.13 -45.34 -20.22
CA ARG C 40 19.75 -44.75 -18.94
C ARG C 40 18.52 -43.86 -19.07
N ARG C 41 18.45 -43.08 -20.14
CA ARG C 41 17.31 -42.20 -20.33
C ARG C 41 16.04 -43.00 -20.57
N VAL C 42 16.13 -44.07 -21.35
CA VAL C 42 14.93 -44.85 -21.61
C VAL C 42 14.52 -45.64 -20.37
N LEU C 43 15.49 -46.21 -19.66
CA LEU C 43 15.17 -47.00 -18.48
C LEU C 43 14.52 -46.13 -17.42
N LEU C 44 14.99 -44.91 -17.26
CA LEU C 44 14.42 -44.02 -16.25
C LEU C 44 13.17 -43.30 -16.73
N SER C 45 12.86 -43.33 -18.02
CA SER C 45 11.79 -42.44 -18.44
C SER C 45 10.66 -43.12 -19.22
N ASN C 46 10.96 -44.11 -20.06
CA ASN C 46 9.97 -44.63 -21.00
C ASN C 46 9.67 -46.12 -20.82
N LEU C 47 9.65 -46.61 -19.59
CA LEU C 47 9.26 -47.98 -19.32
C LEU C 47 7.90 -48.03 -18.65
N GLU C 48 7.03 -48.89 -19.16
CA GLU C 48 5.70 -49.04 -18.61
C GLU C 48 5.75 -49.92 -17.36
N GLY C 49 5.00 -49.51 -16.34
CA GLY C 49 4.90 -50.26 -15.11
C GLY C 49 3.45 -50.37 -14.66
N THR C 50 3.28 -51.02 -13.52
CA THR C 50 1.97 -51.20 -12.91
C THR C 50 1.99 -50.55 -11.55
N ALA C 51 0.95 -49.78 -11.25
CA ALA C 51 0.88 -49.08 -9.98
C ALA C 51 -0.57 -49.04 -9.53
N VAL C 52 -0.77 -48.86 -8.24
CA VAL C 52 -2.11 -48.71 -7.69
C VAL C 52 -2.57 -47.28 -7.94
N THR C 53 -3.58 -47.13 -8.79
CA THR C 53 -4.03 -45.80 -9.17
C THR C 53 -5.15 -45.29 -8.28
N ALA C 54 -5.97 -46.17 -7.73
CA ALA C 54 -7.10 -45.71 -6.93
C ALA C 54 -7.32 -46.64 -5.77
N VAL C 55 -7.99 -46.13 -4.74
CA VAL C 55 -8.30 -46.94 -3.56
C VAL C 55 -9.58 -46.40 -2.94
N ARG C 56 -10.43 -47.32 -2.46
CA ARG C 56 -11.64 -46.99 -1.72
C ARG C 56 -11.57 -47.71 -0.38
N ILE C 57 -11.55 -46.94 0.69
CA ILE C 57 -11.46 -47.46 2.05
C ILE C 57 -12.86 -47.38 2.65
N GLY C 58 -13.47 -48.54 2.89
CA GLY C 58 -14.80 -48.59 3.45
C GLY C 58 -14.98 -47.77 4.72
N GLY C 59 -15.94 -46.86 4.71
CA GLY C 59 -16.21 -46.01 5.85
C GLY C 59 -15.74 -44.58 5.72
N VAL C 60 -14.93 -44.25 4.71
CA VAL C 60 -14.44 -42.91 4.51
C VAL C 60 -14.73 -42.48 3.09
N ASN C 61 -14.77 -41.15 2.88
CA ASN C 61 -15.00 -40.59 1.57
C ASN C 61 -14.02 -39.49 1.19
N HIS C 62 -13.06 -39.16 2.05
CA HIS C 62 -12.03 -38.20 1.67
C HIS C 62 -10.74 -38.55 2.39
N GLU C 63 -9.67 -37.84 2.02
CA GLU C 63 -8.33 -38.15 2.49
C GLU C 63 -8.00 -37.64 3.88
N PHE C 64 -8.82 -36.78 4.47
CA PHE C 64 -8.50 -36.14 5.74
C PHE C 64 -9.34 -36.68 6.87
N ALA C 65 -9.66 -37.97 6.81
CA ALA C 65 -10.46 -38.64 7.82
C ALA C 65 -9.64 -39.69 8.56
N THR C 66 -10.26 -40.29 9.57
CA THR C 66 -9.64 -41.35 10.34
C THR C 66 -10.67 -42.45 10.54
N ILE C 67 -10.18 -43.65 10.80
CA ILE C 67 -11.01 -44.82 11.10
C ILE C 67 -10.80 -45.18 12.56
N PRO C 68 -11.85 -45.40 13.33
CA PRO C 68 -11.67 -45.77 14.74
C PRO C 68 -10.97 -47.12 14.86
N GLY C 69 -9.93 -47.17 15.68
CA GLY C 69 -9.18 -48.38 15.89
C GLY C 69 -8.04 -48.59 14.92
N VAL C 70 -7.89 -47.74 13.92
CA VAL C 70 -6.82 -47.83 12.95
C VAL C 70 -5.75 -46.81 13.32
N ARG C 71 -4.53 -47.29 13.52
CA ARG C 71 -3.46 -46.41 13.99
C ARG C 71 -3.15 -45.31 13.00
N GLU C 72 -3.28 -45.59 11.71
CA GLU C 72 -2.93 -44.62 10.67
C GLU C 72 -4.16 -43.88 10.18
N ASP C 73 -3.94 -42.65 9.75
CA ASP C 73 -5.02 -41.85 9.19
C ASP C 73 -5.11 -42.17 7.71
N VAL C 74 -6.26 -41.82 7.12
CA VAL C 74 -6.50 -42.17 5.73
C VAL C 74 -5.36 -41.72 4.84
N LEU C 75 -4.85 -40.52 5.05
CA LEU C 75 -3.80 -40.00 4.18
C LEU C 75 -2.51 -40.81 4.27
N ASP C 76 -2.20 -41.37 5.44
CA ASP C 76 -1.02 -42.23 5.55
C ASP C 76 -1.26 -43.56 4.86
N ILE C 77 -2.47 -44.10 4.96
CA ILE C 77 -2.77 -45.34 4.26
C ILE C 77 -2.69 -45.12 2.75
N LEU C 78 -3.17 -43.97 2.27
CA LEU C 78 -3.04 -43.66 0.85
C LEU C 78 -1.58 -43.56 0.45
N LEU C 79 -0.76 -42.90 1.28
CA LEU C 79 0.65 -42.76 0.96
C LEU C 79 1.41 -44.08 1.07
N ASN C 80 0.88 -45.07 1.79
CA ASN C 80 1.48 -46.39 1.82
C ASN C 80 1.02 -47.27 0.67
N VAL C 81 -0.25 -47.18 0.30
CA VAL C 81 -0.74 -47.96 -0.83
C VAL C 81 -0.16 -47.41 -2.12
N ARG C 82 0.05 -46.09 -2.20
CA ARG C 82 0.60 -45.52 -3.43
C ARG C 82 1.99 -46.02 -3.72
N GLU C 83 2.71 -46.51 -2.70
CA GLU C 83 4.06 -47.00 -2.86
C GLU C 83 4.10 -48.52 -2.91
N LEU C 84 2.95 -49.16 -3.10
CA LEU C 84 2.89 -50.61 -3.17
C LEU C 84 3.26 -51.07 -4.56
N VAL C 85 4.25 -51.94 -4.67
CA VAL C 85 4.73 -52.41 -5.96
C VAL C 85 3.95 -53.65 -6.37
N VAL C 86 3.45 -53.63 -7.60
CA VAL C 86 2.65 -54.73 -8.15
C VAL C 86 3.08 -54.94 -9.59
N HIS C 87 2.88 -56.16 -10.08
CA HIS C 87 3.14 -56.47 -11.48
C HIS C 87 1.97 -57.20 -12.08
N ALA C 88 1.38 -56.62 -13.12
CA ALA C 88 0.20 -57.18 -13.76
C ALA C 88 0.60 -57.95 -15.02
N HIS C 89 -0.20 -58.97 -15.33
CA HIS C 89 0.00 -59.75 -16.54
C HIS C 89 -1.04 -59.44 -17.59
N SER C 90 -2.24 -59.08 -17.18
CA SER C 90 -3.29 -58.67 -18.09
C SER C 90 -3.21 -57.17 -18.32
N PRO C 91 -3.39 -56.72 -19.53
CA PRO C 91 -3.29 -55.29 -19.84
C PRO C 91 -4.58 -54.53 -19.53
N GLN C 92 -5.15 -54.79 -18.36
CA GLN C 92 -6.37 -54.14 -17.92
C GLN C 92 -6.22 -53.75 -16.47
N PRO C 93 -6.96 -52.73 -16.02
CA PRO C 93 -7.00 -52.42 -14.59
C PRO C 93 -7.61 -53.59 -13.82
N GLN C 94 -7.13 -53.79 -12.60
CA GLN C 94 -7.67 -54.84 -11.75
C GLN C 94 -8.05 -54.27 -10.41
N ILE C 95 -8.96 -54.97 -9.73
CA ILE C 95 -9.43 -54.59 -8.40
C ILE C 95 -8.98 -55.67 -7.43
N GLY C 96 -8.27 -55.24 -6.40
CA GLY C 96 -7.85 -56.11 -5.32
C GLY C 96 -8.60 -55.74 -4.05
N ARG C 97 -8.96 -56.74 -3.28
CA ARG C 97 -9.79 -56.54 -2.10
C ARG C 97 -9.00 -56.92 -0.86
N LEU C 98 -9.13 -56.10 0.17
CA LEU C 98 -8.48 -56.34 1.45
C LEU C 98 -9.51 -56.15 2.55
N ARG C 99 -9.52 -57.06 3.51
CA ARG C 99 -10.37 -56.87 4.68
C ARG C 99 -9.69 -57.53 5.87
N VAL C 100 -9.24 -56.73 6.82
CA VAL C 100 -8.58 -57.24 8.00
C VAL C 100 -9.37 -56.77 9.22
N VAL C 101 -9.41 -57.61 10.25
CA VAL C 101 -10.22 -57.36 11.44
C VAL C 101 -9.38 -57.63 12.67
N GLY C 102 -9.65 -56.86 13.73
CA GLY C 102 -9.08 -57.15 15.02
C GLY C 102 -7.64 -56.70 15.11
N PRO C 103 -6.97 -57.10 16.20
CA PRO C 103 -5.58 -56.67 16.42
C PRO C 103 -4.66 -57.24 15.38
N ALA C 104 -4.18 -56.43 14.45
CA ALA C 104 -3.29 -56.95 13.42
C ALA C 104 -2.49 -55.82 12.81
N THR C 105 -1.38 -56.16 12.17
CA THR C 105 -0.63 -55.20 11.39
C THR C 105 -0.88 -55.51 9.92
N VAL C 106 -1.77 -54.75 9.29
CA VAL C 106 -2.13 -55.02 7.91
C VAL C 106 -0.95 -54.71 7.02
N THR C 107 -0.58 -55.67 6.18
CA THR C 107 0.55 -55.59 5.28
C THR C 107 0.10 -55.97 3.87
N ALA C 108 1.03 -55.83 2.92
CA ALA C 108 0.71 -56.09 1.53
C ALA C 108 0.32 -57.54 1.27
N ALA C 109 0.66 -58.46 2.16
CA ALA C 109 0.24 -59.84 1.99
C ALA C 109 -1.26 -60.00 2.16
N ASP C 110 -1.91 -59.05 2.82
CA ASP C 110 -3.35 -59.13 3.06
C ASP C 110 -4.17 -58.65 1.87
N VAL C 111 -3.53 -58.12 0.83
CA VAL C 111 -4.23 -57.71 -0.37
C VAL C 111 -4.39 -58.91 -1.29
N ASP C 112 -5.61 -59.16 -1.71
CA ASP C 112 -5.91 -60.29 -2.58
C ASP C 112 -6.37 -59.75 -3.93
N PHE C 113 -5.44 -59.67 -4.88
CA PHE C 113 -5.80 -59.36 -6.25
C PHE C 113 -6.31 -60.64 -6.89
N GLY C 114 -6.46 -60.64 -8.21
CA GLY C 114 -6.83 -61.85 -8.90
C GLY C 114 -5.64 -62.79 -9.00
N PRO C 115 -5.69 -63.72 -9.95
CA PRO C 115 -4.53 -64.56 -10.23
C PRO C 115 -3.55 -63.92 -11.19
N GLU C 116 -3.85 -62.72 -11.68
CA GLU C 116 -3.01 -62.05 -12.66
C GLU C 116 -2.02 -61.10 -12.01
N VAL C 117 -2.51 -60.28 -11.09
CA VAL C 117 -1.67 -59.29 -10.45
C VAL C 117 -0.95 -59.95 -9.29
N GLU C 118 0.31 -59.61 -9.11
CA GLU C 118 1.10 -60.19 -8.03
C GLU C 118 1.78 -59.08 -7.25
N VAL C 119 1.84 -59.26 -5.93
CA VAL C 119 2.53 -58.32 -5.05
C VAL C 119 3.98 -58.73 -4.91
N ILE C 120 4.88 -57.81 -5.23
CA ILE C 120 6.30 -58.12 -5.21
C ILE C 120 6.81 -58.28 -3.79
N ASN C 121 6.36 -57.40 -2.89
CA ASN C 121 6.82 -57.41 -1.50
C ASN C 121 5.66 -57.65 -0.55
N PRO C 122 5.46 -58.88 -0.08
CA PRO C 122 4.38 -59.13 0.88
C PRO C 122 4.75 -58.74 2.30
N ASN C 123 5.55 -57.68 2.45
CA ASN C 123 5.91 -57.15 3.75
C ASN C 123 5.77 -55.63 3.78
N HIS C 124 5.23 -55.04 2.73
CA HIS C 124 4.99 -53.60 2.75
C HIS C 124 3.99 -53.32 3.86
N TYR C 125 4.32 -52.39 4.73
CA TYR C 125 3.41 -52.01 5.80
C TYR C 125 2.30 -51.14 5.26
N ILE C 126 1.07 -51.35 5.74
CA ILE C 126 -0.07 -50.56 5.31
C ILE C 126 -0.77 -49.89 6.49
N ALA C 127 -1.05 -50.64 7.55
CA ALA C 127 -1.73 -50.03 8.69
C ALA C 127 -1.60 -50.91 9.92
N SER C 128 -1.92 -50.34 11.07
CA SER C 128 -1.99 -51.09 12.31
C SER C 128 -3.41 -50.98 12.86
N LEU C 129 -4.08 -52.12 13.01
CA LEU C 129 -5.46 -52.19 13.46
C LEU C 129 -5.47 -52.62 14.92
N SER C 130 -6.26 -51.92 15.73
CA SER C 130 -6.46 -52.26 17.12
C SER C 130 -7.59 -53.27 17.24
N GLU C 131 -7.86 -53.70 18.47
CA GLU C 131 -8.88 -54.72 18.70
C GLU C 131 -10.25 -54.18 18.37
N GLY C 132 -11.02 -54.95 17.60
CA GLY C 132 -12.36 -54.56 17.22
C GLY C 132 -12.45 -53.62 16.05
N ALA C 133 -11.35 -53.35 15.36
CA ALA C 133 -11.34 -52.44 14.22
C ALA C 133 -11.20 -53.23 12.94
N THR C 134 -11.99 -52.86 11.93
CA THR C 134 -11.95 -53.51 10.63
C THR C 134 -11.52 -52.50 9.57
N LEU C 135 -10.54 -52.89 8.77
CA LEU C 135 -10.08 -52.10 7.65
C LEU C 135 -10.46 -52.84 6.36
N GLU C 136 -11.28 -52.20 5.54
CA GLU C 136 -11.77 -52.78 4.29
C GLU C 136 -11.42 -51.84 3.16
N MET C 137 -10.69 -52.34 2.17
CA MET C 137 -10.18 -51.53 1.08
C MET C 137 -10.37 -52.26 -0.23
N GLU C 138 -10.52 -51.48 -1.30
CA GLU C 138 -10.54 -51.97 -2.66
C GLU C 138 -9.59 -51.11 -3.49
N LEU C 139 -8.55 -51.72 -4.04
CA LEU C 139 -7.55 -51.00 -4.81
C LEU C 139 -7.71 -51.26 -6.29
N LYS C 140 -7.44 -50.24 -7.08
CA LYS C 140 -7.48 -50.32 -8.54
C LYS C 140 -6.08 -50.07 -9.06
N VAL C 141 -5.59 -51.03 -9.84
CA VAL C 141 -4.26 -50.99 -10.46
C VAL C 141 -4.41 -50.85 -11.96
N GLU C 142 -3.57 -50.00 -12.55
CA GLU C 142 -3.59 -49.71 -13.98
C GLU C 142 -2.16 -49.68 -14.51
N TRP C 143 -2.05 -49.79 -15.83
CA TRP C 143 -0.78 -49.64 -16.51
C TRP C 143 -0.53 -48.18 -16.87
N GLY C 144 0.74 -47.82 -16.97
CA GLY C 144 1.10 -46.46 -17.29
C GLY C 144 2.60 -46.29 -17.29
N THR C 145 3.03 -45.04 -17.44
CA THR C 145 4.45 -44.74 -17.49
C THR C 145 4.70 -43.38 -16.84
N GLY C 146 5.77 -43.32 -16.04
CA GLY C 146 6.13 -42.07 -15.42
C GLY C 146 5.17 -41.68 -14.31
N TYR C 147 5.16 -40.38 -14.03
CA TYR C 147 4.30 -39.83 -12.99
C TYR C 147 3.02 -39.28 -13.60
N ARG C 148 1.89 -39.79 -13.15
CA ARG C 148 0.59 -39.35 -13.63
C ARG C 148 -0.10 -38.58 -12.51
N ALA C 149 -0.48 -37.34 -12.80
CA ALA C 149 -1.14 -36.44 -11.88
C ALA C 149 -2.65 -36.62 -11.95
N ILE C 150 -3.31 -36.45 -10.80
CA ILE C 150 -4.76 -36.66 -10.74
C ILE C 150 -5.45 -35.72 -11.70
N ASP C 151 -6.51 -36.21 -12.35
CA ASP C 151 -7.26 -35.42 -13.31
C ASP C 151 -8.62 -34.97 -12.80
N ARG C 152 -8.95 -35.27 -11.55
CA ARG C 152 -10.21 -34.87 -10.90
C ARG C 152 -11.40 -34.70 -11.84
N ALA C 159 -16.96 -45.84 -10.19
CA ALA C 159 -16.06 -44.70 -10.16
C ALA C 159 -16.49 -43.72 -9.08
N LEU C 160 -17.29 -44.20 -8.15
CA LEU C 160 -17.83 -43.39 -7.06
C LEU C 160 -17.19 -43.81 -5.75
N ASP C 161 -16.67 -42.83 -5.00
CA ASP C 161 -16.07 -42.98 -3.67
C ASP C 161 -14.66 -43.54 -3.72
N PHE C 162 -14.07 -43.72 -4.90
CA PHE C 162 -12.70 -44.18 -5.03
C PHE C 162 -11.76 -42.98 -4.93
N LEU C 163 -10.81 -43.02 -3.99
CA LEU C 163 -9.88 -41.93 -3.82
C LEU C 163 -8.71 -42.07 -4.77
N GLN C 164 -8.58 -41.12 -5.69
CA GLN C 164 -7.52 -41.12 -6.68
C GLN C 164 -6.16 -40.83 -6.08
N LEU C 165 -5.12 -41.41 -6.68
CA LEU C 165 -3.75 -41.23 -6.24
C LEU C 165 -2.92 -40.71 -7.40
N ASP C 166 -1.92 -39.90 -7.07
CA ASP C 166 -0.95 -39.44 -8.06
C ASP C 166 -0.02 -40.60 -8.37
N ALA C 167 -0.31 -41.33 -9.44
CA ALA C 167 0.31 -42.61 -9.66
C ALA C 167 1.74 -42.43 -10.14
N VAL C 168 2.59 -43.40 -9.78
CA VAL C 168 4.00 -43.39 -10.15
C VAL C 168 4.31 -44.75 -10.76
N PHE C 169 4.30 -44.83 -12.09
CA PHE C 169 4.65 -46.04 -12.82
C PHE C 169 6.12 -45.95 -13.21
N MET C 170 7.00 -46.27 -12.27
CA MET C 170 8.43 -46.21 -12.47
C MET C 170 9.05 -47.53 -12.04
N PRO C 171 9.01 -48.54 -12.91
CA PRO C 171 9.53 -49.86 -12.54
C PRO C 171 11.03 -49.89 -12.31
N VAL C 172 11.77 -48.91 -12.81
CA VAL C 172 13.22 -48.85 -12.67
C VAL C 172 13.54 -47.66 -11.78
N ARG C 173 14.31 -47.89 -10.72
CA ARG C 173 14.54 -46.83 -9.76
C ARG C 173 15.93 -46.23 -9.85
N ARG C 174 16.93 -46.96 -10.33
CA ARG C 174 18.22 -46.32 -10.49
C ARG C 174 19.05 -46.98 -11.59
N VAL C 175 19.58 -46.18 -12.49
CA VAL C 175 20.46 -46.69 -13.55
C VAL C 175 21.78 -45.96 -13.48
N ASN C 176 22.87 -46.70 -13.56
CA ASN C 176 24.21 -46.15 -13.57
C ASN C 176 24.99 -46.84 -14.67
N TYR C 177 26.00 -46.18 -15.21
CA TYR C 177 26.85 -46.84 -16.19
C TYR C 177 28.22 -46.17 -16.19
N SER C 178 29.22 -46.94 -16.61
CA SER C 178 30.58 -46.44 -16.71
C SER C 178 31.26 -47.11 -17.87
N VAL C 179 31.92 -46.32 -18.71
CA VAL C 179 32.66 -46.81 -19.87
C VAL C 179 34.11 -46.92 -19.47
N GLU C 180 34.67 -48.13 -19.57
CA GLU C 180 36.06 -48.43 -19.26
C GLU C 180 36.84 -48.73 -20.53
N ASP C 181 38.15 -48.56 -20.45
CA ASP C 181 39.01 -48.87 -21.58
C ASP C 181 39.27 -50.37 -21.60
N ALA C 182 38.91 -51.03 -22.70
CA ALA C 182 39.13 -52.46 -22.87
C ALA C 182 40.17 -52.76 -23.94
N ARG C 183 41.18 -51.91 -24.07
CA ARG C 183 42.25 -52.10 -25.06
C ARG C 183 42.77 -53.53 -25.07
N THR C 188 44.42 -49.77 -31.51
CA THR C 188 43.02 -49.36 -31.47
C THR C 188 42.51 -49.30 -30.04
N ALA C 189 41.70 -48.30 -29.75
CA ALA C 189 41.10 -48.15 -28.43
C ALA C 189 39.64 -48.56 -28.47
N ILE C 190 39.25 -49.44 -27.58
CA ILE C 190 37.90 -49.99 -27.54
C ILE C 190 37.28 -49.64 -26.20
N ASP C 191 35.95 -49.71 -26.14
CA ASP C 191 35.22 -49.33 -24.93
C ASP C 191 34.39 -50.49 -24.41
N ARG C 192 34.38 -50.65 -23.09
CA ARG C 192 33.56 -51.65 -22.40
C ARG C 192 32.58 -50.93 -21.49
N LEU C 193 31.30 -51.06 -21.78
CA LEU C 193 30.28 -50.38 -20.99
C LEU C 193 29.83 -51.30 -19.86
N VAL C 194 29.76 -50.77 -18.64
CA VAL C 194 29.25 -51.49 -17.49
C VAL C 194 27.99 -50.77 -17.04
N LEU C 195 26.87 -51.47 -17.05
CA LEU C 195 25.56 -50.90 -16.79
C LEU C 195 24.94 -51.58 -15.58
N GLU C 196 24.59 -50.77 -14.58
CA GLU C 196 23.99 -51.26 -13.34
C GLU C 196 22.56 -50.75 -13.25
N VAL C 197 21.63 -51.66 -13.00
CA VAL C 197 20.21 -51.34 -12.95
C VAL C 197 19.66 -51.81 -11.61
N TRP C 198 18.94 -50.93 -10.93
CA TRP C 198 18.18 -51.29 -9.75
C TRP C 198 16.72 -51.08 -10.10
N THR C 199 15.93 -52.13 -10.00
CA THR C 199 14.49 -52.08 -10.21
C THR C 199 13.80 -52.37 -8.89
N ASN C 200 12.50 -52.09 -8.88
CA ASN C 200 11.72 -52.32 -7.68
C ASN C 200 11.23 -53.75 -7.55
N GLY C 201 11.62 -54.64 -8.46
CA GLY C 201 11.18 -56.02 -8.40
C GLY C 201 10.03 -56.36 -9.31
N SER C 202 9.38 -55.38 -9.91
CA SER C 202 8.28 -55.69 -10.81
C SER C 202 8.79 -56.54 -11.97
N LEU C 203 9.90 -56.13 -12.56
CA LEU C 203 10.50 -56.81 -13.68
C LEU C 203 11.99 -56.93 -13.41
N SER C 204 12.59 -58.02 -13.87
CA SER C 204 13.98 -58.25 -13.63
C SER C 204 14.81 -57.19 -14.34
N PRO C 205 16.04 -56.94 -13.88
CA PRO C 205 16.88 -55.98 -14.59
C PRO C 205 17.09 -56.36 -16.04
N GLN C 206 17.12 -57.67 -16.34
CA GLN C 206 17.36 -58.08 -17.71
C GLN C 206 16.15 -57.80 -18.58
N GLU C 207 14.97 -57.69 -17.98
CA GLU C 207 13.80 -57.51 -18.81
C GLU C 207 13.51 -56.04 -18.96
N ALA C 208 14.12 -55.22 -18.12
CA ALA C 208 13.99 -53.78 -18.28
C ALA C 208 15.03 -53.32 -19.27
N LEU C 209 16.21 -53.93 -19.22
CA LEU C 209 17.20 -53.66 -20.24
C LEU C 209 16.69 -54.07 -21.61
N SER C 210 16.05 -55.23 -21.69
CA SER C 210 15.48 -55.68 -22.96
C SER C 210 14.38 -54.74 -23.44
N GLN C 211 13.50 -54.29 -22.54
CA GLN C 211 12.43 -53.40 -22.97
C GLN C 211 12.97 -52.05 -23.39
N ALA C 212 13.99 -51.55 -22.70
CA ALA C 212 14.61 -50.27 -23.09
C ALA C 212 15.27 -50.39 -24.45
N ALA C 213 15.99 -51.49 -24.69
CA ALA C 213 16.60 -51.69 -26.00
C ALA C 213 15.55 -51.80 -27.09
N SER C 214 14.44 -52.48 -26.80
CA SER C 214 13.35 -52.58 -27.78
C SER C 214 12.77 -51.20 -28.09
N CYS C 215 12.58 -50.38 -27.06
CA CYS C 215 12.08 -49.03 -27.29
C CYS C 215 13.05 -48.22 -28.15
N LEU C 216 14.35 -48.34 -27.87
CA LEU C 216 15.34 -47.62 -28.67
C LEU C 216 15.36 -48.09 -30.11
N VAL C 217 15.29 -49.40 -30.33
CA VAL C 217 15.30 -49.93 -31.69
C VAL C 217 14.07 -49.46 -32.45
N ALA C 218 12.90 -49.49 -31.82
CA ALA C 218 11.71 -48.97 -32.45
C ALA C 218 11.77 -47.47 -32.63
N LEU C 219 12.58 -46.78 -31.83
CA LEU C 219 12.68 -45.34 -31.96
C LEU C 219 13.53 -44.96 -33.16
N PHE C 220 14.64 -45.66 -33.38
CA PHE C 220 15.54 -45.35 -34.48
C PHE C 220 15.24 -46.13 -35.75
N GLU C 221 14.28 -47.05 -35.72
CA GLU C 221 13.93 -47.79 -36.93
C GLU C 221 13.36 -46.90 -38.04
N PRO C 222 12.40 -46.00 -37.76
CA PRO C 222 11.84 -45.19 -38.86
C PRO C 222 12.84 -44.28 -39.53
N LEU C 223 13.97 -44.00 -38.90
CA LEU C 223 14.99 -43.16 -39.51
C LEU C 223 16.01 -43.96 -40.29
N LYS C 224 15.87 -45.28 -40.34
CA LYS C 224 16.89 -46.11 -40.97
C LYS C 224 16.88 -45.93 -42.48
N ASN C 225 15.71 -45.96 -43.10
CA ASN C 225 15.63 -45.89 -44.56
C ASN C 225 14.50 -45.03 -45.09
N VAL C 226 13.71 -44.38 -44.24
CA VAL C 226 12.64 -43.53 -44.74
C VAL C 226 13.22 -42.30 -45.41
N SER C 227 14.23 -41.70 -44.80
CA SER C 227 14.84 -40.50 -45.36
C SER C 227 15.82 -40.84 -46.48
N THR C 239 -8.47 -44.93 -62.12
CA THR C 239 -8.31 -46.00 -63.11
C THR C 239 -8.58 -45.44 -64.51
N PRO C 240 -8.19 -46.18 -65.55
CA PRO C 240 -8.43 -45.68 -66.91
C PRO C 240 -9.90 -45.48 -67.24
N GLU C 241 -10.79 -46.18 -66.55
CA GLU C 241 -12.22 -46.00 -66.78
C GLU C 241 -12.74 -44.71 -66.16
N SER C 242 -12.10 -44.23 -65.09
CA SER C 242 -12.53 -43.01 -64.44
C SER C 242 -12.08 -41.75 -65.16
N GLN C 243 -11.07 -41.84 -66.03
CA GLN C 243 -10.67 -40.72 -66.87
C GLN C 243 -11.48 -40.61 -68.16
N THR C 244 -12.42 -41.51 -68.38
CA THR C 244 -13.23 -41.47 -69.60
C THR C 244 -14.09 -40.21 -69.65
N PRO C 245 -14.06 -39.46 -70.74
CA PRO C 245 -15.00 -38.34 -70.89
C PRO C 245 -16.43 -38.86 -70.99
N ILE C 246 -17.37 -38.06 -70.48
CA ILE C 246 -18.77 -38.44 -70.47
C ILE C 246 -19.35 -38.66 -71.87
N GLU C 247 -18.65 -38.24 -72.91
CA GLU C 247 -19.15 -38.47 -74.25
C GLU C 247 -19.21 -39.96 -74.56
N ASP C 248 -18.32 -40.73 -73.96
CA ASP C 248 -18.28 -42.17 -74.18
C ASP C 248 -19.30 -42.90 -73.33
N LEU C 249 -19.96 -42.21 -72.40
CA LEU C 249 -20.99 -42.87 -71.59
C LEU C 249 -22.22 -43.26 -72.37
N GLN C 250 -22.35 -42.82 -73.62
CA GLN C 250 -23.52 -43.13 -74.46
C GLN C 250 -24.82 -42.74 -73.76
N LEU C 251 -24.80 -41.62 -73.05
CA LEU C 251 -26.00 -41.11 -72.41
C LEU C 251 -27.00 -40.62 -73.46
N SER C 252 -28.26 -40.53 -73.06
CA SER C 252 -29.23 -39.89 -73.94
C SER C 252 -28.80 -38.45 -74.17
N VAL C 253 -29.11 -37.93 -75.36
CA VAL C 253 -28.78 -36.55 -75.68
C VAL C 253 -29.35 -35.59 -74.66
N ARG C 254 -30.50 -35.92 -74.08
CA ARG C 254 -31.07 -35.07 -73.04
C ARG C 254 -30.26 -35.14 -71.75
N ALA C 255 -30.01 -36.36 -71.27
CA ALA C 255 -29.24 -36.52 -70.04
C ALA C 255 -27.84 -35.96 -70.20
N TYR C 256 -27.21 -36.30 -71.32
CA TYR C 256 -25.89 -35.77 -71.65
C TYR C 256 -25.88 -34.25 -71.63
N ASN C 257 -26.85 -33.63 -72.29
CA ASN C 257 -26.87 -32.17 -72.35
C ASN C 257 -27.14 -31.56 -70.98
N CYS C 258 -27.89 -32.25 -70.13
CA CYS C 258 -28.13 -31.71 -68.79
C CYS C 258 -26.86 -31.79 -67.94
N LEU C 259 -26.17 -32.92 -67.98
CA LEU C 259 -24.91 -33.03 -67.25
C LEU C 259 -23.88 -32.02 -67.74
N LYS C 260 -23.74 -31.90 -69.06
CA LYS C 260 -22.79 -30.93 -69.63
C LYS C 260 -23.19 -29.51 -69.28
N ARG C 261 -24.48 -29.24 -69.12
CA ARG C 261 -24.92 -27.94 -68.64
C ARG C 261 -24.53 -27.73 -67.19
N ALA C 262 -24.48 -28.82 -66.42
CA ALA C 262 -24.03 -28.77 -65.03
C ALA C 262 -22.51 -28.71 -64.88
N GLN C 263 -21.77 -28.50 -65.96
CA GLN C 263 -20.30 -28.44 -65.91
C GLN C 263 -19.67 -29.76 -65.49
N VAL C 264 -20.38 -30.86 -65.64
CA VAL C 264 -19.83 -32.19 -65.36
C VAL C 264 -19.13 -32.68 -66.63
N ASN C 265 -17.81 -32.76 -66.58
CA ASN C 265 -16.99 -33.10 -67.73
C ASN C 265 -16.28 -34.43 -67.63
N SER C 266 -16.09 -34.98 -66.44
CA SER C 266 -15.41 -36.26 -66.28
C SER C 266 -16.27 -37.21 -65.47
N VAL C 267 -15.93 -38.50 -65.57
CA VAL C 267 -16.54 -39.52 -64.71
C VAL C 267 -16.27 -39.22 -63.24
N ALA C 268 -15.09 -38.68 -62.94
CA ALA C 268 -14.80 -38.26 -61.57
C ALA C 268 -15.78 -37.19 -61.10
N ASP C 269 -16.07 -36.20 -61.96
CA ASP C 269 -17.06 -35.20 -61.60
C ASP C 269 -18.42 -35.83 -61.33
N LEU C 270 -18.81 -36.81 -62.13
CA LEU C 270 -20.12 -37.41 -61.92
C LEU C 270 -20.11 -38.24 -60.64
N LEU C 271 -18.98 -38.88 -60.35
CA LEU C 271 -18.79 -39.62 -59.11
C LEU C 271 -18.78 -38.69 -57.90
N SER C 272 -18.57 -37.40 -58.12
CA SER C 272 -18.64 -36.44 -57.03
C SER C 272 -20.07 -36.10 -56.66
N TYR C 273 -21.05 -36.54 -57.46
CA TYR C 273 -22.46 -36.33 -57.18
C TYR C 273 -23.07 -37.61 -56.62
N THR C 274 -23.95 -37.45 -55.64
CA THR C 274 -24.78 -38.54 -55.17
C THR C 274 -26.03 -38.67 -56.03
N TYR C 275 -26.73 -39.79 -55.86
CA TYR C 275 -27.99 -39.99 -56.55
C TYR C 275 -28.97 -38.85 -56.28
N GLU C 276 -28.95 -38.34 -55.05
CA GLU C 276 -29.77 -37.18 -54.73
C GLU C 276 -29.27 -35.95 -55.47
N ASP C 277 -27.96 -35.72 -55.49
CA ASP C 277 -27.43 -34.60 -56.24
C ASP C 277 -27.75 -34.73 -57.72
N LEU C 278 -27.76 -35.97 -58.23
CA LEU C 278 -28.17 -36.21 -59.59
C LEU C 278 -29.63 -35.86 -59.82
N LEU C 279 -30.49 -36.18 -58.85
CA LEU C 279 -31.90 -35.83 -58.96
C LEU C 279 -32.14 -34.34 -58.84
N GLU C 280 -31.22 -33.62 -58.20
CA GLU C 280 -31.33 -32.17 -58.11
C GLU C 280 -30.95 -31.49 -59.41
N ILE C 281 -30.29 -32.19 -60.31
CA ILE C 281 -29.92 -31.59 -61.59
C ILE C 281 -31.17 -31.21 -62.37
N LYS C 282 -31.21 -29.97 -62.83
CA LYS C 282 -32.39 -29.41 -63.48
C LYS C 282 -32.82 -30.21 -64.70
N ASN C 283 -34.05 -30.71 -64.66
CA ASN C 283 -34.68 -31.55 -65.67
C ASN C 283 -34.08 -32.94 -65.76
N PHE C 284 -33.20 -33.31 -64.84
CA PHE C 284 -32.77 -34.70 -64.69
C PHE C 284 -33.80 -35.47 -63.90
N GLY C 285 -34.33 -36.54 -64.50
CA GLY C 285 -35.33 -37.36 -63.87
C GLY C 285 -34.77 -38.71 -63.44
N GLN C 286 -35.55 -39.40 -62.61
CA GLN C 286 -35.19 -40.73 -62.14
C GLN C 286 -34.76 -41.66 -63.27
N LYS C 287 -35.53 -41.70 -64.36
CA LYS C 287 -35.14 -42.55 -65.48
C LYS C 287 -33.76 -42.19 -66.03
N SER C 288 -33.40 -40.91 -66.03
CA SER C 288 -32.08 -40.55 -66.53
C SER C 288 -30.98 -40.91 -65.53
N ALA C 289 -31.27 -40.83 -64.24
CA ALA C 289 -30.31 -41.29 -63.24
C ALA C 289 -30.09 -42.79 -63.34
N GLU C 290 -31.18 -43.54 -63.53
CA GLU C 290 -31.07 -44.97 -63.79
C GLU C 290 -30.23 -45.24 -65.02
N GLU C 291 -30.43 -44.46 -66.08
CA GLU C 291 -29.61 -44.61 -67.28
C GLU C 291 -28.13 -44.40 -66.97
N VAL C 292 -27.83 -43.42 -66.12
CA VAL C 292 -26.43 -43.16 -65.77
C VAL C 292 -25.87 -44.30 -64.95
N VAL C 293 -26.66 -44.83 -64.01
CA VAL C 293 -26.23 -45.97 -63.22
C VAL C 293 -25.95 -47.17 -64.11
N GLU C 294 -26.86 -47.46 -65.04
CA GLU C 294 -26.65 -48.55 -65.98
C GLU C 294 -25.39 -48.34 -66.83
N ALA C 295 -25.13 -47.11 -67.25
CA ALA C 295 -23.94 -46.84 -68.04
C ALA C 295 -22.67 -47.06 -67.21
N LEU C 296 -22.69 -46.62 -65.95
CA LEU C 296 -21.55 -46.85 -65.08
C LEU C 296 -21.35 -48.33 -64.83
N GLU C 297 -22.44 -49.08 -64.65
CA GLU C 297 -22.30 -50.52 -64.53
C GLU C 297 -21.75 -51.11 -65.82
N ARG C 298 -22.08 -50.51 -66.96
CA ARG C 298 -21.52 -50.96 -68.23
C ARG C 298 -20.01 -50.75 -68.25
N ILE C 299 -19.52 -49.73 -67.54
CA ILE C 299 -18.08 -49.54 -67.37
C ILE C 299 -17.61 -50.02 -66.00
N GLY C 300 -18.45 -50.78 -65.29
CA GLY C 300 -18.03 -51.39 -64.04
C GLY C 300 -17.99 -50.43 -62.88
N THR D 2 5.52 -44.05 -32.75
CA THR D 2 4.84 -43.78 -34.01
C THR D 2 4.89 -42.29 -34.34
N PHE D 3 5.85 -41.93 -35.18
CA PHE D 3 6.10 -40.54 -35.54
C PHE D 3 6.40 -40.47 -37.03
N GLN D 4 6.57 -39.25 -37.53
CA GLN D 4 6.82 -39.04 -38.95
C GLN D 4 7.99 -38.08 -39.11
N VAL D 5 9.02 -38.51 -39.83
CA VAL D 5 10.17 -37.67 -40.12
C VAL D 5 9.91 -36.95 -41.43
N GLU D 6 10.07 -35.64 -41.44
CA GLU D 6 9.83 -34.85 -42.65
C GLU D 6 10.96 -33.84 -42.85
N CYS D 7 11.63 -33.91 -43.99
CA CYS D 7 12.66 -32.93 -44.32
C CYS D 7 11.99 -31.61 -44.66
N VAL D 8 12.09 -30.66 -43.75
CA VAL D 8 11.49 -29.34 -43.94
C VAL D 8 12.24 -28.54 -44.98
N GLU D 9 13.57 -28.66 -45.03
CA GLU D 9 14.35 -27.84 -45.94
C GLU D 9 15.60 -28.60 -46.36
N SER D 10 16.04 -28.33 -47.59
CA SER D 10 17.27 -28.90 -48.12
C SER D 10 17.93 -27.88 -49.04
N ARG D 11 19.26 -27.78 -48.95
CA ARG D 11 19.99 -26.79 -49.72
C ARG D 11 21.30 -27.41 -50.19
N THR D 12 21.87 -26.83 -51.24
CA THR D 12 23.17 -27.23 -51.75
C THR D 12 24.01 -25.97 -51.93
N GLU D 13 24.72 -25.58 -50.88
CA GLU D 13 25.54 -24.38 -50.92
C GLU D 13 26.55 -24.48 -52.05
N ALA D 14 27.07 -23.32 -52.47
CA ALA D 14 27.96 -23.27 -53.63
C ALA D 14 29.17 -24.17 -53.43
N ASP D 15 29.74 -24.20 -52.24
CA ASP D 15 30.89 -25.06 -51.94
C ASP D 15 30.55 -26.54 -52.00
N GLN D 16 29.37 -26.87 -52.51
CA GLN D 16 28.83 -28.22 -52.65
C GLN D 16 28.50 -28.85 -51.31
N GLY D 17 28.54 -28.08 -50.23
CA GLY D 17 28.16 -28.55 -48.92
C GLY D 17 26.65 -28.53 -48.76
N GLN D 18 26.05 -29.68 -48.49
CA GLN D 18 24.61 -29.77 -48.41
C GLN D 18 24.13 -29.48 -47.00
N TYR D 19 22.86 -29.08 -46.90
CA TYR D 19 22.22 -28.80 -45.62
C TYR D 19 20.83 -29.40 -45.62
N GLY D 20 20.38 -29.80 -44.45
CA GLY D 20 19.05 -30.38 -44.32
C GLY D 20 18.50 -30.16 -42.94
N ARG D 21 17.18 -30.07 -42.84
CA ARG D 21 16.50 -29.94 -41.57
C ARG D 21 15.34 -30.92 -41.56
N PHE D 22 15.20 -31.66 -40.46
CA PHE D 22 14.18 -32.68 -40.34
C PHE D 22 13.34 -32.42 -39.09
N SER D 23 12.04 -32.63 -39.21
CA SER D 23 11.12 -32.56 -38.08
C SER D 23 10.62 -33.95 -37.79
N ILE D 24 10.84 -34.40 -36.56
CA ILE D 24 10.45 -35.73 -36.10
C ILE D 24 9.47 -35.56 -34.95
N GLU D 25 8.27 -36.07 -35.12
CA GLU D 25 7.21 -35.85 -34.13
C GLU D 25 6.07 -36.81 -34.40
N PRO D 26 5.29 -37.19 -33.39
CA PRO D 26 5.36 -36.81 -31.98
C PRO D 26 6.29 -37.72 -31.18
N LEU D 27 7.09 -37.13 -30.31
CA LEU D 27 7.96 -37.88 -29.43
C LEU D 27 7.51 -37.68 -27.99
N ALA D 28 7.68 -38.71 -27.17
CA ALA D 28 7.33 -38.61 -25.77
C ALA D 28 8.29 -37.65 -25.06
N ARG D 29 7.92 -37.23 -23.86
CA ARG D 29 8.73 -36.26 -23.15
C ARG D 29 10.06 -36.87 -22.75
N GLY D 30 11.15 -36.21 -23.12
CA GLY D 30 12.47 -36.72 -22.84
C GLY D 30 13.07 -37.52 -23.96
N GLN D 31 12.25 -37.99 -24.90
CA GLN D 31 12.75 -38.76 -26.03
C GLN D 31 13.36 -37.88 -27.10
N GLY D 32 12.96 -36.62 -27.17
CA GLY D 32 13.57 -35.72 -28.12
C GLY D 32 15.06 -35.55 -27.85
N THR D 33 15.42 -35.33 -26.59
CA THR D 33 16.83 -35.21 -26.24
C THR D 33 17.56 -36.52 -26.48
N THR D 34 16.94 -37.65 -26.15
CA THR D 34 17.58 -38.94 -26.36
C THR D 34 17.93 -39.13 -27.82
N VAL D 35 16.94 -38.96 -28.70
CA VAL D 35 17.17 -39.17 -30.12
C VAL D 35 18.15 -38.15 -30.67
N GLY D 36 17.98 -36.88 -30.30
CA GLY D 36 18.86 -35.85 -30.82
C GLY D 36 20.30 -36.05 -30.44
N ASN D 37 20.56 -36.33 -29.16
CA ASN D 37 21.93 -36.50 -28.72
C ASN D 37 22.57 -37.75 -29.31
N ALA D 38 21.82 -38.87 -29.34
CA ALA D 38 22.37 -40.08 -29.93
C ALA D 38 22.68 -39.89 -31.40
N LEU D 39 21.76 -39.29 -32.14
CA LEU D 39 21.99 -39.04 -33.56
C LEU D 39 23.17 -38.11 -33.77
N ARG D 40 23.29 -37.06 -32.95
CA ARG D 40 24.39 -36.13 -33.13
C ARG D 40 25.73 -36.81 -32.89
N ARG D 41 25.82 -37.60 -31.83
CA ARG D 41 27.07 -38.29 -31.54
C ARG D 41 27.43 -39.25 -32.65
N VAL D 42 26.46 -40.04 -33.11
CA VAL D 42 26.75 -41.02 -34.16
C VAL D 42 27.12 -40.34 -35.46
N LEU D 43 26.38 -39.30 -35.86
CA LEU D 43 26.69 -38.61 -37.10
C LEU D 43 28.09 -38.02 -37.06
N LEU D 44 28.43 -37.35 -35.97
CA LEU D 44 29.69 -36.63 -35.94
C LEU D 44 30.88 -37.52 -35.62
N SER D 45 30.66 -38.73 -35.11
CA SER D 45 31.79 -39.56 -34.70
C SER D 45 31.84 -40.94 -35.34
N ASN D 46 30.74 -41.44 -35.90
CA ASN D 46 30.69 -42.84 -36.30
C ASN D 46 30.18 -43.03 -37.72
N LEU D 47 30.51 -42.11 -38.61
CA LEU D 47 30.23 -42.26 -40.02
C LEU D 47 31.54 -42.36 -40.77
N GLU D 48 31.58 -43.21 -41.78
CA GLU D 48 32.80 -43.43 -42.53
C GLU D 48 32.93 -42.41 -43.66
N GLY D 49 34.16 -42.06 -43.97
CA GLY D 49 34.41 -41.11 -45.03
C GLY D 49 35.86 -41.18 -45.46
N THR D 50 36.16 -40.42 -46.50
CA THR D 50 37.48 -40.41 -47.11
C THR D 50 38.08 -39.01 -47.04
N ALA D 51 39.38 -38.94 -46.82
CA ALA D 51 40.07 -37.67 -46.79
C ALA D 51 41.53 -37.89 -47.18
N VAL D 52 42.17 -36.81 -47.58
CA VAL D 52 43.58 -36.88 -47.96
C VAL D 52 44.39 -37.09 -46.69
N THR D 53 45.04 -38.25 -46.60
CA THR D 53 45.76 -38.61 -45.38
C THR D 53 47.21 -38.16 -45.44
N ALA D 54 47.85 -38.31 -46.58
CA ALA D 54 49.23 -37.89 -46.76
C ALA D 54 49.41 -37.30 -48.14
N VAL D 55 50.45 -36.49 -48.29
CA VAL D 55 50.75 -35.86 -49.55
C VAL D 55 52.25 -35.73 -49.68
N ARG D 56 52.73 -35.84 -50.91
CA ARG D 56 54.14 -35.65 -51.25
C ARG D 56 54.23 -34.59 -52.33
N ILE D 57 55.10 -33.62 -52.11
CA ILE D 57 55.27 -32.49 -53.01
C ILE D 57 56.70 -32.52 -53.52
N GLY D 58 56.87 -32.38 -54.83
CA GLY D 58 58.19 -32.38 -55.40
C GLY D 58 58.89 -31.06 -55.24
N GLY D 59 59.94 -31.05 -54.43
CA GLY D 59 60.71 -29.85 -54.17
C GLY D 59 60.76 -29.43 -52.72
N VAL D 60 60.15 -30.18 -51.80
CA VAL D 60 60.07 -29.80 -50.39
C VAL D 60 60.27 -31.04 -49.53
N ASN D 61 60.49 -30.81 -48.25
CA ASN D 61 60.68 -31.91 -47.32
C ASN D 61 60.11 -31.65 -45.93
N HIS D 62 59.51 -30.48 -45.69
CA HIS D 62 59.02 -30.14 -44.36
C HIS D 62 57.81 -29.22 -44.50
N GLU D 63 57.00 -29.19 -43.44
CA GLU D 63 55.78 -28.40 -43.47
C GLU D 63 56.07 -26.91 -43.62
N PHE D 64 57.17 -26.43 -43.05
CA PHE D 64 57.52 -25.01 -43.12
C PHE D 64 58.54 -24.80 -44.24
N ALA D 65 58.06 -24.93 -45.47
CA ALA D 65 58.92 -24.79 -46.63
C ALA D 65 58.15 -24.11 -47.76
N THR D 66 58.90 -23.58 -48.72
CA THR D 66 58.37 -22.81 -49.83
C THR D 66 58.59 -23.54 -51.15
N ILE D 67 57.81 -23.16 -52.14
CA ILE D 67 57.92 -23.71 -53.49
C ILE D 67 58.14 -22.54 -54.45
N PRO D 68 59.26 -22.49 -55.17
CA PRO D 68 59.52 -21.35 -56.06
C PRO D 68 58.40 -21.15 -57.07
N GLY D 69 57.88 -19.93 -57.14
CA GLY D 69 56.86 -19.59 -58.09
C GLY D 69 55.44 -19.87 -57.63
N VAL D 70 55.27 -20.54 -56.51
CA VAL D 70 53.96 -20.86 -55.97
C VAL D 70 53.66 -19.88 -54.86
N ARG D 71 52.63 -19.06 -55.06
CA ARG D 71 52.27 -18.02 -54.09
C ARG D 71 52.24 -18.58 -52.67
N GLU D 72 51.61 -19.72 -52.47
CA GLU D 72 51.50 -20.27 -51.13
C GLU D 72 52.75 -21.07 -50.81
N ASP D 73 52.93 -21.35 -49.52
CA ASP D 73 53.99 -22.25 -49.11
C ASP D 73 53.42 -23.63 -48.83
N VAL D 74 54.24 -24.52 -48.28
CA VAL D 74 53.79 -25.89 -48.03
C VAL D 74 52.65 -25.89 -47.02
N LEU D 75 52.74 -25.07 -45.99
CA LEU D 75 51.71 -25.08 -44.95
C LEU D 75 50.36 -24.65 -45.50
N ASP D 76 50.32 -23.59 -46.31
CA ASP D 76 49.04 -23.15 -46.86
C ASP D 76 48.45 -24.20 -47.78
N ILE D 77 49.28 -24.85 -48.59
CA ILE D 77 48.77 -25.89 -49.48
C ILE D 77 48.25 -27.07 -48.66
N LEU D 78 48.97 -27.44 -47.60
CA LEU D 78 48.51 -28.54 -46.76
C LEU D 78 47.18 -28.21 -46.11
N LEU D 79 47.01 -26.99 -45.61
CA LEU D 79 45.72 -26.63 -45.03
C LEU D 79 44.64 -26.55 -46.10
N ASN D 80 45.00 -26.15 -47.33
CA ASN D 80 44.01 -26.07 -48.40
C ASN D 80 43.63 -27.44 -48.90
N VAL D 81 44.47 -28.45 -48.62
CA VAL D 81 44.22 -29.80 -49.07
C VAL D 81 43.55 -30.60 -47.96
N ARG D 82 43.72 -30.21 -46.70
CA ARG D 82 43.03 -30.88 -45.61
C ARG D 82 41.53 -30.67 -45.68
N GLU D 83 41.09 -29.63 -46.38
CA GLU D 83 39.67 -29.35 -46.56
C GLU D 83 39.20 -29.74 -47.95
N LEU D 84 40.04 -30.40 -48.73
CA LEU D 84 39.59 -30.94 -50.01
C LEU D 84 38.69 -32.13 -49.75
N VAL D 85 37.52 -32.14 -50.39
CA VAL D 85 36.49 -33.15 -50.13
C VAL D 85 36.52 -34.17 -51.24
N VAL D 86 36.72 -35.43 -50.87
CA VAL D 86 36.74 -36.54 -51.82
C VAL D 86 35.81 -37.65 -51.33
N HIS D 87 35.38 -38.47 -52.28
CA HIS D 87 34.51 -39.60 -51.96
C HIS D 87 34.93 -40.79 -52.80
N ALA D 88 35.35 -41.86 -52.13
CA ALA D 88 35.88 -43.03 -52.79
C ALA D 88 34.82 -44.11 -52.86
N HIS D 89 34.83 -44.87 -53.96
CA HIS D 89 33.91 -45.97 -54.15
C HIS D 89 34.51 -47.32 -53.83
N SER D 90 35.78 -47.37 -53.41
CA SER D 90 36.43 -48.62 -53.10
C SER D 90 37.11 -48.55 -51.74
N PRO D 91 37.11 -49.66 -51.01
CA PRO D 91 37.75 -49.67 -49.69
C PRO D 91 39.27 -49.65 -49.78
N GLN D 92 39.79 -49.50 -50.98
CA GLN D 92 41.23 -49.52 -51.09
C GLN D 92 41.76 -48.09 -51.16
N PRO D 93 42.84 -47.80 -50.43
CA PRO D 93 43.42 -46.46 -50.50
C PRO D 93 43.83 -46.13 -51.93
N GLN D 94 43.63 -44.88 -52.32
CA GLN D 94 43.93 -44.44 -53.67
C GLN D 94 44.97 -43.34 -53.68
N ILE D 95 45.62 -43.17 -54.83
CA ILE D 95 46.63 -42.14 -55.01
C ILE D 95 46.27 -41.28 -56.22
N GLY D 96 46.22 -39.97 -56.01
CA GLY D 96 45.96 -39.01 -57.08
C GLY D 96 47.23 -38.24 -57.38
N ARG D 97 47.34 -37.76 -58.62
CA ARG D 97 48.56 -37.08 -59.06
C ARG D 97 48.20 -35.75 -59.71
N LEU D 98 48.82 -34.68 -59.24
CA LEU D 98 48.67 -33.36 -59.83
C LEU D 98 49.99 -32.98 -60.48
N ARG D 99 49.93 -32.34 -61.65
CA ARG D 99 51.14 -31.84 -62.28
C ARG D 99 50.85 -30.60 -63.13
N VAL D 100 50.10 -29.65 -62.58
CA VAL D 100 49.85 -28.41 -63.30
C VAL D 100 51.18 -27.67 -63.49
N VAL D 101 51.21 -26.78 -64.48
CA VAL D 101 52.43 -26.07 -64.83
C VAL D 101 52.07 -24.68 -65.35
N GLY D 102 53.02 -23.75 -65.26
CA GLY D 102 52.87 -22.43 -65.81
C GLY D 102 51.90 -21.57 -65.03
N PRO D 103 51.60 -20.38 -65.54
CA PRO D 103 50.56 -19.56 -64.89
C PRO D 103 49.26 -20.32 -64.83
N ALA D 104 48.70 -20.42 -63.63
CA ALA D 104 47.51 -21.23 -63.46
C ALA D 104 47.00 -21.07 -62.04
N THR D 105 45.72 -21.35 -61.85
CA THR D 105 45.16 -21.42 -60.50
C THR D 105 44.85 -22.89 -60.28
N VAL D 106 45.62 -23.51 -59.39
CA VAL D 106 45.50 -24.93 -59.15
C VAL D 106 44.31 -25.14 -58.23
N THR D 107 43.31 -25.84 -58.74
CA THR D 107 42.10 -26.19 -58.02
C THR D 107 41.98 -27.70 -57.92
N ALA D 108 40.87 -28.14 -57.34
CA ALA D 108 40.66 -29.56 -57.10
C ALA D 108 40.54 -30.35 -58.39
N ALA D 109 40.07 -29.71 -59.46
CA ALA D 109 39.88 -30.44 -60.71
C ALA D 109 41.18 -30.92 -61.31
N ASP D 110 42.31 -30.30 -60.96
CA ASP D 110 43.58 -30.69 -61.54
C ASP D 110 44.11 -32.01 -61.00
N VAL D 111 43.51 -32.54 -59.94
CA VAL D 111 44.00 -33.77 -59.34
C VAL D 111 43.51 -34.96 -60.17
N ASP D 112 44.44 -35.80 -60.60
CA ASP D 112 44.12 -36.94 -61.45
C ASP D 112 43.90 -38.18 -60.58
N PHE D 113 42.79 -38.16 -59.86
CA PHE D 113 42.38 -39.33 -59.11
C PHE D 113 41.93 -40.43 -60.06
N GLY D 114 41.81 -41.64 -59.52
CA GLY D 114 41.32 -42.74 -60.31
C GLY D 114 39.84 -42.61 -60.58
N PRO D 115 39.30 -43.55 -61.35
CA PRO D 115 37.85 -43.53 -61.61
C PRO D 115 37.04 -43.74 -60.35
N GLU D 116 37.63 -44.29 -59.30
CA GLU D 116 36.92 -44.65 -58.08
C GLU D 116 36.87 -43.51 -57.07
N VAL D 117 37.51 -42.39 -57.36
CA VAL D 117 37.54 -41.25 -56.44
C VAL D 117 36.87 -40.07 -57.12
N GLU D 118 35.90 -39.48 -56.44
CA GLU D 118 35.15 -38.35 -56.95
C GLU D 118 35.45 -37.13 -56.10
N VAL D 119 35.89 -36.05 -56.73
CA VAL D 119 36.12 -34.80 -56.04
C VAL D 119 34.79 -34.06 -56.00
N ILE D 120 34.30 -33.79 -54.79
CA ILE D 120 32.96 -33.23 -54.66
C ILE D 120 32.91 -31.81 -55.18
N ASN D 121 33.88 -30.99 -54.80
CA ASN D 121 33.94 -29.62 -55.28
C ASN D 121 35.02 -29.54 -56.34
N PRO D 122 34.67 -29.42 -57.62
CA PRO D 122 35.70 -29.46 -58.66
C PRO D 122 36.55 -28.21 -58.72
N ASN D 123 36.09 -27.09 -58.16
CA ASN D 123 36.88 -25.86 -58.17
C ASN D 123 37.07 -25.47 -56.71
N HIS D 124 38.10 -26.06 -56.11
CA HIS D 124 38.48 -25.85 -54.72
C HIS D 124 39.90 -25.35 -54.72
N TYR D 125 40.10 -24.11 -54.29
CA TYR D 125 41.40 -23.48 -54.43
C TYR D 125 42.46 -24.26 -53.67
N ILE D 126 43.56 -24.54 -54.36
CA ILE D 126 44.68 -25.29 -53.81
C ILE D 126 45.96 -24.44 -53.81
N ALA D 127 46.23 -23.78 -54.93
CA ALA D 127 47.44 -22.97 -55.03
C ALA D 127 47.31 -22.08 -56.26
N SER D 128 48.26 -21.16 -56.43
CA SER D 128 48.27 -20.29 -57.60
C SER D 128 49.69 -20.24 -58.15
N LEU D 129 49.89 -20.86 -59.30
CA LEU D 129 51.20 -20.94 -59.91
C LEU D 129 51.44 -19.74 -60.82
N SER D 130 52.66 -19.22 -60.78
CA SER D 130 53.09 -18.11 -61.60
C SER D 130 53.73 -18.62 -62.90
N GLU D 131 54.38 -17.73 -63.63
CA GLU D 131 55.07 -18.14 -64.86
C GLU D 131 56.22 -19.08 -64.56
N GLY D 132 56.36 -20.10 -65.39
CA GLY D 132 57.46 -21.04 -65.27
C GLY D 132 57.51 -21.77 -63.95
N ALA D 133 56.35 -22.12 -63.41
CA ALA D 133 56.25 -22.89 -62.18
C ALA D 133 55.51 -24.18 -62.45
N THR D 134 56.01 -25.28 -61.88
CA THR D 134 55.38 -26.58 -62.02
C THR D 134 55.14 -27.16 -60.64
N LEU D 135 53.88 -27.44 -60.32
CA LEU D 135 53.52 -28.01 -59.03
C LEU D 135 53.29 -29.50 -59.23
N GLU D 136 54.16 -30.32 -58.65
CA GLU D 136 54.07 -31.77 -58.75
C GLU D 136 53.63 -32.31 -57.40
N MET D 137 52.48 -32.97 -57.37
CA MET D 137 51.83 -33.32 -56.11
C MET D 137 51.31 -34.75 -56.18
N GLU D 138 51.38 -35.46 -55.07
CA GLU D 138 50.87 -36.83 -54.96
C GLU D 138 50.05 -36.93 -53.67
N LEU D 139 48.77 -37.28 -53.80
CA LEU D 139 47.85 -37.28 -52.68
C LEU D 139 47.37 -38.70 -52.40
N LYS D 140 47.27 -39.05 -51.13
CA LYS D 140 46.83 -40.37 -50.73
C LYS D 140 45.49 -40.24 -50.01
N VAL D 141 44.53 -41.09 -50.39
CA VAL D 141 43.18 -41.03 -49.88
C VAL D 141 42.91 -42.36 -49.18
N GLU D 142 42.41 -42.27 -47.94
CA GLU D 142 42.15 -43.41 -47.09
C GLU D 142 40.73 -43.34 -46.54
N TRP D 143 40.33 -44.42 -45.88
CA TRP D 143 38.99 -44.56 -45.33
C TRP D 143 39.06 -44.54 -43.81
N GLY D 144 38.36 -43.60 -43.19
CA GLY D 144 38.45 -43.47 -41.75
C GLY D 144 37.21 -42.80 -41.20
N THR D 145 37.17 -42.67 -39.88
CA THR D 145 36.03 -42.10 -39.19
C THR D 145 36.52 -41.06 -38.18
N GLY D 146 35.90 -39.88 -38.20
CA GLY D 146 36.24 -38.89 -37.20
C GLY D 146 37.51 -38.11 -37.46
N TYR D 147 37.58 -36.89 -36.95
CA TYR D 147 38.80 -36.10 -37.05
C TYR D 147 39.92 -36.86 -36.37
N ARG D 148 41.05 -36.99 -37.06
CA ARG D 148 42.16 -37.82 -36.57
C ARG D 148 43.46 -37.03 -36.61
N ALA D 149 43.85 -36.46 -35.48
CA ALA D 149 45.13 -35.78 -35.41
C ALA D 149 46.27 -36.79 -35.45
N ILE D 150 47.42 -36.32 -35.89
CA ILE D 150 48.62 -37.16 -35.96
C ILE D 150 49.34 -37.12 -34.62
N ASP D 151 50.42 -37.90 -34.51
CA ASP D 151 51.27 -37.92 -33.32
C ASP D 151 51.61 -36.53 -32.80
N ASP D 161 59.06 -39.45 -45.92
CA ASP D 161 58.62 -39.40 -47.31
C ASP D 161 57.32 -38.61 -47.46
N PHE D 162 56.20 -39.30 -47.39
CA PHE D 162 54.91 -38.64 -47.48
C PHE D 162 54.65 -37.82 -46.23
N LEU D 163 54.17 -36.60 -46.41
CA LEU D 163 53.83 -35.74 -45.28
C LEU D 163 52.51 -36.19 -44.67
N GLN D 164 52.53 -36.49 -43.38
CA GLN D 164 51.34 -36.95 -42.68
C GLN D 164 50.46 -35.76 -42.36
N LEU D 165 49.15 -35.94 -42.52
CA LEU D 165 48.19 -34.86 -42.36
C LEU D 165 47.13 -35.23 -41.35
N ASP D 166 46.52 -34.21 -40.76
CA ASP D 166 45.43 -34.38 -39.80
C ASP D 166 44.12 -34.41 -40.58
N ALA D 167 43.79 -35.59 -41.09
CA ALA D 167 42.66 -35.66 -42.00
C ALA D 167 41.33 -35.51 -41.26
N VAL D 168 40.33 -35.05 -42.01
CA VAL D 168 38.97 -34.89 -41.52
C VAL D 168 38.12 -35.92 -42.26
N PHE D 169 37.94 -37.09 -41.67
CA PHE D 169 37.16 -38.11 -42.34
C PHE D 169 35.67 -37.86 -42.28
N MET D 170 35.25 -36.86 -41.53
CA MET D 170 33.83 -36.59 -41.31
C MET D 170 33.10 -36.20 -42.58
N PRO D 171 32.08 -36.92 -42.95
CA PRO D 171 31.20 -36.46 -44.02
C PRO D 171 30.29 -35.38 -43.49
N VAL D 172 29.89 -35.50 -42.23
CA VAL D 172 29.00 -34.53 -41.62
C VAL D 172 29.82 -33.41 -41.02
N ARG D 173 29.44 -32.17 -41.34
CA ARG D 173 30.19 -31.01 -40.89
C ARG D 173 29.65 -30.47 -39.57
N ARG D 174 28.34 -30.35 -39.45
CA ARG D 174 27.78 -29.77 -38.23
C ARG D 174 26.41 -30.36 -37.96
N VAL D 175 26.11 -30.62 -36.69
CA VAL D 175 24.80 -31.14 -36.30
C VAL D 175 24.25 -30.29 -35.17
N ASN D 176 23.02 -29.79 -35.35
CA ASN D 176 22.31 -29.10 -34.28
C ASN D 176 20.96 -29.75 -34.11
N TYR D 177 20.43 -29.68 -32.90
CA TYR D 177 19.07 -30.15 -32.70
C TYR D 177 18.40 -29.28 -31.64
N SER D 178 17.09 -29.14 -31.78
CA SER D 178 16.29 -28.40 -30.83
C SER D 178 15.05 -29.25 -30.56
N VAL D 179 14.52 -29.14 -29.35
CA VAL D 179 13.32 -29.88 -28.96
C VAL D 179 12.21 -28.90 -28.63
N GLU D 180 11.12 -28.97 -29.39
CA GLU D 180 9.97 -28.12 -29.17
C GLU D 180 8.88 -28.91 -28.45
N ASP D 181 7.73 -28.28 -28.26
CA ASP D 181 6.57 -28.89 -27.64
C ASP D 181 5.39 -28.91 -28.60
N ALA D 182 5.02 -30.10 -29.07
CA ALA D 182 3.89 -30.26 -29.98
C ALA D 182 2.61 -30.60 -29.23
N ARG D 183 2.44 -30.05 -28.03
CA ARG D 183 1.28 -30.36 -27.20
C ARG D 183 -0.01 -30.04 -27.94
N VAL D 184 -0.91 -31.02 -28.01
CA VAL D 184 -2.23 -30.83 -28.60
C VAL D 184 -3.24 -30.91 -27.47
N GLY D 185 -3.76 -29.77 -27.06
CA GLY D 185 -4.69 -29.73 -25.93
C GLY D 185 -4.06 -29.33 -24.61
N THR D 188 -0.97 -34.62 -22.78
CA THR D 188 0.29 -34.90 -22.08
C THR D 188 1.38 -33.96 -22.57
N ALA D 189 2.63 -34.33 -22.31
CA ALA D 189 3.79 -33.56 -22.76
C ALA D 189 4.43 -34.29 -23.92
N ILE D 190 4.13 -33.86 -25.13
CA ILE D 190 4.69 -34.42 -26.34
C ILE D 190 5.89 -33.55 -26.74
N ASP D 191 6.88 -34.15 -27.39
CA ASP D 191 8.04 -33.40 -27.86
C ASP D 191 8.18 -33.51 -29.36
N ARG D 192 8.91 -32.55 -29.93
CA ARG D 192 9.19 -32.54 -31.35
C ARG D 192 10.67 -32.26 -31.56
N LEU D 193 11.33 -33.08 -32.37
CA LEU D 193 12.76 -32.91 -32.60
C LEU D 193 12.98 -32.21 -33.93
N VAL D 194 13.78 -31.16 -33.93
CA VAL D 194 14.19 -30.46 -35.13
C VAL D 194 15.69 -30.64 -35.26
N LEU D 195 16.11 -31.37 -36.29
CA LEU D 195 17.50 -31.77 -36.45
C LEU D 195 18.05 -31.13 -37.72
N GLU D 196 19.11 -30.35 -37.57
CA GLU D 196 19.78 -29.67 -38.68
C GLU D 196 21.13 -30.34 -38.92
N VAL D 197 21.36 -30.76 -40.15
CA VAL D 197 22.56 -31.49 -40.53
C VAL D 197 23.24 -30.77 -41.69
N TRP D 198 24.51 -30.42 -41.50
CA TRP D 198 25.35 -29.86 -42.55
C TRP D 198 26.39 -30.91 -42.92
N THR D 199 26.45 -31.24 -44.20
CA THR D 199 27.35 -32.25 -44.74
C THR D 199 28.24 -31.61 -45.78
N ASN D 200 29.43 -32.17 -45.95
CA ASN D 200 30.38 -31.59 -46.90
C ASN D 200 30.07 -31.91 -48.35
N GLY D 201 28.99 -32.64 -48.61
CA GLY D 201 28.58 -32.96 -49.96
C GLY D 201 28.89 -34.37 -50.39
N SER D 202 29.78 -35.06 -49.69
CA SER D 202 30.05 -36.46 -50.03
C SER D 202 28.82 -37.33 -49.79
N LEU D 203 27.98 -36.97 -48.83
CA LEU D 203 26.72 -37.65 -48.57
C LEU D 203 25.63 -36.62 -48.45
N SER D 204 24.43 -36.95 -48.91
CA SER D 204 23.30 -36.09 -48.63
C SER D 204 22.93 -36.23 -47.16
N PRO D 205 22.33 -35.19 -46.56
CA PRO D 205 21.98 -35.31 -45.14
C PRO D 205 20.99 -36.40 -44.86
N GLN D 206 20.22 -36.84 -45.87
CA GLN D 206 19.33 -37.96 -45.64
C GLN D 206 20.09 -39.28 -45.66
N GLU D 207 21.17 -39.36 -46.42
CA GLU D 207 21.99 -40.57 -46.38
C GLU D 207 22.79 -40.63 -45.10
N ALA D 208 23.29 -39.49 -44.63
CA ALA D 208 24.00 -39.46 -43.36
C ALA D 208 23.08 -39.83 -42.21
N LEU D 209 21.86 -39.29 -42.23
CA LEU D 209 20.89 -39.64 -41.20
C LEU D 209 20.54 -41.12 -41.24
N SER D 210 20.38 -41.66 -42.44
CA SER D 210 20.07 -43.09 -42.57
C SER D 210 21.20 -43.95 -42.03
N GLN D 211 22.44 -43.59 -42.32
CA GLN D 211 23.57 -44.38 -41.84
C GLN D 211 23.72 -44.28 -40.33
N ALA D 212 23.46 -43.09 -39.77
CA ALA D 212 23.52 -42.96 -38.32
C ALA D 212 22.45 -43.80 -37.64
N ALA D 213 21.23 -43.79 -38.19
CA ALA D 213 20.18 -44.63 -37.64
C ALA D 213 20.52 -46.10 -37.77
N SER D 214 21.16 -46.50 -38.87
CA SER D 214 21.56 -47.89 -39.03
C SER D 214 22.57 -48.29 -37.96
N CYS D 215 23.53 -47.41 -37.67
CA CYS D 215 24.49 -47.71 -36.62
C CYS D 215 23.82 -47.84 -35.27
N LEU D 216 22.86 -46.96 -34.97
CA LEU D 216 22.19 -47.03 -33.67
C LEU D 216 21.34 -48.28 -33.56
N VAL D 217 20.61 -48.64 -34.62
CA VAL D 217 19.80 -49.85 -34.58
C VAL D 217 20.69 -51.07 -34.40
N ALA D 218 21.83 -51.11 -35.09
CA ALA D 218 22.75 -52.23 -34.92
C ALA D 218 23.35 -52.26 -33.53
N LEU D 219 23.49 -51.11 -32.87
CA LEU D 219 24.00 -51.11 -31.51
C LEU D 219 22.97 -51.60 -30.51
N PHE D 220 21.71 -51.22 -30.69
CA PHE D 220 20.69 -51.55 -29.70
C PHE D 220 19.99 -52.88 -29.98
N GLU D 221 20.20 -53.47 -31.14
CA GLU D 221 19.55 -54.74 -31.44
C GLU D 221 20.01 -55.88 -30.52
N PRO D 222 21.31 -56.12 -30.32
CA PRO D 222 21.69 -57.27 -29.47
C PRO D 222 21.32 -57.13 -28.02
N LEU D 223 20.98 -55.93 -27.55
CA LEU D 223 20.60 -55.70 -26.17
C LEU D 223 19.13 -55.97 -25.90
N LYS D 224 18.46 -56.65 -26.81
CA LYS D 224 17.01 -56.80 -26.77
C LYS D 224 16.57 -58.23 -26.51
N ASN D 225 17.16 -59.19 -27.19
CA ASN D 225 16.63 -60.54 -27.23
C ASN D 225 17.20 -61.44 -26.14
N VAL D 226 18.21 -60.99 -25.41
CA VAL D 226 18.87 -61.81 -24.40
C VAL D 226 18.89 -61.12 -23.06
N SER D 227 19.37 -59.88 -23.01
CA SER D 227 19.49 -59.17 -21.74
C SER D 227 19.10 -57.70 -21.93
N HIS E 13 20.64 -25.23 30.33
CA HIS E 13 19.94 -24.69 31.50
C HIS E 13 18.71 -23.91 31.09
N LEU E 14 18.19 -24.19 29.91
CA LEU E 14 17.16 -23.34 29.32
C LEU E 14 15.88 -23.52 30.11
N PRO E 15 15.32 -22.47 30.69
CA PRO E 15 14.02 -22.60 31.35
C PRO E 15 12.87 -22.51 30.36
N ASP E 16 11.64 -22.45 30.89
CA ASP E 16 10.46 -22.39 30.04
C ASP E 16 10.58 -21.23 29.06
N LEU E 17 10.41 -21.54 27.78
CA LEU E 17 10.68 -20.54 26.77
C LEU E 17 9.56 -19.51 26.71
N VAL E 18 8.32 -19.93 26.96
CA VAL E 18 7.23 -18.97 26.96
C VAL E 18 6.85 -18.71 28.41
N ALA E 19 7.69 -17.95 29.12
CA ALA E 19 7.43 -17.63 30.50
C ALA E 19 7.20 -16.15 30.72
N ILE E 20 7.53 -15.30 29.74
CA ILE E 20 7.25 -13.88 29.85
C ILE E 20 5.76 -13.65 29.74
N GLN E 21 5.03 -14.62 29.18
CA GLN E 21 3.61 -14.50 28.96
C GLN E 21 2.80 -15.13 30.08
N ARG E 22 3.40 -16.08 30.80
CA ARG E 22 2.70 -16.76 31.88
C ARG E 22 2.86 -15.95 33.15
N ASN E 23 4.10 -15.66 33.53
CA ASN E 23 4.35 -14.90 34.75
C ASN E 23 3.53 -13.63 34.81
N SER E 24 3.22 -13.03 33.65
CA SER E 24 2.48 -11.77 33.69
C SER E 24 0.99 -12.00 33.87
N PHE E 25 0.50 -13.19 33.54
CA PHE E 25 -0.89 -13.47 33.82
C PHE E 25 -1.03 -14.09 35.19
N ARG E 26 -0.10 -14.96 35.58
CA ARG E 26 -0.16 -15.46 36.95
C ARG E 26 -0.11 -14.28 37.90
N TRP E 27 0.74 -13.29 37.60
CA TRP E 27 0.79 -12.08 38.39
C TRP E 27 -0.52 -11.32 38.35
N PHE E 28 -1.13 -11.17 37.17
CA PHE E 28 -2.40 -10.46 37.09
C PHE E 28 -3.46 -11.13 37.94
N LEU E 29 -3.56 -12.46 37.85
CA LEU E 29 -4.54 -13.20 38.61
C LEU E 29 -4.25 -13.13 40.10
N GLU E 30 -2.98 -13.21 40.47
CA GLU E 30 -2.61 -13.29 41.88
C GLU E 30 -2.73 -11.93 42.57
N GLU E 31 -2.06 -10.91 42.04
CA GLU E 31 -2.03 -9.62 42.74
C GLU E 31 -2.16 -8.43 41.81
N GLY E 32 -2.65 -8.61 40.59
CA GLY E 32 -2.80 -7.48 39.71
C GLY E 32 -4.22 -6.94 39.70
N LEU E 33 -5.20 -7.85 39.71
CA LEU E 33 -6.59 -7.44 39.79
C LEU E 33 -6.97 -7.00 41.19
N ILE E 34 -6.40 -7.65 42.20
CA ILE E 34 -6.69 -7.31 43.58
C ILE E 34 -6.28 -5.88 43.86
N GLU E 35 -5.09 -5.49 43.40
CA GLU E 35 -4.60 -4.15 43.71
C GLU E 35 -5.49 -3.09 43.09
N GLU E 36 -6.10 -3.40 41.95
CA GLU E 36 -6.92 -2.41 41.26
C GLU E 36 -8.33 -2.38 41.80
N LEU E 37 -8.83 -3.53 42.26
CA LEU E 37 -10.13 -3.52 42.91
C LEU E 37 -10.03 -2.74 44.22
N GLU E 38 -9.05 -3.10 45.06
CA GLU E 38 -8.91 -2.43 46.34
C GLU E 38 -8.62 -0.95 46.17
N SER E 39 -7.97 -0.55 45.06
CA SER E 39 -7.62 0.85 44.88
C SER E 39 -8.84 1.71 44.64
N PHE E 40 -9.97 1.11 44.28
CA PHE E 40 -11.20 1.82 44.01
C PHE E 40 -12.36 1.34 44.88
N SER E 41 -12.11 0.42 45.81
CA SER E 41 -13.13 -0.24 46.65
C SER E 41 -14.08 0.71 47.36
N PRO E 42 -13.62 1.66 48.21
CA PRO E 42 -14.59 2.46 48.97
C PRO E 42 -15.20 3.54 48.11
N ILE E 43 -16.40 3.32 47.62
CA ILE E 43 -17.14 4.30 46.84
C ILE E 43 -18.18 4.96 47.74
N THR E 44 -18.17 6.30 47.76
CA THR E 44 -19.08 7.07 48.58
C THR E 44 -19.76 8.11 47.71
N ASP E 45 -21.03 8.36 47.99
CA ASP E 45 -21.77 9.39 47.29
C ASP E 45 -21.50 10.75 47.92
N TYR E 46 -22.06 11.80 47.33
CA TYR E 46 -21.72 13.15 47.78
C TYR E 46 -22.36 13.49 49.11
N THR E 47 -23.56 12.96 49.39
CA THR E 47 -24.18 13.22 50.68
C THR E 47 -23.50 12.44 51.80
N GLY E 48 -22.68 11.45 51.47
CA GLY E 48 -22.02 10.65 52.48
C GLY E 48 -22.98 9.80 53.29
N LYS E 49 -24.00 9.25 52.65
CA LYS E 49 -25.00 8.43 53.31
C LYS E 49 -24.80 6.95 53.01
N LEU E 50 -24.41 6.62 51.79
CA LEU E 50 -24.21 5.25 51.36
C LEU E 50 -22.75 5.05 50.99
N GLU E 51 -22.24 3.85 51.24
CA GLU E 51 -20.85 3.54 50.90
C GLU E 51 -20.79 2.13 50.37
N LEU E 52 -20.14 1.94 49.23
CA LEU E 52 -19.96 0.62 48.65
C LEU E 52 -18.54 0.18 48.91
N HIS E 53 -18.37 -0.99 49.53
CA HIS E 53 -17.05 -1.55 49.74
C HIS E 53 -16.92 -2.79 48.88
N PHE E 54 -15.83 -2.88 48.15
CA PHE E 54 -15.52 -4.00 47.27
C PHE E 54 -14.42 -4.82 47.93
N LEU E 55 -14.80 -5.92 48.56
CA LEU E 55 -13.83 -6.79 49.23
C LEU E 55 -13.11 -7.53 48.11
N GLY E 56 -12.21 -6.82 47.45
CA GLY E 56 -11.56 -7.36 46.27
C GLY E 56 -10.50 -8.40 46.52
N LYS E 57 -10.22 -8.72 47.78
CA LYS E 57 -9.25 -9.78 48.04
C LYS E 57 -9.88 -11.15 47.94
N GLN E 58 -11.21 -11.22 47.80
CA GLN E 58 -11.97 -12.46 47.79
C GLN E 58 -12.65 -12.73 46.46
N TYR E 59 -12.37 -11.95 45.43
CA TYR E 59 -12.87 -12.27 44.09
C TYR E 59 -12.66 -13.75 43.79
N LYS E 60 -13.77 -14.45 43.63
CA LYS E 60 -13.80 -15.79 43.09
C LYS E 60 -13.96 -15.79 41.58
N LEU E 61 -13.74 -16.95 40.98
CA LEU E 61 -13.75 -17.12 39.54
C LEU E 61 -14.63 -18.30 39.22
N LYS E 62 -15.52 -18.13 38.25
CA LYS E 62 -16.44 -19.19 37.84
C LYS E 62 -15.77 -20.02 36.75
N ARG E 63 -16.03 -21.32 36.77
CA ARG E 63 -15.35 -22.20 35.84
C ARG E 63 -15.76 -21.81 34.41
N PRO E 64 -14.84 -21.91 33.46
CA PRO E 64 -15.17 -21.52 32.09
C PRO E 64 -16.30 -22.36 31.50
N LYS E 65 -17.20 -21.70 30.79
CA LYS E 65 -18.24 -22.43 30.11
C LYS E 65 -17.65 -23.01 28.83
N TYR E 66 -18.42 -23.87 28.18
CA TYR E 66 -17.98 -24.52 26.95
C TYR E 66 -16.67 -25.26 27.25
N ASP E 67 -15.63 -25.07 26.45
CA ASP E 67 -14.29 -25.60 26.71
C ASP E 67 -13.31 -24.87 25.81
N VAL E 68 -12.03 -25.21 25.93
CA VAL E 68 -11.05 -24.63 25.03
C VAL E 68 -11.34 -25.08 23.60
N ASP E 69 -11.54 -26.39 23.43
CA ASP E 69 -11.81 -26.92 22.10
C ASP E 69 -13.19 -26.49 21.64
N GLU E 70 -14.17 -26.49 22.55
CA GLU E 70 -15.51 -26.03 22.21
C GLU E 70 -15.50 -24.56 21.82
N ALA E 71 -14.77 -23.74 22.56
CA ALA E 71 -14.67 -22.33 22.18
C ALA E 71 -14.03 -22.19 20.81
N LYS E 72 -12.99 -22.98 20.54
CA LYS E 72 -12.34 -22.89 19.25
C LYS E 72 -13.27 -23.29 18.11
N ARG E 73 -14.00 -24.40 18.28
CA ARG E 73 -14.81 -24.91 17.19
C ARG E 73 -16.14 -24.16 17.04
N ARG E 74 -16.60 -23.51 18.10
CA ARG E 74 -17.83 -22.74 18.07
C ARG E 74 -17.59 -21.30 17.62
N ASP E 75 -16.32 -20.90 17.52
CA ASP E 75 -15.95 -19.52 17.24
C ASP E 75 -16.45 -18.60 18.36
N GLY E 76 -16.10 -18.95 19.59
CA GLY E 76 -16.44 -18.16 20.74
C GLY E 76 -15.22 -17.68 21.48
N THR E 77 -15.38 -17.36 22.76
CA THR E 77 -14.32 -16.82 23.58
C THR E 77 -14.12 -17.73 24.78
N TYR E 78 -12.86 -17.92 25.16
CA TYR E 78 -12.50 -18.74 26.32
C TYR E 78 -12.30 -17.80 27.48
N SER E 79 -13.20 -17.86 28.46
CA SER E 79 -13.21 -16.87 29.51
C SER E 79 -13.89 -17.45 30.74
N VAL E 80 -13.83 -16.68 31.81
CA VAL E 80 -14.46 -17.01 33.08
C VAL E 80 -15.24 -15.78 33.53
N GLN E 81 -15.97 -15.93 34.62
CA GLN E 81 -16.76 -14.84 35.15
C GLN E 81 -16.16 -14.46 36.49
N MET E 82 -16.11 -13.16 36.77
CA MET E 82 -15.50 -12.66 37.99
C MET E 82 -16.59 -12.17 38.93
N TYR E 83 -16.54 -12.63 40.18
CA TYR E 83 -17.49 -12.23 41.19
C TYR E 83 -16.73 -11.75 42.41
N VAL E 84 -17.00 -10.53 42.83
CA VAL E 84 -16.33 -9.93 43.98
C VAL E 84 -17.39 -9.71 45.05
N PRO E 85 -17.12 -10.03 46.31
CA PRO E 85 -18.09 -9.72 47.35
C PRO E 85 -18.06 -8.24 47.67
N THR E 86 -19.24 -7.67 47.88
CA THR E 86 -19.37 -6.25 48.19
C THR E 86 -20.30 -6.08 49.40
N ARG E 87 -20.19 -4.92 50.03
CA ARG E 87 -21.05 -4.56 51.15
C ARG E 87 -21.47 -3.11 51.05
N LEU E 88 -22.77 -2.87 50.87
CA LEU E 88 -23.33 -1.54 50.88
C LEU E 88 -23.65 -1.16 52.32
N ILE E 89 -23.02 -0.10 52.82
CA ILE E 89 -23.16 0.34 54.20
C ILE E 89 -23.91 1.66 54.22
N ASN E 90 -25.02 1.71 54.93
CA ASN E 90 -25.75 2.96 55.13
C ASN E 90 -25.07 3.72 56.27
N LYS E 91 -24.63 4.96 55.98
CA LYS E 91 -23.88 5.72 56.96
C LYS E 91 -24.64 5.97 58.26
N GLU E 92 -25.96 5.85 58.25
CA GLU E 92 -26.74 6.12 59.46
C GLU E 92 -27.43 4.84 59.93
N THR E 93 -28.48 4.45 59.21
CA THR E 93 -29.25 3.25 59.56
C THR E 93 -28.33 2.07 59.87
N GLY E 94 -27.23 1.96 59.14
CA GLY E 94 -26.24 0.94 59.37
C GLY E 94 -26.61 -0.40 58.78
N GLU E 95 -27.67 -0.46 58.00
CA GLU E 95 -28.03 -1.71 57.33
C GLU E 95 -26.99 -2.01 56.26
N ILE E 96 -26.42 -3.20 56.33
CA ILE E 96 -25.38 -3.61 55.39
C ILE E 96 -25.90 -4.81 54.61
N LYS E 97 -26.08 -4.64 53.31
CA LYS E 97 -26.64 -5.68 52.45
C LYS E 97 -25.51 -6.36 51.69
N GLU E 98 -24.87 -7.31 52.35
CA GLU E 98 -23.74 -8.02 51.77
C GLU E 98 -24.22 -8.86 50.59
N GLN E 99 -23.40 -8.94 49.55
CA GLN E 99 -23.76 -9.68 48.34
C GLN E 99 -22.50 -9.85 47.50
N GLU E 100 -22.65 -10.60 46.41
CA GLU E 100 -21.59 -10.85 45.45
C GLU E 100 -22.08 -10.36 44.10
N VAL E 101 -21.30 -9.49 43.48
CA VAL E 101 -21.72 -8.83 42.25
C VAL E 101 -20.90 -9.38 41.10
N PHE E 102 -21.51 -9.40 39.92
CA PHE E 102 -20.82 -9.80 38.71
C PHE E 102 -20.03 -8.61 38.21
N ILE E 103 -18.74 -8.82 37.97
CA ILE E 103 -17.83 -7.75 37.62
C ILE E 103 -17.53 -7.75 36.13
N GLY E 104 -17.27 -8.92 35.57
CA GLY E 104 -17.01 -9.00 34.15
C GLY E 104 -16.65 -10.41 33.75
N ASP E 105 -16.34 -10.53 32.46
CA ASP E 105 -15.88 -11.78 31.87
C ASP E 105 -14.40 -11.58 31.57
N LEU E 106 -13.58 -12.46 32.14
CA LEU E 106 -12.14 -12.37 31.95
C LEU E 106 -11.69 -13.47 31.01
N PRO E 107 -11.18 -13.15 29.83
CA PRO E 107 -10.60 -14.19 28.99
C PRO E 107 -9.40 -14.80 29.70
N LEU E 108 -9.28 -16.10 29.57
CA LEU E 108 -8.27 -16.84 30.30
C LEU E 108 -7.14 -17.20 29.36
N MET E 109 -5.94 -17.30 29.92
CA MET E 109 -4.77 -17.64 29.13
C MET E 109 -4.64 -19.16 29.12
N THR E 110 -4.43 -19.71 27.93
CA THR E 110 -4.36 -21.15 27.81
C THR E 110 -3.01 -21.66 28.31
N ASP E 111 -2.82 -22.97 28.24
CA ASP E 111 -1.61 -23.58 28.74
C ASP E 111 -0.39 -23.25 27.89
N ARG E 112 -0.61 -22.65 26.74
CA ARG E 112 0.45 -22.32 25.79
C ARG E 112 0.80 -20.85 25.79
N GLY E 113 0.15 -20.06 26.63
CA GLY E 113 0.45 -18.65 26.70
C GLY E 113 -0.40 -17.76 25.84
N THR E 114 -1.52 -18.26 25.34
CA THR E 114 -2.33 -17.51 24.39
C THR E 114 -3.76 -17.39 24.89
N PHE E 115 -4.53 -16.57 24.18
CA PHE E 115 -5.93 -16.36 24.49
C PHE E 115 -6.75 -16.76 23.28
N ILE E 116 -8.01 -17.10 23.53
CA ILE E 116 -8.92 -17.51 22.47
C ILE E 116 -10.04 -16.48 22.48
N ILE E 117 -9.98 -15.57 21.53
CA ILE E 117 -10.90 -14.45 21.41
C ILE E 117 -11.68 -14.65 20.12
N ASN E 118 -13.00 -14.74 20.25
CA ASN E 118 -13.90 -14.94 19.12
C ASN E 118 -13.49 -16.14 18.29
N GLY E 119 -13.07 -17.20 18.97
CA GLY E 119 -12.70 -18.42 18.28
C GLY E 119 -11.41 -18.35 17.52
N ALA E 120 -10.59 -17.34 17.78
CA ALA E 120 -9.29 -17.21 17.14
C ALA E 120 -8.22 -17.08 18.21
N GLU E 121 -7.04 -17.65 17.94
CA GLU E 121 -5.96 -17.54 18.89
C GLU E 121 -5.23 -16.23 18.73
N ARG E 122 -5.04 -15.55 19.84
CA ARG E 122 -4.44 -14.24 19.90
C ARG E 122 -3.37 -14.25 20.97
N VAL E 123 -2.40 -13.37 20.81
CA VAL E 123 -1.30 -13.27 21.75
C VAL E 123 -1.15 -11.80 22.09
N ILE E 124 -0.84 -11.51 23.33
CA ILE E 124 -0.62 -10.14 23.74
C ILE E 124 0.87 -9.90 23.64
N VAL E 125 1.25 -8.90 22.87
CA VAL E 125 2.65 -8.66 22.65
C VAL E 125 3.22 -7.94 23.87
N ASN E 126 4.53 -7.97 23.97
CA ASN E 126 5.23 -7.31 25.05
C ASN E 126 5.73 -5.99 24.51
N GLN E 127 5.61 -4.94 25.30
CA GLN E 127 5.93 -3.60 24.84
C GLN E 127 7.16 -3.14 25.60
N ILE E 128 8.15 -2.68 24.86
CA ILE E 128 9.33 -2.09 25.47
C ILE E 128 9.11 -0.59 25.49
N VAL E 129 9.09 -0.03 26.69
CA VAL E 129 8.79 1.37 26.89
C VAL E 129 9.90 1.95 27.74
N ARG E 130 9.79 3.24 28.02
CA ARG E 130 10.76 3.89 28.87
C ARG E 130 10.32 3.75 30.32
N SER E 131 11.27 3.44 31.17
CA SER E 131 10.94 3.18 32.55
C SER E 131 10.64 4.49 33.28
N PRO E 132 9.74 4.45 34.25
CA PRO E 132 9.50 5.65 35.06
C PRO E 132 10.72 5.99 35.89
N GLY E 133 10.83 7.27 36.22
CA GLY E 133 11.94 7.74 37.01
C GLY E 133 12.36 9.11 36.57
N VAL E 134 13.56 9.50 36.96
CA VAL E 134 14.10 10.82 36.69
C VAL E 134 15.31 10.67 35.77
N TYR E 135 15.33 11.45 34.69
CA TYR E 135 16.35 11.32 33.67
C TYR E 135 16.96 12.68 33.41
N TYR E 136 18.29 12.75 33.45
CA TYR E 136 19.02 13.99 33.29
C TYR E 136 19.66 14.03 31.91
N LYS E 137 19.72 15.22 31.33
CA LYS E 137 20.25 15.38 30.00
C LYS E 137 20.93 16.73 29.90
N SER E 138 21.99 16.79 29.10
CA SER E 138 22.74 18.01 28.87
C SER E 138 22.62 18.40 27.41
N GLU E 139 22.19 19.62 27.16
CA GLU E 139 22.03 20.14 25.81
C GLU E 139 22.98 21.31 25.60
N ARG E 140 23.52 21.41 24.40
CA ARG E 140 24.53 22.40 24.06
C ARG E 140 23.97 23.39 23.06
N ASP E 141 24.07 24.67 23.39
CA ASP E 141 23.60 25.73 22.51
C ASP E 141 24.55 25.88 21.33
N LYS E 142 24.10 26.64 20.33
CA LYS E 142 24.93 26.91 19.16
C LYS E 142 26.21 27.63 19.58
N ASN E 143 26.09 28.61 20.46
CA ASN E 143 27.23 29.35 20.97
C ASN E 143 27.35 29.32 22.48
N GLY E 144 26.33 28.83 23.19
CA GLY E 144 26.32 28.85 24.64
C GLY E 144 26.98 27.63 25.24
N ARG E 145 26.90 27.58 26.57
CA ARG E 145 27.51 26.51 27.35
C ARG E 145 26.60 25.30 27.36
N LEU E 146 26.92 24.33 28.22
CA LEU E 146 26.05 23.19 28.45
C LEU E 146 24.99 23.55 29.47
N THR E 147 23.73 23.26 29.15
CA THR E 147 22.63 23.50 30.07
C THR E 147 21.94 22.17 30.32
N HIS E 148 21.60 21.91 31.58
CA HIS E 148 21.10 20.60 31.95
C HIS E 148 19.63 20.69 32.30
N ASN E 149 18.88 19.65 31.91
CA ASN E 149 17.48 19.54 32.22
C ASN E 149 17.22 18.14 32.76
N ALA E 150 16.15 18.02 33.52
CA ALA E 150 15.75 16.76 34.11
C ALA E 150 14.27 16.53 33.82
N SER E 151 13.92 15.31 33.53
CA SER E 151 12.53 14.96 33.25
C SER E 151 12.12 13.88 34.25
N LEU E 152 11.02 14.12 34.94
CA LEU E 152 10.49 13.16 35.89
C LEU E 152 9.22 12.59 35.27
N ILE E 153 9.22 11.28 35.08
CA ILE E 153 8.22 10.58 34.30
C ILE E 153 7.60 9.51 35.20
N PRO E 154 6.31 9.52 35.42
CA PRO E 154 5.69 8.50 36.26
C PRO E 154 5.17 7.34 35.44
N ASN E 155 4.65 6.32 36.13
CA ASN E 155 3.97 5.25 35.43
C ASN E 155 2.73 5.77 34.72
N ARG E 156 2.02 6.69 35.38
CA ARG E 156 0.81 7.29 34.80
C ARG E 156 0.57 8.64 35.45
N GLY E 157 0.50 9.69 34.65
CA GLY E 157 0.25 11.02 35.16
C GLY E 157 0.98 12.07 34.34
N ALA E 158 1.16 13.22 34.96
CA ALA E 158 1.80 14.38 34.35
C ALA E 158 3.31 14.34 34.57
N TRP E 159 4.04 14.91 33.62
CA TRP E 159 5.49 14.92 33.69
C TRP E 159 5.96 16.20 34.38
N LEU E 160 7.14 16.12 34.98
CA LEU E 160 7.71 17.28 35.68
C LEU E 160 9.08 17.57 35.11
N LYS E 161 9.15 18.58 34.25
CA LYS E 161 10.40 18.97 33.62
C LYS E 161 11.08 20.09 34.40
N PHE E 162 12.36 19.90 34.70
CA PHE E 162 13.23 20.91 35.27
C PHE E 162 14.25 21.32 34.20
N GLU E 163 14.65 22.57 34.23
CA GLU E 163 15.58 23.08 33.23
C GLU E 163 16.51 24.10 33.87
N THR E 164 17.76 24.11 33.45
CA THR E 164 18.74 25.09 33.89
C THR E 164 19.01 26.03 32.74
N ASP E 165 18.97 27.33 33.01
CA ASP E 165 19.12 28.33 31.97
C ASP E 165 20.60 28.61 31.76
N LYS E 166 20.89 29.52 30.83
CA LYS E 166 22.27 29.89 30.57
C LYS E 166 22.83 30.81 31.64
N ASN E 167 21.97 31.47 32.40
CA ASN E 167 22.38 32.38 33.45
C ASN E 167 22.41 31.73 34.83
N GLY E 168 22.09 30.45 34.91
CA GLY E 168 22.02 29.78 36.20
C GLY E 168 20.66 29.76 36.84
N LEU E 169 19.60 29.81 36.05
CA LEU E 169 18.24 29.83 36.58
C LEU E 169 17.60 28.45 36.45
N VAL E 170 16.74 28.13 37.40
CA VAL E 170 16.04 26.86 37.45
C VAL E 170 14.58 27.11 37.12
N TRP E 171 14.08 26.40 36.11
CA TRP E 171 12.72 26.53 35.63
C TRP E 171 12.00 25.20 35.69
N VAL E 172 10.69 25.26 35.91
CA VAL E 172 9.84 24.08 35.93
C VAL E 172 8.75 24.30 34.88
N ARG E 173 8.41 23.24 34.15
CA ARG E 173 7.43 23.36 33.07
C ARG E 173 6.37 22.28 33.26
N ILE E 174 5.44 22.54 34.17
CA ILE E 174 4.33 21.62 34.38
C ILE E 174 3.64 21.37 33.05
N ASP E 175 3.39 20.10 32.75
CA ASP E 175 2.73 19.72 31.48
C ASP E 175 3.54 20.34 30.34
N LYS E 176 2.89 20.94 29.36
CA LYS E 176 3.56 21.62 28.26
C LYS E 176 3.34 23.13 28.32
N THR E 177 3.07 23.66 29.50
CA THR E 177 2.80 25.07 29.65
C THR E 177 4.10 25.86 29.73
N ARG E 178 3.99 27.17 29.93
CA ARG E 178 5.18 28.00 29.98
C ARG E 178 5.94 27.72 31.28
N LYS E 179 7.24 28.06 31.26
CA LYS E 179 8.06 27.73 32.41
C LYS E 179 7.70 28.63 33.61
N LEU E 180 8.17 28.21 34.77
CA LEU E 180 8.03 28.98 36.00
C LEU E 180 9.19 28.59 36.90
N SER E 181 9.89 29.59 37.45
CA SER E 181 10.99 29.35 38.37
C SER E 181 10.62 28.32 39.43
N ALA E 182 11.63 27.57 39.88
CA ALA E 182 11.41 26.48 40.81
C ALA E 182 10.95 26.98 42.18
N GLN E 183 11.20 28.24 42.50
CA GLN E 183 10.82 28.76 43.81
C GLN E 183 9.32 28.71 44.00
N VAL E 184 8.57 29.03 42.95
CA VAL E 184 7.11 28.97 43.04
C VAL E 184 6.68 27.56 43.39
N LEU E 185 7.23 26.57 42.71
CA LEU E 185 6.84 25.18 42.95
C LEU E 185 7.24 24.73 44.35
N LEU E 186 8.43 25.11 44.80
CA LEU E 186 8.88 24.64 46.12
C LEU E 186 8.10 25.31 47.23
N LYS E 187 7.71 26.58 47.07
CA LYS E 187 6.91 27.23 48.09
C LYS E 187 5.47 26.74 48.08
N ALA E 188 4.94 26.47 46.88
CA ALA E 188 3.59 25.95 46.79
C ALA E 188 3.47 24.59 47.47
N LEU E 189 4.58 23.85 47.54
CA LEU E 189 4.55 22.54 48.17
C LEU E 189 4.42 22.62 49.68
N GLY E 190 4.71 23.79 50.26
CA GLY E 190 4.59 23.95 51.69
C GLY E 190 5.93 23.76 52.36
N LEU E 191 6.96 24.39 51.80
CA LEU E 191 8.32 24.28 52.30
C LEU E 191 8.86 25.66 52.61
N SER E 192 9.43 25.81 53.80
CA SER E 192 10.06 27.08 54.14
C SER E 192 11.45 27.15 53.53
N ASP E 193 12.06 28.32 53.61
CA ASP E 193 13.33 28.54 52.93
C ASP E 193 14.42 27.69 53.58
N ASN E 194 14.34 27.50 54.89
CA ASN E 194 15.41 26.83 55.61
C ASN E 194 15.51 25.36 55.20
N GLU E 195 14.38 24.68 55.00
CA GLU E 195 14.44 23.25 54.67
C GLU E 195 14.96 23.03 53.25
N ILE E 196 14.50 23.84 52.30
CA ILE E 196 15.00 23.71 50.92
C ILE E 196 16.41 24.24 50.80
N TYR E 197 16.84 25.07 51.75
CA TYR E 197 18.23 25.51 51.78
C TYR E 197 19.13 24.44 52.38
N ASP E 198 18.63 23.72 53.39
CA ASP E 198 19.44 22.70 54.03
C ASP E 198 19.56 21.46 53.16
N LYS E 199 18.46 21.01 52.54
CA LYS E 199 18.53 19.80 51.76
C LYS E 199 19.45 19.94 50.55
N LEU E 200 19.41 21.10 49.89
CA LEU E 200 20.31 21.31 48.77
C LEU E 200 21.75 21.34 49.28
N ARG E 201 22.66 20.85 48.45
CA ARG E 201 24.06 20.79 48.87
C ARG E 201 24.82 22.06 48.52
N HIS E 202 24.52 22.66 47.38
CA HIS E 202 25.15 23.91 46.98
C HIS E 202 24.03 24.95 46.90
N PRO E 203 23.74 25.61 48.01
CA PRO E 203 22.54 26.47 48.06
C PRO E 203 22.71 27.79 47.35
N GLU E 204 23.93 28.24 47.05
CA GLU E 204 24.10 29.53 46.41
C GLU E 204 23.64 29.52 44.96
N TYR E 205 23.75 28.36 44.29
CA TYR E 205 23.26 28.26 42.92
C TYR E 205 21.75 28.48 42.86
N TYR E 206 21.01 27.93 43.82
CA TYR E 206 19.58 28.21 43.89
C TYR E 206 19.28 29.58 44.48
N GLN E 207 20.17 30.08 45.32
CA GLN E 207 20.01 31.43 45.87
C GLN E 207 20.04 32.47 44.75
N LYS E 208 20.83 32.21 43.71
CA LYS E 208 20.80 33.10 42.55
C LYS E 208 19.40 33.18 41.95
N THR E 209 18.74 32.03 41.76
CA THR E 209 17.37 32.04 41.26
C THR E 209 16.43 32.74 42.23
N ILE E 210 16.61 32.49 43.53
CA ILE E 210 15.77 33.13 44.54
C ILE E 210 15.86 34.64 44.40
N ASP E 211 17.09 35.15 44.29
CA ASP E 211 17.31 36.59 44.16
C ASP E 211 16.75 37.13 42.86
N LYS E 212 16.92 36.40 41.76
CA LYS E 212 16.50 36.92 40.46
C LYS E 212 14.99 36.93 40.32
N GLU E 213 14.31 35.94 40.89
CA GLU E 213 12.87 35.80 40.72
C GLU E 213 12.07 36.20 41.94
N GLY E 214 12.73 36.51 43.05
CA GLY E 214 12.08 36.95 44.27
C GLY E 214 11.53 35.80 45.09
N GLN E 215 11.76 35.85 46.40
CA GLN E 215 11.30 34.79 47.29
C GLN E 215 9.79 34.83 47.38
N PHE E 216 9.13 33.87 46.75
CA PHE E 216 7.69 33.76 46.81
C PHE E 216 7.27 33.16 48.14
N SER E 217 6.18 33.64 48.71
CA SER E 217 5.60 32.94 49.83
C SER E 217 4.53 31.99 49.33
N GLU E 218 4.04 31.14 50.23
CA GLU E 218 3.13 30.07 49.83
C GLU E 218 1.88 30.64 49.15
N ASP E 219 1.28 31.67 49.75
CA ASP E 219 0.07 32.25 49.18
C ASP E 219 0.30 32.76 47.77
N GLU E 220 1.31 33.63 47.59
CA GLU E 220 1.57 34.15 46.25
C GLU E 220 2.11 33.07 45.33
N ALA E 221 2.78 32.07 45.88
CA ALA E 221 3.23 30.95 45.06
C ALA E 221 2.04 30.23 44.43
N LEU E 222 1.04 29.90 45.25
CA LEU E 222 -0.16 29.26 44.71
C LEU E 222 -0.92 30.19 43.77
N MET E 223 -0.97 31.48 44.08
CA MET E 223 -1.60 32.42 43.16
C MET E 223 -0.94 32.40 41.79
N GLU E 224 0.39 32.50 41.76
CA GLU E 224 1.10 32.52 40.48
C GLU E 224 0.99 31.18 39.77
N LEU E 225 1.03 30.08 40.53
CA LEU E 225 0.90 28.76 39.92
C LEU E 225 -0.46 28.60 39.24
N TYR E 226 -1.53 29.03 39.92
CA TYR E 226 -2.85 29.00 39.32
C TYR E 226 -2.91 29.93 38.12
N ARG E 227 -2.30 31.11 38.22
CA ARG E 227 -2.33 32.06 37.12
C ARG E 227 -1.66 31.50 35.88
N LYS E 228 -0.52 30.84 36.04
CA LYS E 228 0.22 30.32 34.90
C LYS E 228 -0.43 29.06 34.34
N LEU E 229 -0.96 28.20 35.21
CA LEU E 229 -1.57 26.96 34.76
C LEU E 229 -2.90 27.23 34.05
N ARG E 230 -3.72 28.10 34.62
CA ARG E 230 -5.09 28.34 34.14
C ARG E 230 -5.26 29.84 34.00
N PRO E 231 -4.78 30.41 32.91
CA PRO E 231 -4.90 31.86 32.71
C PRO E 231 -6.33 32.28 32.42
N GLY E 232 -6.61 33.55 32.70
CA GLY E 232 -7.91 34.13 32.46
C GLY E 232 -8.87 34.06 33.62
N GLU E 233 -8.51 33.37 34.69
CA GLU E 233 -9.35 33.25 35.87
C GLU E 233 -8.69 33.97 37.04
N PRO E 234 -9.47 34.46 37.99
CA PRO E 234 -8.89 35.11 39.17
C PRO E 234 -8.14 34.09 40.02
N PRO E 235 -6.88 34.37 40.35
CA PRO E 235 -6.10 33.40 41.13
C PRO E 235 -6.72 33.21 42.49
N THR E 236 -6.52 32.02 43.05
CA THR E 236 -7.05 31.72 44.38
C THR E 236 -6.15 30.71 45.05
N VAL E 237 -5.69 31.05 46.26
CA VAL E 237 -4.75 30.18 46.98
C VAL E 237 -5.30 28.76 47.02
N SER E 238 -6.56 28.61 47.43
CA SER E 238 -7.16 27.27 47.45
C SER E 238 -7.21 26.69 46.05
N GLY E 239 -7.53 27.52 45.06
CA GLY E 239 -7.57 27.05 43.69
C GLY E 239 -6.25 26.44 43.26
N GLY E 240 -5.15 27.13 43.54
CA GLY E 240 -3.84 26.59 43.22
C GLY E 240 -3.55 25.32 43.99
N GLN E 241 -3.76 25.35 45.31
CA GLN E 241 -3.53 24.16 46.13
C GLN E 241 -4.23 22.95 45.51
N GLN E 242 -5.51 23.10 45.17
CA GLN E 242 -6.27 22.02 44.57
C GLN E 242 -5.68 21.61 43.23
N LEU E 243 -5.22 22.58 42.43
CA LEU E 243 -4.64 22.23 41.13
C LEU E 243 -3.41 21.35 41.33
N LEU E 244 -2.54 21.73 42.26
CA LEU E 244 -1.36 20.92 42.54
C LEU E 244 -1.74 19.54 43.07
N GLU E 245 -2.71 19.48 43.98
CA GLU E 245 -3.12 18.20 44.55
C GLU E 245 -3.67 17.27 43.48
N SER E 246 -4.43 17.82 42.53
CA SER E 246 -4.97 17.00 41.46
C SER E 246 -3.90 16.64 40.44
N ARG E 247 -2.86 17.47 40.31
CA ARG E 247 -1.86 17.23 39.28
C ARG E 247 -0.85 16.18 39.71
N PHE E 248 -0.20 16.37 40.86
CA PHE E 248 0.90 15.49 41.25
C PHE E 248 0.68 14.73 42.55
N PHE E 249 -0.42 14.97 43.26
CA PHE E 249 -0.59 14.35 44.57
C PHE E 249 -1.83 13.46 44.64
N ASP E 250 -2.64 13.40 43.59
CA ASP E 250 -3.87 12.62 43.65
C ASP E 250 -3.57 11.15 43.36
N PRO E 251 -3.77 10.24 44.32
CA PRO E 251 -3.45 8.82 44.11
C PRO E 251 -4.13 8.23 42.88
N LYS E 252 -5.19 8.86 42.40
CA LYS E 252 -5.98 8.34 41.30
C LYS E 252 -5.77 9.14 40.02
N ARG E 253 -4.75 9.99 39.99
CA ARG E 253 -4.41 10.74 38.80
C ARG E 253 -2.90 10.79 38.57
N TYR E 254 -2.10 10.37 39.54
CA TYR E 254 -0.64 10.29 39.43
C TYR E 254 -0.17 9.00 40.08
N ASP E 255 0.46 8.13 39.31
CA ASP E 255 1.03 6.90 39.84
C ASP E 255 2.46 6.77 39.34
N LEU E 256 3.42 6.81 40.26
CA LEU E 256 4.80 6.52 39.90
C LEU E 256 4.96 5.05 39.53
N GLY E 257 4.27 4.18 40.24
CA GLY E 257 4.45 2.75 40.13
C GLY E 257 5.52 2.25 41.09
N ARG E 258 5.55 0.92 41.22
CA ARG E 258 6.60 0.31 42.02
C ARG E 258 7.95 0.53 41.35
N VAL E 259 8.01 0.41 40.03
CA VAL E 259 9.25 0.63 39.33
C VAL E 259 9.64 2.10 39.41
N GLY E 260 8.65 2.99 39.35
CA GLY E 260 8.96 4.40 39.46
C GLY E 260 9.56 4.76 40.80
N ARG E 261 8.96 4.25 41.88
CA ARG E 261 9.54 4.49 43.19
C ARG E 261 10.93 3.87 43.31
N TYR E 262 11.10 2.65 42.79
CA TYR E 262 12.41 2.00 42.86
C TYR E 262 13.47 2.80 42.12
N LYS E 263 13.15 3.27 40.92
CA LYS E 263 14.11 4.03 40.14
C LYS E 263 14.41 5.37 40.78
N LEU E 264 13.38 6.04 41.33
CA LEU E 264 13.62 7.30 42.00
C LEU E 264 14.57 7.11 43.19
N ASN E 265 14.30 6.10 44.02
CA ASN E 265 15.18 5.86 45.15
C ASN E 265 16.59 5.50 44.70
N LYS E 266 16.72 4.68 43.66
CA LYS E 266 18.04 4.25 43.19
C LYS E 266 18.85 5.41 42.62
N LYS E 267 18.20 6.28 41.86
CA LYS E 267 18.92 7.38 41.20
C LYS E 267 19.19 8.50 42.16
N LEU E 268 18.15 9.00 42.83
CA LEU E 268 18.30 10.16 43.70
C LEU E 268 18.91 9.81 45.03
N GLY E 269 18.98 8.53 45.38
CA GLY E 269 19.54 8.12 46.63
C GLY E 269 18.62 8.35 47.81
N LEU E 270 17.31 8.29 47.59
CA LEU E 270 16.37 8.52 48.67
C LEU E 270 16.12 7.22 49.42
N ASN E 271 15.20 7.25 50.37
CA ASN E 271 14.89 6.09 51.18
C ASN E 271 13.38 5.93 51.38
N VAL E 272 12.56 6.58 50.55
CA VAL E 272 11.12 6.57 50.76
C VAL E 272 10.59 5.16 50.61
N ALA E 273 9.46 4.90 51.27
CA ALA E 273 8.89 3.56 51.29
C ALA E 273 8.41 3.17 49.91
N ASP E 274 8.33 1.86 49.68
CA ASP E 274 7.89 1.35 48.40
C ASP E 274 6.39 1.51 48.19
N THR E 275 5.64 1.75 49.28
CA THR E 275 4.20 1.82 49.17
C THR E 275 3.75 3.17 48.63
N VAL E 276 4.51 4.23 48.88
CA VAL E 276 4.11 5.55 48.41
C VAL E 276 4.45 5.68 46.93
N ARG E 277 3.46 6.04 46.12
CA ARG E 277 3.62 6.04 44.68
C ARG E 277 3.30 7.39 44.06
N THR E 278 3.34 8.45 44.86
CA THR E 278 3.11 9.80 44.36
C THR E 278 4.30 10.68 44.71
N LEU E 279 4.41 11.79 43.98
CA LEU E 279 5.52 12.69 44.21
C LEU E 279 5.43 13.32 45.59
N THR E 280 6.57 13.49 46.23
CA THR E 280 6.66 14.08 47.56
C THR E 280 7.69 15.19 47.52
N SER E 281 7.70 16.03 48.55
CA SER E 281 8.62 17.16 48.57
C SER E 281 10.05 16.68 48.44
N GLU E 282 10.41 15.66 49.22
CA GLU E 282 11.76 15.11 49.21
C GLU E 282 12.19 14.84 47.78
N ASP E 283 11.31 14.24 46.98
CA ASP E 283 11.65 13.87 45.62
C ASP E 283 12.09 15.10 44.82
N ILE E 284 11.23 16.11 44.73
CA ILE E 284 11.56 17.28 43.91
C ILE E 284 12.82 17.94 44.43
N LEU E 285 12.97 18.03 45.76
CA LEU E 285 14.16 18.70 46.28
C LEU E 285 15.41 17.94 45.88
N ALA E 286 15.40 16.62 46.07
CA ALA E 286 16.52 15.80 45.67
C ALA E 286 16.83 15.99 44.19
N ALA E 287 15.82 15.80 43.34
CA ALA E 287 16.01 15.98 41.90
C ALA E 287 16.67 17.32 41.57
N ILE E 288 16.22 18.39 42.23
CA ILE E 288 16.84 19.71 42.01
C ILE E 288 18.29 19.69 42.46
N ASP E 289 18.56 19.07 43.61
CA ASP E 289 19.93 19.01 44.09
C ASP E 289 20.83 18.25 43.12
N TYR E 290 20.32 17.15 42.58
CA TYR E 290 21.07 16.37 41.61
C TYR E 290 21.33 17.19 40.35
N LEU E 291 20.33 17.96 39.91
CA LEU E 291 20.55 18.83 38.75
C LEU E 291 21.62 19.87 39.03
N ILE E 292 21.59 20.46 40.22
CA ILE E 292 22.59 21.45 40.59
C ILE E 292 23.98 20.82 40.60
N ASN E 293 24.09 19.64 41.22
CA ASN E 293 25.38 18.97 41.30
C ASN E 293 25.90 18.61 39.93
N LEU E 294 25.01 18.13 39.04
CA LEU E 294 25.42 17.84 37.68
C LEU E 294 25.87 19.10 36.95
N GLU E 295 25.23 20.23 37.23
CA GLU E 295 25.69 21.50 36.65
C GLU E 295 27.08 21.85 37.16
N LEU E 296 27.32 21.63 38.44
CA LEU E 296 28.57 22.04 39.05
C LEU E 296 29.63 20.95 38.99
N ASP E 297 29.29 19.79 38.40
CA ASP E 297 30.21 18.67 38.28
C ASP E 297 30.72 18.26 39.67
N LEU E 298 29.78 17.71 40.44
CA LEU E 298 30.13 17.29 41.79
C LEU E 298 30.96 16.03 41.77
N GLY E 299 30.60 15.05 40.96
CA GLY E 299 31.38 13.84 40.88
C GLY E 299 30.57 12.57 40.89
N GLY E 300 29.43 12.59 41.59
CA GLY E 300 28.60 11.41 41.69
C GLY E 300 27.34 11.56 40.87
N CYS E 301 27.39 12.43 39.87
CA CYS E 301 26.24 12.73 39.03
C CYS E 301 26.59 12.46 37.58
N GLU E 302 25.58 12.07 36.81
CA GLU E 302 25.80 11.64 35.44
C GLU E 302 24.49 11.76 34.69
N VAL E 303 24.59 12.15 33.41
CA VAL E 303 23.40 12.27 32.58
C VAL E 303 22.95 10.86 32.23
N ASP E 304 21.74 10.72 31.71
CA ASP E 304 21.13 9.43 31.48
C ASP E 304 21.07 9.11 30.00
N ASP E 305 21.13 7.83 29.70
CA ASP E 305 20.90 7.32 28.35
C ASP E 305 19.51 6.69 28.33
N ILE E 306 18.69 7.09 27.36
CA ILE E 306 17.32 6.63 27.34
C ILE E 306 17.17 5.33 26.57
N ASP E 307 18.17 4.96 25.76
CA ASP E 307 18.15 3.69 25.07
C ASP E 307 18.73 2.56 25.90
N HIS E 308 19.37 2.86 27.02
CA HIS E 308 19.90 1.81 27.88
C HIS E 308 18.78 0.91 28.35
N LEU E 309 19.05 -0.39 28.36
CA LEU E 309 18.05 -1.35 28.80
C LEU E 309 17.84 -1.31 30.31
N GLY E 310 18.67 -0.57 31.04
CA GLY E 310 18.40 -0.32 32.44
C GLY E 310 17.46 0.83 32.70
N ASN E 311 17.14 1.62 31.68
CA ASN E 311 16.17 2.69 31.78
C ASN E 311 14.92 2.37 30.96
N ARG E 312 14.77 1.13 30.54
CA ARG E 312 13.67 0.70 29.70
C ARG E 312 13.04 -0.53 30.32
N ARG E 313 11.74 -0.67 30.09
CA ARG E 313 10.93 -1.66 30.78
C ARG E 313 10.14 -2.46 29.76
N VAL E 314 9.67 -3.62 30.22
CA VAL E 314 8.85 -4.51 29.42
C VAL E 314 7.51 -4.64 30.12
N ARG E 315 6.44 -4.42 29.36
CA ARG E 315 5.08 -4.63 29.83
C ARG E 315 4.47 -5.78 29.05
N SER E 316 3.77 -6.64 29.77
CA SER E 316 3.14 -7.81 29.18
C SER E 316 1.67 -7.79 29.52
N VAL E 317 0.97 -8.90 29.29
CA VAL E 317 -0.49 -8.89 29.36
C VAL E 317 -0.97 -8.42 30.72
N GLY E 318 -0.23 -8.73 31.79
CA GLY E 318 -0.67 -8.35 33.12
C GLY E 318 -0.81 -6.84 33.30
N GLU E 319 0.23 -6.09 32.94
CA GLU E 319 0.20 -4.64 33.12
C GLU E 319 -0.83 -3.99 32.22
N LEU E 320 -0.85 -4.38 30.94
CA LEU E 320 -1.76 -3.77 29.98
C LEU E 320 -3.20 -4.06 30.36
N LEU E 321 -3.44 -5.26 30.88
CA LEU E 321 -4.76 -5.60 31.37
C LEU E 321 -5.09 -4.75 32.59
N GLN E 322 -4.20 -4.71 33.58
CA GLN E 322 -4.42 -3.89 34.76
C GLN E 322 -4.89 -2.49 34.36
N ASN E 323 -4.16 -1.85 33.44
CA ASN E 323 -4.54 -0.50 33.02
C ASN E 323 -5.95 -0.46 32.44
N GLN E 324 -6.29 -1.43 31.58
CA GLN E 324 -7.64 -1.44 31.01
C GLN E 324 -8.69 -1.64 32.11
N VAL E 325 -8.42 -2.53 33.06
CA VAL E 325 -9.33 -2.75 34.17
C VAL E 325 -9.50 -1.48 34.98
N ARG E 326 -8.41 -0.74 35.18
CA ARG E 326 -8.47 0.51 35.91
C ARG E 326 -9.38 1.51 35.21
N VAL E 327 -9.27 1.63 33.90
CA VAL E 327 -10.11 2.56 33.16
C VAL E 327 -11.58 2.15 33.29
N GLY E 328 -11.85 0.86 33.11
CA GLY E 328 -13.21 0.37 33.25
C GLY E 328 -13.76 0.62 34.64
N LEU E 329 -12.91 0.46 35.66
CA LEU E 329 -13.34 0.67 37.03
C LEU E 329 -13.65 2.14 37.29
N ASN E 330 -12.89 3.06 36.69
CA ASN E 330 -13.21 4.47 36.83
C ASN E 330 -14.58 4.78 36.24
N ARG E 331 -14.85 4.25 35.04
CA ARG E 331 -16.17 4.44 34.44
C ARG E 331 -17.26 3.83 35.30
N LEU E 332 -17.02 2.64 35.84
CA LEU E 332 -18.00 1.97 36.69
C LEU E 332 -18.29 2.78 37.94
N GLU E 333 -17.24 3.37 38.54
CA GLU E 333 -17.43 4.19 39.73
C GLU E 333 -18.24 5.44 39.40
N ARG E 334 -18.00 6.03 38.24
CA ARG E 334 -18.82 7.18 37.85
C ARG E 334 -20.29 6.79 37.72
N ILE E 335 -20.56 5.65 37.08
CA ILE E 335 -21.93 5.20 36.93
C ILE E 335 -22.56 4.91 38.30
N ILE E 336 -21.80 4.28 39.19
CA ILE E 336 -22.32 3.94 40.52
C ILE E 336 -22.67 5.20 41.30
N ARG E 337 -21.80 6.20 41.27
CA ARG E 337 -22.09 7.44 42.00
C ARG E 337 -23.32 8.12 41.44
N GLU E 338 -23.44 8.13 40.10
CA GLU E 338 -24.62 8.75 39.49
C GLU E 338 -25.88 8.00 39.89
N ARG E 339 -25.84 6.67 39.91
CA ARG E 339 -27.02 5.90 40.24
C ARG E 339 -27.12 5.64 41.74
N MET E 340 -26.37 6.40 42.53
CA MET E 340 -26.46 6.36 43.98
C MET E 340 -26.99 7.65 44.55
N THR E 341 -26.53 8.79 44.05
CA THR E 341 -27.03 10.07 44.59
C THR E 341 -28.46 10.31 44.12
N VAL E 342 -28.76 10.04 42.84
CA VAL E 342 -30.09 10.30 42.30
C VAL E 342 -31.18 9.66 43.15
N SER E 343 -30.91 8.46 43.67
CA SER E 343 -31.90 7.73 44.44
C SER E 343 -32.27 8.50 45.70
N ASP E 344 -33.55 8.87 45.80
CA ASP E 344 -34.05 9.53 47.00
C ASP E 344 -34.43 8.55 48.10
N SER E 345 -34.32 7.25 47.85
CA SER E 345 -34.68 6.23 48.81
C SER E 345 -33.60 5.16 48.84
N ASP E 346 -33.31 4.67 50.03
CA ASP E 346 -32.34 3.59 50.20
C ASP E 346 -32.95 2.23 49.87
N SER E 347 -33.53 2.10 48.69
CA SER E 347 -34.06 0.83 48.20
C SER E 347 -33.10 0.17 47.22
N LEU E 348 -31.81 0.47 47.32
CA LEU E 348 -30.79 -0.04 46.43
C LEU E 348 -30.01 -1.17 47.09
N SER E 349 -29.72 -2.20 46.30
CA SER E 349 -28.88 -3.31 46.73
C SER E 349 -27.62 -3.35 45.88
N PRO E 350 -26.53 -3.91 46.41
CA PRO E 350 -25.27 -3.93 45.64
C PRO E 350 -25.40 -4.58 44.27
N ALA E 351 -26.35 -5.50 44.11
CA ALA E 351 -26.55 -6.10 42.79
C ALA E 351 -27.09 -5.08 41.82
N SER E 352 -28.00 -4.22 42.27
CA SER E 352 -28.63 -3.22 41.43
C SER E 352 -27.82 -1.95 41.34
N LEU E 353 -26.68 -1.89 42.01
CA LEU E 353 -25.85 -0.68 42.03
C LEU E 353 -24.71 -0.73 41.04
N VAL E 354 -24.12 -1.88 40.83
CA VAL E 354 -22.98 -1.99 39.93
C VAL E 354 -23.48 -2.37 38.55
N ASN E 355 -22.84 -1.82 37.53
CA ASN E 355 -23.16 -2.14 36.15
C ASN E 355 -21.88 -2.61 35.48
N PRO E 356 -21.77 -3.87 35.08
CA PRO E 356 -20.51 -4.37 34.54
C PRO E 356 -20.29 -4.06 33.07
N LYS E 357 -21.10 -3.17 32.49
CA LYS E 357 -20.95 -2.89 31.06
C LYS E 357 -19.64 -2.17 30.77
N PRO E 358 -19.25 -1.10 31.47
CA PRO E 358 -17.99 -0.45 31.11
C PRO E 358 -16.77 -1.33 31.25
N LEU E 359 -16.70 -2.18 32.29
CA LEU E 359 -15.54 -3.04 32.44
C LEU E 359 -15.50 -4.12 31.37
N VAL E 360 -16.65 -4.72 31.08
CA VAL E 360 -16.72 -5.71 30.02
C VAL E 360 -16.32 -5.09 28.69
N ALA E 361 -16.81 -3.88 28.42
CA ALA E 361 -16.46 -3.20 27.18
C ALA E 361 -14.97 -2.91 27.11
N ALA E 362 -14.37 -2.46 28.20
CA ALA E 362 -12.94 -2.16 28.18
C ALA E 362 -12.11 -3.41 27.93
N ILE E 363 -12.45 -4.50 28.62
CA ILE E 363 -11.70 -5.75 28.42
C ILE E 363 -11.89 -6.29 27.00
N LYS E 364 -13.13 -6.26 26.50
CA LYS E 364 -13.38 -6.73 25.14
C LYS E 364 -12.63 -5.89 24.12
N GLU E 365 -12.61 -4.57 24.30
CA GLU E 365 -11.92 -3.72 23.35
C GLU E 365 -10.42 -3.99 23.41
N PHE E 366 -9.88 -4.21 24.60
CA PHE E 366 -8.47 -4.51 24.72
C PHE E 366 -8.12 -5.82 24.02
N PHE E 367 -8.94 -6.84 24.21
CA PHE E 367 -8.60 -8.15 23.69
C PHE E 367 -8.99 -8.36 22.23
N GLY E 368 -9.85 -7.51 21.68
CA GLY E 368 -10.27 -7.70 20.31
C GLY E 368 -9.81 -6.63 19.35
N SER E 369 -9.72 -5.39 19.80
CA SER E 369 -9.49 -4.27 18.90
C SER E 369 -8.26 -3.46 19.26
N SER E 370 -7.46 -3.91 20.23
CA SER E 370 -6.26 -3.16 20.54
C SER E 370 -5.16 -3.52 19.54
N GLN E 371 -4.14 -2.69 19.50
CA GLN E 371 -2.98 -2.95 18.67
C GLN E 371 -1.87 -3.63 19.43
N LEU E 372 -2.08 -3.98 20.70
CA LEU E 372 -1.14 -4.79 21.45
C LEU E 372 -1.57 -6.24 21.55
N SER E 373 -2.84 -6.53 21.29
CA SER E 373 -3.33 -7.89 21.19
C SER E 373 -3.36 -8.21 19.70
N GLN E 374 -2.65 -9.24 19.30
CA GLN E 374 -2.38 -9.49 17.90
C GLN E 374 -2.84 -10.88 17.50
N PHE E 375 -3.28 -10.97 16.25
CA PHE E 375 -3.65 -12.24 15.67
C PHE E 375 -2.42 -13.13 15.66
N MET E 376 -2.56 -14.34 16.17
CA MET E 376 -1.39 -15.18 16.38
C MET E 376 -0.73 -15.56 15.07
N ASP E 377 0.60 -15.60 15.08
CA ASP E 377 1.35 -16.18 13.98
C ASP E 377 1.49 -17.67 14.28
N GLN E 378 0.97 -18.51 13.40
CA GLN E 378 0.84 -19.92 13.68
C GLN E 378 1.21 -20.77 12.48
N THR E 379 2.15 -20.30 11.66
CA THR E 379 2.56 -21.06 10.50
C THR E 379 3.22 -22.37 10.92
N ASN E 380 4.07 -22.32 11.93
CA ASN E 380 4.73 -23.51 12.47
C ASN E 380 5.05 -23.22 13.92
N PRO E 381 5.49 -24.22 14.68
CA PRO E 381 5.79 -23.97 16.09
C PRO E 381 6.86 -22.91 16.31
N LEU E 382 7.80 -22.73 15.39
CA LEU E 382 8.81 -21.69 15.62
C LEU E 382 8.20 -20.29 15.54
N ALA E 383 7.35 -20.04 14.56
CA ALA E 383 6.69 -18.75 14.48
C ALA E 383 5.81 -18.51 15.69
N GLU E 384 5.09 -19.54 16.13
CA GLU E 384 4.26 -19.42 17.32
C GLU E 384 5.11 -19.11 18.55
N LEU E 385 6.25 -19.78 18.69
CA LEU E 385 7.10 -19.57 19.85
C LEU E 385 7.70 -18.17 19.85
N THR E 386 8.14 -17.69 18.69
CA THR E 386 8.75 -16.37 18.67
C THR E 386 7.72 -15.26 18.65
N HIS E 387 6.44 -15.57 18.44
CA HIS E 387 5.43 -14.55 18.55
C HIS E 387 5.11 -14.23 20.01
N LYS E 388 5.37 -15.17 20.90
CA LYS E 388 5.13 -14.93 22.31
C LYS E 388 6.33 -14.34 23.02
N ARG E 389 7.48 -14.29 22.35
CA ARG E 389 8.71 -13.77 22.90
C ARG E 389 9.13 -12.50 22.18
N ARG E 390 8.17 -11.77 21.64
CA ARG E 390 8.43 -10.60 20.82
C ARG E 390 8.33 -9.35 21.67
N LEU E 391 9.21 -8.39 21.40
CA LEU E 391 9.25 -7.12 22.11
C LEU E 391 9.01 -6.02 21.10
N SER E 392 8.05 -5.15 21.37
CA SER E 392 7.65 -4.10 20.45
C SER E 392 7.92 -2.74 21.04
N ALA E 393 8.30 -1.80 20.19
CA ALA E 393 8.53 -0.42 20.58
C ALA E 393 7.37 0.48 20.16
N LEU E 394 6.28 -0.10 19.67
CA LEU E 394 5.13 0.65 19.19
C LEU E 394 3.89 0.24 19.96
N GLY E 395 2.94 1.18 20.06
CA GLY E 395 1.68 0.90 20.68
C GLY E 395 1.15 2.08 21.48
N PRO E 396 0.08 1.85 22.23
CA PRO E 396 -0.48 2.94 23.06
C PRO E 396 0.41 3.21 24.25
N GLY E 397 1.45 4.03 24.06
CA GLY E 397 2.35 4.34 25.14
C GLY E 397 3.80 4.16 24.76
N GLY E 398 4.05 3.90 23.48
CA GLY E 398 5.42 3.74 23.01
C GLY E 398 5.74 4.73 21.92
N LEU E 399 6.19 4.24 20.78
CA LEU E 399 6.61 5.10 19.67
C LEU E 399 5.61 5.03 18.52
N THR E 400 5.87 5.87 17.53
CA THR E 400 5.15 5.85 16.27
C THR E 400 6.16 5.76 15.15
N ARG E 401 5.73 5.25 14.00
CA ARG E 401 6.66 4.95 12.92
C ARG E 401 7.32 6.21 12.39
N GLU E 402 6.57 7.30 12.31
CA GLU E 402 7.12 8.54 11.78
C GLU E 402 8.01 9.24 12.79
N ARG E 403 7.92 8.88 14.06
CA ARG E 403 8.70 9.53 15.10
C ARG E 403 9.93 8.71 15.49
N ALA E 404 9.88 7.40 15.31
CA ALA E 404 11.04 6.55 15.55
C ALA E 404 12.09 6.85 14.49
N GLY E 405 13.33 7.03 14.93
CA GLY E 405 14.38 7.38 14.01
C GLY E 405 15.56 6.42 14.05
N PHE E 406 16.72 6.91 13.63
CA PHE E 406 17.88 6.03 13.50
C PHE E 406 18.35 5.53 14.86
N ALA E 407 18.35 6.42 15.86
CA ALA E 407 18.89 6.08 17.18
C ALA E 407 18.12 4.94 17.83
N VAL E 408 16.80 4.93 17.71
CA VAL E 408 15.98 3.97 18.42
C VAL E 408 16.09 2.57 17.83
N ARG E 409 16.36 2.46 16.53
CA ARG E 409 16.35 1.18 15.85
C ARG E 409 17.70 0.47 15.84
N ASP E 410 18.70 0.99 16.54
CA ASP E 410 20.03 0.41 16.49
C ASP E 410 20.23 -0.53 17.67
N ILE E 411 21.39 -1.18 17.68
CA ILE E 411 21.73 -2.13 18.73
C ILE E 411 22.47 -1.37 19.83
N HIS E 412 21.88 -1.31 20.97
CA HIS E 412 22.56 -0.67 22.08
C HIS E 412 23.37 -1.72 22.84
N PRO E 413 24.64 -1.45 23.13
CA PRO E 413 25.48 -2.42 23.83
C PRO E 413 24.76 -3.14 24.97
N SER E 414 23.78 -2.48 25.57
CA SER E 414 23.08 -3.05 26.70
C SER E 414 22.10 -4.14 26.28
N HIS E 415 21.99 -4.41 24.98
CA HIS E 415 21.16 -5.50 24.48
C HIS E 415 21.85 -6.85 24.60
N TYR E 416 23.11 -6.87 25.02
CA TYR E 416 23.91 -8.09 25.02
C TYR E 416 23.31 -9.16 25.91
N GLY E 417 22.79 -10.22 25.30
CA GLY E 417 22.19 -11.30 26.05
C GLY E 417 20.76 -11.11 26.45
N ARG E 418 20.12 -10.04 26.01
CA ARG E 418 18.75 -9.76 26.40
C ARG E 418 17.83 -9.57 25.21
N ILE E 419 18.32 -8.99 24.14
CA ILE E 419 17.58 -8.83 22.91
C ILE E 419 18.47 -9.30 21.77
N CYS E 420 17.92 -10.09 20.89
CA CYS E 420 18.69 -10.65 19.79
C CYS E 420 19.11 -9.54 18.83
N PRO E 421 20.37 -9.52 18.39
CA PRO E 421 20.82 -8.49 17.45
C PRO E 421 20.59 -8.86 16.00
N ILE E 422 19.93 -9.98 15.74
CA ILE E 422 19.76 -10.51 14.40
C ILE E 422 18.30 -10.51 13.97
N GLU E 423 17.43 -11.13 14.77
CA GLU E 423 16.05 -11.38 14.34
C GLU E 423 15.23 -10.10 14.44
N THR E 424 14.88 -9.54 13.29
CA THR E 424 13.99 -8.39 13.20
C THR E 424 13.26 -8.46 11.88
N PRO E 425 12.24 -7.63 11.69
CA PRO E 425 11.64 -7.51 10.36
C PRO E 425 12.56 -6.69 9.44
N GLU E 426 12.16 -6.66 8.17
CA GLU E 426 12.79 -5.82 7.16
C GLU E 426 11.75 -4.86 6.60
N GLY E 427 12.11 -3.59 6.48
CA GLY E 427 11.19 -2.58 6.01
C GLY E 427 10.91 -1.53 7.05
N PRO E 428 9.66 -1.05 7.12
CA PRO E 428 9.35 0.02 8.06
C PRO E 428 9.46 -0.39 9.52
N ASN E 429 9.50 -1.69 9.80
CA ASN E 429 9.53 -2.19 11.16
C ASN E 429 10.93 -2.65 11.56
N ALA E 430 11.94 -2.28 10.81
CA ALA E 430 13.29 -2.75 11.09
C ALA E 430 13.86 -2.03 12.30
N GLY E 431 14.20 -2.80 13.32
CA GLY E 431 14.72 -2.26 14.55
C GLY E 431 13.67 -1.87 15.57
N LEU E 432 12.39 -1.90 15.21
CA LEU E 432 11.33 -1.54 16.13
C LEU E 432 10.66 -2.73 16.78
N ILE E 433 10.84 -3.93 16.22
CA ILE E 433 10.37 -5.16 16.83
C ILE E 433 11.56 -6.07 16.97
N GLY E 434 11.75 -6.62 18.17
CA GLY E 434 12.87 -7.48 18.47
C GLY E 434 12.41 -8.77 19.12
N SER E 435 13.37 -9.63 19.39
CA SER E 435 13.09 -10.94 19.95
C SER E 435 13.99 -11.12 21.17
N LEU E 436 13.41 -11.71 22.21
CA LEU E 436 14.15 -11.98 23.42
C LEU E 436 15.22 -13.04 23.16
N ALA E 437 16.36 -12.90 23.82
CA ALA E 437 17.44 -13.84 23.61
C ALA E 437 17.12 -15.16 24.30
N THR E 438 18.04 -16.11 24.22
CA THR E 438 17.71 -17.48 24.60
C THR E 438 17.58 -17.64 26.10
N HIS E 439 18.47 -17.03 26.86
CA HIS E 439 18.51 -17.23 28.30
C HIS E 439 17.93 -16.04 29.04
N ALA E 440 17.50 -15.01 28.32
CA ALA E 440 17.03 -13.81 28.98
C ALA E 440 15.68 -14.03 29.62
N ARG E 441 15.43 -13.29 30.68
CA ARG E 441 14.16 -13.35 31.39
C ARG E 441 13.88 -11.95 31.92
N VAL E 442 12.61 -11.71 32.25
CA VAL E 442 12.17 -10.42 32.75
C VAL E 442 11.83 -10.58 34.23
N ASN E 443 12.37 -9.69 35.06
CA ASN E 443 12.12 -9.78 36.48
C ASN E 443 10.82 -9.07 36.80
N ASP E 444 10.50 -8.94 38.08
CA ASP E 444 9.20 -8.43 38.49
C ASP E 444 9.09 -6.91 38.40
N TYR E 445 10.19 -6.20 38.17
CA TYR E 445 10.12 -4.77 37.95
C TYR E 445 9.94 -4.43 36.48
N GLY E 446 10.36 -5.30 35.59
CA GLY E 446 10.20 -5.11 34.18
C GLY E 446 11.48 -4.93 33.41
N PHE E 447 12.62 -5.28 34.00
CA PHE E 447 13.91 -5.11 33.36
C PHE E 447 14.40 -6.49 32.95
N ILE E 448 15.04 -6.57 31.80
CA ILE E 448 15.49 -7.85 31.29
C ILE E 448 16.80 -8.22 31.95
N GLU E 449 16.89 -9.47 32.36
CA GLU E 449 18.08 -9.98 33.03
C GLU E 449 18.65 -11.07 32.15
N THR E 450 19.81 -11.56 32.53
CA THR E 450 20.48 -12.59 31.75
C THR E 450 21.46 -13.28 32.69
N PRO E 451 21.72 -14.57 32.48
CA PRO E 451 22.47 -15.32 33.49
C PRO E 451 23.95 -15.35 33.22
N PHE E 452 24.69 -15.54 34.30
CA PHE E 452 26.14 -15.59 34.26
C PHE E 452 26.61 -16.60 35.29
N TRP E 453 27.78 -17.13 35.06
CA TRP E 453 28.44 -17.96 36.04
C TRP E 453 29.50 -17.10 36.70
N ARG E 454 29.73 -17.37 37.97
CA ARG E 454 30.68 -16.57 38.70
C ARG E 454 32.07 -17.13 38.43
N VAL E 455 33.05 -16.25 38.46
CA VAL E 455 34.42 -16.66 38.22
C VAL E 455 35.25 -16.20 39.39
N GLU E 456 35.87 -17.15 40.09
CA GLU E 456 36.67 -16.86 41.26
C GLU E 456 38.09 -17.28 40.93
N GLU E 457 39.00 -16.31 40.94
CA GLU E 457 40.41 -16.55 40.67
C GLU E 457 40.62 -17.24 39.32
N GLY E 458 39.83 -16.83 38.33
CA GLY E 458 39.92 -17.44 37.02
C GLY E 458 39.26 -18.78 36.88
N ARG E 459 38.47 -19.21 37.84
CA ARG E 459 37.79 -20.49 37.81
C ARG E 459 36.29 -20.28 37.67
N VAL E 460 35.68 -20.91 36.67
CA VAL E 460 34.25 -20.78 36.43
C VAL E 460 33.51 -21.73 37.37
N ARG E 461 32.66 -21.17 38.23
CA ARG E 461 31.95 -21.95 39.23
C ARG E 461 30.59 -22.37 38.70
N LYS E 462 30.58 -23.47 37.96
CA LYS E 462 29.32 -24.03 37.49
C LYS E 462 28.60 -24.83 38.57
N ASP E 463 29.23 -25.04 39.73
CA ASP E 463 28.57 -25.73 40.83
C ASP E 463 27.52 -24.86 41.48
N LEU E 464 27.80 -23.56 41.61
CA LEU E 464 26.87 -22.59 42.16
C LEU E 464 25.80 -22.24 41.14
N ALA E 465 24.78 -21.57 41.60
CA ALA E 465 23.73 -21.39 40.61
C ALA E 465 23.97 -20.12 39.79
N PRO E 466 23.53 -20.13 38.54
CA PRO E 466 23.65 -18.94 37.70
C PRO E 466 23.18 -17.69 38.41
N VAL E 467 23.96 -16.63 38.29
CA VAL E 467 23.62 -15.31 38.82
C VAL E 467 23.07 -14.47 37.68
N TYR E 468 21.78 -14.17 37.73
CA TYR E 468 21.16 -13.30 36.75
C TYR E 468 21.53 -11.86 37.03
N MET E 469 21.50 -11.03 35.98
CA MET E 469 21.96 -9.67 36.13
C MET E 469 21.34 -8.82 35.04
N THR E 470 20.96 -7.60 35.41
CA THR E 470 20.35 -6.64 34.51
C THR E 470 21.41 -5.77 33.82
N ALA E 471 20.95 -4.91 32.92
CA ALA E 471 21.89 -4.15 32.09
C ALA E 471 22.71 -3.18 32.92
N ASP E 472 22.08 -2.55 33.92
CA ASP E 472 22.82 -1.58 34.72
C ASP E 472 23.76 -2.27 35.69
N GLN E 473 23.38 -3.46 36.16
CA GLN E 473 24.23 -4.17 37.10
C GLN E 473 25.56 -4.57 36.46
N GLU E 474 25.52 -5.05 35.23
CA GLU E 474 26.72 -5.59 34.61
C GLU E 474 27.47 -4.51 33.83
N ASP E 475 27.62 -3.35 34.45
CA ASP E 475 28.37 -2.28 33.83
C ASP E 475 29.68 -2.02 34.53
N ASP E 476 29.76 -2.33 35.82
CA ASP E 476 31.00 -2.22 36.58
C ASP E 476 31.80 -3.50 36.63
N LEU E 477 31.25 -4.62 36.18
CA LEU E 477 31.97 -5.89 36.19
C LEU E 477 32.62 -6.13 34.83
N ARG E 478 33.60 -7.04 34.83
CA ARG E 478 34.26 -7.46 33.60
C ARG E 478 33.71 -8.83 33.26
N VAL E 479 32.86 -8.89 32.24
CA VAL E 479 32.10 -10.08 31.89
C VAL E 479 32.68 -10.70 30.64
N ALA E 480 32.94 -11.96 30.71
CA ALA E 480 33.50 -12.70 29.59
C ALA E 480 32.38 -13.35 28.79
N PRO E 481 32.59 -13.60 27.51
CA PRO E 481 31.53 -14.20 26.68
C PRO E 481 31.38 -15.68 27.01
N GLY E 482 30.32 -16.26 26.45
CA GLY E 482 30.06 -17.65 26.72
C GLY E 482 30.85 -18.62 25.88
N ASP E 483 31.72 -18.09 25.02
CA ASP E 483 32.55 -18.90 24.15
C ASP E 483 33.97 -19.02 24.66
N VAL E 484 34.26 -18.52 25.86
CA VAL E 484 35.58 -18.71 26.41
C VAL E 484 35.73 -20.17 26.79
N ALA E 485 36.93 -20.71 26.63
CA ALA E 485 37.15 -22.13 26.83
C ALA E 485 37.84 -22.35 28.16
N THR E 486 37.32 -23.29 28.93
CA THR E 486 37.91 -23.68 30.20
C THR E 486 38.39 -25.11 30.14
N ASP E 487 39.31 -25.45 31.04
CA ASP E 487 39.98 -26.74 31.05
C ASP E 487 39.20 -27.67 31.97
N ASP E 488 39.83 -28.77 32.37
CA ASP E 488 39.20 -29.67 33.34
C ASP E 488 38.83 -28.87 34.58
N ALA E 489 37.80 -29.32 35.28
CA ALA E 489 37.15 -28.50 36.28
C ALA E 489 36.71 -27.19 35.65
N GLY E 490 37.26 -26.05 36.09
CA GLY E 490 36.73 -24.79 35.59
C GLY E 490 37.66 -23.69 35.15
N TYR E 491 38.98 -23.84 35.31
CA TYR E 491 39.87 -22.72 35.04
C TYR E 491 39.79 -22.28 33.59
N ILE E 492 39.86 -20.97 33.39
CA ILE E 492 39.78 -20.40 32.05
C ILE E 492 41.14 -20.52 31.36
N LEU E 493 41.15 -21.09 30.16
CA LEU E 493 42.38 -21.21 29.41
C LEU E 493 42.66 -19.95 28.62
N GLY E 494 43.93 -19.76 28.29
CA GLY E 494 44.38 -18.59 27.56
C GLY E 494 45.11 -17.62 28.48
N THR E 495 45.61 -16.56 27.86
CA THR E 495 46.30 -15.50 28.58
C THR E 495 45.60 -14.16 28.46
N THR E 496 44.85 -13.94 27.39
CA THR E 496 44.03 -12.76 27.24
C THR E 496 42.61 -13.22 26.96
N ILE E 497 41.65 -12.55 27.60
CA ILE E 497 40.25 -12.96 27.54
C ILE E 497 39.44 -11.73 27.18
N PRO E 498 38.55 -11.84 26.19
CA PRO E 498 37.67 -10.71 25.88
C PRO E 498 36.65 -10.53 26.97
N VAL E 499 36.45 -9.28 27.38
CA VAL E 499 35.48 -8.95 28.40
C VAL E 499 34.75 -7.69 27.95
N ARG E 500 33.64 -7.42 28.61
CA ARG E 500 32.88 -6.20 28.41
C ARG E 500 32.94 -5.43 29.71
N TYR E 501 33.41 -4.19 29.64
CA TYR E 501 33.48 -3.34 30.81
C TYR E 501 32.92 -1.98 30.45
N ARG E 502 31.82 -1.61 31.12
CA ARG E 502 31.16 -0.33 30.91
C ARG E 502 30.77 -0.16 29.45
N GLN E 503 30.08 -1.16 28.92
CA GLN E 503 29.53 -1.11 27.56
C GLN E 503 30.64 -0.97 26.54
N ASP E 504 31.82 -1.51 26.84
CA ASP E 504 32.95 -1.48 25.94
C ASP E 504 33.59 -2.86 25.89
N PHE E 505 34.26 -3.15 24.80
CA PHE E 505 34.93 -4.42 24.60
C PHE E 505 36.41 -4.23 24.88
N THR E 506 36.95 -4.99 25.84
CA THR E 506 38.37 -4.93 26.14
C THR E 506 38.88 -6.35 26.31
N THR E 507 40.15 -6.48 26.68
CA THR E 507 40.76 -7.76 26.96
C THR E 507 41.52 -7.68 28.28
N THR E 508 41.40 -8.72 29.08
CA THR E 508 42.04 -8.74 30.39
C THR E 508 42.68 -10.09 30.67
N THR E 509 43.50 -10.10 31.71
CA THR E 509 44.08 -11.31 32.26
C THR E 509 42.94 -12.15 32.84
N PRO E 510 42.99 -13.49 32.74
CA PRO E 510 41.82 -14.25 33.17
C PRO E 510 41.73 -14.43 34.66
N GLU E 511 42.41 -13.56 35.41
CA GLU E 511 42.27 -13.49 36.85
C GLU E 511 41.43 -12.31 37.28
N ARG E 512 41.04 -11.46 36.33
CA ARG E 512 40.23 -10.28 36.61
C ARG E 512 38.93 -10.32 35.82
N VAL E 513 38.37 -11.50 35.64
CA VAL E 513 37.09 -11.67 34.99
C VAL E 513 36.08 -11.95 36.09
N ASP E 514 34.98 -11.21 36.08
CA ASP E 514 34.02 -11.35 37.16
C ASP E 514 32.94 -12.38 36.84
N TYR E 515 32.40 -12.34 35.64
CA TYR E 515 31.32 -13.25 35.28
C TYR E 515 31.54 -13.74 33.85
N VAL E 516 30.96 -14.90 33.55
CA VAL E 516 31.05 -15.52 32.23
C VAL E 516 29.66 -15.93 31.77
N ALA E 517 29.35 -15.68 30.51
CA ALA E 517 28.03 -16.02 30.00
C ALA E 517 27.83 -17.53 29.99
N LEU E 518 26.59 -17.95 30.13
CA LEU E 518 26.30 -19.37 30.30
C LEU E 518 26.51 -20.18 29.04
N SER E 519 26.14 -19.64 27.89
CA SER E 519 26.20 -20.38 26.63
C SER E 519 26.65 -19.48 25.50
N PRO E 520 27.22 -20.04 24.44
CA PRO E 520 27.59 -19.21 23.29
C PRO E 520 26.40 -18.67 22.53
N VAL E 521 25.21 -19.23 22.70
CA VAL E 521 24.03 -18.74 22.01
C VAL E 521 23.20 -17.84 22.91
N GLN E 522 23.79 -17.33 23.98
CA GLN E 522 23.08 -16.46 24.91
C GLN E 522 22.77 -15.11 24.31
N ILE E 523 23.41 -14.75 23.20
CA ILE E 523 23.27 -13.42 22.63
C ILE E 523 22.20 -13.36 21.55
N ILE E 524 21.77 -14.51 21.02
CA ILE E 524 20.86 -14.57 19.91
C ILE E 524 19.53 -15.16 20.39
N SER E 525 18.53 -15.12 19.51
CA SER E 525 17.20 -15.58 19.86
C SER E 525 17.06 -17.08 19.58
N VAL E 526 15.83 -17.58 19.63
CA VAL E 526 15.62 -19.02 19.46
C VAL E 526 15.60 -19.38 17.98
N ALA E 527 15.05 -18.51 17.14
CA ALA E 527 15.03 -18.80 15.71
C ALA E 527 16.43 -18.73 15.13
N THR E 528 17.24 -17.79 15.62
CA THR E 528 18.61 -17.67 15.17
C THR E 528 19.51 -18.71 15.79
N SER E 529 19.07 -19.32 16.89
CA SER E 529 19.85 -20.37 17.52
C SER E 529 19.72 -21.69 16.79
N LEU E 530 18.84 -21.77 15.80
CA LEU E 530 18.56 -22.99 15.06
C LEU E 530 19.32 -23.04 13.73
N ILE E 531 20.27 -22.14 13.53
CA ILE E 531 21.03 -22.07 12.29
C ILE E 531 22.41 -22.68 12.57
N PRO E 532 22.73 -23.85 12.03
CA PRO E 532 24.06 -24.41 12.25
C PRO E 532 25.10 -23.65 11.45
N PHE E 533 26.32 -23.68 11.96
CA PHE E 533 27.44 -22.98 11.33
C PHE E 533 27.12 -21.50 11.14
N LEU E 534 26.56 -20.88 12.17
CA LEU E 534 26.11 -19.50 12.07
C LEU E 534 27.29 -18.52 11.99
N GLU E 535 28.41 -18.83 12.63
CA GLU E 535 29.54 -17.92 12.64
C GLU E 535 30.24 -17.83 11.30
N HIS E 536 29.80 -18.62 10.32
CA HIS E 536 30.32 -18.56 8.97
C HIS E 536 29.37 -17.83 8.04
N ASP E 537 28.39 -17.12 8.59
CA ASP E 537 27.39 -16.40 7.84
C ASP E 537 27.52 -14.92 8.12
N ASP E 538 27.09 -14.12 7.16
CA ASP E 538 26.95 -12.70 7.40
C ASP E 538 25.75 -12.46 8.30
N ALA E 539 25.68 -11.27 8.88
CA ALA E 539 24.59 -11.01 9.80
C ALA E 539 23.30 -10.76 9.05
N ASN E 540 23.38 -10.15 7.87
CA ASN E 540 22.19 -9.89 7.07
C ASN E 540 21.58 -11.20 6.57
N ARG E 541 22.40 -12.13 6.11
CA ARG E 541 21.85 -13.41 5.66
C ARG E 541 21.37 -14.24 6.85
N ALA E 542 22.00 -14.08 8.01
CA ALA E 542 21.48 -14.71 9.21
C ALA E 542 20.10 -14.16 9.55
N LEU E 543 19.92 -12.85 9.41
CA LEU E 543 18.61 -12.25 9.59
C LEU E 543 17.61 -12.83 8.61
N MET E 544 17.99 -12.95 7.34
CA MET E 544 17.08 -13.50 6.36
C MET E 544 16.67 -14.92 6.72
N GLY E 545 17.65 -15.74 7.09
CA GLY E 545 17.34 -17.13 7.43
C GLY E 545 16.50 -17.27 8.67
N SER E 546 16.77 -16.46 9.69
CA SER E 546 15.96 -16.50 10.90
C SER E 546 14.53 -16.04 10.61
N ASN E 547 14.37 -15.02 9.78
CA ASN E 547 13.03 -14.55 9.44
C ASN E 547 12.28 -15.59 8.61
N MET E 548 12.98 -16.23 7.69
CA MET E 548 12.37 -17.20 6.79
C MET E 548 12.13 -18.55 7.42
N GLN E 549 12.81 -18.86 8.52
CA GLN E 549 12.53 -20.10 9.25
C GLN E 549 11.15 -20.06 9.89
N ARG E 550 10.57 -18.88 10.06
CA ARG E 550 9.27 -18.75 10.68
C ARG E 550 8.18 -18.60 9.65
N GLN E 551 8.51 -18.77 8.38
CA GLN E 551 7.55 -18.79 7.30
C GLN E 551 7.54 -20.14 6.62
N ALA E 552 8.22 -21.12 7.19
CA ALA E 552 8.21 -22.43 6.58
C ALA E 552 6.85 -23.04 6.81
N VAL E 553 6.52 -24.03 5.99
CA VAL E 553 5.20 -24.63 5.99
C VAL E 553 5.35 -26.06 6.46
N PRO E 554 4.51 -26.54 7.38
CA PRO E 554 4.58 -27.95 7.76
C PRO E 554 4.24 -28.81 6.55
N LEU E 555 5.05 -29.83 6.33
CA LEU E 555 4.97 -30.63 5.12
C LEU E 555 4.21 -31.91 5.40
N LEU E 556 3.97 -32.68 4.34
CA LEU E 556 3.15 -33.88 4.48
C LEU E 556 3.82 -34.90 5.37
N ARG E 557 5.11 -35.12 5.19
CA ARG E 557 5.89 -36.00 6.05
C ARG E 557 7.13 -35.24 6.45
N PRO E 558 7.18 -34.72 7.67
CA PRO E 558 8.34 -33.91 8.07
C PRO E 558 9.54 -34.79 8.34
N GLU E 559 10.68 -34.13 8.46
CA GLU E 559 11.94 -34.85 8.58
C GLU E 559 12.91 -33.94 9.33
N ARG E 560 13.66 -34.54 10.25
CA ARG E 560 14.60 -33.79 11.04
C ARG E 560 15.79 -33.37 10.19
N PRO E 561 16.45 -32.28 10.52
CA PRO E 561 17.70 -31.97 9.85
C PRO E 561 18.75 -32.97 10.26
N LEU E 562 19.77 -33.12 9.41
CA LEU E 562 20.89 -33.97 9.75
C LEU E 562 22.00 -33.20 10.44
N VAL E 563 22.00 -31.88 10.31
CA VAL E 563 23.05 -31.03 10.84
C VAL E 563 22.36 -30.05 11.77
N GLY E 564 21.39 -30.55 12.53
CA GLY E 564 20.68 -29.73 13.49
C GLY E 564 21.64 -29.10 14.49
N THR E 565 21.08 -28.22 15.31
CA THR E 565 21.88 -27.39 16.20
C THR E 565 21.75 -27.74 17.67
N GLY E 566 20.76 -28.54 18.06
CA GLY E 566 20.63 -28.97 19.44
C GLY E 566 19.48 -28.33 20.18
N LEU E 567 18.88 -27.29 19.63
CA LEU E 567 17.76 -26.62 20.27
C LEU E 567 16.44 -27.03 19.67
N GLU E 568 16.47 -27.94 18.69
CA GLU E 568 15.23 -28.38 18.05
C GLU E 568 14.30 -29.09 19.01
N PRO E 569 14.75 -30.02 19.87
CA PRO E 569 13.80 -30.65 20.79
C PRO E 569 13.23 -29.70 21.81
N GLN E 570 13.89 -28.58 22.05
CA GLN E 570 13.39 -27.59 23.00
C GLN E 570 12.51 -26.55 22.34
N ALA E 571 12.74 -26.28 21.06
CA ALA E 571 11.93 -25.32 20.33
C ALA E 571 10.58 -25.89 19.93
N ALA E 572 10.34 -27.19 20.12
CA ALA E 572 9.07 -27.79 19.76
C ALA E 572 8.21 -28.16 20.96
N ARG E 573 8.79 -28.21 22.16
CA ARG E 573 8.04 -28.61 23.35
C ARG E 573 7.24 -27.48 23.95
N ASP E 574 7.47 -26.24 23.52
CA ASP E 574 6.78 -25.08 24.06
C ASP E 574 5.56 -24.70 23.26
N SER E 575 5.50 -25.07 21.98
CA SER E 575 4.31 -24.79 21.19
C SER E 575 3.11 -25.59 21.66
N GLY E 576 3.33 -26.58 22.51
CA GLY E 576 2.27 -27.39 23.08
C GLY E 576 1.57 -28.24 22.04
N MET E 577 2.33 -28.80 21.11
CA MET E 577 1.79 -29.70 20.11
C MET E 577 2.42 -31.08 20.13
N VAL E 578 3.46 -31.27 20.93
CA VAL E 578 4.10 -32.57 21.07
C VAL E 578 3.64 -33.18 22.38
N ILE E 579 3.30 -34.46 22.35
CA ILE E 579 2.82 -35.15 23.54
C ILE E 579 3.91 -36.09 24.00
N THR E 580 4.29 -35.95 25.27
CA THR E 580 5.29 -36.78 25.93
C THR E 580 4.66 -37.51 27.10
N SER E 581 5.14 -38.70 27.35
CA SER E 581 4.56 -39.51 28.40
C SER E 581 5.12 -39.07 29.75
N PRO E 582 4.27 -38.76 30.72
CA PRO E 582 4.75 -38.40 32.05
C PRO E 582 4.94 -39.60 32.97
N VAL E 583 4.97 -40.80 32.41
CA VAL E 583 4.74 -42.01 33.18
C VAL E 583 5.54 -43.14 32.56
N ASP E 584 6.12 -43.98 33.41
CA ASP E 584 7.12 -44.97 33.02
C ASP E 584 6.46 -46.34 32.90
N GLY E 585 5.67 -46.50 31.84
CA GLY E 585 4.90 -47.73 31.76
C GLY E 585 4.70 -48.32 30.38
N THR E 586 3.48 -48.68 30.02
CA THR E 586 3.24 -49.37 28.76
C THR E 586 2.09 -48.68 28.04
N ILE E 587 2.03 -48.88 26.73
CA ILE E 587 1.01 -48.24 25.92
C ILE E 587 -0.04 -49.28 25.58
N SER E 588 -1.31 -48.97 25.86
CA SER E 588 -2.38 -49.95 25.76
C SER E 588 -3.35 -49.69 24.62
N TYR E 589 -3.40 -48.49 24.10
CA TYR E 589 -4.33 -48.17 23.03
C TYR E 589 -3.71 -47.10 22.17
N VAL E 590 -3.53 -47.39 20.89
CA VAL E 590 -3.01 -46.43 19.93
C VAL E 590 -4.03 -46.30 18.81
N ASP E 591 -4.27 -45.08 18.39
CA ASP E 591 -5.27 -44.82 17.37
C ASP E 591 -4.89 -43.51 16.69
N ALA E 592 -5.52 -43.25 15.55
CA ALA E 592 -5.25 -42.00 14.85
C ALA E 592 -5.76 -40.79 15.63
N THR E 593 -6.65 -41.00 16.59
CA THR E 593 -7.22 -39.90 17.35
C THR E 593 -7.09 -40.06 18.85
N HIS E 594 -6.45 -41.13 19.33
CA HIS E 594 -6.39 -41.37 20.76
C HIS E 594 -5.18 -42.22 21.09
N ILE E 595 -4.54 -41.89 22.20
CA ILE E 595 -3.43 -42.67 22.73
C ILE E 595 -3.73 -42.92 24.20
N GLU E 596 -3.41 -44.11 24.67
CA GLU E 596 -3.60 -44.41 26.07
C GLU E 596 -2.39 -45.17 26.60
N VAL E 597 -1.92 -44.75 27.77
CA VAL E 597 -0.76 -45.34 28.39
C VAL E 597 -1.15 -45.72 29.81
N THR E 598 -0.86 -46.97 30.18
CA THR E 598 -1.12 -47.48 31.50
C THR E 598 0.17 -47.43 32.30
N ALA E 599 0.14 -46.72 33.41
CA ALA E 599 1.27 -46.65 34.29
C ALA E 599 1.70 -48.04 34.69
N ASP E 600 3.00 -48.24 34.88
CA ASP E 600 3.51 -49.57 35.21
C ASP E 600 2.68 -50.17 36.34
N THR E 601 2.42 -49.37 37.37
CA THR E 601 1.57 -49.74 38.50
C THR E 601 0.78 -48.47 38.84
N GLY E 602 -0.37 -48.28 38.20
CA GLY E 602 -1.12 -47.07 38.42
C GLY E 602 -2.23 -46.89 37.41
N GLU E 603 -2.77 -45.66 37.39
CA GLU E 603 -3.91 -45.30 36.60
C GLU E 603 -3.57 -45.15 35.12
N LYS E 604 -4.61 -45.13 34.30
CA LYS E 604 -4.47 -44.95 32.86
C LYS E 604 -4.52 -43.48 32.50
N TYR E 605 -3.67 -43.07 31.59
CA TYR E 605 -3.66 -41.72 31.05
C TYR E 605 -4.09 -41.78 29.59
N GLY E 606 -4.95 -40.86 29.21
CA GLY E 606 -5.50 -40.86 27.86
C GLY E 606 -5.33 -39.50 27.23
N TYR E 607 -4.94 -39.49 25.98
CA TYR E 607 -4.68 -38.28 25.23
C TYR E 607 -5.46 -38.32 23.94
N ALA E 608 -6.01 -37.18 23.57
CA ALA E 608 -6.71 -37.02 22.31
C ALA E 608 -5.88 -36.11 21.43
N LEU E 609 -5.80 -36.45 20.15
CA LEU E 609 -4.89 -35.79 19.22
C LEU E 609 -5.72 -34.93 18.28
N GLN E 610 -5.25 -33.73 18.01
CA GLN E 610 -5.92 -32.88 17.04
C GLN E 610 -5.62 -33.41 15.65
N LYS E 611 -6.62 -33.32 14.78
CA LYS E 611 -6.54 -33.93 13.46
C LYS E 611 -7.01 -32.93 12.42
N TYR E 612 -6.08 -32.48 11.59
CA TYR E 612 -6.39 -31.68 10.42
C TYR E 612 -7.23 -30.46 10.80
N GLN E 613 -6.74 -29.72 11.79
CA GLN E 613 -7.37 -28.48 12.18
C GLN E 613 -6.77 -27.37 11.33
N ARG E 614 -7.09 -26.13 11.67
CA ARG E 614 -6.70 -25.02 10.81
C ARG E 614 -6.13 -23.94 11.70
N SER E 615 -5.03 -23.35 11.25
CA SER E 615 -4.38 -22.30 12.00
C SER E 615 -4.77 -20.94 11.47
N ASN E 616 -4.23 -19.90 12.10
CA ASN E 616 -4.54 -18.54 11.67
C ASN E 616 -4.06 -18.30 10.25
N GLN E 617 -3.03 -19.03 9.82
CA GLN E 617 -2.39 -18.83 8.53
C GLN E 617 -2.73 -19.94 7.55
N ASP E 618 -3.85 -20.62 7.77
CA ASP E 618 -4.41 -21.67 6.92
C ASP E 618 -3.54 -22.92 6.81
N THR E 619 -2.46 -23.02 7.58
CA THR E 619 -1.71 -24.26 7.58
C THR E 619 -2.48 -25.31 8.37
N CYS E 620 -1.92 -26.51 8.45
CA CYS E 620 -2.60 -27.60 9.14
C CYS E 620 -1.90 -27.87 10.46
N LEU E 621 -2.69 -28.09 11.50
CA LEU E 621 -2.20 -28.42 12.83
C LEU E 621 -2.54 -29.88 13.13
N ASN E 622 -1.95 -30.78 12.36
CA ASN E 622 -2.18 -32.19 12.64
C ASN E 622 -1.39 -32.63 13.86
N GLN E 623 -1.72 -33.82 14.33
CA GLN E 623 -1.02 -34.45 15.44
C GLN E 623 -1.15 -35.94 15.22
N ARG E 624 -0.01 -36.63 15.24
CA ARG E 624 0.04 -38.04 14.91
C ARG E 624 0.75 -38.79 16.03
N PRO E 625 0.41 -40.05 16.26
CA PRO E 625 1.13 -40.81 17.26
C PRO E 625 2.40 -41.40 16.68
N ILE E 626 3.34 -41.67 17.57
CA ILE E 626 4.63 -42.22 17.21
C ILE E 626 4.74 -43.68 17.65
N VAL E 627 4.16 -44.02 18.79
CA VAL E 627 4.36 -45.30 19.45
C VAL E 627 3.43 -46.34 18.84
N PHE E 628 3.65 -47.60 19.16
CA PHE E 628 2.78 -48.68 18.73
C PHE E 628 2.12 -49.32 19.95
N GLU E 629 1.10 -50.14 19.70
CA GLU E 629 0.37 -50.76 20.80
C GLU E 629 1.26 -51.75 21.54
N GLY E 630 1.13 -51.77 22.86
CA GLY E 630 1.91 -52.64 23.70
C GLY E 630 3.39 -52.32 23.66
N ASP E 631 3.73 -51.05 23.82
CA ASP E 631 5.11 -50.58 23.76
C ASP E 631 5.54 -50.10 25.14
N ARG E 632 6.76 -50.45 25.51
CA ARG E 632 7.35 -49.95 26.74
C ARG E 632 7.78 -48.51 26.55
N VAL E 633 7.33 -47.64 27.45
CA VAL E 633 7.50 -46.20 27.33
C VAL E 633 8.06 -45.68 28.65
N GLN E 634 9.06 -44.81 28.57
CA GLN E 634 9.63 -44.19 29.75
C GLN E 634 9.13 -42.76 29.90
N ARG E 635 9.30 -42.21 31.08
CA ARG E 635 8.81 -40.87 31.36
C ARG E 635 9.59 -39.86 30.52
N GLY E 636 8.88 -38.86 30.01
CA GLY E 636 9.50 -37.86 29.18
C GLY E 636 9.79 -38.31 27.76
N GLN E 637 9.23 -39.43 27.34
CA GLN E 637 9.45 -39.94 25.99
C GLN E 637 8.33 -39.45 25.09
N VAL E 638 8.70 -39.12 23.85
CA VAL E 638 7.74 -38.54 22.93
C VAL E 638 6.70 -39.59 22.54
N ILE E 639 5.44 -39.19 22.61
CA ILE E 639 4.31 -40.07 22.37
C ILE E 639 3.57 -39.69 21.10
N ALA E 640 3.42 -38.39 20.87
CA ALA E 640 2.80 -37.86 19.66
C ALA E 640 3.57 -36.62 19.24
N ASP E 641 3.44 -36.25 17.97
CA ASP E 641 4.18 -35.12 17.44
C ASP E 641 3.29 -34.25 16.58
N GLY E 642 3.75 -33.01 16.38
CA GLY E 642 2.98 -32.00 15.71
C GLY E 642 3.18 -32.02 14.21
N SER E 643 2.75 -30.94 13.56
CA SER E 643 2.77 -30.91 12.11
C SER E 643 4.14 -30.51 11.57
N ALA E 644 5.01 -29.96 12.41
CA ALA E 644 6.32 -29.52 11.98
C ALA E 644 7.43 -30.17 12.80
N THR E 645 7.14 -31.29 13.44
CA THR E 645 8.10 -31.97 14.29
C THR E 645 8.18 -33.41 13.81
N GLU E 646 9.33 -34.04 13.97
CA GLU E 646 9.38 -35.45 13.60
C GLU E 646 9.26 -36.31 14.85
N LYS E 647 10.29 -36.35 15.69
CA LYS E 647 10.26 -37.19 16.88
C LYS E 647 10.81 -36.40 18.06
N GLY E 648 10.03 -35.45 18.55
CA GLY E 648 10.52 -34.62 19.64
C GLY E 648 10.91 -33.22 19.25
N GLU E 649 11.53 -33.08 18.08
CA GLU E 649 12.22 -31.86 17.71
C GLU E 649 11.62 -31.24 16.45
N LEU E 650 11.94 -29.97 16.26
CA LEU E 650 11.42 -29.21 15.14
C LEU E 650 11.86 -29.79 13.81
N ALA E 651 10.96 -29.74 12.83
CA ALA E 651 11.24 -30.26 11.50
C ALA E 651 10.45 -29.41 10.51
N LEU E 652 11.11 -28.41 9.92
CA LEU E 652 10.43 -27.46 9.06
C LEU E 652 10.68 -27.71 7.59
N GLY E 653 11.70 -28.47 7.26
CA GLY E 653 12.07 -28.70 5.88
C GLY E 653 12.38 -30.14 5.61
N GLN E 654 13.15 -30.38 4.56
CA GLN E 654 13.54 -31.72 4.17
C GLN E 654 14.99 -31.69 3.73
N ASN E 655 15.62 -32.85 3.81
CA ASN E 655 17.01 -33.03 3.41
C ASN E 655 17.02 -33.57 1.98
N ILE E 656 17.65 -32.82 1.07
CA ILE E 656 17.64 -33.18 -0.33
C ILE E 656 19.05 -33.05 -0.89
N LEU E 657 19.30 -33.78 -1.98
CA LEU E 657 20.59 -33.71 -2.63
C LEU E 657 20.72 -32.40 -3.39
N VAL E 658 21.79 -31.68 -3.14
CA VAL E 658 22.01 -30.38 -3.73
C VAL E 658 23.37 -30.38 -4.38
N ALA E 659 23.48 -29.71 -5.50
CA ALA E 659 24.77 -29.44 -6.12
C ALA E 659 24.84 -27.97 -6.41
N TYR E 660 26.03 -27.41 -6.27
CA TYR E 660 26.25 -25.99 -6.50
C TYR E 660 26.95 -25.84 -7.84
N MET E 661 26.19 -25.41 -8.83
CA MET E 661 26.66 -25.19 -10.18
C MET E 661 25.56 -24.47 -10.94
N PRO E 662 25.89 -23.80 -12.03
CA PRO E 662 24.85 -23.16 -12.84
C PRO E 662 24.25 -24.11 -13.87
N TRP E 663 22.93 -23.99 -14.05
CA TRP E 663 22.25 -24.70 -15.11
C TRP E 663 22.23 -23.81 -16.35
N GLU E 664 21.41 -24.18 -17.33
CA GLU E 664 21.35 -23.43 -18.58
C GLU E 664 20.52 -22.17 -18.40
N GLY E 665 20.87 -21.37 -17.40
CA GLY E 665 20.17 -20.13 -17.15
C GLY E 665 19.06 -20.23 -16.14
N TYR E 666 18.78 -21.42 -15.61
CA TYR E 666 17.69 -21.63 -14.69
C TYR E 666 18.09 -21.32 -13.26
N ASN E 667 19.36 -21.04 -13.03
CA ASN E 667 19.87 -20.64 -11.73
C ASN E 667 20.07 -19.14 -11.66
N TYR E 668 19.61 -18.40 -12.67
CA TYR E 668 20.05 -17.02 -12.84
C TYR E 668 19.39 -16.14 -11.79
N GLU E 669 20.22 -15.48 -10.98
CA GLU E 669 19.79 -14.47 -10.02
C GLU E 669 18.76 -15.02 -9.04
N ASP E 670 19.20 -16.01 -8.26
CA ASP E 670 18.50 -16.59 -7.12
C ASP E 670 17.40 -17.52 -7.55
N ALA E 671 17.26 -17.81 -8.82
CA ALA E 671 16.26 -18.78 -9.21
C ALA E 671 16.76 -20.16 -8.86
N ILE E 672 15.83 -21.08 -8.69
CA ILE E 672 16.14 -22.42 -8.21
C ILE E 672 15.63 -23.41 -9.24
N LEU E 673 16.47 -24.40 -9.55
CA LEU E 673 16.14 -25.48 -10.44
C LEU E 673 16.10 -26.74 -9.60
N ILE E 674 14.95 -27.42 -9.63
CA ILE E 674 14.73 -28.61 -8.83
C ILE E 674 14.40 -29.78 -9.73
N SER E 675 14.26 -30.95 -9.14
CA SER E 675 13.96 -32.16 -9.88
C SER E 675 12.49 -32.48 -9.73
N GLU E 676 12.04 -33.44 -10.52
CA GLU E 676 10.64 -33.81 -10.47
C GLU E 676 10.34 -34.79 -9.36
N ARG E 677 11.38 -35.29 -8.68
CA ARG E 677 11.17 -36.17 -7.54
C ARG E 677 10.51 -35.43 -6.39
N LEU E 678 10.77 -34.13 -6.25
CA LEU E 678 10.15 -33.39 -5.17
C LEU E 678 8.64 -33.24 -5.37
N VAL E 679 8.11 -33.61 -6.53
CA VAL E 679 6.69 -33.52 -6.80
C VAL E 679 6.00 -34.87 -6.63
N TYR E 680 6.55 -35.92 -7.23
CA TYR E 680 5.91 -37.22 -7.13
C TYR E 680 6.33 -38.04 -5.93
N ASP E 681 7.35 -37.61 -5.19
CA ASP E 681 7.67 -38.27 -3.94
C ASP E 681 7.00 -37.61 -2.76
N ASP E 682 6.18 -36.60 -3.02
CA ASP E 682 5.44 -35.86 -2.01
C ASP E 682 6.36 -35.23 -0.97
N VAL E 683 7.55 -34.84 -1.40
CA VAL E 683 8.38 -33.95 -0.63
C VAL E 683 7.91 -32.53 -0.90
N TYR E 684 7.83 -31.71 0.14
CA TYR E 684 7.44 -30.31 -0.02
C TYR E 684 6.03 -30.20 -0.59
N THR E 685 5.14 -31.01 -0.04
CA THR E 685 3.71 -30.89 -0.29
C THR E 685 3.08 -30.65 1.06
N SER E 686 2.05 -29.85 1.09
CA SER E 686 1.49 -29.42 2.35
C SER E 686 -0.01 -29.37 2.25
N ILE E 687 -0.66 -29.28 3.40
CA ILE E 687 -2.10 -29.21 3.47
C ILE E 687 -2.47 -27.82 3.93
N HIS E 688 -3.37 -27.20 3.20
CA HIS E 688 -3.84 -25.87 3.54
C HIS E 688 -5.35 -25.92 3.60
N ILE E 689 -5.90 -25.39 4.68
CA ILE E 689 -7.33 -25.40 4.90
C ILE E 689 -7.79 -23.95 4.91
N GLU E 690 -8.83 -23.67 4.15
CA GLU E 690 -9.40 -22.35 4.05
C GLU E 690 -10.82 -22.39 4.57
N LYS E 691 -11.32 -21.21 4.93
CA LYS E 691 -12.63 -21.07 5.51
C LYS E 691 -13.44 -20.09 4.70
N PHE E 692 -14.66 -20.49 4.36
CA PHE E 692 -15.60 -19.67 3.63
C PHE E 692 -16.82 -19.50 4.51
N GLU E 693 -17.48 -18.36 4.37
CA GLU E 693 -18.55 -18.05 5.29
C GLU E 693 -19.70 -17.47 4.49
N ILE E 694 -20.91 -17.80 4.88
CA ILE E 694 -22.09 -17.25 4.24
C ILE E 694 -23.05 -16.84 5.34
N GLU E 695 -23.79 -15.77 5.08
CA GLU E 695 -24.67 -15.14 6.03
C GLU E 695 -26.07 -15.05 5.46
N ALA E 696 -27.05 -15.47 6.24
CA ALA E 696 -28.46 -15.32 5.90
C ALA E 696 -28.97 -14.11 6.68
N ARG E 697 -29.33 -13.05 5.97
CA ARG E 697 -29.76 -11.82 6.60
C ARG E 697 -31.25 -11.64 6.40
N GLN E 698 -31.76 -10.54 6.93
CA GLN E 698 -33.16 -10.17 6.77
C GLN E 698 -33.24 -8.78 6.13
N THR E 699 -33.63 -8.75 4.87
CA THR E 699 -33.75 -7.51 4.13
C THR E 699 -35.13 -6.91 4.37
N LYS E 700 -35.29 -5.64 4.01
CA LYS E 700 -36.60 -5.03 4.16
C LYS E 700 -37.63 -5.71 3.28
N LEU E 701 -37.22 -6.15 2.09
CA LEU E 701 -38.12 -6.93 1.24
C LEU E 701 -38.50 -8.25 1.90
N GLY E 702 -37.56 -8.87 2.59
CA GLY E 702 -37.81 -10.13 3.25
C GLY E 702 -36.53 -10.78 3.72
N PRO E 703 -36.62 -11.98 4.26
CA PRO E 703 -35.43 -12.70 4.71
C PRO E 703 -34.79 -13.42 3.53
N GLU E 704 -33.62 -13.99 3.80
CA GLU E 704 -32.86 -14.74 2.81
C GLU E 704 -32.94 -16.21 3.18
N GLU E 705 -33.08 -17.06 2.18
CA GLU E 705 -33.28 -18.48 2.43
C GLU E 705 -32.16 -19.32 1.83
N ILE E 706 -31.71 -20.29 2.60
CA ILE E 706 -30.72 -21.25 2.13
C ILE E 706 -31.49 -22.46 1.63
N THR E 707 -31.43 -22.69 0.33
CA THR E 707 -32.19 -23.76 -0.29
C THR E 707 -31.53 -24.11 -1.62
N ARG E 708 -31.94 -25.23 -2.19
CA ARG E 708 -31.38 -25.64 -3.47
C ARG E 708 -32.18 -25.11 -4.64
N GLU E 709 -33.25 -24.34 -4.38
CA GLU E 709 -34.06 -23.77 -5.45
C GLU E 709 -33.41 -22.48 -5.93
N ILE E 710 -32.24 -22.64 -6.56
CA ILE E 710 -31.46 -21.51 -7.02
C ILE E 710 -31.95 -21.22 -8.44
N PRO E 711 -32.17 -19.97 -8.81
CA PRO E 711 -32.63 -19.69 -10.17
C PRO E 711 -31.50 -19.79 -11.18
N ASN E 712 -31.89 -20.06 -12.43
CA ASN E 712 -30.97 -20.06 -13.57
C ASN E 712 -29.84 -21.08 -13.40
N VAL E 713 -30.12 -22.19 -12.74
CA VAL E 713 -29.13 -23.23 -12.52
C VAL E 713 -29.76 -24.58 -12.82
N GLY E 714 -28.98 -25.50 -13.38
CA GLY E 714 -29.46 -26.82 -13.69
C GLY E 714 -29.07 -27.82 -12.62
N GLU E 715 -29.72 -28.98 -12.68
CA GLU E 715 -29.47 -30.04 -11.70
C GLU E 715 -28.07 -30.61 -11.80
N ASP E 716 -27.34 -30.36 -12.89
CA ASP E 716 -25.96 -30.78 -13.00
C ASP E 716 -25.01 -29.99 -12.12
N ALA E 717 -25.49 -28.91 -11.49
CA ALA E 717 -24.66 -28.12 -10.59
C ALA E 717 -25.23 -28.10 -9.18
N LEU E 718 -26.04 -29.09 -8.82
CA LEU E 718 -26.58 -29.24 -7.49
C LEU E 718 -26.41 -30.67 -7.03
N ARG E 719 -25.35 -31.33 -7.51
CA ARG E 719 -25.13 -32.73 -7.22
C ARG E 719 -24.74 -32.93 -5.77
N GLN E 720 -23.90 -32.04 -5.24
CA GLN E 720 -23.20 -32.26 -3.98
C GLN E 720 -23.81 -31.45 -2.84
N LEU E 721 -25.03 -30.96 -3.02
CA LEU E 721 -25.74 -30.27 -1.96
C LEU E 721 -26.55 -31.28 -1.16
N ASP E 722 -26.76 -30.95 0.12
CA ASP E 722 -27.29 -31.88 1.10
C ASP E 722 -28.78 -31.71 1.32
N GLU E 723 -29.53 -31.49 0.24
CA GLU E 723 -30.99 -31.30 0.22
C GLU E 723 -31.43 -30.20 1.17
N ASN E 724 -30.47 -29.40 1.64
CA ASN E 724 -30.75 -28.19 2.39
C ASN E 724 -30.10 -26.96 1.77
N GLY E 725 -29.39 -27.12 0.65
CA GLY E 725 -28.75 -26.01 0.00
C GLY E 725 -27.30 -25.82 0.39
N ILE E 726 -26.73 -26.75 1.15
CA ILE E 726 -25.37 -26.65 1.63
C ILE E 726 -24.58 -27.86 1.17
N ILE E 727 -23.34 -27.64 0.75
CA ILE E 727 -22.55 -28.72 0.19
C ILE E 727 -22.29 -29.79 1.25
N ARG E 728 -21.86 -30.97 0.79
CA ARG E 728 -21.68 -32.12 1.65
C ARG E 728 -20.22 -32.30 2.02
N VAL E 729 -19.98 -32.88 3.20
CA VAL E 729 -18.62 -33.10 3.65
C VAL E 729 -18.00 -34.21 2.83
N GLY E 730 -16.79 -33.97 2.34
CA GLY E 730 -16.09 -34.95 1.53
C GLY E 730 -16.24 -34.76 0.04
N ALA E 731 -16.81 -33.65 -0.40
CA ALA E 731 -17.03 -33.41 -1.82
C ALA E 731 -15.85 -32.64 -2.39
N TRP E 732 -15.49 -32.96 -3.62
CA TRP E 732 -14.44 -32.22 -4.31
C TRP E 732 -15.08 -31.04 -5.02
N VAL E 733 -14.64 -29.83 -4.67
CA VAL E 733 -15.17 -28.60 -5.23
C VAL E 733 -14.09 -27.99 -6.11
N GLU E 734 -14.46 -27.69 -7.34
CA GLU E 734 -13.60 -26.98 -8.26
C GLU E 734 -14.01 -25.51 -8.28
N SER E 735 -13.36 -24.74 -9.14
CA SER E 735 -13.61 -23.30 -9.17
C SER E 735 -15.05 -23.04 -9.59
N GLY E 736 -15.63 -21.98 -9.01
CA GLY E 736 -17.00 -21.60 -9.29
C GLY E 736 -18.04 -22.56 -8.80
N ASP E 737 -17.67 -23.61 -8.08
CA ASP E 737 -18.65 -24.57 -7.60
C ASP E 737 -19.42 -23.98 -6.43
N ILE E 738 -20.73 -24.25 -6.39
CA ILE E 738 -21.56 -23.71 -5.32
C ILE E 738 -21.23 -24.43 -4.02
N LEU E 739 -21.05 -23.66 -2.95
CA LEU E 739 -20.83 -24.20 -1.62
C LEU E 739 -22.10 -24.16 -0.77
N VAL E 740 -22.71 -22.99 -0.67
CA VAL E 740 -23.98 -22.84 0.02
C VAL E 740 -24.90 -22.10 -0.93
N GLY E 741 -26.13 -22.60 -1.08
CA GLY E 741 -27.08 -22.03 -1.99
C GLY E 741 -27.99 -21.10 -1.22
N LYS E 742 -28.04 -19.85 -1.67
CA LYS E 742 -28.83 -18.82 -1.01
C LYS E 742 -29.64 -18.06 -2.05
N VAL E 743 -30.82 -17.63 -1.62
CA VAL E 743 -31.70 -16.80 -2.44
C VAL E 743 -32.15 -15.62 -1.63
N THR E 744 -32.13 -14.45 -2.26
CA THR E 744 -32.55 -13.17 -1.73
C THR E 744 -33.87 -12.74 -2.37
N PRO E 745 -34.77 -12.14 -1.61
CA PRO E 745 -36.02 -11.67 -2.22
C PRO E 745 -35.84 -10.30 -2.86
N LYS E 746 -35.39 -10.25 -4.11
CA LYS E 746 -35.23 -8.96 -4.77
C LYS E 746 -36.60 -8.37 -5.14
N GLY E 747 -36.64 -7.05 -5.27
CA GLY E 747 -37.84 -6.33 -5.61
C GLY E 747 -37.91 -5.68 -6.97
N GLU E 748 -38.82 -6.14 -7.84
CA GLU E 748 -38.98 -5.52 -9.15
C GLU E 748 -40.41 -5.68 -9.64
N ALA E 766 -42.45 -18.26 -7.32
CA ALA E 766 -42.49 -17.01 -8.06
C ALA E 766 -41.18 -16.79 -8.81
N ARG E 767 -41.15 -15.76 -9.65
CA ARG E 767 -39.95 -15.39 -10.40
C ARG E 767 -39.31 -14.16 -9.80
N ASP E 768 -39.27 -14.10 -8.47
CA ASP E 768 -38.79 -12.93 -7.76
C ASP E 768 -37.49 -13.17 -7.00
N VAL E 769 -37.18 -14.42 -6.65
CA VAL E 769 -35.96 -14.72 -5.92
C VAL E 769 -34.75 -14.44 -6.80
N ARG E 770 -33.65 -14.05 -6.16
CA ARG E 770 -32.39 -13.76 -6.81
C ARG E 770 -31.31 -14.62 -6.18
N ASP E 771 -30.28 -14.93 -6.96
CA ASP E 771 -29.25 -15.87 -6.56
C ASP E 771 -28.00 -15.12 -6.12
N ASN E 772 -27.59 -15.34 -4.86
CA ASN E 772 -26.33 -14.87 -4.34
C ASN E 772 -25.70 -15.96 -3.47
N SER E 773 -25.77 -17.19 -3.95
CA SER E 773 -25.19 -18.33 -3.28
C SER E 773 -23.67 -18.21 -3.24
N LEU E 774 -23.06 -18.80 -2.22
CA LEU E 774 -21.62 -18.70 -2.05
C LEU E 774 -20.92 -19.75 -2.90
N ARG E 775 -19.87 -19.35 -3.59
CA ARG E 775 -19.12 -20.22 -4.49
C ARG E 775 -17.63 -20.10 -4.21
N VAL E 776 -16.90 -21.11 -4.69
CA VAL E 776 -15.45 -21.12 -4.49
C VAL E 776 -14.82 -19.99 -5.31
N PRO E 777 -13.83 -19.28 -4.79
CA PRO E 777 -13.18 -18.23 -5.58
C PRO E 777 -12.38 -18.83 -6.73
N ASN E 778 -12.15 -18.00 -7.74
CA ASN E 778 -11.41 -18.47 -8.91
C ASN E 778 -10.00 -18.85 -8.52
N GLY E 779 -9.59 -20.06 -8.90
CA GLY E 779 -8.26 -20.54 -8.56
C GLY E 779 -8.20 -21.35 -7.29
N GLU E 780 -9.33 -21.80 -6.76
CA GLU E 780 -9.35 -22.56 -5.52
C GLU E 780 -10.09 -23.87 -5.73
N LYS E 781 -9.54 -24.94 -5.14
CA LYS E 781 -10.16 -26.26 -5.22
C LYS E 781 -9.68 -27.07 -4.03
N GLY E 782 -10.39 -28.16 -3.76
CA GLY E 782 -10.01 -29.06 -2.69
C GLY E 782 -11.21 -29.81 -2.18
N ARG E 783 -11.00 -30.50 -1.06
CA ARG E 783 -12.06 -31.27 -0.43
C ARG E 783 -12.73 -30.46 0.67
N VAL E 784 -14.01 -30.71 0.88
CA VAL E 784 -14.75 -30.12 1.96
C VAL E 784 -14.63 -31.03 3.17
N VAL E 785 -14.14 -30.49 4.28
CA VAL E 785 -13.86 -31.31 5.46
C VAL E 785 -14.77 -30.99 6.63
N ASP E 786 -15.37 -29.80 6.67
CA ASP E 786 -16.26 -29.43 7.77
C ASP E 786 -17.25 -28.40 7.28
N VAL E 787 -18.53 -28.58 7.63
CA VAL E 787 -19.57 -27.60 7.34
C VAL E 787 -20.33 -27.36 8.64
N ARG E 788 -19.92 -26.34 9.38
CA ARG E 788 -20.58 -26.00 10.63
C ARG E 788 -21.68 -24.98 10.39
N LEU E 789 -22.80 -25.17 11.09
CA LEU E 789 -23.97 -24.32 10.94
C LEU E 789 -24.33 -23.70 12.29
N PHE E 790 -24.67 -22.42 12.28
CA PHE E 790 -25.00 -21.72 13.51
C PHE E 790 -26.26 -20.89 13.27
N THR E 791 -27.32 -21.20 14.00
CA THR E 791 -28.56 -20.44 13.90
C THR E 791 -29.01 -20.04 15.28
N ARG E 792 -29.77 -18.95 15.35
CA ARG E 792 -30.19 -18.41 16.65
C ARG E 792 -31.00 -19.43 17.43
N GLU E 793 -31.70 -20.31 16.73
CA GLU E 793 -32.49 -21.33 17.41
C GLU E 793 -31.58 -22.27 18.21
N GLN E 794 -30.43 -22.63 17.63
CA GLN E 794 -29.53 -23.58 18.27
C GLN E 794 -28.82 -23.00 19.48
N GLY E 795 -29.13 -21.77 19.88
CA GLY E 795 -28.44 -21.17 20.99
C GLY E 795 -27.05 -20.69 20.64
N ASP E 796 -26.91 -19.99 19.53
CA ASP E 796 -25.62 -19.45 19.10
C ASP E 796 -25.74 -17.94 18.94
N GLU E 797 -24.63 -17.26 19.19
CA GLU E 797 -24.61 -15.80 19.17
C GLU E 797 -24.39 -15.28 17.74
N LEU E 798 -25.49 -15.23 17.00
CA LEU E 798 -25.39 -14.80 15.62
C LEU E 798 -25.24 -13.28 15.58
N PRO E 799 -24.77 -12.73 14.47
CA PRO E 799 -24.64 -11.26 14.40
C PRO E 799 -25.98 -10.58 14.55
N PRO E 800 -25.98 -9.26 14.77
CA PRO E 800 -27.25 -8.53 15.02
C PRO E 800 -28.35 -8.77 14.00
N GLY E 801 -28.06 -8.65 12.70
CA GLY E 801 -29.09 -8.74 11.68
C GLY E 801 -29.13 -10.01 10.87
N ALA E 802 -28.43 -11.05 11.31
CA ALA E 802 -28.30 -12.29 10.57
C ALA E 802 -29.19 -13.36 11.17
N ASN E 803 -29.55 -14.35 10.35
CA ASN E 803 -30.39 -15.43 10.83
C ASN E 803 -29.80 -16.81 10.59
N MET E 804 -28.62 -16.91 9.96
CA MET E 804 -27.94 -18.18 9.80
C MET E 804 -26.50 -17.94 9.37
N VAL E 805 -25.52 -18.50 10.08
CA VAL E 805 -24.12 -18.37 9.72
C VAL E 805 -23.61 -19.76 9.37
N VAL E 806 -23.25 -19.96 8.11
CA VAL E 806 -22.71 -21.24 7.65
C VAL E 806 -21.23 -21.06 7.37
N ARG E 807 -20.41 -21.93 7.92
CA ARG E 807 -18.96 -21.90 7.72
C ARG E 807 -18.54 -23.21 7.10
N VAL E 808 -17.73 -23.13 6.06
CA VAL E 808 -17.29 -24.29 5.31
C VAL E 808 -15.78 -24.27 5.28
N TYR E 809 -15.18 -25.42 5.53
CA TYR E 809 -13.74 -25.55 5.55
C TYR E 809 -13.36 -26.47 4.42
N VAL E 810 -12.40 -26.02 3.62
CA VAL E 810 -12.00 -26.73 2.42
C VAL E 810 -10.51 -26.94 2.53
N ALA E 811 -10.07 -28.16 2.32
CA ALA E 811 -8.68 -28.49 2.52
C ALA E 811 -8.13 -28.91 1.18
N GLN E 812 -6.83 -28.70 1.00
CA GLN E 812 -6.22 -29.08 -0.25
C GLN E 812 -4.76 -29.40 0.01
N LYS E 813 -4.21 -30.16 -0.92
CA LYS E 813 -2.82 -30.55 -0.87
C LYS E 813 -2.11 -29.84 -2.01
N ARG E 814 -1.06 -29.13 -1.65
CA ARG E 814 -0.31 -28.34 -2.62
C ARG E 814 1.05 -28.98 -2.76
N LYS E 815 1.50 -29.09 -4.00
CA LYS E 815 2.81 -29.64 -4.31
C LYS E 815 3.71 -28.49 -4.69
N ILE E 816 5.01 -28.76 -4.70
CA ILE E 816 5.94 -27.72 -5.10
C ILE E 816 5.74 -27.48 -6.59
N GLN E 817 5.82 -26.22 -7.00
CA GLN E 817 5.54 -25.90 -8.39
C GLN E 817 6.26 -24.62 -8.76
N VAL E 818 6.23 -24.31 -10.05
CA VAL E 818 6.96 -23.17 -10.56
C VAL E 818 6.32 -21.90 -10.03
N GLY E 819 7.10 -21.13 -9.30
CA GLY E 819 6.62 -19.91 -8.68
C GLY E 819 6.63 -19.97 -7.18
N ASP E 820 6.95 -21.10 -6.59
CA ASP E 820 7.00 -21.23 -5.15
C ASP E 820 8.36 -20.82 -4.63
N LYS E 821 8.39 -20.41 -3.37
CA LYS E 821 9.60 -19.92 -2.74
C LYS E 821 10.20 -21.04 -1.91
N MET E 822 11.49 -21.27 -2.08
CA MET E 822 12.20 -22.24 -1.29
C MET E 822 13.33 -21.50 -0.58
N ALA E 823 13.72 -22.02 0.57
CA ALA E 823 14.64 -21.29 1.42
C ALA E 823 15.54 -22.26 2.17
N GLY E 824 16.61 -21.72 2.73
CA GLY E 824 17.45 -22.46 3.63
C GLY E 824 17.57 -21.71 4.94
N ARG E 825 18.24 -22.36 5.88
CA ARG E 825 18.36 -21.78 7.21
C ARG E 825 19.40 -20.68 7.27
N HIS E 826 20.18 -20.49 6.21
CA HIS E 826 21.27 -19.55 6.24
C HIS E 826 20.99 -18.32 5.40
N GLY E 827 19.75 -18.11 5.00
CA GLY E 827 19.37 -16.90 4.33
C GLY E 827 19.31 -17.00 2.82
N ASN E 828 19.46 -18.20 2.27
CA ASN E 828 19.50 -18.35 0.82
C ASN E 828 18.08 -18.66 0.38
N LYS E 829 17.43 -17.68 -0.23
CA LYS E 829 16.08 -17.82 -0.72
C LYS E 829 16.12 -17.96 -2.23
N GLY E 830 15.02 -18.44 -2.77
CA GLY E 830 14.95 -18.60 -4.21
C GLY E 830 13.54 -18.92 -4.61
N ILE E 831 13.28 -18.75 -5.89
CA ILE E 831 11.98 -19.04 -6.47
C ILE E 831 12.20 -20.14 -7.50
N ILE E 832 11.36 -21.15 -7.47
CA ILE E 832 11.55 -22.29 -8.36
C ILE E 832 11.12 -21.89 -9.75
N SER E 833 11.99 -22.13 -10.73
CA SER E 833 11.74 -21.70 -12.10
C SER E 833 11.61 -22.85 -13.06
N ARG E 834 12.03 -24.05 -12.68
CA ARG E 834 11.97 -25.20 -13.55
C ARG E 834 11.92 -26.45 -12.69
N ILE E 835 11.21 -27.45 -13.19
CA ILE E 835 11.12 -28.74 -12.54
C ILE E 835 11.48 -29.76 -13.62
N LEU E 836 12.69 -30.29 -13.56
CA LEU E 836 13.21 -31.15 -14.61
C LEU E 836 12.89 -32.61 -14.31
N PRO E 837 12.57 -33.38 -15.36
CA PRO E 837 12.49 -34.83 -15.19
C PRO E 837 13.83 -35.39 -14.78
N CYS E 838 13.79 -36.38 -13.89
CA CYS E 838 14.99 -36.86 -13.22
C CYS E 838 16.02 -37.48 -14.16
N GLU E 839 15.71 -37.59 -15.45
CA GLU E 839 16.67 -38.07 -16.42
C GLU E 839 17.32 -36.92 -17.19
N ASP E 840 17.09 -35.69 -16.73
CA ASP E 840 17.72 -34.50 -17.25
C ASP E 840 18.59 -33.82 -16.21
N MET E 841 18.43 -34.18 -14.96
CA MET E 841 19.16 -33.63 -13.87
C MET E 841 20.54 -34.28 -13.80
N PRO E 842 21.55 -33.56 -13.35
CA PRO E 842 22.88 -34.17 -13.19
C PRO E 842 22.83 -35.29 -12.17
N TYR E 843 23.71 -36.28 -12.35
CA TYR E 843 23.72 -37.44 -11.48
C TYR E 843 25.13 -37.75 -11.01
N LEU E 844 25.19 -38.57 -9.97
CA LEU E 844 26.41 -38.86 -9.24
C LEU E 844 27.12 -40.06 -9.87
N PRO E 845 28.32 -40.39 -9.40
CA PRO E 845 29.02 -41.56 -9.94
C PRO E 845 28.40 -42.88 -9.52
N ASP E 846 27.23 -42.85 -8.90
CA ASP E 846 26.50 -44.07 -8.60
C ASP E 846 25.14 -44.12 -9.28
N GLY E 847 24.78 -43.09 -10.03
CA GLY E 847 23.52 -43.08 -10.76
C GLY E 847 22.42 -42.28 -10.11
N THR E 848 22.69 -41.65 -8.98
CA THR E 848 21.64 -40.93 -8.28
C THR E 848 21.50 -39.53 -8.87
N PRO E 849 20.34 -39.19 -9.43
CA PRO E 849 20.16 -37.82 -9.90
C PRO E 849 20.03 -36.87 -8.73
N LEU E 850 20.37 -35.61 -8.98
CA LEU E 850 20.30 -34.64 -7.91
C LEU E 850 18.86 -34.20 -7.69
N ASP E 851 18.64 -33.49 -6.60
CA ASP E 851 17.33 -32.97 -6.29
C ASP E 851 17.22 -31.49 -6.54
N ILE E 852 18.29 -30.76 -6.34
CA ILE E 852 18.26 -29.33 -6.55
C ILE E 852 19.65 -28.87 -6.96
N VAL E 853 19.67 -27.91 -7.87
CA VAL E 853 20.90 -27.29 -8.35
C VAL E 853 20.82 -25.82 -7.99
N LEU E 854 21.83 -25.33 -7.30
CA LEU E 854 21.84 -23.96 -6.83
C LEU E 854 23.02 -23.23 -7.46
N ASN E 855 22.84 -21.96 -7.67
CA ASN E 855 23.89 -21.18 -8.30
C ASN E 855 24.95 -20.83 -7.27
N PRO E 856 26.22 -21.09 -7.54
CA PRO E 856 27.24 -20.68 -6.58
C PRO E 856 27.56 -19.21 -6.68
N LEU E 857 27.03 -18.54 -7.71
CA LEU E 857 27.28 -17.13 -7.86
C LEU E 857 26.67 -16.36 -6.70
N GLY E 858 25.66 -16.93 -6.06
CA GLY E 858 24.99 -16.28 -4.95
C GLY E 858 25.65 -16.48 -3.61
N VAL E 859 26.63 -17.36 -3.50
CA VAL E 859 27.24 -17.62 -2.19
C VAL E 859 28.31 -16.61 -1.79
N PRO E 860 29.31 -16.31 -2.61
CA PRO E 860 30.43 -15.50 -2.11
C PRO E 860 30.11 -14.03 -2.00
N SER E 861 29.14 -13.53 -2.75
CA SER E 861 28.81 -12.12 -2.66
C SER E 861 27.88 -11.84 -1.51
N ARG E 862 27.27 -12.90 -0.96
CA ARG E 862 26.32 -12.78 0.14
C ARG E 862 26.90 -13.32 1.43
N MET E 863 28.06 -13.97 1.38
CA MET E 863 28.80 -14.40 2.55
C MET E 863 27.99 -15.25 3.51
N ASN E 864 27.29 -16.24 2.97
CA ASN E 864 26.59 -17.20 3.82
C ASN E 864 27.26 -18.55 3.70
N VAL E 865 28.58 -18.58 3.87
CA VAL E 865 29.37 -19.80 3.67
C VAL E 865 28.88 -20.96 4.50
N GLY E 866 28.08 -20.71 5.53
CA GLY E 866 27.65 -21.80 6.38
C GLY E 866 26.82 -22.82 5.64
N GLN E 867 26.19 -22.42 4.54
CA GLN E 867 25.38 -23.37 3.77
C GLN E 867 26.28 -24.39 3.10
N VAL E 868 27.54 -24.03 2.85
CA VAL E 868 28.45 -24.94 2.18
C VAL E 868 29.04 -25.90 3.19
N PHE E 869 28.81 -25.65 4.47
CA PHE E 869 29.32 -26.55 5.50
C PHE E 869 28.25 -27.57 5.84
N GLU E 870 27.02 -27.10 5.97
CA GLU E 870 25.91 -27.98 6.30
C GLU E 870 25.73 -29.04 5.23
N CYS E 871 25.64 -28.62 3.97
CA CYS E 871 25.57 -29.57 2.87
C CYS E 871 26.59 -30.67 3.07
N MET E 872 27.85 -30.28 3.26
CA MET E 872 28.89 -31.29 3.32
C MET E 872 28.69 -32.19 4.52
N LEU E 873 28.37 -31.61 5.67
CA LEU E 873 28.11 -32.43 6.84
C LEU E 873 26.87 -33.27 6.65
N GLY E 874 25.86 -32.72 5.99
CA GLY E 874 24.68 -33.50 5.71
C GLY E 874 25.00 -34.65 4.78
N TRP E 875 25.90 -34.42 3.83
CA TRP E 875 26.32 -35.52 2.97
C TRP E 875 26.91 -36.63 3.82
N ALA E 876 27.82 -36.27 4.74
CA ALA E 876 28.40 -37.29 5.60
C ALA E 876 27.33 -37.96 6.42
N GLY E 877 26.38 -37.19 6.92
CA GLY E 877 25.34 -37.76 7.75
C GLY E 877 24.49 -38.76 7.00
N GLN E 878 24.18 -38.46 5.75
CA GLN E 878 23.42 -39.44 4.97
C GLN E 878 24.22 -40.73 4.79
N LEU E 879 25.52 -40.59 4.52
CA LEU E 879 26.34 -41.77 4.26
C LEU E 879 26.64 -42.57 5.52
N LEU E 880 26.61 -41.94 6.68
CA LEU E 880 26.95 -42.64 7.91
C LEU E 880 25.73 -43.01 8.71
N ASP E 881 24.53 -42.79 8.15
CA ASP E 881 23.28 -42.99 8.86
C ASP E 881 23.35 -42.33 10.22
N ALA E 882 23.64 -41.04 10.22
CA ALA E 882 23.83 -40.32 11.47
C ALA E 882 23.14 -38.96 11.40
N ARG E 883 23.07 -38.33 12.57
CA ARG E 883 22.50 -37.00 12.71
C ARG E 883 23.43 -36.23 13.62
N PHE E 884 23.86 -35.05 13.18
CA PHE E 884 24.86 -34.27 13.89
C PHE E 884 24.22 -33.07 14.57
N LYS E 885 24.59 -32.85 15.83
CA LYS E 885 24.09 -31.72 16.60
C LYS E 885 25.30 -30.81 16.83
N VAL E 886 25.46 -29.81 15.96
CA VAL E 886 26.56 -28.86 16.06
C VAL E 886 26.05 -27.56 16.64
N THR E 887 26.74 -27.05 17.58
CA THR E 887 26.27 -25.83 18.19
C THR E 887 27.00 -24.63 17.60
N PRO E 888 26.32 -23.48 17.49
CA PRO E 888 26.96 -22.32 16.87
C PRO E 888 28.18 -21.90 17.65
N PHE E 889 29.11 -21.26 16.95
CA PHE E 889 30.38 -20.82 17.54
C PHE E 889 31.14 -21.99 18.14
N ASP E 890 31.51 -22.94 17.27
CA ASP E 890 32.11 -24.18 17.72
C ASP E 890 33.61 -24.11 17.60
N GLU E 891 34.15 -22.93 17.38
CA GLU E 891 35.57 -22.78 17.16
C GLU E 891 36.30 -22.39 18.43
N MET E 892 35.63 -22.48 19.59
CA MET E 892 36.35 -22.23 20.82
C MET E 892 37.20 -23.42 21.20
N TYR E 893 37.02 -24.56 20.53
CA TYR E 893 37.73 -25.79 20.84
C TYR E 893 38.98 -25.96 20.00
N GLY E 894 39.00 -25.40 18.79
CA GLY E 894 40.14 -25.51 17.91
C GLY E 894 40.36 -24.27 17.08
N ALA E 895 41.29 -24.34 16.13
CA ALA E 895 41.54 -23.18 15.29
C ALA E 895 40.53 -23.11 14.15
N GLU E 896 40.24 -24.24 13.53
CA GLU E 896 39.19 -24.33 12.52
C GLU E 896 38.41 -25.60 12.83
N ALA E 897 37.42 -25.48 13.73
CA ALA E 897 36.74 -26.67 14.22
C ALA E 897 35.70 -27.18 13.24
N SER E 898 34.95 -26.29 12.60
CA SER E 898 33.88 -26.73 11.72
C SER E 898 34.46 -27.47 10.52
N ARG E 899 35.49 -26.89 9.90
CA ARG E 899 36.11 -27.52 8.73
C ARG E 899 36.74 -28.86 9.10
N LEU E 900 37.44 -28.92 10.23
CA LEU E 900 38.07 -30.18 10.63
C LEU E 900 37.03 -31.24 10.92
N THR E 901 35.96 -30.89 11.62
CA THR E 901 34.92 -31.88 11.89
C THR E 901 34.29 -32.37 10.61
N VAL E 902 34.00 -31.45 9.68
CA VAL E 902 33.38 -31.87 8.43
C VAL E 902 34.30 -32.77 7.63
N ASN E 903 35.59 -32.42 7.54
CA ASN E 903 36.53 -33.24 6.79
C ASN E 903 36.69 -34.61 7.42
N ALA E 904 36.81 -34.67 8.75
CA ALA E 904 36.95 -35.95 9.42
C ALA E 904 35.69 -36.80 9.24
N LYS E 905 34.52 -36.18 9.33
CA LYS E 905 33.28 -36.92 9.14
C LYS E 905 33.18 -37.46 7.72
N LEU E 906 33.54 -36.64 6.73
CA LEU E 906 33.49 -37.10 5.34
C LEU E 906 34.47 -38.24 5.11
N SER E 907 35.67 -38.15 5.67
CA SER E 907 36.62 -39.24 5.53
C SER E 907 36.11 -40.50 6.21
N GLU E 908 35.50 -40.36 7.37
CA GLU E 908 34.94 -41.52 8.07
C GLU E 908 33.81 -42.16 7.27
N ALA E 909 32.95 -41.33 6.66
CA ALA E 909 31.89 -41.85 5.81
C ALA E 909 32.47 -42.57 4.61
N ARG E 910 33.54 -42.03 4.03
CA ARG E 910 34.18 -42.67 2.90
C ARG E 910 34.75 -44.03 3.29
N GLU E 911 35.35 -44.12 4.48
CA GLU E 911 35.92 -45.39 4.91
C GLU E 911 34.84 -46.41 5.26
N GLN E 912 33.73 -45.96 5.84
CA GLN E 912 32.69 -46.91 6.22
C GLN E 912 31.92 -47.41 5.02
N THR E 913 31.59 -46.52 4.08
CA THR E 913 30.80 -46.93 2.93
C THR E 913 31.60 -47.84 2.02
N GLY E 914 32.86 -47.48 1.76
CA GLY E 914 33.69 -48.22 0.86
C GLY E 914 33.81 -47.61 -0.52
N GLN E 915 33.07 -46.55 -0.79
CA GLN E 915 33.09 -45.92 -2.10
C GLN E 915 34.08 -44.77 -2.08
N PRO E 916 35.13 -44.80 -2.90
CA PRO E 916 36.12 -43.72 -2.86
C PRO E 916 35.63 -42.43 -3.49
N TRP E 917 34.58 -42.46 -4.31
CA TRP E 917 34.11 -41.26 -4.96
C TRP E 917 33.34 -40.37 -4.02
N VAL E 918 33.03 -40.84 -2.81
CA VAL E 918 32.29 -40.05 -1.85
C VAL E 918 33.07 -38.82 -1.45
N PHE E 919 34.35 -39.02 -1.14
CA PHE E 919 35.21 -37.97 -0.63
C PHE E 919 36.52 -38.04 -1.39
N SER E 920 37.02 -36.88 -1.79
CA SER E 920 38.28 -36.79 -2.49
C SER E 920 39.19 -35.89 -1.68
N ASP E 921 40.47 -36.23 -1.69
CA ASP E 921 41.42 -35.45 -0.93
C ASP E 921 41.90 -34.21 -1.67
N ASP E 922 41.91 -34.27 -3.00
CA ASP E 922 42.32 -33.11 -3.78
C ASP E 922 41.30 -31.99 -3.69
N GLU E 923 40.02 -32.32 -3.88
CA GLU E 923 38.91 -31.38 -3.70
C GLU E 923 37.99 -31.98 -2.65
N PRO E 924 38.16 -31.61 -1.39
CA PRO E 924 37.37 -32.21 -0.31
C PRO E 924 35.87 -32.21 -0.54
N GLY E 925 35.29 -31.05 -0.75
CA GLY E 925 33.84 -30.98 -0.80
C GLY E 925 33.23 -31.24 -2.16
N LYS E 926 34.01 -31.61 -3.15
CA LYS E 926 33.56 -31.72 -4.51
C LYS E 926 33.70 -33.14 -5.00
N ILE E 927 32.72 -33.61 -5.76
CA ILE E 927 32.79 -34.90 -6.41
C ILE E 927 32.29 -34.75 -7.84
N GLN E 928 32.53 -35.77 -8.64
CA GLN E 928 32.22 -35.71 -10.06
C GLN E 928 30.73 -35.86 -10.29
N VAL E 929 30.22 -35.10 -11.25
CA VAL E 929 28.81 -35.08 -11.58
C VAL E 929 28.71 -35.10 -13.09
N TYR E 930 27.74 -35.85 -13.60
CA TYR E 930 27.60 -36.06 -15.03
C TYR E 930 26.35 -35.33 -15.51
N ASP E 931 26.21 -35.20 -16.82
CA ASP E 931 25.08 -34.50 -17.41
C ASP E 931 24.02 -35.52 -17.82
N GLY E 932 22.80 -35.33 -17.32
CA GLY E 932 21.74 -36.27 -17.60
C GLY E 932 21.22 -36.18 -19.02
N ARG E 933 21.48 -35.07 -19.71
CA ARG E 933 20.98 -34.90 -21.06
C ARG E 933 21.88 -35.55 -22.09
N THR E 934 23.19 -35.50 -21.86
CA THR E 934 24.16 -36.05 -22.80
C THR E 934 25.02 -37.16 -22.24
N GLY E 935 25.16 -37.27 -20.93
CA GLY E 935 25.95 -38.33 -20.35
C GLY E 935 27.41 -37.99 -20.17
N GLU E 936 27.81 -36.77 -20.50
CA GLU E 936 29.18 -36.30 -20.40
C GLU E 936 29.42 -35.64 -19.06
N PRO E 937 30.55 -35.88 -18.42
CA PRO E 937 30.80 -35.28 -17.13
C PRO E 937 31.16 -33.83 -17.29
N PHE E 938 30.82 -33.04 -16.27
CA PHE E 938 31.20 -31.65 -16.32
C PHE E 938 32.70 -31.52 -16.16
N ASP E 939 33.22 -30.37 -16.59
CA ASP E 939 34.67 -30.22 -16.73
C ASP E 939 35.36 -30.35 -15.38
N ARG E 940 34.76 -29.83 -14.34
CA ARG E 940 35.34 -29.84 -13.01
C ARG E 940 34.33 -30.38 -12.00
N PRO E 941 34.80 -30.99 -10.92
CA PRO E 941 33.86 -31.49 -9.90
C PRO E 941 33.15 -30.33 -9.23
N VAL E 942 31.97 -30.61 -8.72
CA VAL E 942 31.11 -29.60 -8.12
C VAL E 942 30.84 -30.02 -6.68
N THR E 943 30.28 -29.10 -5.91
CA THR E 943 30.02 -29.36 -4.50
C THR E 943 28.63 -29.93 -4.38
N VAL E 944 28.53 -31.12 -3.80
CA VAL E 944 27.23 -31.75 -3.58
C VAL E 944 27.12 -32.10 -2.11
N GLY E 945 25.88 -32.19 -1.66
CA GLY E 945 25.64 -32.53 -0.28
C GLY E 945 24.16 -32.72 -0.04
N ARG E 946 23.83 -32.78 1.24
CA ARG E 946 22.44 -32.89 1.68
C ARG E 946 22.13 -31.59 2.37
N ALA E 947 21.16 -30.87 1.85
CA ALA E 947 20.79 -29.58 2.38
C ALA E 947 19.39 -29.65 2.95
N TYR E 948 19.16 -28.85 3.97
CA TYR E 948 17.89 -28.83 4.67
C TYR E 948 17.16 -27.58 4.20
N MET E 949 16.20 -27.78 3.31
CA MET E 949 15.50 -26.69 2.67
C MET E 949 14.04 -26.68 3.10
N LEU E 950 13.47 -25.48 3.09
CA LEU E 950 12.13 -25.19 3.57
C LEU E 950 11.29 -24.61 2.45
N LYS E 951 9.99 -24.83 2.55
CA LYS E 951 9.02 -24.31 1.61
C LYS E 951 8.23 -23.23 2.32
N LEU E 952 8.24 -22.02 1.75
CA LEU E 952 7.68 -20.85 2.41
C LEU E 952 6.21 -20.68 2.06
N VAL E 953 5.48 -20.00 2.94
CA VAL E 953 4.04 -19.83 2.81
C VAL E 953 3.69 -18.95 1.62
N HIS E 954 2.41 -18.92 1.29
CA HIS E 954 1.87 -18.07 0.24
C HIS E 954 2.54 -18.31 -1.11
N ASP E 958 -1.03 -18.06 -4.55
CA ASP E 958 -2.13 -17.26 -4.00
C ASP E 958 -1.90 -15.78 -4.30
N LYS E 959 -0.84 -15.49 -5.05
CA LYS E 959 -0.49 -14.13 -5.41
C LYS E 959 -0.85 -13.78 -6.84
N ILE E 960 -1.17 -14.76 -7.68
CA ILE E 960 -1.45 -14.45 -9.08
C ILE E 960 -2.77 -13.74 -9.16
N HIS E 961 -2.79 -12.60 -9.83
CA HIS E 961 -4.02 -11.84 -9.97
C HIS E 961 -4.06 -11.21 -11.34
N ALA E 962 -5.27 -11.08 -11.87
CA ALA E 962 -5.49 -10.45 -13.15
C ALA E 962 -6.89 -9.86 -13.15
N ARG E 963 -7.09 -8.86 -14.01
CA ARG E 963 -8.38 -8.20 -14.06
C ARG E 963 -8.58 -7.61 -15.45
N SER E 964 -9.81 -7.66 -15.93
CA SER E 964 -10.24 -6.93 -17.11
C SER E 964 -11.22 -5.82 -16.76
N THR E 965 -12.30 -6.17 -16.04
CA THR E 965 -13.28 -5.20 -15.59
C THR E 965 -13.98 -5.79 -14.38
N GLY E 966 -14.18 -4.98 -13.35
CA GLY E 966 -14.81 -5.44 -12.14
C GLY E 966 -15.46 -4.34 -11.33
N PRO E 967 -15.41 -4.48 -10.01
CA PRO E 967 -16.03 -3.46 -9.15
C PRO E 967 -15.25 -2.17 -9.13
N TYR E 968 -15.96 -1.08 -8.85
CA TYR E 968 -15.39 0.25 -8.81
C TYR E 968 -15.64 0.92 -7.47
N SER E 969 -14.78 1.88 -7.15
CA SER E 969 -14.88 2.67 -5.94
C SER E 969 -16.11 3.59 -6.00
N LEU E 970 -16.54 4.06 -4.83
CA LEU E 970 -17.81 4.79 -4.77
C LEU E 970 -17.69 6.23 -5.22
N VAL E 971 -16.68 6.93 -4.74
CA VAL E 971 -16.56 8.36 -5.02
C VAL E 971 -15.88 8.59 -6.36
N THR E 972 -14.75 7.94 -6.58
CA THR E 972 -13.93 8.21 -7.75
C THR E 972 -14.28 7.36 -8.95
N GLN E 973 -15.05 6.28 -8.79
CA GLN E 973 -15.40 5.42 -9.90
C GLN E 973 -14.15 4.80 -10.51
N GLN E 974 -13.24 4.59 -9.76
CA GLN E 974 -12.04 3.92 -10.19
C GLN E 974 -12.10 2.46 -9.75
N PRO E 975 -11.41 1.57 -10.43
CA PRO E 975 -11.48 0.15 -10.06
C PRO E 975 -11.03 -0.07 -8.63
N LEU E 976 -11.66 -1.03 -7.97
CA LEU E 976 -11.27 -1.37 -6.62
C LEU E 976 -9.91 -2.03 -6.63
N GLY E 977 -9.31 -2.12 -5.45
CA GLY E 977 -8.02 -2.75 -5.28
C GLY E 977 -8.14 -3.93 -4.33
N GLY E 978 -7.47 -5.03 -4.67
CA GLY E 978 -7.51 -6.22 -3.85
C GLY E 978 -7.77 -7.48 -4.65
N LYS E 979 -7.03 -8.54 -4.35
CA LYS E 979 -7.23 -9.81 -5.05
C LYS E 979 -8.59 -10.43 -4.77
N ALA E 980 -9.12 -10.25 -3.57
CA ALA E 980 -10.34 -10.96 -3.18
C ALA E 980 -11.59 -10.34 -3.78
N GLN E 981 -11.46 -9.21 -4.47
CA GLN E 981 -12.62 -8.54 -5.05
C GLN E 981 -12.32 -8.12 -6.49
N GLN E 982 -11.51 -8.90 -7.20
CA GLN E 982 -11.18 -8.63 -8.59
C GLN E 982 -10.66 -7.21 -8.75
N GLY E 983 -9.57 -6.92 -8.08
CA GLY E 983 -9.04 -5.57 -8.05
C GLY E 983 -8.00 -5.36 -9.12
N GLY E 984 -7.78 -4.10 -9.42
CA GLY E 984 -6.80 -3.72 -10.43
C GLY E 984 -5.47 -3.37 -9.81
N GLN E 985 -4.49 -3.23 -10.67
CA GLN E 985 -3.16 -2.84 -10.27
C GLN E 985 -3.04 -1.33 -10.36
N ARG E 986 -2.39 -0.74 -9.38
CA ARG E 986 -2.27 0.70 -9.34
C ARG E 986 -1.19 1.18 -10.28
N PHE E 987 -1.50 2.23 -11.03
CA PHE E 987 -0.56 2.88 -11.92
C PHE E 987 -0.22 4.19 -11.22
N GLY E 988 0.81 4.14 -10.38
CA GLY E 988 1.20 5.29 -9.60
C GLY E 988 1.75 6.39 -10.46
N GLU E 989 2.29 7.40 -9.78
CA GLU E 989 2.82 8.55 -10.50
C GLU E 989 4.23 8.30 -11.00
N MET E 990 4.96 7.38 -10.39
CA MET E 990 6.26 7.00 -10.93
C MET E 990 6.10 6.33 -12.29
N GLU E 991 5.07 5.50 -12.45
CA GLU E 991 4.77 4.91 -13.75
C GLU E 991 4.30 5.96 -14.75
N VAL E 992 3.56 6.97 -14.29
CA VAL E 992 3.19 8.06 -15.16
C VAL E 992 4.42 8.81 -15.65
N TRP E 993 5.37 9.05 -14.75
CA TRP E 993 6.62 9.67 -15.16
C TRP E 993 7.35 8.81 -16.17
N ALA E 994 7.38 7.50 -15.94
CA ALA E 994 8.07 6.61 -16.86
C ALA E 994 7.44 6.66 -18.24
N LEU E 995 6.11 6.69 -18.29
CA LEU E 995 5.45 6.78 -19.58
C LEU E 995 5.63 8.16 -20.22
N GLU E 996 5.76 9.20 -19.41
CA GLU E 996 6.04 10.54 -19.96
C GLU E 996 7.45 10.63 -20.53
N ALA E 997 8.42 9.95 -19.91
CA ALA E 997 9.78 9.99 -20.42
C ALA E 997 9.91 9.23 -21.73
N TYR E 998 9.06 8.23 -21.95
CA TYR E 998 9.09 7.48 -23.20
C TYR E 998 8.55 8.28 -24.37
N GLY E 999 7.82 9.35 -24.10
CA GLY E 999 7.08 10.02 -25.13
C GLY E 999 5.73 9.42 -25.38
N ALA E 1000 5.32 8.46 -24.56
CA ALA E 1000 4.03 7.82 -24.78
C ALA E 1000 2.94 8.80 -24.39
N ALA E 1001 1.94 8.93 -25.24
CA ALA E 1001 0.85 9.85 -24.98
C ALA E 1001 -0.45 9.10 -25.03
N TYR E 1002 -0.51 8.09 -25.90
CA TYR E 1002 -1.75 7.36 -26.09
C TYR E 1002 -1.88 6.24 -25.08
N ILE E 1003 -0.77 5.58 -24.74
CA ILE E 1003 -0.80 4.61 -23.65
C ILE E 1003 -1.19 5.31 -22.36
N LEU E 1004 -0.58 6.46 -22.09
CA LEU E 1004 -0.87 7.20 -20.87
C LEU E 1004 -2.32 7.66 -20.83
N GLN E 1005 -2.82 8.22 -21.94
CA GLN E 1005 -4.19 8.71 -21.92
C GLN E 1005 -5.21 7.59 -21.85
N GLU E 1006 -4.95 6.46 -22.48
CA GLU E 1006 -5.85 5.32 -22.33
C GLU E 1006 -5.82 4.77 -20.92
N LEU E 1007 -4.65 4.71 -20.30
CA LEU E 1007 -4.57 4.23 -18.92
C LEU E 1007 -5.28 5.16 -17.96
N LEU E 1008 -5.12 6.47 -18.14
CA LEU E 1008 -5.59 7.43 -17.15
C LEU E 1008 -7.10 7.62 -17.20
N THR E 1009 -7.73 7.50 -18.36
CA THR E 1009 -9.14 7.83 -18.49
C THR E 1009 -9.99 6.61 -18.80
N VAL E 1010 -9.74 5.96 -19.93
CA VAL E 1010 -10.64 4.92 -20.43
C VAL E 1010 -10.60 3.69 -19.54
N LYS E 1011 -9.44 3.37 -18.97
CA LYS E 1011 -9.29 2.16 -18.19
C LYS E 1011 -9.43 2.38 -16.70
N SER E 1012 -9.62 3.61 -16.23
CA SER E 1012 -9.79 3.85 -14.80
C SER E 1012 -11.15 4.45 -14.46
N ASP E 1013 -11.45 5.66 -14.91
CA ASP E 1013 -12.66 6.32 -14.42
C ASP E 1013 -13.39 7.16 -15.46
N ASP E 1014 -13.13 6.96 -16.75
CA ASP E 1014 -13.97 7.63 -17.74
C ASP E 1014 -15.26 6.83 -17.78
N MET E 1015 -16.24 7.26 -17.00
CA MET E 1015 -17.40 6.42 -16.71
C MET E 1015 -18.14 6.03 -17.97
N GLN E 1016 -18.08 6.86 -19.00
CA GLN E 1016 -18.74 6.55 -20.27
C GLN E 1016 -17.79 5.97 -21.28
N GLY E 1017 -16.50 6.30 -21.19
CA GLY E 1017 -15.54 5.76 -22.14
C GLY E 1017 -15.15 4.33 -21.88
N ARG E 1018 -15.36 3.83 -20.66
CA ARG E 1018 -15.05 2.44 -20.36
C ARG E 1018 -15.96 1.53 -21.17
N ASN E 1019 -17.26 1.80 -21.12
CA ASN E 1019 -18.22 0.99 -21.82
C ASN E 1019 -18.03 1.08 -23.32
N GLU E 1020 -17.76 2.28 -23.83
CA GLU E 1020 -17.51 2.43 -25.26
C GLU E 1020 -16.27 1.67 -25.69
N ALA E 1021 -15.19 1.75 -24.92
CA ALA E 1021 -13.99 1.00 -25.26
C ALA E 1021 -14.23 -0.50 -25.24
N LEU E 1022 -14.92 -0.98 -24.21
CA LEU E 1022 -15.20 -2.41 -24.11
C LEU E 1022 -16.07 -2.88 -25.26
N ASN E 1023 -17.08 -2.09 -25.60
CA ASN E 1023 -17.97 -2.45 -26.70
C ASN E 1023 -17.24 -2.42 -28.02
N ALA E 1024 -16.33 -1.45 -28.20
CA ALA E 1024 -15.55 -1.39 -29.43
C ALA E 1024 -14.62 -2.59 -29.55
N ILE E 1025 -14.00 -3.00 -28.44
CA ILE E 1025 -13.13 -4.17 -28.48
C ILE E 1025 -13.92 -5.42 -28.78
N VAL E 1026 -15.07 -5.60 -28.13
CA VAL E 1026 -15.86 -6.80 -28.36
C VAL E 1026 -16.36 -6.83 -29.80
N LYS E 1027 -16.84 -5.70 -30.30
CA LYS E 1027 -17.36 -5.64 -31.66
C LYS E 1027 -16.25 -5.62 -32.70
N GLY E 1028 -15.05 -5.19 -32.32
CA GLY E 1028 -13.95 -5.12 -33.26
C GLY E 1028 -13.73 -3.79 -33.93
N LYS E 1029 -14.36 -2.72 -33.44
CA LYS E 1029 -14.18 -1.41 -34.04
C LYS E 1029 -13.02 -0.69 -33.37
N ALA E 1030 -12.90 0.61 -33.64
CA ALA E 1030 -11.83 1.40 -33.04
C ALA E 1030 -12.33 2.05 -31.76
N ILE E 1031 -11.43 2.19 -30.81
CA ILE E 1031 -11.79 2.78 -29.52
C ILE E 1031 -11.93 4.28 -29.69
N PRO E 1032 -13.05 4.87 -29.28
CA PRO E 1032 -13.27 6.30 -29.49
C PRO E 1032 -12.47 7.13 -28.50
N ARG E 1033 -12.45 8.44 -28.75
CA ARG E 1033 -11.69 9.35 -27.94
C ARG E 1033 -12.32 9.46 -26.55
N PRO E 1034 -11.51 9.67 -25.53
CA PRO E 1034 -12.03 9.69 -24.16
C PRO E 1034 -12.61 11.07 -23.84
N GLY E 1035 -13.11 11.19 -22.62
CA GLY E 1035 -13.63 12.44 -22.12
C GLY E 1035 -12.94 12.87 -20.85
N THR E 1036 -13.68 13.45 -19.96
CA THR E 1036 -13.12 13.91 -18.70
C THR E 1036 -13.32 12.85 -17.65
N PRO E 1037 -12.26 12.41 -16.98
CA PRO E 1037 -12.41 11.36 -15.98
C PRO E 1037 -13.23 11.83 -14.80
N GLU E 1038 -13.77 10.87 -14.06
CA GLU E 1038 -14.74 11.20 -13.03
C GLU E 1038 -14.07 11.81 -11.81
N SER E 1039 -12.80 11.47 -11.58
CA SER E 1039 -12.12 12.01 -10.42
C SER E 1039 -11.91 13.50 -10.56
N PHE E 1040 -11.71 13.99 -11.78
CA PHE E 1040 -11.59 15.43 -11.99
C PHE E 1040 -12.90 16.14 -11.65
N LYS E 1041 -14.03 15.58 -12.07
CA LYS E 1041 -15.31 16.19 -11.73
C LYS E 1041 -15.55 16.15 -10.24
N VAL E 1042 -15.18 15.04 -9.59
CA VAL E 1042 -15.30 14.96 -8.14
C VAL E 1042 -14.46 16.05 -7.47
N LEU E 1043 -13.24 16.26 -7.96
CA LEU E 1043 -12.37 17.28 -7.39
C LEU E 1043 -12.93 18.68 -7.60
N MET E 1044 -13.47 18.96 -8.80
CA MET E 1044 -14.05 20.27 -9.02
C MET E 1044 -15.24 20.50 -8.11
N ARG E 1045 -16.09 19.49 -7.93
CA ARG E 1045 -17.21 19.66 -7.01
C ARG E 1045 -16.73 19.88 -5.58
N GLU E 1046 -15.69 19.16 -5.15
CA GLU E 1046 -15.18 19.35 -3.80
C GLU E 1046 -14.56 20.73 -3.61
N LEU E 1047 -13.90 21.24 -4.65
CA LEU E 1047 -13.29 22.56 -4.55
C LEU E 1047 -14.37 23.64 -4.53
N GLN E 1048 -15.43 23.44 -5.30
CA GLN E 1048 -16.56 24.35 -5.23
C GLN E 1048 -17.21 24.29 -3.86
N SER E 1049 -17.27 23.08 -3.28
CA SER E 1049 -17.80 22.88 -1.95
C SER E 1049 -16.93 23.49 -0.88
N LEU E 1050 -15.71 23.90 -1.23
CA LEU E 1050 -14.85 24.61 -0.30
C LEU E 1050 -15.00 26.13 -0.44
N CYS E 1051 -16.07 26.58 -1.10
CA CYS E 1051 -16.33 28.00 -1.36
C CYS E 1051 -15.28 28.58 -2.30
N LEU E 1052 -14.97 27.85 -3.35
CA LEU E 1052 -14.10 28.29 -4.42
C LEU E 1052 -14.89 28.27 -5.73
N ASP E 1053 -14.79 29.34 -6.50
CA ASP E 1053 -15.60 29.50 -7.70
C ASP E 1053 -14.86 29.02 -8.94
N ILE E 1054 -14.08 27.95 -8.76
CA ILE E 1054 -13.27 27.38 -9.82
C ILE E 1054 -14.18 26.81 -10.90
N ALA E 1055 -13.80 27.01 -12.16
CA ALA E 1055 -14.64 26.61 -13.28
C ALA E 1055 -13.76 26.39 -14.49
N VAL E 1056 -14.34 25.78 -15.52
CA VAL E 1056 -13.64 25.52 -16.77
C VAL E 1056 -14.26 26.39 -17.85
N TYR E 1057 -13.42 26.96 -18.69
CA TYR E 1057 -13.85 27.97 -19.63
C TYR E 1057 -13.42 27.61 -21.05
N LYS E 1058 -14.24 28.03 -22.01
CA LYS E 1058 -13.92 27.93 -23.43
C LYS E 1058 -13.70 29.34 -23.96
N ALA E 1059 -12.55 29.56 -24.58
CA ALA E 1059 -12.22 30.92 -24.99
C ALA E 1059 -13.12 31.33 -26.14
N SER E 1060 -13.39 32.63 -26.23
CA SER E 1060 -14.22 33.12 -27.30
C SER E 1060 -13.42 33.17 -28.59
N THR E 1061 -14.06 32.83 -29.70
CA THR E 1061 -13.36 32.80 -30.97
C THR E 1061 -13.22 34.20 -31.55
N GLU E 1062 -14.31 34.93 -31.70
CA GLU E 1062 -14.26 36.26 -32.29
C GLU E 1062 -13.88 37.29 -31.23
N ASP E 1063 -13.96 38.56 -31.61
CA ASP E 1063 -13.45 39.65 -30.77
C ASP E 1063 -14.45 39.99 -29.66
N TYR E 1064 -15.65 40.42 -30.06
CA TYR E 1064 -16.63 40.99 -29.14
C TYR E 1064 -17.55 39.90 -28.60
N GLU E 1065 -16.93 38.89 -28.00
CA GLU E 1065 -17.66 37.84 -27.31
C GLU E 1065 -16.95 37.51 -26.01
N GLU E 1066 -17.73 37.05 -25.04
CA GLU E 1066 -17.21 36.67 -23.72
C GLU E 1066 -16.89 35.19 -23.70
N ASP E 1067 -15.90 34.83 -22.89
CA ASP E 1067 -15.56 33.42 -22.73
C ASP E 1067 -16.72 32.71 -22.03
N LYS E 1068 -16.98 31.48 -22.46
CA LYS E 1068 -18.17 30.75 -22.05
C LYS E 1068 -17.79 29.63 -21.09
N GLU E 1069 -18.48 29.56 -19.95
CA GLU E 1069 -18.18 28.56 -18.96
C GLU E 1069 -18.75 27.23 -19.42
N VAL E 1070 -17.91 26.21 -19.43
CA VAL E 1070 -18.27 24.90 -19.96
C VAL E 1070 -18.81 24.04 -18.84
N ASP E 1071 -19.90 23.34 -19.10
CA ASP E 1071 -20.53 22.48 -18.12
C ASP E 1071 -19.99 21.07 -18.29
N LEU E 1072 -19.12 20.65 -17.38
CA LEU E 1072 -18.54 19.31 -17.47
C LEU E 1072 -19.56 18.27 -17.05
N MET E 1073 -20.39 18.60 -16.07
CA MET E 1073 -21.30 17.65 -15.46
C MET E 1073 -22.56 17.51 -16.31
N ALA E 1074 -22.37 17.21 -17.59
CA ALA E 1074 -23.48 17.04 -18.52
C ALA E 1074 -23.06 16.18 -19.70
N GLU F 5 -11.82 22.26 -30.95
CA GLU F 5 -11.59 20.82 -30.98
C GLU F 5 -11.57 20.26 -29.57
N GLN F 6 -11.31 21.13 -28.60
CA GLN F 6 -11.31 20.77 -27.19
C GLN F 6 -12.43 21.51 -26.49
N ARG F 7 -13.08 20.84 -25.53
CA ARG F 7 -14.25 21.40 -24.88
C ARG F 7 -13.91 22.67 -24.11
N PHE F 8 -12.88 22.63 -23.30
CA PHE F 8 -12.49 23.79 -22.50
C PHE F 8 -11.01 24.08 -22.66
N ASP F 9 -10.64 25.35 -22.52
CA ASP F 9 -9.29 25.82 -22.72
C ASP F 9 -8.54 26.08 -21.41
N TYR F 10 -9.13 26.85 -20.50
CA TYR F 10 -8.44 27.20 -19.27
C TYR F 10 -9.35 27.02 -18.06
N VAL F 11 -8.73 26.75 -16.92
CA VAL F 11 -9.41 26.61 -15.64
C VAL F 11 -9.16 27.87 -14.82
N LYS F 12 -10.23 28.57 -14.45
CA LYS F 12 -10.16 29.81 -13.69
C LYS F 12 -10.74 29.60 -12.30
N ILE F 13 -10.05 30.11 -11.28
CA ILE F 13 -10.49 30.00 -9.89
C ILE F 13 -10.57 31.39 -9.29
N ALA F 14 -11.68 31.68 -8.62
CA ALA F 14 -11.91 32.99 -8.02
C ALA F 14 -12.59 32.83 -6.67
N LEU F 15 -12.71 33.94 -5.96
CA LEU F 15 -13.37 33.96 -4.67
C LEU F 15 -14.88 33.86 -4.88
N ALA F 16 -15.51 32.91 -4.22
CA ALA F 16 -16.93 32.65 -4.42
C ALA F 16 -17.80 33.65 -3.68
N SER F 17 -18.70 34.29 -4.40
CA SER F 17 -19.68 35.19 -3.80
C SER F 17 -20.90 34.38 -3.37
N PRO F 18 -21.66 34.87 -2.39
CA PRO F 18 -22.88 34.15 -1.99
C PRO F 18 -23.88 33.97 -3.11
N GLU F 19 -23.94 34.91 -4.05
CA GLU F 19 -24.81 34.77 -5.20
C GLU F 19 -24.42 33.56 -6.04
N ARG F 20 -23.11 33.35 -6.23
CA ARG F 20 -22.67 32.18 -6.96
C ARG F 20 -23.00 30.89 -6.24
N ILE F 21 -22.84 30.86 -4.91
CA ILE F 21 -23.17 29.65 -4.17
C ILE F 21 -24.65 29.34 -4.28
N ARG F 22 -25.49 30.37 -4.19
CA ARG F 22 -26.91 30.16 -4.35
C ARG F 22 -27.22 29.68 -5.76
N GLN F 23 -26.55 30.24 -6.76
CA GLN F 23 -26.80 29.78 -8.13
C GLN F 23 -26.42 28.32 -8.27
N TRP F 24 -25.30 27.92 -7.66
CA TRP F 24 -24.88 26.53 -7.68
C TRP F 24 -25.94 25.62 -7.08
N GLY F 25 -26.69 26.11 -6.10
CA GLY F 25 -27.56 25.19 -5.41
C GLY F 25 -29.03 25.38 -5.64
N GLU F 26 -29.42 26.57 -6.10
CA GLU F 26 -30.84 26.89 -6.27
C GLU F 26 -31.29 26.52 -7.68
N ARG F 27 -32.26 25.61 -7.77
CA ARG F 27 -32.87 25.25 -9.04
C ARG F 27 -34.38 25.35 -8.89
N THR F 28 -35.03 25.87 -9.91
CA THR F 28 -36.46 26.12 -9.85
C THR F 28 -37.23 24.89 -10.32
N LEU F 29 -38.49 24.82 -9.90
CA LEU F 29 -39.39 23.73 -10.27
C LEU F 29 -40.49 24.25 -11.20
N PRO F 30 -41.11 23.36 -11.97
CA PRO F 30 -42.22 23.78 -12.83
C PRO F 30 -43.35 24.44 -12.07
N ASN F 31 -43.57 24.01 -10.82
CA ASN F 31 -44.61 24.61 -9.99
C ASN F 31 -44.29 26.04 -9.62
N GLY F 32 -43.05 26.48 -9.83
CA GLY F 32 -42.60 27.81 -9.46
C GLY F 32 -41.80 27.82 -8.18
N GLN F 33 -41.89 26.77 -7.38
CA GLN F 33 -41.10 26.65 -6.18
C GLN F 33 -39.63 26.46 -6.52
N VAL F 34 -38.76 27.15 -5.78
CA VAL F 34 -37.31 27.03 -5.94
C VAL F 34 -36.80 26.10 -4.85
N VAL F 35 -35.87 25.23 -5.22
CA VAL F 35 -35.31 24.27 -4.27
C VAL F 35 -33.79 24.37 -4.29
N GLY F 36 -33.18 23.86 -3.23
CA GLY F 36 -31.73 23.88 -3.15
C GLY F 36 -31.17 24.26 -1.80
N GLU F 37 -32.03 24.47 -0.82
CA GLU F 37 -31.60 24.83 0.53
C GLU F 37 -31.84 23.65 1.46
N VAL F 38 -30.77 23.16 2.07
CA VAL F 38 -30.86 22.07 3.02
C VAL F 38 -31.25 22.67 4.38
N THR F 39 -32.42 22.28 4.89
CA THR F 39 -32.94 22.86 6.11
C THR F 39 -32.95 21.92 7.31
N LYS F 40 -32.95 20.60 7.09
CA LYS F 40 -33.00 19.66 8.20
C LYS F 40 -31.76 18.78 8.26
N PRO F 41 -31.26 18.47 9.43
CA PRO F 41 -30.08 17.60 9.56
C PRO F 41 -30.45 16.12 9.59
N GLU F 42 -31.27 15.69 8.64
CA GLU F 42 -31.75 14.32 8.57
C GLU F 42 -31.21 13.68 7.30
N THR F 43 -30.68 12.47 7.42
CA THR F 43 -30.07 11.78 6.31
C THR F 43 -31.01 10.82 5.62
N ILE F 44 -31.55 9.86 6.36
CA ILE F 44 -32.40 8.81 5.79
C ILE F 44 -33.35 8.31 6.87
N ASN F 45 -34.45 7.73 6.43
CA ASN F 45 -35.44 7.18 7.36
C ASN F 45 -34.97 5.81 7.85
N TYR F 46 -35.17 5.55 9.13
CA TYR F 46 -34.64 4.32 9.71
C TYR F 46 -35.39 3.10 9.21
N ARG F 47 -36.68 3.23 8.95
CA ARG F 47 -37.49 2.08 8.56
C ARG F 47 -37.55 1.91 7.05
N THR F 48 -37.86 2.96 6.31
CA THR F 48 -37.97 2.82 4.87
C THR F 48 -36.64 2.92 4.16
N LEU F 49 -35.58 3.33 4.85
CA LEU F 49 -34.27 3.54 4.25
C LEU F 49 -34.36 4.43 3.02
N LYS F 50 -35.20 5.46 3.13
CA LYS F 50 -35.49 6.39 2.07
C LYS F 50 -35.12 7.79 2.54
N PRO F 51 -34.46 8.58 1.69
CA PRO F 51 -34.01 9.90 2.13
C PRO F 51 -35.16 10.80 2.55
N GLU F 52 -34.87 11.69 3.49
CA GLU F 52 -35.86 12.63 3.98
C GLU F 52 -36.09 13.71 2.94
N MET F 53 -36.98 14.65 3.25
CA MET F 53 -37.38 15.61 2.24
C MET F 53 -36.59 16.91 2.23
N ASP F 54 -36.07 17.36 3.37
CA ASP F 54 -35.30 18.59 3.40
C ASP F 54 -34.00 18.37 4.14
N GLY F 55 -33.38 17.22 3.94
CA GLY F 55 -32.20 16.84 4.64
C GLY F 55 -30.96 16.85 3.77
N LEU F 56 -29.93 16.15 4.24
CA LEU F 56 -28.65 16.08 3.55
C LEU F 56 -28.67 15.13 2.35
N PHE F 57 -29.70 14.31 2.21
CA PHE F 57 -29.80 13.38 1.10
C PHE F 57 -31.12 13.52 0.37
N CYS F 58 -31.70 14.71 0.41
CA CYS F 58 -33.03 14.90 -0.15
C CYS F 58 -33.05 14.61 -1.64
N GLU F 59 -34.18 14.08 -2.11
CA GLU F 59 -34.36 13.79 -3.52
C GLU F 59 -34.93 14.97 -4.29
N LYS F 60 -35.62 15.87 -3.59
CA LYS F 60 -36.14 17.07 -4.20
C LYS F 60 -35.04 18.09 -4.49
N ILE F 61 -33.89 17.96 -3.83
CA ILE F 61 -32.77 18.89 -4.00
C ILE F 61 -31.67 18.26 -4.85
N PHE F 62 -31.22 17.07 -4.49
CA PHE F 62 -30.08 16.44 -5.15
C PHE F 62 -30.47 15.57 -6.33
N GLY F 63 -31.63 14.92 -6.27
CA GLY F 63 -32.06 14.07 -7.35
C GLY F 63 -32.64 12.76 -6.85
N PRO F 64 -33.37 12.08 -7.71
CA PRO F 64 -34.02 10.83 -7.29
C PRO F 64 -33.02 9.77 -6.88
N ALA F 65 -33.38 9.02 -5.83
CA ALA F 65 -32.51 7.94 -5.38
C ALA F 65 -32.41 6.85 -6.43
N LYS F 66 -33.52 6.51 -7.07
CA LYS F 66 -33.56 5.52 -8.13
C LYS F 66 -33.86 6.22 -9.44
N ASP F 67 -33.07 5.91 -10.46
CA ASP F 67 -33.25 6.56 -11.76
C ASP F 67 -34.61 6.23 -12.34
N TRP F 68 -35.27 7.25 -12.89
CA TRP F 68 -36.60 7.12 -13.49
C TRP F 68 -37.59 6.50 -12.53
N GLU F 69 -37.61 7.01 -11.31
CA GLU F 69 -38.57 6.57 -10.31
C GLU F 69 -38.75 7.72 -9.34
N CYS F 70 -40.01 7.99 -9.00
CA CYS F 70 -40.32 9.12 -8.14
C CYS F 70 -40.17 8.72 -6.68
N HIS F 71 -40.06 9.73 -5.82
CA HIS F 71 -39.91 9.46 -4.39
C HIS F 71 -41.14 8.79 -3.81
N CYS F 72 -42.33 9.26 -4.15
CA CYS F 72 -43.55 8.68 -3.64
C CYS F 72 -44.00 7.44 -4.40
N GLY F 73 -43.42 7.16 -5.55
CA GLY F 73 -43.82 6.03 -6.35
C GLY F 73 -44.93 6.31 -7.34
N LYS F 74 -45.26 7.59 -7.56
CA LYS F 74 -46.29 7.91 -8.54
C LYS F 74 -45.81 7.64 -9.96
N TYR F 75 -44.54 7.94 -10.24
CA TYR F 75 -43.99 7.78 -11.58
C TYR F 75 -42.85 6.78 -11.52
N LYS F 76 -42.86 5.83 -12.45
CA LYS F 76 -41.83 4.82 -12.58
C LYS F 76 -41.63 4.54 -14.07
N ARG F 77 -40.47 3.97 -14.39
CA ARG F 77 -40.09 3.58 -15.75
C ARG F 77 -39.54 4.79 -16.49
N VAL F 78 -38.80 4.54 -17.58
CA VAL F 78 -38.18 5.64 -18.32
C VAL F 78 -39.24 6.53 -18.96
N ARG F 79 -40.33 5.92 -19.43
CA ARG F 79 -41.44 6.61 -20.09
C ARG F 79 -41.68 8.00 -19.54
N HIS F 80 -41.51 8.17 -18.23
CA HIS F 80 -41.74 9.46 -17.58
C HIS F 80 -40.38 10.16 -17.44
N ARG F 81 -39.97 10.84 -18.51
CA ARG F 81 -38.75 11.63 -18.50
C ARG F 81 -39.05 13.11 -18.39
N GLY F 82 -38.39 13.78 -17.45
CA GLY F 82 -38.62 15.21 -17.27
C GLY F 82 -39.95 15.55 -16.65
N ILE F 83 -40.56 14.62 -15.95
CA ILE F 83 -41.87 14.80 -15.33
C ILE F 83 -41.66 14.97 -13.84
N VAL F 84 -41.65 16.20 -13.36
CA VAL F 84 -41.53 16.42 -11.93
C VAL F 84 -42.86 16.03 -11.29
N CYS F 85 -42.79 15.17 -10.27
CA CYS F 85 -44.03 14.70 -9.65
C CYS F 85 -44.76 15.87 -9.00
N GLU F 86 -46.02 15.60 -8.65
CA GLU F 86 -46.83 16.60 -7.98
C GLU F 86 -46.99 16.32 -6.50
N ARG F 87 -47.11 15.05 -6.12
CA ARG F 87 -47.29 14.71 -4.71
C ARG F 87 -46.05 15.07 -3.88
N CYS F 88 -44.85 14.84 -4.43
CA CYS F 88 -43.62 15.13 -3.70
C CYS F 88 -42.65 16.00 -4.47
N GLY F 89 -42.91 16.30 -5.73
CA GLY F 89 -42.07 17.23 -6.47
C GLY F 89 -40.66 16.76 -6.72
N VAL F 90 -40.48 15.50 -7.03
CA VAL F 90 -39.17 14.97 -7.37
C VAL F 90 -39.09 14.80 -8.87
N GLU F 91 -37.94 15.09 -9.44
CA GLU F 91 -37.77 15.03 -10.88
C GLU F 91 -37.41 13.60 -11.28
N VAL F 92 -38.26 12.98 -12.10
CA VAL F 92 -38.05 11.61 -12.51
C VAL F 92 -36.98 11.64 -13.60
N THR F 93 -35.74 11.33 -13.22
CA THR F 93 -34.61 11.34 -14.13
C THR F 93 -33.60 10.30 -13.67
N GLU F 94 -32.40 10.38 -14.22
CA GLU F 94 -31.34 9.47 -13.81
C GLU F 94 -30.80 9.81 -12.43
N SER F 95 -30.46 8.78 -11.66
CA SER F 95 -29.91 8.99 -10.33
C SER F 95 -28.50 9.57 -10.36
N ARG F 96 -27.85 9.56 -11.53
CA ARG F 96 -26.51 10.09 -11.62
C ARG F 96 -26.44 11.55 -11.20
N VAL F 97 -27.54 12.30 -11.37
CA VAL F 97 -27.55 13.70 -10.98
C VAL F 97 -27.34 13.88 -9.49
N ARG F 98 -27.45 12.80 -8.71
CA ARG F 98 -27.16 12.90 -7.29
C ARG F 98 -25.67 13.12 -7.01
N ARG F 99 -24.81 12.98 -8.02
CA ARG F 99 -23.40 13.29 -7.84
C ARG F 99 -22.97 14.53 -8.60
N HIS F 100 -23.91 15.37 -9.00
CA HIS F 100 -23.54 16.63 -9.64
C HIS F 100 -24.18 17.83 -8.98
N ARG F 101 -25.42 17.72 -8.52
CA ARG F 101 -26.11 18.81 -7.85
C ARG F 101 -25.63 19.01 -6.43
N MET F 102 -25.63 20.27 -6.00
CA MET F 102 -25.02 20.68 -4.75
C MET F 102 -26.02 21.11 -3.69
N GLY F 103 -26.89 22.07 -3.98
CA GLY F 103 -27.69 22.64 -2.91
C GLY F 103 -26.87 23.48 -1.96
N PHE F 104 -27.51 24.31 -1.16
CA PHE F 104 -26.77 25.20 -0.26
C PHE F 104 -27.43 25.23 1.11
N ILE F 105 -26.72 25.84 2.06
CA ILE F 105 -27.22 26.06 3.41
C ILE F 105 -27.11 27.55 3.72
N LYS F 106 -28.22 28.16 4.09
CA LYS F 106 -28.24 29.56 4.46
C LYS F 106 -28.01 29.71 5.96
N LEU F 107 -27.09 30.60 6.34
CA LEU F 107 -26.68 30.76 7.72
C LEU F 107 -27.43 31.89 8.41
N ALA F 108 -27.84 31.65 9.66
CA ALA F 108 -28.51 32.69 10.43
C ALA F 108 -27.57 33.86 10.68
N ALA F 109 -26.31 33.58 10.98
CA ALA F 109 -25.29 34.59 11.17
C ALA F 109 -24.09 34.32 10.29
N PRO F 110 -23.43 35.36 9.80
CA PRO F 110 -22.25 35.15 8.95
C PRO F 110 -21.10 34.52 9.72
N VAL F 111 -20.30 33.73 9.01
CA VAL F 111 -19.11 33.11 9.56
C VAL F 111 -17.93 33.50 8.70
N ALA F 112 -16.72 33.17 9.18
CA ALA F 112 -15.50 33.51 8.49
C ALA F 112 -14.91 32.24 7.89
N HIS F 113 -14.46 32.34 6.64
CA HIS F 113 -13.82 31.21 6.01
C HIS F 113 -12.45 31.02 6.64
N VAL F 114 -12.23 29.84 7.21
CA VAL F 114 -11.04 29.65 8.02
C VAL F 114 -9.79 29.76 7.16
N TRP F 115 -9.91 29.49 5.86
CA TRP F 115 -8.75 29.60 4.98
C TRP F 115 -8.24 31.03 4.91
N TYR F 116 -9.14 32.01 4.80
CA TYR F 116 -8.73 33.40 4.78
C TYR F 116 -8.49 33.98 6.17
N LEU F 117 -8.81 33.24 7.23
CA LEU F 117 -8.56 33.69 8.60
C LEU F 117 -7.24 33.11 9.11
N LYS F 118 -7.12 31.79 9.12
CA LYS F 118 -5.95 31.09 9.62
C LYS F 118 -5.13 30.58 8.44
N GLY F 119 -4.26 31.43 7.93
CA GLY F 119 -3.34 31.06 6.87
C GLY F 119 -1.95 31.61 7.16
N ILE F 120 -0.97 31.13 6.41
CA ILE F 120 0.37 31.67 6.53
C ILE F 120 0.36 33.15 6.17
N PRO F 121 -0.19 33.57 5.03
CA PRO F 121 -0.62 34.97 4.94
C PRO F 121 -2.08 35.03 5.34
N SER F 122 -2.43 35.87 6.31
CA SER F 122 -3.81 36.00 6.75
C SER F 122 -4.43 37.15 5.96
N TYR F 123 -5.17 36.79 4.90
CA TYR F 123 -5.69 37.81 4.00
C TYR F 123 -6.67 38.74 4.70
N ILE F 124 -7.50 38.23 5.60
CA ILE F 124 -8.38 39.11 6.35
C ILE F 124 -7.54 40.08 7.18
N ALA F 125 -6.52 39.56 7.86
CA ALA F 125 -5.67 40.43 8.66
C ALA F 125 -4.90 41.41 7.81
N ILE F 126 -4.37 40.97 6.67
CA ILE F 126 -3.60 41.87 5.80
C ILE F 126 -4.48 42.99 5.26
N LEU F 127 -5.67 42.64 4.78
CA LEU F 127 -6.57 43.67 4.27
C LEU F 127 -7.00 44.64 5.37
N LEU F 128 -7.34 44.11 6.54
CA LEU F 128 -7.77 44.99 7.62
C LEU F 128 -6.62 45.66 8.33
N ASP F 129 -5.39 45.28 8.02
CA ASP F 129 -4.19 45.84 8.66
C ASP F 129 -4.28 45.70 10.17
N MET F 130 -4.67 44.51 10.60
CA MET F 130 -4.82 44.18 12.01
C MET F 130 -4.06 42.91 12.31
N PRO F 131 -3.54 42.75 13.51
CA PRO F 131 -2.89 41.50 13.87
C PRO F 131 -3.88 40.36 13.88
N LEU F 132 -3.37 39.15 13.61
CA LEU F 132 -4.25 37.99 13.49
C LEU F 132 -4.97 37.71 14.79
N ARG F 133 -4.31 37.95 15.93
CA ARG F 133 -4.94 37.67 17.22
C ARG F 133 -6.18 38.52 17.42
N ASP F 134 -6.12 39.80 17.06
CA ASP F 134 -7.28 40.67 17.18
C ASP F 134 -8.44 40.19 16.31
N VAL F 135 -8.14 39.82 15.07
CA VAL F 135 -9.19 39.35 14.18
C VAL F 135 -9.82 38.08 14.72
N GLU F 136 -9.01 37.15 15.22
CA GLU F 136 -9.57 35.93 15.78
C GLU F 136 -10.43 36.21 17.01
N GLN F 137 -9.97 37.13 17.88
CA GLN F 137 -10.77 37.46 19.05
C GLN F 137 -12.11 38.06 18.67
N ILE F 138 -12.12 38.96 17.69
CA ILE F 138 -13.38 39.53 17.24
C ILE F 138 -14.27 38.45 16.66
N VAL F 139 -13.69 37.54 15.87
CA VAL F 139 -14.48 36.48 15.22
C VAL F 139 -15.09 35.54 16.25
N TYR F 140 -14.31 35.14 17.24
CA TYR F 140 -14.76 34.13 18.19
C TYR F 140 -15.37 34.74 19.44
N PHE F 141 -15.76 36.02 19.38
CA PHE F 141 -16.56 36.65 20.42
C PHE F 141 -15.78 36.74 21.74
N ASN F 142 -14.56 37.28 21.64
CA ASN F 142 -13.75 37.56 22.80
C ASN F 142 -13.47 39.03 23.00
N SER F 143 -13.82 39.88 22.04
CA SER F 143 -13.59 41.30 22.16
C SER F 143 -14.50 42.02 21.17
N TYR F 144 -14.83 43.26 21.50
CA TYR F 144 -15.60 44.09 20.59
C TYR F 144 -14.64 44.90 19.72
N VAL F 145 -15.20 45.50 18.67
CA VAL F 145 -14.44 46.37 17.79
C VAL F 145 -15.25 47.62 17.52
N VAL F 146 -14.57 48.76 17.49
CA VAL F 146 -15.23 50.04 17.28
C VAL F 146 -15.50 50.21 15.80
N LEU F 147 -16.68 49.81 15.35
CA LEU F 147 -17.01 49.99 13.94
C LEU F 147 -17.12 51.46 13.57
N ASN F 148 -17.36 52.33 14.53
CA ASN F 148 -17.43 53.76 14.28
C ASN F 148 -17.02 54.50 15.55
N PRO F 149 -15.92 55.26 15.51
CA PRO F 149 -15.52 56.03 16.69
C PRO F 149 -16.59 57.04 17.08
N GLY F 150 -17.38 57.50 16.14
CA GLY F 150 -18.47 58.40 16.46
C GLY F 150 -18.02 59.76 16.96
N ASN F 151 -18.26 60.02 18.23
CA ASN F 151 -17.93 61.30 18.83
C ASN F 151 -17.03 61.15 20.05
N HIS F 152 -16.70 59.92 20.45
CA HIS F 152 -15.85 59.71 21.60
C HIS F 152 -14.44 60.20 21.32
N SER F 153 -13.72 60.50 22.40
CA SER F 153 -12.38 61.07 22.27
C SER F 153 -11.29 60.02 22.35
N GLU F 154 -11.46 59.01 23.19
CA GLU F 154 -10.45 57.97 23.40
C GLU F 154 -10.71 56.72 22.58
N LEU F 155 -11.73 56.72 21.72
CA LEU F 155 -12.05 55.57 20.89
C LEU F 155 -11.56 55.80 19.47
N GLN F 156 -10.86 54.81 18.93
CA GLN F 156 -10.33 54.87 17.59
C GLN F 156 -10.99 53.81 16.72
N TYR F 157 -11.04 54.08 15.42
CA TYR F 157 -11.62 53.12 14.50
C TYR F 157 -10.83 51.82 14.54
N LYS F 158 -11.55 50.70 14.56
CA LYS F 158 -10.96 49.38 14.59
C LYS F 158 -10.14 49.15 15.86
N GLN F 159 -10.69 49.55 17.01
CA GLN F 159 -10.04 49.34 18.29
C GLN F 159 -10.76 48.24 19.05
N LEU F 160 -9.98 47.33 19.64
CA LEU F 160 -10.54 46.24 20.42
C LEU F 160 -11.02 46.72 21.78
N LEU F 161 -12.24 46.34 22.14
CA LEU F 161 -12.83 46.69 23.42
C LEU F 161 -13.16 45.43 24.19
N ASN F 162 -12.65 45.33 25.41
CA ASN F 162 -13.00 44.23 26.30
C ASN F 162 -14.44 44.40 26.78
N GLU F 163 -14.96 43.35 27.41
CA GLU F 163 -16.33 43.41 27.92
C GLU F 163 -16.49 44.51 28.96
N ASP F 164 -15.54 44.61 29.90
CA ASP F 164 -15.60 45.67 30.89
C ASP F 164 -15.48 47.04 30.26
N GLN F 165 -14.60 47.18 29.27
CA GLN F 165 -14.46 48.45 28.58
C GLN F 165 -15.74 48.82 27.86
N TRP F 166 -16.39 47.85 27.23
CA TRP F 166 -17.65 48.13 26.55
C TRP F 166 -18.74 48.50 27.55
N MET F 167 -18.74 47.86 28.73
CA MET F 167 -19.70 48.24 29.76
C MET F 167 -19.47 49.67 30.22
N GLU F 168 -18.21 50.06 30.38
CA GLU F 168 -17.90 51.44 30.75
C GLU F 168 -18.37 52.40 29.67
N ILE F 169 -18.16 52.03 28.40
CA ILE F 169 -18.62 52.87 27.30
C ILE F 169 -20.14 52.98 27.33
N GLU F 170 -20.82 51.87 27.62
CA GLU F 170 -22.27 51.87 27.74
C GLU F 170 -22.73 52.82 28.84
N ASP F 171 -22.03 52.80 29.98
CA ASP F 171 -22.38 53.70 31.06
C ASP F 171 -22.19 55.15 30.59
N GLN F 172 -21.11 55.41 29.87
CA GLN F 172 -20.85 56.75 29.35
C GLN F 172 -21.92 57.19 28.37
N ILE F 173 -22.35 56.28 27.49
CA ILE F 173 -23.29 56.65 26.44
C ILE F 173 -24.70 56.76 27.00
N TYR F 174 -25.00 56.07 28.10
CA TYR F 174 -26.33 56.17 28.68
C TYR F 174 -26.38 57.18 29.83
N ALA F 175 -25.36 58.03 29.97
CA ALA F 175 -25.42 59.13 30.92
C ALA F 175 -26.25 60.29 30.40
N GLU F 176 -27.07 60.85 31.30
CA GLU F 176 -28.00 61.92 30.93
C GLU F 176 -27.29 63.15 30.38
N GLU F 177 -26.02 63.34 30.72
CA GLU F 177 -25.24 64.50 30.30
C GLU F 177 -24.30 64.20 29.14
N SER F 178 -24.39 63.03 28.51
CA SER F 178 -23.43 62.66 27.48
C SER F 178 -23.81 63.29 26.14
N ASP F 179 -22.88 64.05 25.58
CA ASP F 179 -22.94 64.52 24.20
C ASP F 179 -22.47 63.48 23.20
N LEU F 180 -22.22 62.27 23.67
CA LEU F 180 -21.62 61.21 22.86
C LEU F 180 -22.68 60.67 21.90
N GLU F 181 -22.43 60.80 20.60
CA GLU F 181 -23.37 60.34 19.60
C GLU F 181 -22.64 59.58 18.51
N GLY F 182 -23.31 58.58 17.96
CA GLY F 182 -22.84 57.88 16.78
C GLY F 182 -21.76 56.85 16.99
N ILE F 183 -21.56 56.36 18.21
CA ILE F 183 -20.58 55.31 18.44
C ILE F 183 -21.22 53.96 18.18
N GLU F 184 -20.50 53.10 17.45
CA GLU F 184 -20.98 51.77 17.10
C GLU F 184 -19.90 50.74 17.40
N VAL F 185 -20.29 49.61 17.97
CA VAL F 185 -19.35 48.52 18.20
C VAL F 185 -19.96 47.24 17.66
N GLY F 186 -19.10 46.28 17.38
CA GLY F 186 -19.55 45.00 16.87
C GLY F 186 -18.69 43.87 17.35
N ILE F 187 -19.25 42.67 17.33
CA ILE F 187 -18.55 41.47 17.75
C ILE F 187 -18.96 40.33 16.84
N GLY F 188 -18.02 39.47 16.50
CA GLY F 188 -18.28 38.34 15.64
C GLY F 188 -17.83 38.57 14.21
N ALA F 189 -18.24 37.65 13.34
CA ALA F 189 -17.93 37.77 11.93
C ALA F 189 -18.74 38.86 11.26
N GLU F 190 -19.86 39.27 11.86
CA GLU F 190 -20.61 40.40 11.30
C GLU F 190 -19.82 41.68 11.38
N ALA F 191 -19.06 41.87 12.45
CA ALA F 191 -18.20 43.03 12.54
C ALA F 191 -17.12 43.00 11.47
N LEU F 192 -16.55 41.82 11.22
CA LEU F 192 -15.55 41.69 10.17
C LEU F 192 -16.16 41.98 8.81
N GLN F 193 -17.39 41.54 8.58
CA GLN F 193 -18.03 41.82 7.32
C GLN F 193 -18.23 43.32 7.14
N GLN F 194 -18.62 44.02 8.21
CA GLN F 194 -18.79 45.46 8.13
C GLN F 194 -17.46 46.15 7.85
N LEU F 195 -16.39 45.71 8.50
CA LEU F 195 -15.08 46.30 8.24
C LEU F 195 -14.62 46.05 6.80
N LEU F 196 -14.88 44.85 6.29
CA LEU F 196 -14.49 44.54 4.91
C LEU F 196 -15.32 45.33 3.92
N GLN F 197 -16.59 45.60 4.22
CA GLN F 197 -17.39 46.44 3.36
C GLN F 197 -16.97 47.90 3.43
N ASP F 198 -16.34 48.31 4.53
CA ASP F 198 -15.89 49.69 4.65
C ASP F 198 -14.74 50.01 3.70
N LEU F 199 -13.85 49.06 3.46
CA LEU F 199 -12.66 49.29 2.65
C LEU F 199 -12.99 49.79 1.25
N ASN F 200 -12.45 50.96 0.90
CA ASN F 200 -12.51 51.48 -0.45
C ASN F 200 -11.15 51.16 -1.08
N LEU F 201 -11.15 50.18 -1.98
CA LEU F 201 -9.88 49.65 -2.49
C LEU F 201 -9.07 50.69 -3.25
N ASN F 202 -9.73 51.54 -4.03
CA ASN F 202 -8.98 52.53 -4.82
C ASN F 202 -8.24 53.51 -3.92
N GLU F 203 -8.93 54.03 -2.91
CA GLU F 203 -8.28 54.99 -2.01
C GLU F 203 -7.20 54.30 -1.19
N GLU F 204 -7.44 53.07 -0.74
CA GLU F 204 -6.42 52.36 0.00
C GLU F 204 -5.19 52.12 -0.87
N SER F 205 -5.40 51.80 -2.14
CA SER F 205 -4.30 51.60 -3.07
C SER F 205 -3.49 52.86 -3.25
N GLU F 206 -4.16 53.99 -3.47
CA GLU F 206 -3.45 55.25 -3.66
C GLU F 206 -2.66 55.64 -2.43
N LYS F 207 -3.29 55.52 -1.25
CA LYS F 207 -2.60 55.86 -0.01
C LYS F 207 -1.40 54.96 0.22
N LEU F 208 -1.56 53.67 -0.02
CA LEU F 208 -0.46 52.72 0.17
C LEU F 208 0.67 52.99 -0.81
N ARG F 209 0.35 53.33 -2.05
CA ARG F 209 1.40 53.65 -3.01
C ARG F 209 2.17 54.89 -2.58
N GLN F 210 1.46 55.92 -2.15
CA GLN F 210 2.14 57.14 -1.70
C GLN F 210 3.01 56.86 -0.48
N GLU F 211 2.52 56.03 0.44
CA GLU F 211 3.31 55.70 1.62
C GLU F 211 4.50 54.82 1.27
N ILE F 212 4.35 53.94 0.28
CA ILE F 212 5.44 53.08 -0.13
C ILE F 212 6.55 53.89 -0.75
N ALA F 213 6.19 54.93 -1.51
CA ALA F 213 7.21 55.80 -2.09
C ALA F 213 8.12 56.39 -1.02
N GLU F 214 7.55 56.88 0.07
CA GLU F 214 8.32 57.41 1.19
C GLU F 214 8.48 56.37 2.30
N SER F 215 9.07 55.23 1.96
CA SER F 215 9.25 54.18 2.97
C SER F 215 10.39 53.26 2.56
N LYS F 216 10.84 52.48 3.53
CA LYS F 216 11.91 51.50 3.32
C LYS F 216 11.89 50.51 4.47
N GLY F 217 12.66 49.43 4.31
CA GLY F 217 12.76 48.42 5.35
C GLY F 217 11.52 47.56 5.45
N GLN F 218 11.30 47.00 6.64
CA GLN F 218 10.16 46.12 6.85
C GLN F 218 8.84 46.84 6.65
N LYS F 219 8.79 48.14 6.95
CA LYS F 219 7.57 48.90 6.73
C LYS F 219 7.21 48.88 5.26
N ARG F 220 8.22 49.02 4.40
CA ARG F 220 7.96 48.99 2.98
C ARG F 220 7.46 47.62 2.55
N ALA F 221 8.05 46.55 3.12
CA ALA F 221 7.66 45.21 2.70
C ALA F 221 6.22 44.93 3.07
N LYS F 222 5.82 45.30 4.30
CA LYS F 222 4.43 45.09 4.72
C LYS F 222 3.47 45.90 3.88
N LEU F 223 3.80 47.17 3.61
CA LEU F 223 2.91 47.94 2.74
C LEU F 223 2.87 47.38 1.32
N ILE F 224 3.98 46.81 0.86
CA ILE F 224 4.00 46.14 -0.44
C ILE F 224 3.04 44.97 -0.45
N LYS F 225 3.06 44.16 0.60
CA LYS F 225 2.15 43.02 0.65
C LYS F 225 0.69 43.47 0.69
N ARG F 226 0.40 44.50 1.48
CA ARG F 226 -0.97 45.02 1.51
C ARG F 226 -1.38 45.51 0.13
N LEU F 227 -0.50 46.25 -0.54
CA LEU F 227 -0.81 46.76 -1.87
C LEU F 227 -1.00 45.64 -2.86
N ARG F 228 -0.20 44.58 -2.77
CA ARG F 228 -0.36 43.45 -3.68
C ARG F 228 -1.73 42.80 -3.51
N VAL F 229 -2.14 42.58 -2.26
CA VAL F 229 -3.45 41.97 -2.04
C VAL F 229 -4.56 42.89 -2.53
N ILE F 230 -4.45 44.18 -2.23
CA ILE F 230 -5.49 45.14 -2.64
C ILE F 230 -5.58 45.22 -4.15
N ASP F 231 -4.43 45.24 -4.83
CA ASP F 231 -4.44 45.31 -6.29
C ASP F 231 -4.99 44.04 -6.89
N ASN F 232 -4.73 42.90 -6.26
CA ASN F 232 -5.34 41.66 -6.72
C ASN F 232 -6.85 41.72 -6.63
N PHE F 233 -7.36 42.26 -5.53
CA PHE F 233 -8.80 42.42 -5.39
C PHE F 233 -9.36 43.41 -6.41
N ILE F 234 -8.63 44.49 -6.68
CA ILE F 234 -9.09 45.45 -7.68
C ILE F 234 -9.19 44.80 -9.05
N GLY F 235 -8.15 44.05 -9.42
CA GLY F 235 -8.16 43.40 -10.72
C GLY F 235 -9.23 42.33 -10.85
N THR F 236 -9.40 41.51 -9.81
CA THR F 236 -10.41 40.45 -9.85
C THR F 236 -11.84 40.98 -9.79
N GLU F 237 -12.02 42.25 -9.44
CA GLU F 237 -13.36 42.83 -9.31
C GLU F 237 -14.19 42.06 -8.29
N SER F 238 -13.54 41.61 -7.23
CA SER F 238 -14.22 40.86 -6.18
C SER F 238 -14.22 41.68 -4.90
N ARG F 239 -15.34 41.65 -4.22
CA ARG F 239 -15.48 42.38 -2.98
C ARG F 239 -14.88 41.58 -1.82
N PRO F 240 -14.01 42.18 -1.00
CA PRO F 240 -13.32 41.40 0.03
C PRO F 240 -14.24 40.82 1.08
N GLU F 241 -15.45 41.34 1.24
CA GLU F 241 -16.33 40.79 2.26
C GLU F 241 -16.83 39.42 1.88
N TRP F 242 -16.53 38.98 0.67
CA TRP F 242 -16.90 37.63 0.26
C TRP F 242 -16.09 36.60 1.02
N MET F 243 -15.03 37.01 1.72
CA MET F 243 -14.33 36.08 2.58
C MET F 243 -15.13 35.71 3.81
N VAL F 244 -16.18 36.46 4.13
CA VAL F 244 -17.10 36.13 5.21
C VAL F 244 -18.31 35.45 4.62
N LEU F 245 -18.57 34.21 5.04
CA LEU F 245 -19.59 33.40 4.40
C LEU F 245 -20.97 33.70 4.97
N ASN F 246 -21.93 33.95 4.09
CA ASN F 246 -23.33 34.01 4.46
C ASN F 246 -24.09 32.73 4.12
N VAL F 247 -23.70 32.06 3.05
CA VAL F 247 -24.24 30.76 2.69
C VAL F 247 -23.07 29.84 2.38
N ILE F 248 -23.30 28.55 2.57
CA ILE F 248 -22.25 27.57 2.30
C ILE F 248 -22.79 26.56 1.31
N PRO F 249 -21.95 25.95 0.48
CA PRO F 249 -22.42 24.94 -0.45
C PRO F 249 -22.43 23.56 0.20
N VAL F 250 -23.33 22.72 -0.29
CA VAL F 250 -23.46 21.35 0.16
C VAL F 250 -22.94 20.46 -0.96
N ILE F 251 -22.04 19.55 -0.62
CA ILE F 251 -21.47 18.62 -1.59
C ILE F 251 -22.55 17.64 -2.03
N PRO F 252 -22.51 17.16 -3.28
CA PRO F 252 -23.52 16.19 -3.71
C PRO F 252 -23.48 14.95 -2.84
N PRO F 253 -24.63 14.35 -2.59
CA PRO F 253 -24.68 13.19 -1.68
C PRO F 253 -23.87 12.00 -2.11
N ASP F 254 -23.71 11.78 -3.42
CA ASP F 254 -22.90 10.65 -3.87
C ASP F 254 -21.41 10.83 -3.59
N LEU F 255 -20.96 12.06 -3.36
CA LEU F 255 -19.57 12.29 -2.96
C LEU F 255 -19.37 12.12 -1.46
N ARG F 256 -20.45 11.96 -0.70
CA ARG F 256 -20.41 11.63 0.72
C ARG F 256 -21.36 10.47 0.93
N PRO F 257 -21.06 9.30 0.35
CA PRO F 257 -22.05 8.24 0.29
C PRO F 257 -22.39 7.71 1.67
N MET F 258 -23.65 7.32 1.81
CA MET F 258 -24.13 6.63 3.00
C MET F 258 -24.63 5.27 2.54
N VAL F 259 -23.71 4.33 2.44
CA VAL F 259 -24.02 3.01 1.91
C VAL F 259 -24.34 2.07 3.06
N GLN F 260 -24.98 0.94 2.73
CA GLN F 260 -25.32 -0.09 3.70
C GLN F 260 -24.49 -1.33 3.43
N LEU F 261 -23.79 -1.82 4.44
CA LEU F 261 -22.95 -2.99 4.28
C LEU F 261 -23.79 -4.26 4.17
N ARG F 265 -25.05 -2.86 8.30
CA ARG F 265 -24.77 -1.57 8.93
C ARG F 265 -24.67 -0.50 7.86
N PHE F 266 -24.78 0.76 8.27
CA PHE F 266 -24.64 1.88 7.35
C PHE F 266 -23.27 2.50 7.54
N ALA F 267 -22.50 2.59 6.47
CA ALA F 267 -21.20 3.25 6.50
C ALA F 267 -21.38 4.66 5.96
N THR F 268 -21.03 5.66 6.76
CA THR F 268 -21.25 7.05 6.44
C THR F 268 -19.96 7.84 6.39
N SER F 269 -19.89 8.79 5.46
CA SER F 269 -18.78 9.72 5.38
C SER F 269 -18.82 10.74 6.52
N ASP F 270 -17.64 11.22 6.91
CA ASP F 270 -17.55 12.20 7.98
C ASP F 270 -18.19 13.53 7.61
N LEU F 271 -18.38 13.79 6.32
CA LEU F 271 -19.01 15.03 5.92
C LEU F 271 -20.43 15.08 6.40
N ASN F 272 -21.10 13.93 6.49
CA ASN F 272 -22.47 13.94 6.98
C ASN F 272 -22.53 14.45 8.41
N ASP F 273 -21.62 13.99 9.27
CA ASP F 273 -21.62 14.44 10.66
C ASP F 273 -21.26 15.91 10.77
N LEU F 274 -20.28 16.37 9.99
CA LEU F 274 -19.92 17.78 10.05
C LEU F 274 -21.06 18.68 9.58
N TYR F 275 -21.70 18.29 8.49
CA TYR F 275 -22.84 19.04 7.98
C TYR F 275 -23.99 19.03 8.97
N ARG F 276 -24.23 17.89 9.63
CA ARG F 276 -25.29 17.85 10.63
C ARG F 276 -24.99 18.80 11.78
N ARG F 277 -23.73 18.88 12.20
CA ARG F 277 -23.39 19.84 13.26
C ARG F 277 -23.69 21.25 12.78
N VAL F 278 -23.31 21.57 11.55
CA VAL F 278 -23.55 22.93 11.05
C VAL F 278 -25.04 23.23 11.01
N ILE F 279 -25.84 22.28 10.51
CA ILE F 279 -27.27 22.52 10.38
C ILE F 279 -27.94 22.63 11.74
N ASN F 280 -27.56 21.75 12.68
CA ASN F 280 -28.13 21.80 14.02
C ASN F 280 -27.86 23.13 14.69
N ARG F 281 -26.60 23.58 14.61
CA ARG F 281 -26.26 24.84 15.25
C ARG F 281 -26.94 26.02 14.56
N ASN F 282 -27.07 25.98 13.24
CA ASN F 282 -27.75 27.04 12.53
C ASN F 282 -29.23 27.11 12.90
N ASN F 283 -29.90 25.96 12.97
CA ASN F 283 -31.30 25.94 13.37
C ASN F 283 -31.50 26.42 14.80
N ARG F 284 -30.61 25.98 15.70
CA ARG F 284 -30.72 26.45 17.08
C ARG F 284 -30.51 27.95 17.17
N LEU F 285 -29.57 28.48 16.39
CA LEU F 285 -29.35 29.92 16.37
C LEU F 285 -30.56 30.66 15.85
N ALA F 286 -31.20 30.14 14.81
CA ALA F 286 -32.41 30.77 14.29
C ALA F 286 -33.51 30.78 15.34
N ARG F 287 -33.68 29.66 16.05
CA ARG F 287 -34.67 29.62 17.11
C ARG F 287 -34.36 30.64 18.21
N LEU F 288 -33.09 30.72 18.60
CA LEU F 288 -32.71 31.67 19.64
C LEU F 288 -32.96 33.11 19.21
N GLN F 289 -32.70 33.40 17.93
CA GLN F 289 -32.99 34.73 17.42
C GLN F 289 -34.48 34.97 17.25
N GLU F 290 -35.29 33.92 17.25
CA GLU F 290 -36.73 34.09 17.12
C GLU F 290 -37.43 34.28 18.46
N ILE F 291 -36.84 33.80 19.55
CA ILE F 291 -37.45 33.90 20.87
C ILE F 291 -36.80 34.98 21.71
N LEU F 292 -35.86 35.74 21.14
CA LEU F 292 -35.15 36.81 21.83
C LEU F 292 -34.44 36.27 23.07
N ALA F 293 -33.51 35.35 22.83
CA ALA F 293 -32.77 34.73 23.90
C ALA F 293 -31.80 35.72 24.54
N PRO F 294 -31.31 35.42 25.74
CA PRO F 294 -30.28 36.27 26.35
C PRO F 294 -29.06 36.38 25.45
N GLU F 295 -28.45 37.56 25.47
CA GLU F 295 -27.41 37.85 24.49
C GLU F 295 -26.23 36.90 24.58
N ILE F 296 -25.86 36.48 25.79
CA ILE F 296 -24.72 35.57 25.92
C ILE F 296 -25.00 34.24 25.24
N ILE F 297 -26.23 33.72 25.39
CA ILE F 297 -26.56 32.44 24.77
C ILE F 297 -26.49 32.55 23.26
N VAL F 298 -27.01 33.65 22.70
CA VAL F 298 -26.97 33.85 21.26
C VAL F 298 -25.54 33.96 20.77
N ARG F 299 -24.71 34.70 21.50
CA ARG F 299 -23.31 34.86 21.11
C ARG F 299 -22.56 33.53 21.19
N ASN F 300 -22.83 32.73 22.21
CA ASN F 300 -22.20 31.41 22.28
C ASN F 300 -22.65 30.52 21.14
N GLU F 301 -23.93 30.60 20.76
CA GLU F 301 -24.39 29.82 19.61
C GLU F 301 -23.72 30.27 18.32
N LYS F 302 -23.53 31.58 18.16
CA LYS F 302 -22.82 32.07 16.98
C LYS F 302 -21.38 31.60 16.97
N ARG F 303 -20.73 31.59 18.14
CA ARG F 303 -19.37 31.06 18.21
C ARG F 303 -19.34 29.59 17.84
N MET F 304 -20.34 28.83 18.30
CA MET F 304 -20.44 27.41 17.98
C MET F 304 -20.64 27.18 16.49
N LEU F 305 -21.47 28.00 15.86
CA LEU F 305 -21.69 27.89 14.43
C LEU F 305 -20.41 28.18 13.66
N GLN F 306 -19.67 29.21 14.09
CA GLN F 306 -18.39 29.50 13.45
C GLN F 306 -17.44 28.33 13.58
N GLU F 307 -17.38 27.73 14.77
CA GLU F 307 -16.50 26.58 14.98
C GLU F 307 -16.93 25.38 14.14
N ALA F 308 -18.24 25.15 14.03
CA ALA F 308 -18.72 24.03 13.23
C ALA F 308 -18.39 24.20 11.75
N VAL F 309 -18.57 25.41 11.23
CA VAL F 309 -18.21 25.68 9.84
C VAL F 309 -16.70 25.54 9.66
N ASP F 310 -15.92 25.99 10.64
CA ASP F 310 -14.47 25.80 10.60
C ASP F 310 -14.12 24.33 10.51
N ALA F 311 -14.71 23.50 11.36
CA ALA F 311 -14.41 22.08 11.34
C ALA F 311 -14.83 21.45 10.03
N LEU F 312 -15.89 21.96 9.41
CA LEU F 312 -16.31 21.45 8.11
C LEU F 312 -15.30 21.80 7.03
N ILE F 313 -14.87 23.06 6.98
CA ILE F 313 -13.94 23.48 5.93
C ILE F 313 -12.58 22.82 6.11
N ASP F 314 -12.05 22.86 7.33
CA ASP F 314 -10.74 22.25 7.59
C ASP F 314 -10.72 21.91 9.07
N ASN F 315 -10.78 20.61 9.37
CA ASN F 315 -10.92 20.15 10.74
C ASN F 315 -9.58 20.27 11.45
N GLY F 316 -9.56 20.97 12.57
CA GLY F 316 -8.39 21.10 13.39
C GLY F 316 -7.44 22.21 13.00
N ARG F 317 -7.79 23.04 12.02
CA ARG F 317 -6.90 24.11 11.62
C ARG F 317 -6.83 25.19 12.70
N ARG F 318 -7.98 25.61 13.22
CA ARG F 318 -8.02 26.68 14.21
C ARG F 318 -8.17 26.19 15.64
N GLY F 319 -9.24 25.46 15.93
CA GLY F 319 -9.55 25.05 17.28
C GLY F 319 -9.24 23.59 17.54
N ARG F 320 -10.01 23.00 18.45
CA ARG F 320 -9.84 21.59 18.75
C ARG F 320 -10.32 20.75 17.58
N THR F 321 -9.83 19.51 17.53
CA THR F 321 -10.15 18.60 16.44
C THR F 321 -11.38 17.78 16.80
N VAL F 322 -12.38 17.78 15.91
CA VAL F 322 -13.61 17.06 16.15
C VAL F 322 -13.36 15.59 15.90
N VAL F 323 -13.34 14.79 16.96
CA VAL F 323 -13.13 13.36 16.83
C VAL F 323 -14.46 12.71 16.50
N GLY F 324 -14.42 11.46 16.06
CA GLY F 324 -15.59 10.69 15.72
C GLY F 324 -16.05 9.79 16.84
N ALA F 325 -16.74 8.70 16.46
CA ALA F 325 -17.15 7.71 17.44
C ALA F 325 -15.94 7.12 18.14
N ASN F 326 -14.91 6.77 17.38
CA ASN F 326 -13.62 6.47 17.96
C ASN F 326 -12.80 7.76 17.99
N ASN F 327 -11.77 7.76 18.83
CA ASN F 327 -10.99 8.97 18.99
C ASN F 327 -10.08 9.17 17.78
N ARG F 328 -10.67 9.49 16.63
CA ARG F 328 -9.90 9.82 15.44
C ARG F 328 -10.50 11.06 14.81
N PRO F 329 -9.66 11.92 14.21
CA PRO F 329 -10.17 13.12 13.57
C PRO F 329 -11.12 12.77 12.42
N LEU F 330 -12.17 13.58 12.28
CA LEU F 330 -13.06 13.45 11.15
C LEU F 330 -12.40 14.05 9.92
N LYS F 331 -12.59 13.42 8.77
CA LYS F 331 -11.98 13.91 7.54
C LYS F 331 -12.86 14.99 6.95
N SER F 332 -12.38 16.22 6.98
CA SER F 332 -13.13 17.37 6.51
C SER F 332 -12.88 17.58 5.02
N LEU F 333 -13.34 18.71 4.49
CA LEU F 333 -13.17 19.01 3.07
C LEU F 333 -11.71 19.23 2.71
N SER F 334 -10.95 19.91 3.57
CA SER F 334 -9.56 20.17 3.25
C SER F 334 -8.73 18.89 3.25
N ASP F 335 -9.05 17.97 4.16
CA ASP F 335 -8.30 16.71 4.23
C ASP F 335 -8.50 15.83 3.01
N ILE F 336 -9.49 16.12 2.19
CA ILE F 336 -9.74 15.30 1.00
C ILE F 336 -8.78 15.65 -0.13
N ILE F 337 -8.39 16.92 -0.26
CA ILE F 337 -7.63 17.38 -1.41
C ILE F 337 -6.15 17.56 -1.10
N GLU F 338 -5.68 17.12 0.06
CA GLU F 338 -4.28 17.34 0.42
C GLU F 338 -3.66 16.06 0.95
N GLY F 339 -2.33 16.02 0.86
CA GLY F 339 -1.58 14.88 1.37
C GLY F 339 -1.38 13.81 0.34
N LYS F 340 -0.62 12.79 0.75
CA LYS F 340 -0.37 11.65 -0.12
C LYS F 340 -1.64 10.86 -0.34
N GLN F 341 -2.57 10.91 0.60
CA GLN F 341 -3.87 10.27 0.45
C GLN F 341 -4.93 11.24 -0.07
N GLY F 342 -4.53 12.44 -0.47
CA GLY F 342 -5.47 13.41 -0.97
C GLY F 342 -5.93 13.06 -2.36
N ARG F 343 -6.85 13.87 -2.87
CA ARG F 343 -7.44 13.58 -4.18
C ARG F 343 -6.38 13.64 -5.28
N PHE F 344 -5.54 14.68 -5.26
CA PHE F 344 -4.62 14.91 -6.37
C PHE F 344 -3.64 13.75 -6.53
N ARG F 345 -3.08 13.27 -5.43
CA ARG F 345 -2.02 12.28 -5.49
C ARG F 345 -2.53 10.84 -5.47
N GLN F 346 -3.76 10.61 -5.03
CA GLN F 346 -4.31 9.27 -4.97
C GLN F 346 -5.22 8.93 -6.13
N ASN F 347 -5.82 9.92 -6.79
CA ASN F 347 -6.79 9.62 -7.83
C ASN F 347 -6.60 10.39 -9.13
N LEU F 348 -5.84 11.47 -9.14
CA LEU F 348 -5.64 12.25 -10.36
C LEU F 348 -4.27 12.06 -10.99
N LEU F 349 -3.22 12.06 -10.19
CA LEU F 349 -1.87 11.82 -10.69
C LEU F 349 -1.52 10.33 -10.74
N GLY F 350 -2.33 9.48 -10.12
CA GLY F 350 -2.10 8.05 -10.16
C GLY F 350 -3.37 7.29 -9.87
N LYS F 351 -3.67 6.27 -10.66
CA LYS F 351 -4.92 5.55 -10.57
C LYS F 351 -4.70 4.05 -10.63
N ARG F 352 -5.65 3.31 -10.07
CA ARG F 352 -5.73 1.88 -10.33
C ARG F 352 -6.43 1.65 -11.65
N VAL F 353 -5.81 0.86 -12.52
CA VAL F 353 -6.26 0.74 -13.91
C VAL F 353 -6.79 -0.66 -14.17
N ASP F 354 -7.63 -0.76 -15.19
CA ASP F 354 -8.16 -2.03 -15.65
C ASP F 354 -7.14 -2.73 -16.56
N TYR F 355 -7.45 -3.97 -16.93
CA TYR F 355 -6.60 -4.75 -17.81
C TYR F 355 -5.18 -4.83 -17.26
N SER F 356 -5.08 -5.20 -16.00
CA SER F 356 -3.79 -5.29 -15.34
C SER F 356 -3.77 -6.56 -14.50
N GLY F 357 -2.57 -7.12 -14.38
CA GLY F 357 -2.37 -8.30 -13.58
C GLY F 357 -1.08 -8.17 -12.81
N ARG F 358 -0.84 -9.13 -11.93
CA ARG F 358 0.37 -9.10 -11.14
C ARG F 358 0.75 -10.50 -10.77
N SER F 359 2.04 -10.82 -10.89
CA SER F 359 2.45 -12.17 -10.57
C SER F 359 3.94 -12.20 -10.26
N VAL F 360 4.35 -13.31 -9.65
CA VAL F 360 5.75 -13.54 -9.36
C VAL F 360 6.49 -13.77 -10.67
N ILE F 361 7.76 -13.38 -10.70
CA ILE F 361 8.57 -13.49 -11.90
C ILE F 361 9.64 -14.56 -11.69
N VAL F 362 9.80 -15.42 -12.68
CA VAL F 362 10.88 -16.39 -12.72
C VAL F 362 11.70 -16.10 -13.98
N VAL F 363 12.87 -16.71 -14.06
CA VAL F 363 13.77 -16.44 -15.18
C VAL F 363 13.43 -17.39 -16.31
N GLY F 364 13.21 -16.83 -17.49
CA GLY F 364 13.09 -17.62 -18.69
C GLY F 364 14.33 -17.44 -19.54
N PRO F 365 15.22 -18.44 -19.52
CA PRO F 365 16.48 -18.29 -20.24
C PRO F 365 16.36 -18.50 -21.73
N ASN F 366 15.33 -19.19 -22.20
CA ASN F 366 15.17 -19.42 -23.63
C ASN F 366 14.33 -18.35 -24.30
N LEU F 367 13.78 -17.39 -23.54
CA LEU F 367 13.04 -16.32 -24.17
C LEU F 367 14.00 -15.40 -24.89
N LYS F 368 13.45 -14.61 -25.79
CA LYS F 368 14.21 -13.56 -26.44
C LYS F 368 13.99 -12.25 -25.70
N ILE F 369 14.85 -11.27 -26.00
CA ILE F 369 14.84 -10.02 -25.25
C ILE F 369 13.53 -9.27 -25.45
N HIS F 370 12.85 -9.49 -26.57
CA HIS F 370 11.60 -8.80 -26.86
C HIS F 370 10.38 -9.61 -26.47
N GLN F 371 10.56 -10.68 -25.71
CA GLN F 371 9.48 -11.59 -25.34
C GLN F 371 9.39 -11.72 -23.83
N CYS F 372 8.19 -12.06 -23.36
CA CYS F 372 7.97 -12.37 -21.96
C CYS F 372 7.08 -13.59 -21.90
N GLY F 373 7.16 -14.31 -20.78
CA GLY F 373 6.35 -15.48 -20.56
C GLY F 373 5.17 -15.11 -19.69
N LEU F 374 3.97 -15.25 -20.23
CA LEU F 374 2.78 -14.87 -19.52
C LEU F 374 2.00 -16.14 -19.22
N PRO F 375 1.63 -16.37 -17.96
CA PRO F 375 0.86 -17.56 -17.62
C PRO F 375 -0.52 -17.52 -18.25
N ARG F 376 -1.05 -18.72 -18.52
CA ARG F 376 -2.36 -18.83 -19.15
C ARG F 376 -3.47 -18.25 -18.27
N GLU F 377 -3.37 -18.44 -16.96
CA GLU F 377 -4.43 -17.95 -16.08
C GLU F 377 -4.55 -16.43 -16.17
N MET F 378 -3.42 -15.73 -16.16
CA MET F 378 -3.48 -14.27 -16.31
C MET F 378 -3.93 -13.87 -17.70
N ALA F 379 -3.40 -14.53 -18.73
CA ALA F 379 -3.67 -14.10 -20.10
C ALA F 379 -5.14 -14.27 -20.46
N ILE F 380 -5.77 -15.35 -20.00
CA ILE F 380 -7.18 -15.55 -20.35
C ILE F 380 -8.06 -14.50 -19.71
N GLU F 381 -7.61 -13.84 -18.65
CA GLU F 381 -8.39 -12.77 -18.04
C GLU F 381 -8.04 -11.40 -18.60
N LEU F 382 -6.76 -11.14 -18.87
CA LEU F 382 -6.36 -9.85 -19.42
C LEU F 382 -6.92 -9.65 -20.82
N PHE F 383 -6.95 -10.70 -21.64
CA PHE F 383 -7.40 -10.60 -23.02
C PHE F 383 -8.80 -11.15 -23.23
N GLN F 384 -9.67 -11.07 -22.23
CA GLN F 384 -11.01 -11.62 -22.39
C GLN F 384 -11.83 -10.94 -23.48
N PRO F 385 -11.90 -9.60 -23.57
CA PRO F 385 -12.69 -9.01 -24.66
C PRO F 385 -12.22 -9.42 -26.03
N PHE F 386 -10.90 -9.52 -26.22
CA PHE F 386 -10.37 -9.92 -27.52
C PHE F 386 -10.73 -11.37 -27.84
N VAL F 387 -10.65 -12.25 -26.83
CA VAL F 387 -11.06 -13.63 -27.04
C VAL F 387 -12.53 -13.71 -27.39
N ILE F 388 -13.37 -12.92 -26.72
CA ILE F 388 -14.79 -12.92 -27.04
C ILE F 388 -15.03 -12.45 -28.48
N HIS F 389 -14.34 -11.39 -28.88
CA HIS F 389 -14.52 -10.89 -30.24
C HIS F 389 -14.11 -11.93 -31.27
N ARG F 390 -12.99 -12.60 -31.04
CA ARG F 390 -12.56 -13.58 -32.02
C ARG F 390 -13.43 -14.83 -32.00
N LEU F 391 -14.01 -15.18 -30.85
CA LEU F 391 -14.97 -16.27 -30.81
C LEU F 391 -16.25 -15.92 -31.58
N ILE F 392 -16.70 -14.67 -31.45
CA ILE F 392 -17.91 -14.24 -32.14
C ILE F 392 -17.66 -14.22 -33.65
N LYS F 393 -16.54 -13.63 -34.07
CA LYS F 393 -16.29 -13.42 -35.49
C LYS F 393 -15.85 -14.70 -36.19
N ASN F 394 -14.75 -15.29 -35.74
CA ASN F 394 -14.12 -16.38 -36.49
C ASN F 394 -14.65 -17.75 -36.10
N HIS F 395 -15.72 -17.82 -35.32
CA HIS F 395 -16.28 -19.11 -34.94
C HIS F 395 -17.79 -18.98 -34.95
N SER F 396 -18.45 -20.01 -34.41
CA SER F 396 -19.90 -20.12 -34.45
C SER F 396 -20.56 -19.64 -33.17
N ILE F 397 -19.86 -18.82 -32.39
CA ILE F 397 -20.43 -18.29 -31.16
C ILE F 397 -21.40 -17.18 -31.52
N ASN F 398 -22.59 -17.24 -30.93
CA ASN F 398 -23.69 -16.34 -31.27
C ASN F 398 -23.64 -15.04 -30.48
N ASN F 399 -23.58 -15.13 -29.16
CA ASN F 399 -23.70 -13.97 -28.30
C ASN F 399 -22.58 -13.94 -27.26
N ILE F 400 -22.52 -12.82 -26.54
CA ILE F 400 -21.46 -12.64 -25.56
C ILE F 400 -21.62 -13.62 -24.42
N LYS F 401 -22.86 -13.92 -24.03
CA LYS F 401 -23.09 -14.82 -22.92
C LYS F 401 -22.56 -16.23 -23.23
N GLN F 402 -22.80 -16.72 -24.44
CA GLN F 402 -22.31 -18.04 -24.80
C GLN F 402 -20.79 -18.07 -24.81
N ALA F 403 -20.15 -17.02 -25.33
CA ALA F 403 -18.69 -16.96 -25.31
C ALA F 403 -18.17 -16.92 -23.89
N LYS F 404 -18.82 -16.16 -23.01
CA LYS F 404 -18.39 -16.06 -21.63
C LYS F 404 -18.52 -17.39 -20.91
N LYS F 405 -19.63 -18.11 -21.14
CA LYS F 405 -19.78 -19.42 -20.51
C LYS F 405 -18.80 -20.43 -21.09
N LEU F 406 -18.46 -20.30 -22.37
CA LEU F 406 -17.45 -21.17 -22.95
C LEU F 406 -16.08 -20.92 -22.31
N ILE F 407 -15.76 -19.65 -22.08
CA ILE F 407 -14.52 -19.30 -21.39
C ILE F 407 -14.53 -19.82 -19.96
N GLN F 408 -15.67 -19.69 -19.28
CA GLN F 408 -15.77 -20.15 -17.90
C GLN F 408 -15.57 -21.65 -17.79
N LYS F 409 -16.08 -22.41 -18.75
CA LYS F 409 -15.93 -23.86 -18.70
C LYS F 409 -14.58 -24.32 -19.22
N ASN F 410 -13.72 -23.40 -19.66
CA ASN F 410 -12.36 -23.72 -20.09
C ASN F 410 -12.38 -24.70 -21.27
N ASP F 411 -13.03 -24.26 -22.34
CA ASP F 411 -13.08 -25.05 -23.56
C ASP F 411 -11.70 -25.07 -24.22
N PRO F 412 -11.35 -26.17 -24.89
CA PRO F 412 -10.09 -26.21 -25.62
C PRO F 412 -9.96 -25.13 -26.68
N LEU F 413 -11.06 -24.75 -27.32
CA LEU F 413 -11.01 -23.71 -28.35
C LEU F 413 -10.57 -22.38 -27.78
N ILE F 414 -10.82 -22.16 -26.49
CA ILE F 414 -10.46 -20.90 -25.85
C ILE F 414 -8.97 -20.66 -25.93
N TRP F 415 -8.16 -21.69 -25.66
CA TRP F 415 -6.73 -21.50 -25.65
C TRP F 415 -6.18 -21.26 -27.05
N ASP F 416 -6.73 -21.92 -28.05
CA ASP F 416 -6.30 -21.65 -29.42
C ASP F 416 -6.62 -20.22 -29.83
N VAL F 417 -7.82 -19.75 -29.49
CA VAL F 417 -8.19 -18.37 -29.82
C VAL F 417 -7.30 -17.38 -29.09
N LEU F 418 -7.04 -17.63 -27.80
CA LEU F 418 -6.17 -16.74 -27.03
C LEU F 418 -4.76 -16.71 -27.62
N GLU F 419 -4.26 -17.87 -28.02
CA GLU F 419 -2.92 -17.96 -28.59
C GLU F 419 -2.84 -17.20 -29.91
N GLU F 420 -3.89 -17.24 -30.71
CA GLU F 420 -3.86 -16.46 -31.94
C GLU F 420 -4.30 -15.02 -31.73
N VAL F 421 -4.67 -14.65 -30.52
CA VAL F 421 -5.01 -13.26 -30.23
C VAL F 421 -3.81 -12.51 -29.70
N ILE F 422 -3.06 -13.11 -28.77
CA ILE F 422 -2.01 -12.34 -28.10
C ILE F 422 -0.75 -12.21 -28.94
N GLU F 423 -0.63 -12.98 -30.01
CA GLU F 423 0.55 -12.88 -30.86
C GLU F 423 0.59 -11.51 -31.53
N GLY F 424 1.74 -10.85 -31.46
CA GLY F 424 1.84 -9.52 -32.01
C GLY F 424 1.16 -8.43 -31.19
N HIS F 425 0.77 -8.74 -29.96
CA HIS F 425 0.07 -7.78 -29.11
C HIS F 425 1.01 -7.44 -27.96
N PRO F 426 1.69 -6.31 -27.98
CA PRO F 426 2.65 -6.00 -26.92
C PRO F 426 1.97 -5.82 -25.59
N VAL F 427 2.71 -6.18 -24.54
CA VAL F 427 2.23 -6.10 -23.17
C VAL F 427 3.33 -5.45 -22.33
N MET F 428 2.93 -4.52 -21.46
CA MET F 428 3.86 -3.72 -20.69
C MET F 428 4.07 -4.35 -19.31
N LEU F 429 5.34 -4.53 -18.94
CA LEU F 429 5.71 -5.04 -17.63
C LEU F 429 6.37 -3.95 -16.81
N ASN F 430 5.98 -3.90 -15.53
CA ASN F 430 6.46 -2.89 -14.61
C ASN F 430 6.84 -3.55 -13.29
N ARG F 431 7.92 -3.07 -12.68
CA ARG F 431 8.27 -3.49 -11.34
C ARG F 431 7.80 -2.44 -10.35
N ALA F 432 7.51 -2.86 -9.12
CA ALA F 432 6.84 -1.97 -8.17
C ALA F 432 7.57 -0.65 -7.93
N PRO F 433 8.87 -0.62 -7.62
CA PRO F 433 9.58 0.67 -7.59
C PRO F 433 10.02 1.07 -8.99
N THR F 434 9.38 2.09 -9.55
CA THR F 434 9.71 2.56 -10.89
C THR F 434 10.59 3.78 -10.68
N LEU F 435 11.89 3.53 -10.63
CA LEU F 435 12.86 4.59 -10.39
C LEU F 435 13.24 5.33 -11.65
N HIS F 436 13.13 4.67 -12.80
CA HIS F 436 13.47 5.30 -14.07
C HIS F 436 12.59 4.71 -15.15
N ARG F 437 12.69 5.26 -16.36
CA ARG F 437 11.78 4.89 -17.42
C ARG F 437 11.95 3.46 -17.90
N LEU F 438 13.04 2.79 -17.54
CA LEU F 438 13.23 1.40 -17.89
C LEU F 438 12.52 0.46 -16.92
N GLY F 439 11.86 1.01 -15.91
CA GLY F 439 11.05 0.19 -15.02
C GLY F 439 9.77 -0.27 -15.65
N ILE F 440 9.41 0.29 -16.80
CA ILE F 440 8.26 -0.17 -17.58
C ILE F 440 8.74 -0.45 -18.98
N GLN F 441 8.67 -1.71 -19.40
CA GLN F 441 9.14 -2.10 -20.71
C GLN F 441 8.14 -3.04 -21.38
N ALA F 442 8.04 -2.95 -22.69
CA ALA F 442 7.11 -3.75 -23.47
C ALA F 442 7.74 -5.04 -23.96
N PHE F 443 6.97 -6.11 -23.94
CA PHE F 443 7.37 -7.42 -24.40
C PHE F 443 6.25 -7.99 -25.27
N GLU F 444 6.52 -9.14 -25.85
CA GLU F 444 5.50 -9.90 -26.57
C GLU F 444 5.15 -11.12 -25.74
N PRO F 445 3.87 -11.38 -25.50
CA PRO F 445 3.52 -12.48 -24.61
C PRO F 445 3.71 -13.81 -25.29
N ILE F 446 4.13 -14.80 -24.50
CA ILE F 446 4.17 -16.18 -24.91
C ILE F 446 3.44 -16.96 -23.83
N LEU F 447 2.43 -17.71 -24.22
CA LEU F 447 1.66 -18.45 -23.23
C LEU F 447 2.53 -19.52 -22.60
N VAL F 448 2.63 -19.49 -21.28
CA VAL F 448 3.40 -20.46 -20.53
C VAL F 448 2.48 -21.05 -19.46
N GLU F 449 2.80 -22.27 -19.04
CA GLU F 449 2.02 -22.97 -18.04
C GLU F 449 2.66 -22.76 -16.68
N GLY F 450 1.90 -22.17 -15.77
CA GLY F 450 2.40 -21.89 -14.44
C GLY F 450 1.66 -20.70 -13.86
N ARG F 451 2.16 -20.23 -12.73
CA ARG F 451 1.61 -19.06 -12.09
C ARG F 451 2.58 -17.89 -12.08
N ALA F 452 3.77 -18.06 -12.64
CA ALA F 452 4.81 -17.05 -12.59
C ALA F 452 5.10 -16.52 -13.98
N ILE F 453 5.48 -15.26 -14.03
CA ILE F 453 5.84 -14.59 -15.27
C ILE F 453 7.29 -14.90 -15.59
N GLN F 454 7.55 -15.38 -16.79
CA GLN F 454 8.90 -15.68 -17.22
C GLN F 454 9.53 -14.43 -17.83
N LEU F 455 10.62 -13.97 -17.23
CA LEU F 455 11.27 -12.73 -17.61
C LEU F 455 12.63 -13.03 -18.23
N HIS F 456 13.01 -12.26 -19.24
CA HIS F 456 14.30 -12.45 -19.88
C HIS F 456 15.41 -12.04 -18.93
N PRO F 457 16.48 -12.82 -18.80
CA PRO F 457 17.52 -12.48 -17.81
C PRO F 457 18.29 -11.21 -18.15
N LEU F 458 18.25 -10.75 -19.40
CA LEU F 458 19.00 -9.55 -19.77
C LEU F 458 18.30 -8.26 -19.38
N VAL F 459 17.03 -8.31 -19.01
CA VAL F 459 16.30 -7.12 -18.60
C VAL F 459 16.21 -6.98 -17.09
N CYS F 460 16.74 -7.94 -16.35
CA CYS F 460 16.71 -7.84 -14.90
C CYS F 460 17.41 -6.61 -14.35
N PRO F 461 18.63 -6.26 -14.80
CA PRO F 461 19.25 -5.02 -14.28
C PRO F 461 18.45 -3.76 -14.60
N ALA F 462 17.75 -3.71 -15.73
CA ALA F 462 16.92 -2.55 -16.03
C ALA F 462 15.79 -2.39 -15.02
N PHE F 463 15.16 -3.50 -14.65
CA PHE F 463 14.12 -3.47 -13.63
C PHE F 463 14.68 -3.56 -12.22
N ASN F 464 15.97 -3.88 -12.09
CA ASN F 464 16.59 -4.17 -10.79
C ASN F 464 15.81 -5.28 -10.08
N ALA F 465 15.51 -6.33 -10.83
CA ALA F 465 14.70 -7.43 -10.36
C ALA F 465 15.52 -8.71 -10.29
N ASP F 466 15.33 -9.46 -9.21
CA ASP F 466 15.93 -10.77 -9.05
C ASP F 466 14.83 -11.76 -8.70
N PHE F 467 15.09 -13.03 -8.95
CA PHE F 467 14.08 -14.08 -8.84
C PHE F 467 14.16 -14.74 -7.47
N ASP F 468 13.81 -13.97 -6.44
CA ASP F 468 13.73 -14.45 -5.07
C ASP F 468 12.44 -13.97 -4.40
N GLY F 469 11.38 -13.78 -5.19
CA GLY F 469 10.12 -13.31 -4.66
C GLY F 469 9.62 -12.02 -5.28
N ASP F 470 10.37 -11.42 -6.19
CA ASP F 470 9.92 -10.18 -6.82
C ASP F 470 8.68 -10.43 -7.65
N GLN F 471 7.85 -9.40 -7.78
CA GLN F 471 6.63 -9.48 -8.55
C GLN F 471 6.58 -8.34 -9.55
N MET F 472 5.85 -8.58 -10.62
CA MET F 472 5.67 -7.57 -11.65
C MET F 472 4.21 -7.40 -11.99
N ALA F 473 3.90 -6.22 -12.50
CA ALA F 473 2.57 -5.85 -12.94
C ALA F 473 2.56 -5.82 -14.45
N VAL F 474 1.46 -6.32 -15.02
CA VAL F 474 1.28 -6.45 -16.45
C VAL F 474 0.11 -5.59 -16.87
N HIS F 475 0.32 -4.75 -17.87
CA HIS F 475 -0.73 -3.95 -18.44
C HIS F 475 -0.79 -4.27 -19.93
N VAL F 476 -1.96 -4.13 -20.53
CA VAL F 476 -2.14 -4.43 -21.94
C VAL F 476 -2.73 -3.20 -22.62
N PRO F 477 -2.05 -2.64 -23.61
CA PRO F 477 -2.64 -1.53 -24.37
C PRO F 477 -3.84 -2.02 -25.16
N LEU F 478 -4.79 -1.12 -25.35
CA LEU F 478 -6.03 -1.47 -26.03
C LEU F 478 -6.14 -0.91 -27.44
N SER F 479 -5.98 0.41 -27.60
CA SER F 479 -6.16 1.04 -28.89
C SER F 479 -4.99 0.73 -29.81
N ILE F 480 -5.20 0.98 -31.11
CA ILE F 480 -4.14 0.77 -32.07
C ILE F 480 -2.98 1.71 -31.80
N GLU F 481 -3.28 2.96 -31.44
CA GLU F 481 -2.20 3.89 -31.12
C GLU F 481 -1.40 3.40 -29.93
N ALA F 482 -2.07 2.87 -28.92
CA ALA F 482 -1.37 2.37 -27.74
C ALA F 482 -0.46 1.21 -28.10
N GLN F 483 -0.96 0.25 -28.89
CA GLN F 483 -0.11 -0.87 -29.27
C GLN F 483 1.06 -0.40 -30.13
N ALA F 484 0.81 0.53 -31.04
CA ALA F 484 1.90 1.04 -31.88
C ALA F 484 2.95 1.74 -31.03
N GLU F 485 2.54 2.54 -30.05
CA GLU F 485 3.51 3.20 -29.18
C GLU F 485 4.29 2.19 -28.36
N ALA F 486 3.61 1.16 -27.85
CA ALA F 486 4.31 0.14 -27.07
C ALA F 486 5.33 -0.59 -27.92
N ARG F 487 4.98 -0.91 -29.15
CA ARG F 487 5.90 -1.65 -30.01
C ARG F 487 7.05 -0.77 -30.50
N MET F 488 6.77 0.48 -30.83
CA MET F 488 7.76 1.34 -31.45
C MET F 488 8.63 2.11 -30.47
N LEU F 489 8.15 2.36 -29.26
CA LEU F 489 8.90 3.15 -28.29
C LEU F 489 9.36 2.35 -27.09
N MET F 490 8.45 1.59 -26.47
CA MET F 490 8.72 0.92 -25.21
C MET F 490 9.18 -0.52 -25.35
N LEU F 491 9.36 -1.02 -26.56
CA LEU F 491 9.72 -2.42 -26.70
C LEU F 491 11.10 -2.66 -26.08
N ALA F 492 11.24 -3.79 -25.41
CA ALA F 492 12.45 -4.08 -24.66
C ALA F 492 13.67 -4.26 -25.57
N SER F 493 13.46 -4.74 -26.79
CA SER F 493 14.59 -4.94 -27.69
C SER F 493 15.17 -3.65 -28.21
N GLY F 494 14.49 -2.52 -28.00
CA GLY F 494 14.98 -1.23 -28.43
C GLY F 494 15.61 -0.40 -27.33
N ASN F 495 15.58 -0.88 -26.09
CA ASN F 495 16.16 -0.16 -24.96
C ASN F 495 17.53 -0.77 -24.69
N ILE F 496 18.54 -0.28 -25.39
CA ILE F 496 19.90 -0.80 -25.27
C ILE F 496 20.76 0.09 -24.39
N LEU F 497 20.74 1.39 -24.63
CA LEU F 497 21.58 2.31 -23.90
C LEU F 497 20.82 2.91 -22.73
N SER F 498 21.56 3.23 -21.68
CA SER F 498 20.93 3.85 -20.53
C SER F 498 20.64 5.31 -20.85
N PRO F 499 19.40 5.76 -20.70
CA PRO F 499 19.09 7.16 -21.03
C PRO F 499 19.73 8.15 -20.10
N ALA F 500 20.33 7.69 -19.00
CA ALA F 500 20.96 8.56 -18.03
C ALA F 500 22.45 8.75 -18.26
N THR F 501 23.10 7.79 -18.91
CA THR F 501 24.53 7.91 -19.17
C THR F 501 24.94 7.54 -20.58
N GLY F 502 24.09 6.91 -21.38
CA GLY F 502 24.43 6.52 -22.73
C GLY F 502 25.13 5.19 -22.83
N GLN F 503 25.48 4.58 -21.73
CA GLN F 503 26.15 3.29 -21.69
C GLN F 503 25.18 2.14 -21.94
N PRO F 504 25.67 1.02 -22.47
CA PRO F 504 24.80 -0.12 -22.70
C PRO F 504 24.22 -0.62 -21.39
N ILE F 505 22.98 -1.09 -21.46
CA ILE F 505 22.30 -1.61 -20.28
C ILE F 505 21.81 -3.03 -20.45
N VAL F 506 21.92 -3.61 -21.64
CA VAL F 506 21.53 -4.99 -21.89
C VAL F 506 22.75 -5.91 -21.95
N THR F 507 23.87 -5.49 -21.35
CA THR F 507 25.07 -6.32 -21.38
C THR F 507 24.85 -7.60 -20.56
N PRO F 508 25.42 -8.72 -21.01
CA PRO F 508 25.35 -9.95 -20.22
C PRO F 508 26.02 -9.79 -18.87
N SER F 509 25.45 -10.43 -17.86
CA SER F 509 25.95 -10.33 -16.50
C SER F 509 25.83 -11.67 -15.80
N GLN F 510 26.53 -11.77 -14.67
CA GLN F 510 26.50 -12.94 -13.78
C GLN F 510 26.89 -14.19 -14.57
N ASP F 511 26.04 -15.21 -14.66
CA ASP F 511 26.46 -16.49 -15.20
C ASP F 511 26.91 -16.37 -16.65
N MET F 512 26.34 -15.44 -17.41
CA MET F 512 26.78 -15.25 -18.78
C MET F 512 28.22 -14.75 -18.83
N VAL F 513 28.54 -13.78 -17.97
CA VAL F 513 29.91 -13.27 -17.91
C VAL F 513 30.87 -14.36 -17.44
N LEU F 514 30.47 -15.12 -16.43
CA LEU F 514 31.34 -16.19 -15.95
C LEU F 514 31.57 -17.24 -17.04
N GLY F 515 30.53 -17.62 -17.76
CA GLY F 515 30.69 -18.58 -18.84
C GLY F 515 31.57 -18.08 -19.96
N CYS F 516 31.36 -16.83 -20.38
CA CYS F 516 32.21 -16.27 -21.43
C CYS F 516 33.65 -16.19 -20.98
N TYR F 517 33.88 -15.78 -19.72
CA TYR F 517 35.22 -15.69 -19.18
C TYR F 517 35.89 -17.04 -19.16
N TYR F 518 35.19 -18.06 -18.67
CA TYR F 518 35.75 -19.40 -18.64
C TYR F 518 36.06 -19.90 -20.04
N LEU F 519 35.18 -19.62 -20.99
CA LEU F 519 35.40 -20.06 -22.37
C LEU F 519 36.65 -19.42 -22.95
N THR F 520 36.83 -18.13 -22.71
CA THR F 520 37.88 -17.36 -23.35
C THR F 520 39.15 -17.25 -22.52
N ALA F 521 39.21 -17.88 -21.35
CA ALA F 521 40.36 -17.79 -20.49
C ALA F 521 41.48 -18.68 -21.00
N GLU F 522 42.61 -18.68 -20.29
CA GLU F 522 43.74 -19.54 -20.63
C GLU F 522 44.00 -20.48 -19.45
N ASN F 523 44.10 -21.78 -19.76
CA ASN F 523 44.32 -22.81 -18.75
C ASN F 523 45.54 -23.64 -19.11
N PRO F 524 46.72 -23.33 -18.54
CA PRO F 524 47.91 -24.13 -18.84
C PRO F 524 47.81 -25.58 -18.44
N GLY F 525 46.94 -25.91 -17.49
CA GLY F 525 46.83 -27.29 -17.04
C GLY F 525 46.31 -28.23 -18.10
N ALA F 526 45.29 -27.81 -18.83
CA ALA F 526 44.64 -28.66 -19.85
C ALA F 526 44.88 -28.06 -21.22
N GLN F 527 45.88 -28.59 -21.93
CA GLN F 527 46.22 -28.14 -23.28
C GLN F 527 46.44 -29.31 -24.22
N LYS F 528 45.50 -30.25 -24.21
CA LYS F 528 45.59 -31.38 -25.13
C LYS F 528 45.37 -30.89 -26.56
N GLY F 529 46.27 -31.29 -27.45
CA GLY F 529 46.16 -30.87 -28.83
C GLY F 529 46.72 -29.49 -29.13
N ALA F 530 47.62 -28.99 -28.28
CA ALA F 530 48.16 -27.65 -28.51
C ALA F 530 49.10 -27.66 -29.69
N GLY F 531 49.13 -26.54 -30.42
CA GLY F 531 50.04 -26.36 -31.52
C GLY F 531 49.53 -26.78 -32.87
N ARG F 532 48.37 -27.43 -32.94
CA ARG F 532 47.86 -27.87 -34.24
C ARG F 532 47.36 -26.68 -35.04
N TYR F 533 47.48 -26.78 -36.36
CA TYR F 533 47.04 -25.74 -37.27
C TYR F 533 45.68 -26.07 -37.84
N PHE F 534 44.89 -25.03 -38.09
CA PHE F 534 43.56 -25.21 -38.63
C PHE F 534 43.32 -24.27 -39.79
N ALA F 535 42.51 -24.74 -40.74
CA ALA F 535 42.25 -23.99 -41.96
C ALA F 535 41.47 -22.71 -41.68
N ASN F 536 40.48 -22.78 -40.80
CA ASN F 536 39.63 -21.63 -40.50
C ASN F 536 38.94 -21.86 -39.16
N LEU F 537 38.09 -20.90 -38.79
CA LEU F 537 37.42 -20.97 -37.50
C LEU F 537 36.48 -22.16 -37.41
N GLU F 538 35.77 -22.48 -38.49
CA GLU F 538 34.90 -23.64 -38.48
C GLU F 538 35.67 -24.92 -38.28
N ASP F 539 36.84 -25.04 -38.91
CA ASP F 539 37.65 -26.24 -38.71
C ASP F 539 38.09 -26.38 -37.25
N ALA F 540 38.52 -25.29 -36.64
CA ALA F 540 38.92 -25.34 -35.24
C ALA F 540 37.76 -25.70 -34.33
N ILE F 541 36.59 -25.12 -34.59
CA ILE F 541 35.42 -25.43 -33.77
C ILE F 541 35.03 -26.89 -33.92
N ARG F 542 35.06 -27.42 -35.14
CA ARG F 542 34.74 -28.83 -35.34
C ARG F 542 35.74 -29.73 -34.65
N ALA F 543 37.01 -29.37 -34.71
CA ALA F 543 38.03 -30.15 -34.00
C ALA F 543 37.78 -30.14 -32.51
N PHE F 544 37.38 -29.00 -31.95
CA PHE F 544 37.08 -28.96 -30.53
C PHE F 544 35.84 -29.79 -30.21
N GLU F 545 34.84 -29.74 -31.09
CA GLU F 545 33.59 -30.45 -30.84
C GLU F 545 33.83 -31.94 -30.77
N GLN F 546 34.71 -32.46 -31.60
CA GLN F 546 34.98 -33.89 -31.53
C GLN F 546 35.68 -34.27 -30.24
N GLY F 547 36.58 -33.43 -29.76
CA GLY F 547 37.37 -33.70 -28.59
C GLY F 547 38.83 -33.87 -28.90
N SER F 548 39.22 -33.65 -30.15
CA SER F 548 40.62 -33.76 -30.54
C SER F 548 41.46 -32.71 -29.83
N VAL F 549 40.94 -31.50 -29.71
CA VAL F 549 41.65 -30.38 -29.10
C VAL F 549 40.89 -29.89 -27.88
N ASP F 550 41.63 -29.63 -26.81
CA ASP F 550 41.05 -29.17 -25.57
C ASP F 550 40.52 -27.75 -25.70
N LEU F 551 39.67 -27.36 -24.75
CA LEU F 551 39.00 -26.06 -24.83
C LEU F 551 39.98 -24.91 -24.76
N HIS F 552 40.99 -25.02 -23.89
CA HIS F 552 41.94 -23.94 -23.65
C HIS F 552 43.30 -24.22 -24.28
N ALA F 553 43.35 -25.04 -25.32
CA ALA F 553 44.60 -25.33 -26.00
C ALA F 553 45.05 -24.15 -26.85
N TRP F 554 46.37 -24.01 -26.97
CA TRP F 554 46.95 -22.96 -27.82
C TRP F 554 47.18 -23.54 -29.20
N VAL F 555 46.26 -23.23 -30.12
CA VAL F 555 46.34 -23.73 -31.48
C VAL F 555 46.55 -22.54 -32.41
N TRP F 556 46.75 -22.82 -33.68
CA TRP F 556 46.92 -21.83 -34.73
C TRP F 556 45.79 -21.95 -35.72
N VAL F 557 45.18 -20.83 -36.07
CA VAL F 557 44.08 -20.84 -37.03
C VAL F 557 44.39 -19.83 -38.11
N ARG F 558 44.10 -20.19 -39.35
CA ARG F 558 44.36 -19.31 -40.49
C ARG F 558 43.20 -18.34 -40.59
N PHE F 559 43.34 -17.20 -39.91
CA PHE F 559 42.33 -16.17 -39.89
C PHE F 559 42.87 -14.92 -40.55
N ASP F 560 42.16 -14.43 -41.56
CA ASP F 560 42.53 -13.21 -42.27
C ASP F 560 41.56 -12.12 -41.83
N GLY F 561 42.06 -11.17 -41.06
CA GLY F 561 41.23 -10.09 -40.58
C GLY F 561 41.94 -9.34 -39.46
N GLU F 562 41.22 -8.38 -38.91
CA GLU F 562 41.76 -7.59 -37.81
C GLU F 562 41.78 -8.42 -36.54
N VAL F 563 42.92 -8.45 -35.86
CA VAL F 563 43.10 -9.24 -34.65
C VAL F 563 43.59 -8.32 -33.56
N GLU F 564 42.94 -8.39 -32.40
CA GLU F 564 43.33 -7.66 -31.20
C GLU F 564 43.68 -8.69 -30.14
N SER F 565 44.97 -8.77 -29.80
CA SER F 565 45.47 -9.75 -28.84
C SER F 565 46.16 -9.03 -27.71
N GLU F 566 45.63 -9.17 -26.49
CA GLU F 566 46.31 -8.58 -25.35
C GLU F 566 47.61 -9.31 -25.08
N GLY F 567 48.57 -8.58 -24.51
CA GLY F 567 49.85 -9.18 -24.24
C GLY F 567 50.68 -9.45 -25.47
N GLU F 568 50.51 -8.66 -26.53
CA GLU F 568 51.25 -8.86 -27.75
C GLU F 568 52.43 -7.89 -27.79
N SER F 569 53.14 -7.91 -28.92
CA SER F 569 54.27 -7.01 -29.13
C SER F 569 54.19 -6.47 -30.54
N ASP F 570 54.28 -5.14 -30.68
CA ASP F 570 54.27 -4.51 -32.00
C ASP F 570 55.52 -4.85 -32.78
N GLU F 571 56.59 -5.27 -32.12
CA GLU F 571 57.82 -5.66 -32.79
C GLU F 571 57.74 -7.14 -33.17
N PRO F 572 57.92 -7.49 -34.44
CA PRO F 572 57.93 -8.91 -34.81
C PRO F 572 58.99 -9.65 -34.03
N GLU F 573 58.61 -10.78 -33.45
CA GLU F 573 59.54 -11.56 -32.66
C GLU F 573 60.64 -12.14 -33.55
N SER F 574 60.28 -12.76 -34.66
CA SER F 574 61.28 -13.36 -35.53
C SER F 574 60.92 -13.07 -36.98
N VAL F 575 61.86 -12.54 -37.75
CA VAL F 575 61.64 -12.27 -39.17
C VAL F 575 62.56 -13.18 -39.98
N VAL F 576 61.97 -13.97 -40.86
CA VAL F 576 62.70 -14.92 -41.68
C VAL F 576 62.35 -14.66 -43.14
N ALA F 577 63.37 -14.37 -43.94
CA ALA F 577 63.22 -14.24 -45.38
C ALA F 577 63.62 -15.56 -46.01
N ALA F 578 62.71 -16.15 -46.76
CA ALA F 578 62.98 -17.45 -47.36
C ALA F 578 63.82 -17.26 -48.62
N ASP F 579 63.97 -18.33 -49.40
CA ASP F 579 64.73 -18.26 -50.65
C ASP F 579 63.85 -17.66 -51.75
N ASP F 580 63.33 -16.48 -51.44
CA ASP F 580 62.41 -15.75 -52.31
C ASP F 580 62.11 -14.40 -51.67
N GLY F 581 61.37 -13.56 -52.38
CA GLY F 581 60.97 -12.29 -51.81
C GLY F 581 59.78 -12.39 -50.89
N THR F 582 59.87 -13.24 -49.87
CA THR F 582 58.78 -13.44 -48.93
C THR F 582 59.36 -13.52 -47.53
N VAL F 583 58.85 -12.68 -46.63
CA VAL F 583 59.27 -12.68 -45.24
C VAL F 583 58.11 -13.12 -44.36
N THR F 584 58.40 -13.98 -43.39
CA THR F 584 57.39 -14.51 -42.49
C THR F 584 57.67 -13.96 -41.09
N LYS F 585 57.07 -12.81 -40.79
CA LYS F 585 57.25 -12.23 -39.47
C LYS F 585 56.38 -12.97 -38.47
N THR F 586 57.00 -13.47 -37.41
CA THR F 586 56.33 -14.25 -36.39
C THR F 586 56.27 -13.40 -35.12
N TYR F 587 55.07 -12.90 -34.83
CA TYR F 587 54.81 -12.15 -33.61
C TYR F 587 54.58 -13.14 -32.48
N ARG F 588 54.13 -12.64 -31.33
CA ARG F 588 53.83 -13.53 -30.21
C ARG F 588 52.55 -14.33 -30.46
N PHE F 589 51.55 -13.72 -31.09
CA PHE F 589 50.28 -14.38 -31.36
C PHE F 589 49.91 -14.39 -32.84
N ARG F 590 50.84 -14.04 -33.72
CA ARG F 590 50.57 -13.98 -35.15
C ARG F 590 51.75 -14.52 -35.94
N ARG F 591 51.48 -14.89 -37.18
CA ARG F 591 52.51 -15.30 -38.13
C ARG F 591 52.07 -14.81 -39.50
N ILE F 592 52.71 -13.74 -39.97
CA ILE F 592 52.31 -13.07 -41.20
C ILE F 592 53.35 -13.34 -42.26
N ARG F 593 52.92 -13.89 -43.39
CA ARG F 593 53.76 -14.03 -44.58
C ARG F 593 53.48 -12.84 -45.48
N GLU F 594 54.50 -12.05 -45.77
CA GLU F 594 54.34 -10.85 -46.57
C GLU F 594 55.32 -10.90 -47.74
N THR F 595 54.85 -10.53 -48.91
CA THR F 595 55.70 -10.43 -50.08
C THR F 595 56.73 -9.32 -49.87
N GLU F 596 57.94 -9.56 -50.39
CA GLU F 596 58.98 -8.54 -50.31
C GLU F 596 58.48 -7.26 -50.94
N ASP F 597 58.63 -6.15 -50.21
CA ASP F 597 58.03 -4.86 -50.57
C ASP F 597 56.64 -5.06 -51.15
N GLY F 598 55.83 -5.84 -50.43
CA GLY F 598 54.51 -6.18 -50.91
C GLY F 598 53.44 -6.26 -49.84
N GLN F 599 52.39 -7.02 -50.13
CA GLN F 599 51.22 -7.14 -49.28
C GLN F 599 51.20 -8.48 -48.58
N ARG F 600 50.22 -8.63 -47.69
CA ARG F 600 50.07 -9.85 -46.92
C ARG F 600 49.59 -11.00 -47.80
N LEU F 601 50.13 -12.19 -47.55
CA LEU F 601 49.73 -13.42 -48.22
C LEU F 601 48.96 -14.37 -47.31
N SER F 602 49.22 -14.34 -46.01
CA SER F 602 48.52 -15.19 -45.07
C SER F 602 48.71 -14.66 -43.66
N GLN F 603 47.78 -15.02 -42.78
CA GLN F 603 47.84 -14.62 -41.37
C GLN F 603 47.35 -15.77 -40.51
N TYR F 604 48.20 -16.25 -39.61
CA TYR F 604 47.84 -17.28 -38.66
C TYR F 604 47.82 -16.70 -37.26
N VAL F 605 46.67 -16.80 -36.61
CA VAL F 605 46.48 -16.29 -35.26
C VAL F 605 46.62 -17.43 -34.28
N LYS F 606 47.43 -17.22 -33.24
CA LYS F 606 47.60 -18.18 -32.16
C LYS F 606 46.55 -17.89 -31.11
N THR F 607 45.60 -18.80 -30.94
CA THR F 607 44.48 -18.58 -30.06
C THR F 607 44.01 -19.91 -29.49
N THR F 608 43.02 -19.86 -28.65
CA THR F 608 42.28 -20.85 -27.90
C THR F 608 40.96 -21.17 -28.59
N PRO F 609 40.58 -22.43 -28.72
CA PRO F 609 39.31 -22.74 -29.39
C PRO F 609 38.12 -22.10 -28.72
N GLY F 610 38.21 -21.79 -27.43
CA GLY F 610 37.15 -21.02 -26.79
C GLY F 610 37.04 -19.61 -27.34
N ARG F 611 38.17 -18.93 -27.51
CA ARG F 611 38.14 -17.61 -28.14
C ARG F 611 37.65 -17.70 -29.58
N ILE F 612 38.03 -18.76 -30.29
CA ILE F 612 37.51 -18.95 -31.63
C ILE F 612 35.99 -19.09 -31.60
N LEU F 613 35.47 -19.84 -30.64
CA LEU F 613 34.03 -20.00 -30.51
C LEU F 613 33.35 -18.68 -30.20
N PHE F 614 33.92 -17.89 -29.29
CA PHE F 614 33.34 -16.60 -28.94
C PHE F 614 33.30 -15.66 -30.14
N ASN F 615 34.44 -15.49 -30.81
CA ASN F 615 34.49 -14.57 -31.93
C ASN F 615 33.62 -15.06 -33.08
N ASN F 616 33.58 -16.36 -33.31
CA ASN F 616 32.73 -16.90 -34.36
C ASN F 616 31.27 -16.69 -34.03
N THR F 617 30.88 -16.82 -32.77
CA THR F 617 29.50 -16.53 -32.40
C THR F 617 29.16 -15.07 -32.68
N VAL F 618 30.05 -14.16 -32.32
CA VAL F 618 29.80 -12.75 -32.58
C VAL F 618 29.68 -12.49 -34.07
N GLN F 619 30.58 -13.07 -34.85
CA GLN F 619 30.58 -12.86 -36.29
C GLN F 619 29.32 -13.45 -36.93
N THR F 620 28.90 -14.63 -36.50
CA THR F 620 27.67 -15.22 -37.03
C THR F 620 26.46 -14.38 -36.68
N ALA F 621 26.41 -13.84 -35.47
CA ALA F 621 25.29 -12.97 -35.12
C ALA F 621 25.28 -11.71 -35.97
N LEU F 622 26.45 -11.13 -36.22
CA LEU F 622 26.47 -9.89 -37.01
C LEU F 622 26.15 -10.14 -38.47
N ILE F 623 26.72 -11.19 -39.06
CA ILE F 623 26.52 -11.43 -40.49
C ILE F 623 25.07 -11.77 -40.78
N HIS F 624 24.50 -12.69 -40.00
CA HIS F 624 23.13 -13.13 -40.20
C HIS F 624 22.15 -11.98 -40.01
N ASP G 8 8.85 -13.34 -39.46
CA ASP G 8 9.15 -13.69 -38.08
C ASP G 8 9.21 -12.46 -37.20
N SER G 9 9.29 -12.68 -35.88
CA SER G 9 9.45 -11.58 -34.94
C SER G 9 10.71 -10.78 -35.24
N GLN G 10 11.83 -11.46 -35.51
CA GLN G 10 13.06 -10.76 -35.85
C GLN G 10 12.86 -9.86 -37.07
N ASP G 11 12.12 -10.36 -38.06
CA ASP G 11 11.90 -9.57 -39.27
C ASP G 11 11.19 -8.27 -38.94
N LEU G 12 10.13 -8.38 -38.13
CA LEU G 12 9.39 -7.19 -37.72
C LEU G 12 10.29 -6.23 -36.95
N LEU G 13 11.17 -6.77 -36.10
CA LEU G 13 12.06 -5.92 -35.33
C LEU G 13 13.02 -5.15 -36.23
N PHE G 14 13.55 -5.83 -37.26
CA PHE G 14 14.45 -5.16 -38.19
C PHE G 14 13.70 -4.10 -38.99
N LYS G 15 12.47 -4.40 -39.42
CA LYS G 15 11.72 -3.43 -40.20
C LYS G 15 11.37 -2.22 -39.34
N ALA G 16 11.01 -2.46 -38.08
CA ALA G 16 10.76 -1.38 -37.14
C ALA G 16 11.97 -0.48 -37.03
N GLU G 17 13.13 -1.07 -36.72
CA GLU G 17 14.34 -0.26 -36.61
C GLU G 17 14.61 0.50 -37.90
N SER G 18 14.32 -0.12 -39.05
CA SER G 18 14.57 0.52 -40.34
C SER G 18 13.70 1.77 -40.48
N LEU G 19 12.45 1.69 -40.01
CA LEU G 19 11.55 2.83 -40.12
C LEU G 19 11.85 3.91 -39.10
N ILE G 20 12.32 3.53 -37.91
CA ILE G 20 12.65 4.52 -36.88
C ILE G 20 13.76 5.43 -37.40
N VAL G 21 14.72 4.88 -38.11
CA VAL G 21 15.74 5.69 -38.77
C VAL G 21 15.15 6.12 -40.11
N ASN G 22 15.73 7.18 -40.69
CA ASN G 22 15.26 7.84 -41.91
C ASN G 22 13.97 8.60 -41.68
N SER G 23 13.42 8.60 -40.47
CA SER G 23 12.22 9.35 -40.13
C SER G 23 12.52 10.62 -39.37
N THR G 24 13.61 10.64 -38.58
CA THR G 24 14.05 11.78 -37.80
C THR G 24 13.09 12.19 -36.70
N ASN G 25 12.03 11.40 -36.47
CA ASN G 25 11.11 11.70 -35.37
C ASN G 25 10.35 10.42 -35.04
N ARG G 26 10.79 9.74 -33.98
CA ARG G 26 10.17 8.48 -33.57
C ARG G 26 8.69 8.66 -33.28
N TYR G 27 8.32 9.81 -32.75
CA TYR G 27 6.93 10.09 -32.44
C TYR G 27 6.12 10.22 -33.72
N HIS G 28 6.62 11.01 -34.66
CA HIS G 28 5.89 11.20 -35.91
C HIS G 28 5.71 9.89 -36.64
N VAL G 29 6.74 9.03 -36.63
CA VAL G 29 6.62 7.77 -37.36
C VAL G 29 5.78 6.77 -36.59
N THR G 30 5.62 6.95 -35.28
CA THR G 30 4.72 6.08 -34.54
C THR G 30 3.30 6.50 -34.84
N LEU G 31 3.08 7.81 -34.99
CA LEU G 31 1.76 8.31 -35.31
C LEU G 31 1.37 7.84 -36.70
N GLN G 32 2.29 7.90 -37.66
CA GLN G 32 1.99 7.42 -39.01
C GLN G 32 1.67 5.94 -39.00
N ILE G 33 2.43 5.13 -38.24
CA ILE G 33 2.13 3.71 -38.20
C ILE G 33 0.75 3.47 -37.59
N ALA G 34 0.41 4.21 -36.54
CA ALA G 34 -0.90 4.05 -35.93
C ALA G 34 -2.00 4.37 -36.94
N ARG G 35 -1.90 5.52 -37.60
CA ARG G 35 -2.90 5.92 -38.59
C ARG G 35 -3.04 4.86 -39.67
N ARG G 36 -1.92 4.47 -40.28
CA ARG G 36 -1.94 3.47 -41.34
C ARG G 36 -2.63 2.20 -40.88
N ALA G 37 -2.25 1.68 -39.70
CA ALA G 37 -2.86 0.44 -39.22
C ALA G 37 -4.36 0.62 -38.99
N LYS G 38 -4.77 1.81 -38.56
CA LYS G 38 -6.19 2.08 -38.35
C LYS G 38 -6.94 1.97 -39.66
N GLN G 39 -6.44 2.68 -40.69
CA GLN G 39 -7.06 2.60 -42.00
C GLN G 39 -7.09 1.17 -42.50
N ALA G 40 -5.98 0.45 -42.30
CA ALA G 40 -5.86 -0.94 -42.74
C ALA G 40 -7.01 -1.78 -42.20
N ARG G 41 -7.14 -1.83 -40.87
CA ARG G 41 -8.20 -2.61 -40.26
C ARG G 41 -9.58 -2.12 -40.71
N TYR G 42 -9.75 -0.79 -40.82
CA TYR G 42 -11.05 -0.27 -41.22
C TYR G 42 -11.44 -0.78 -42.60
N GLU G 43 -10.55 -0.64 -43.58
CA GLU G 43 -10.83 -1.09 -44.94
C GLU G 43 -10.54 -2.57 -45.13
N GLU G 44 -10.37 -3.31 -44.04
CA GLU G 44 -10.22 -4.76 -44.10
C GLU G 44 -11.34 -5.53 -43.44
N MET G 45 -11.97 -4.97 -42.40
CA MET G 45 -13.11 -5.64 -41.79
C MET G 45 -14.24 -5.86 -42.79
N GLU G 46 -14.44 -4.90 -43.71
CA GLU G 46 -15.43 -4.95 -44.81
C GLU G 46 -16.29 -6.21 -44.92
N ILE G 54 -3.29 -11.76 -39.58
CA ILE G 54 -2.35 -10.67 -39.41
C ILE G 54 -3.02 -9.60 -38.53
N LYS G 55 -2.21 -8.77 -37.89
CA LYS G 55 -2.71 -7.69 -37.07
C LYS G 55 -2.42 -6.34 -37.71
N PRO G 56 -3.32 -5.36 -37.55
CA PRO G 56 -3.16 -4.07 -38.23
C PRO G 56 -1.77 -3.45 -38.11
N VAL G 57 -1.25 -3.28 -36.90
CA VAL G 57 0.03 -2.61 -36.74
C VAL G 57 1.13 -3.37 -37.49
N LEU G 58 1.06 -4.70 -37.49
CA LEU G 58 2.06 -5.50 -38.19
C LEU G 58 1.99 -5.24 -39.69
N ARG G 59 0.79 -5.32 -40.26
CA ARG G 59 0.65 -5.10 -41.70
C ARG G 59 1.10 -3.69 -42.05
N ALA G 60 0.76 -2.72 -41.20
CA ALA G 60 1.18 -1.34 -41.43
C ALA G 60 2.69 -1.23 -41.51
N ILE G 61 3.39 -1.90 -40.59
CA ILE G 61 4.85 -1.81 -40.58
C ILE G 61 5.43 -2.51 -41.79
N LEU G 62 4.90 -3.70 -42.12
CA LEU G 62 5.34 -4.40 -43.32
C LEU G 62 5.20 -3.49 -44.54
N GLU G 63 4.02 -2.89 -44.71
CA GLU G 63 3.77 -2.06 -45.89
C GLU G 63 4.74 -0.89 -45.93
N MET G 64 4.90 -0.20 -44.80
CA MET G 64 5.75 0.99 -44.80
C MET G 64 7.20 0.62 -45.05
N SER G 65 7.65 -0.54 -44.57
CA SER G 65 9.01 -0.98 -44.83
C SER G 65 9.18 -1.30 -46.31
N ASP G 66 8.21 -2.01 -46.90
CA ASP G 66 8.29 -2.38 -48.31
C ASP G 66 8.17 -1.16 -49.22
N GLU G 67 7.64 -0.05 -48.72
CA GLU G 67 7.52 1.17 -49.49
C GLU G 67 8.75 2.05 -49.41
N LEU G 68 9.67 1.77 -48.49
CA LEU G 68 10.87 2.57 -48.32
C LEU G 68 11.96 2.22 -49.32
N ASN G 69 11.81 1.11 -50.04
CA ASN G 69 12.74 0.66 -51.08
C ASN G 69 14.22 0.95 -50.77
N ALA H 4 26.37 -1.28 -40.70
CA ALA H 4 27.00 -2.46 -41.30
C ALA H 4 28.39 -2.13 -41.84
N LYS H 5 28.95 -3.06 -42.60
CA LYS H 5 30.17 -2.86 -43.38
C LYS H 5 31.40 -2.85 -42.48
N SER H 6 31.18 -2.89 -41.17
CA SER H 6 32.26 -2.86 -40.19
C SER H 6 32.53 -4.28 -39.75
N ALA H 7 33.64 -4.85 -40.18
CA ALA H 7 33.96 -6.22 -39.84
C ALA H 7 34.40 -6.27 -38.38
N PRO H 8 33.94 -7.26 -37.62
CA PRO H 8 34.34 -7.35 -36.22
C PRO H 8 35.81 -7.69 -36.09
N ILE H 9 36.39 -7.24 -35.02
CA ILE H 9 37.79 -7.54 -34.73
C ILE H 9 37.83 -8.86 -33.99
N PHE H 10 38.86 -9.65 -34.25
CA PHE H 10 39.03 -10.93 -33.56
C PHE H 10 39.62 -10.64 -32.20
N ARG H 11 38.77 -10.66 -31.19
CA ARG H 11 39.22 -10.35 -29.84
C ARG H 11 39.94 -11.59 -29.32
N ASN H 12 41.26 -11.56 -29.38
CA ASN H 12 42.09 -12.67 -28.93
C ASN H 12 42.59 -12.37 -27.51
N ARG H 13 41.64 -12.40 -26.58
CA ARG H 13 41.90 -12.01 -25.21
C ARG H 13 40.80 -12.59 -24.33
N VAL H 14 41.01 -12.44 -23.01
CA VAL H 14 39.99 -12.85 -22.06
C VAL H 14 38.84 -11.84 -22.09
N ILE H 15 37.65 -12.29 -21.76
CA ILE H 15 36.43 -11.50 -21.91
C ILE H 15 35.77 -11.40 -20.55
N ASP H 16 35.95 -10.27 -19.88
CA ASP H 16 35.24 -9.97 -18.65
C ASP H 16 34.02 -9.13 -18.98
N LYS H 17 33.42 -8.54 -17.96
CA LYS H 17 32.22 -7.74 -18.18
C LYS H 17 32.56 -6.47 -18.95
N LYS H 18 33.73 -5.88 -18.69
CA LYS H 18 34.10 -4.65 -19.39
C LYS H 18 34.23 -4.89 -20.89
N GLN H 19 34.82 -6.01 -21.27
CA GLN H 19 34.94 -6.33 -22.69
C GLN H 19 33.58 -6.56 -23.31
N LEU H 20 32.67 -7.22 -22.59
CA LEU H 20 31.33 -7.43 -23.13
C LEU H 20 30.58 -6.11 -23.30
N LYS H 21 30.67 -5.23 -22.31
CA LYS H 21 30.03 -3.93 -22.43
C LYS H 21 30.61 -3.12 -23.58
N LYS H 22 31.94 -3.16 -23.73
CA LYS H 22 32.59 -2.48 -24.84
C LYS H 22 32.12 -3.05 -26.18
N LEU H 23 32.02 -4.37 -26.27
CA LEU H 23 31.57 -5.01 -27.50
C LEU H 23 30.12 -4.66 -27.81
N ILE H 24 29.25 -4.63 -26.80
CA ILE H 24 27.86 -4.26 -27.03
C ILE H 24 27.77 -2.81 -27.49
N GLY H 25 28.53 -1.91 -26.88
CA GLY H 25 28.52 -0.53 -27.32
C GLY H 25 29.00 -0.39 -28.76
N TRP H 26 30.07 -1.08 -29.11
CA TRP H 26 30.57 -1.05 -30.48
C TRP H 26 29.54 -1.60 -31.45
N THR H 27 28.89 -2.69 -31.08
CA THR H 27 27.88 -3.29 -31.94
C THR H 27 26.72 -2.35 -32.15
N PHE H 28 26.28 -1.67 -31.09
CA PHE H 28 25.21 -0.71 -31.24
C PHE H 28 25.64 0.44 -32.14
N ALA H 29 26.86 0.92 -31.97
CA ALA H 29 27.32 2.06 -32.74
C ALA H 29 27.46 1.72 -34.21
N HIS H 30 27.80 0.48 -34.54
CA HIS H 30 28.10 0.15 -35.92
C HIS H 30 26.99 -0.62 -36.63
N TYR H 31 26.14 -1.34 -35.91
CA TYR H 31 25.22 -2.28 -36.52
C TYR H 31 23.76 -1.96 -36.27
N GLY H 32 23.41 -1.25 -35.21
CA GLY H 32 22.04 -0.89 -34.96
C GLY H 32 21.56 -1.47 -33.65
N THR H 33 20.27 -1.36 -33.41
CA THR H 33 19.75 -1.77 -32.11
C THR H 33 19.18 -3.18 -32.13
N ALA H 34 18.88 -3.72 -33.31
CA ALA H 34 18.35 -5.07 -33.37
C ALA H 34 19.45 -6.08 -33.63
N LYS H 35 20.57 -5.65 -34.18
CA LYS H 35 21.70 -6.55 -34.24
C LYS H 35 22.38 -6.57 -32.89
N THR H 36 22.33 -5.45 -32.16
CA THR H 36 22.82 -5.45 -30.80
C THR H 36 21.98 -6.38 -29.94
N ALA H 37 20.65 -6.38 -30.14
CA ALA H 37 19.81 -7.32 -29.41
C ALA H 37 20.15 -8.76 -29.76
N VAL H 38 20.37 -9.05 -31.05
CA VAL H 38 20.72 -10.41 -31.46
C VAL H 38 22.05 -10.83 -30.85
N VAL H 39 23.04 -9.94 -30.88
CA VAL H 39 24.35 -10.26 -30.33
C VAL H 39 24.24 -10.52 -28.82
N ALA H 40 23.45 -9.71 -28.13
CA ALA H 40 23.29 -9.91 -26.69
C ALA H 40 22.65 -11.24 -26.38
N ASP H 41 21.64 -11.64 -27.17
CA ASP H 41 21.02 -12.94 -26.95
C ASP H 41 22.00 -14.08 -27.24
N ASP H 42 22.78 -13.97 -28.31
CA ASP H 42 23.76 -15.00 -28.61
C ASP H 42 24.82 -15.12 -27.54
N LEU H 43 25.31 -13.99 -27.04
CA LEU H 43 26.29 -14.03 -25.96
C LEU H 43 25.69 -14.61 -24.69
N LYS H 44 24.43 -14.30 -24.40
CA LYS H 44 23.76 -14.88 -23.25
C LYS H 44 23.68 -16.40 -23.37
N ALA H 45 23.30 -16.89 -24.54
CA ALA H 45 23.23 -18.33 -24.77
C ALA H 45 24.59 -18.99 -24.61
N LEU H 46 25.61 -18.38 -25.22
CA LEU H 46 26.96 -18.95 -25.14
C LEU H 46 27.46 -18.99 -23.70
N GLY H 47 27.26 -17.91 -22.96
CA GLY H 47 27.70 -17.87 -21.58
C GLY H 47 26.96 -18.86 -20.71
N PHE H 48 25.64 -18.96 -20.88
CA PHE H 48 24.88 -19.93 -20.10
C PHE H 48 25.32 -21.35 -20.40
N ARG H 49 25.65 -21.64 -21.65
CA ARG H 49 26.06 -23.00 -22.01
C ARG H 49 27.43 -23.34 -21.43
N TYR H 50 28.37 -22.41 -21.52
CA TYR H 50 29.72 -22.78 -21.12
C TYR H 50 30.00 -22.42 -19.67
N ALA H 51 29.05 -21.81 -18.97
CA ALA H 51 29.12 -21.75 -17.54
C ALA H 51 28.56 -23.03 -16.92
N THR H 52 27.82 -23.81 -17.70
CA THR H 52 27.28 -25.09 -17.29
C THR H 52 28.25 -26.21 -17.61
N ARG H 53 28.94 -26.12 -18.75
CA ARG H 53 29.94 -27.13 -19.06
C ARG H 53 31.14 -27.04 -18.13
N ALA H 54 31.41 -25.86 -17.57
CA ALA H 54 32.58 -25.71 -16.71
C ALA H 54 32.41 -26.44 -15.40
N GLY H 55 31.20 -26.48 -14.86
CA GLY H 55 31.00 -27.05 -13.55
C GLY H 55 31.61 -26.16 -12.49
N VAL H 56 31.36 -24.86 -12.60
CA VAL H 56 31.82 -23.91 -11.61
C VAL H 56 31.07 -24.16 -10.32
N SER H 57 31.79 -24.23 -9.21
CA SER H 57 31.15 -24.52 -7.93
C SER H 57 31.84 -23.73 -6.84
N ILE H 58 31.39 -23.95 -5.62
CA ILE H 58 31.94 -23.27 -4.45
C ILE H 58 32.10 -24.30 -3.36
N SER H 59 33.22 -24.26 -2.67
CA SER H 59 33.50 -25.20 -1.62
C SER H 59 34.13 -24.44 -0.46
N ILE H 60 34.56 -25.18 0.55
CA ILE H 60 35.23 -24.53 1.66
C ILE H 60 36.71 -24.41 1.35
N ASP H 61 37.28 -25.36 0.64
CA ASP H 61 38.66 -25.27 0.20
C ASP H 61 38.82 -24.35 -0.99
N ASP H 62 37.74 -24.01 -1.69
CA ASP H 62 37.83 -23.00 -2.73
C ASP H 62 38.10 -21.63 -2.16
N LEU H 63 37.82 -21.44 -0.88
CA LEU H 63 38.07 -20.18 -0.20
C LEU H 63 39.48 -20.26 0.35
N LYS H 64 40.45 -19.86 -0.46
CA LYS H 64 41.84 -20.07 -0.12
C LYS H 64 42.35 -18.85 0.63
N VAL H 65 42.83 -19.09 1.84
CA VAL H 65 43.41 -18.06 2.69
C VAL H 65 44.91 -18.17 2.51
N PRO H 66 45.63 -17.06 2.32
CA PRO H 66 47.07 -17.17 2.15
C PRO H 66 47.70 -17.80 3.36
N GLY H 67 48.79 -18.51 3.14
CA GLY H 67 49.42 -19.24 4.21
C GLY H 67 50.25 -18.37 5.10
N SER H 68 50.33 -17.08 4.78
CA SER H 68 51.10 -16.14 5.55
C SER H 68 50.20 -15.30 6.45
N LYS H 69 48.94 -15.67 6.58
CA LYS H 69 48.02 -14.91 7.42
C LYS H 69 48.45 -15.01 8.88
N ALA H 70 48.85 -16.21 9.31
CA ALA H 70 49.19 -16.42 10.71
C ALA H 70 50.43 -15.62 11.11
N GLU H 71 51.47 -15.63 10.27
CA GLU H 71 52.68 -14.90 10.63
C GLU H 71 52.45 -13.40 10.59
N LEU H 72 51.63 -12.93 9.66
CA LEU H 72 51.29 -11.52 9.61
C LEU H 72 50.55 -11.09 10.86
N LEU H 73 49.58 -11.89 11.29
CA LEU H 73 48.85 -11.57 12.51
C LEU H 73 49.78 -11.62 13.72
N GLU H 74 50.70 -12.57 13.75
CA GLU H 74 51.65 -12.63 14.87
C GLU H 74 52.53 -11.39 14.91
N SER H 75 53.04 -10.95 13.77
CA SER H 75 53.85 -9.74 13.74
C SER H 75 53.04 -8.52 14.17
N ALA H 76 51.80 -8.42 13.67
CA ALA H 76 50.95 -7.30 14.07
C ALA H 76 50.71 -7.31 15.57
N GLU H 77 50.45 -8.49 16.13
CA GLU H 77 50.20 -8.58 17.56
C GLU H 77 51.45 -8.25 18.37
N LYS H 78 52.63 -8.62 17.86
CA LYS H 78 53.86 -8.23 18.53
C LYS H 78 54.02 -6.72 18.56
N ARG H 79 53.73 -6.06 17.44
CA ARG H 79 53.78 -4.60 17.41
C ARG H 79 52.78 -4.00 18.38
N ILE H 80 51.57 -4.58 18.43
CA ILE H 80 50.55 -4.08 19.35
C ILE H 80 51.00 -4.23 20.79
N GLN H 81 51.63 -5.34 21.13
CA GLN H 81 52.13 -5.52 22.48
C GLN H 81 53.19 -4.50 22.81
N GLU H 82 54.09 -4.22 21.86
CA GLU H 82 55.07 -3.15 22.11
C GLU H 82 54.38 -1.83 22.35
N THR H 83 53.36 -1.52 21.55
CA THR H 83 52.64 -0.26 21.72
C THR H 83 51.99 -0.18 23.09
N GLU H 84 51.31 -1.25 23.50
CA GLU H 84 50.64 -1.22 24.79
C GLU H 84 51.62 -1.20 25.95
N ASP H 85 52.77 -1.85 25.80
CA ASP H 85 53.80 -1.74 26.84
C ASP H 85 54.35 -0.32 26.92
N ARG H 86 54.50 0.34 25.77
CA ARG H 86 54.87 1.75 25.79
C ARG H 86 53.81 2.58 26.50
N TYR H 87 52.54 2.29 26.23
CA TYR H 87 51.46 3.04 26.87
C TYR H 87 51.49 2.82 28.38
N THR H 88 51.71 1.58 28.78
CA THR H 88 51.70 1.26 30.21
C THR H 88 52.86 1.94 30.93
N ARG H 89 53.96 2.18 30.24
CA ARG H 89 55.12 2.81 30.87
C ARG H 89 55.08 4.32 30.79
N GLY H 90 54.04 4.91 30.21
CA GLY H 90 53.94 6.35 30.16
C GLY H 90 54.67 7.02 29.03
N GLU H 91 55.25 6.25 28.09
CA GLU H 91 56.00 6.87 27.01
C GLU H 91 55.09 7.56 26.00
N ILE H 92 53.86 7.06 25.83
CA ILE H 92 52.90 7.63 24.91
C ILE H 92 51.61 7.83 25.66
N THR H 93 50.78 8.72 25.14
CA THR H 93 49.50 9.00 25.76
C THR H 93 48.46 8.03 25.20
N GLU H 94 47.22 8.13 25.67
CA GLU H 94 46.24 7.12 25.28
C GLU H 94 45.75 7.30 23.85
N VAL H 95 45.66 8.53 23.37
CA VAL H 95 45.17 8.68 22.00
C VAL H 95 46.25 8.36 20.99
N GLU H 96 47.48 8.19 21.45
CA GLU H 96 48.53 7.79 20.54
C GLU H 96 48.64 6.30 20.52
N ARG H 97 48.37 5.64 21.65
CA ARG H 97 48.23 4.20 21.63
C ARG H 97 47.08 3.80 20.73
N PHE H 98 45.95 4.50 20.84
CA PHE H 98 44.80 4.22 20.00
C PHE H 98 45.11 4.44 18.54
N GLN H 99 45.76 5.56 18.22
CA GLN H 99 46.09 5.83 16.82
C GLN H 99 47.03 4.78 16.27
N LYS H 100 48.04 4.40 17.05
CA LYS H 100 49.00 3.43 16.57
C LYS H 100 48.35 2.08 16.32
N VAL H 101 47.50 1.61 17.25
CA VAL H 101 46.92 0.29 17.03
C VAL H 101 45.90 0.32 15.91
N ILE H 102 45.26 1.46 15.66
CA ILE H 102 44.34 1.54 14.54
C ILE H 102 45.12 1.51 13.23
N ASP H 103 46.22 2.25 13.16
CA ASP H 103 46.98 2.29 11.92
C ASP H 103 47.64 0.94 11.67
N THR H 104 48.09 0.29 12.73
CA THR H 104 48.68 -1.03 12.61
C THR H 104 47.69 -2.00 11.99
N TRP H 105 46.45 -2.03 12.52
CA TRP H 105 45.51 -2.98 11.96
C TRP H 105 44.99 -2.58 10.58
N ALA H 106 45.04 -1.30 10.22
CA ALA H 106 44.65 -0.95 8.86
C ALA H 106 45.74 -1.34 7.86
N ASN H 107 46.99 -1.30 8.28
CA ASN H 107 48.05 -1.70 7.36
C ASN H 107 48.11 -3.21 7.27
N THR H 108 47.85 -3.90 8.38
CA THR H 108 47.79 -5.35 8.33
C THR H 108 46.67 -5.79 7.41
N ASN H 109 45.54 -5.09 7.44
CA ASN H 109 44.43 -5.44 6.56
C ASN H 109 44.79 -5.22 5.09
N ASP H 110 45.45 -4.10 4.78
CA ASP H 110 45.85 -3.88 3.39
C ASP H 110 46.87 -4.92 2.92
N GLU H 111 47.87 -5.24 3.75
CA GLU H 111 48.84 -6.25 3.35
C GLU H 111 48.17 -7.59 3.13
N LEU H 112 47.25 -7.97 4.03
CA LEU H 112 46.57 -9.24 3.86
C LEU H 112 45.74 -9.28 2.60
N THR H 113 45.07 -8.17 2.27
CA THR H 113 44.29 -8.13 1.03
C THR H 113 45.17 -8.29 -0.19
N ASP H 114 46.31 -7.60 -0.22
CA ASP H 114 47.24 -7.78 -1.33
C ASP H 114 47.70 -9.22 -1.44
N ARG H 115 48.04 -9.83 -0.31
CA ARG H 115 48.48 -11.22 -0.34
C ARG H 115 47.38 -12.14 -0.82
N VAL H 116 46.14 -11.86 -0.43
CA VAL H 116 45.02 -12.67 -0.88
C VAL H 116 44.93 -12.62 -2.40
N VAL H 117 44.97 -11.41 -2.96
CA VAL H 117 44.83 -11.28 -4.41
C VAL H 117 45.99 -11.95 -5.12
N LYS H 118 47.21 -11.78 -4.61
CA LYS H 118 48.37 -12.40 -5.23
C LYS H 118 48.31 -13.92 -5.14
N ASN H 119 47.82 -14.46 -4.02
CA ASN H 119 47.73 -15.89 -3.86
C ASN H 119 46.71 -16.47 -4.83
N PHE H 120 45.61 -15.74 -5.03
CA PHE H 120 44.61 -16.20 -5.98
C PHE H 120 45.17 -16.16 -7.39
N ARG H 121 45.89 -15.11 -7.74
CA ARG H 121 46.40 -14.92 -9.10
C ARG H 121 47.67 -15.71 -9.37
N GLU H 122 48.23 -16.37 -8.36
CA GLU H 122 49.49 -17.07 -8.52
C GLU H 122 49.32 -18.57 -8.41
N SER H 123 48.66 -19.06 -7.35
CA SER H 123 48.50 -20.49 -7.17
C SER H 123 47.43 -21.04 -8.11
N ASP H 124 46.20 -20.55 -7.98
CA ASP H 124 45.05 -21.04 -8.73
C ASP H 124 44.36 -19.91 -9.46
N PRO H 125 44.77 -19.59 -10.69
CA PRO H 125 44.10 -18.51 -11.42
C PRO H 125 42.77 -18.92 -12.02
N LEU H 126 42.40 -20.20 -11.97
CA LEU H 126 41.09 -20.64 -12.38
C LEU H 126 40.22 -21.03 -11.20
N ASN H 127 40.55 -20.55 -10.00
CA ASN H 127 39.70 -20.76 -8.84
C ASN H 127 38.32 -20.17 -9.08
N SER H 128 37.30 -20.87 -8.60
CA SER H 128 35.93 -20.43 -8.85
C SER H 128 35.66 -19.08 -8.23
N VAL H 129 36.11 -18.87 -6.99
CA VAL H 129 35.91 -17.58 -6.34
C VAL H 129 36.67 -16.50 -7.07
N TYR H 130 37.93 -16.76 -7.40
CA TYR H 130 38.71 -15.80 -8.15
C TYR H 130 38.12 -15.59 -9.54
N MET H 131 37.68 -16.65 -10.19
CA MET H 131 37.13 -16.52 -11.53
C MET H 131 35.86 -15.68 -11.54
N MET H 132 35.01 -15.87 -10.55
CA MET H 132 33.73 -15.16 -10.50
C MET H 132 33.80 -13.80 -9.84
N ALA H 133 34.89 -13.47 -9.16
CA ALA H 133 35.07 -12.13 -8.64
C ALA H 133 35.91 -11.25 -9.56
N PHE H 134 36.92 -11.84 -10.20
CA PHE H 134 37.79 -11.07 -11.08
C PHE H 134 37.13 -10.78 -12.43
N SER H 135 36.28 -11.69 -12.92
CA SER H 135 35.60 -11.46 -14.17
C SER H 135 34.51 -10.41 -14.06
N GLY H 136 34.13 -10.06 -12.84
CA GLY H 136 33.07 -9.09 -12.63
C GLY H 136 31.67 -9.63 -12.70
N ALA H 137 31.47 -10.92 -12.47
CA ALA H 137 30.12 -11.46 -12.58
C ALA H 137 29.29 -11.22 -11.32
N ARG H 138 29.67 -11.86 -10.20
CA ARG H 138 28.97 -11.68 -8.92
C ARG H 138 29.90 -11.52 -7.72
N GLY H 139 30.36 -10.32 -7.45
CA GLY H 139 31.38 -10.17 -6.42
C GLY H 139 32.10 -8.85 -6.48
N ASN H 140 33.00 -8.70 -5.52
CA ASN H 140 33.79 -7.48 -5.34
C ASN H 140 35.15 -7.88 -4.80
N ILE H 141 35.88 -6.91 -4.26
CA ILE H 141 37.09 -7.18 -3.53
C ILE H 141 36.90 -6.97 -2.02
N SER H 142 35.94 -6.13 -1.62
CA SER H 142 35.62 -6.00 -0.21
C SER H 142 34.84 -7.19 0.31
N GLN H 143 34.42 -8.10 -0.56
CA GLN H 143 33.72 -9.31 -0.13
C GLN H 143 34.62 -10.54 -0.14
N VAL H 144 35.56 -10.62 -1.08
CA VAL H 144 36.55 -11.68 -0.99
C VAL H 144 37.45 -11.46 0.22
N ARG H 145 37.63 -10.20 0.60
CA ARG H 145 38.41 -9.86 1.78
C ARG H 145 37.78 -10.46 3.02
N GLN H 146 36.46 -10.39 3.13
CA GLN H 146 35.78 -10.87 4.30
C GLN H 146 35.50 -12.36 4.24
N LEU H 147 35.76 -13.01 3.10
CA LEU H 147 35.58 -14.45 3.00
C LEU H 147 36.87 -15.22 3.26
N VAL H 148 38.01 -14.70 2.80
CA VAL H 148 39.27 -15.41 2.93
C VAL H 148 40.37 -14.58 3.54
N GLY H 149 40.10 -13.35 3.94
CA GLY H 149 41.14 -12.50 4.46
C GLY H 149 40.94 -12.18 5.92
N MET H 150 40.38 -11.01 6.19
CA MET H 150 40.27 -10.48 7.53
C MET H 150 39.23 -9.39 7.48
N ARG H 151 38.34 -9.38 8.46
CA ARG H 151 37.21 -8.46 8.39
C ARG H 151 37.65 -7.03 8.66
N GLY H 152 38.54 -6.84 9.62
CA GLY H 152 39.14 -5.55 9.84
C GLY H 152 38.49 -4.80 10.99
N LEU H 153 38.72 -3.49 10.99
CA LEU H 153 38.23 -2.63 12.05
C LEU H 153 36.80 -2.21 11.75
N MET H 154 35.93 -2.33 12.74
CA MET H 154 34.54 -1.93 12.64
C MET H 154 34.27 -0.77 13.59
N ALA H 155 33.01 -0.36 13.65
CA ALA H 155 32.64 0.83 14.39
C ALA H 155 31.51 0.51 15.36
N ASN H 156 31.43 1.33 16.40
CA ASN H 156 30.41 1.21 17.42
C ASN H 156 29.06 1.55 16.82
N PRO H 157 27.95 1.31 17.55
CA PRO H 157 26.66 1.77 17.04
C PRO H 157 26.56 3.28 17.01
N GLN H 158 27.57 3.96 17.55
CA GLN H 158 27.61 5.42 17.63
C GLN H 158 28.59 6.03 16.64
N GLY H 159 29.57 5.26 16.18
CA GLY H 159 30.54 5.70 15.20
C GLY H 159 31.98 5.54 15.63
N GLU H 160 32.24 5.24 16.89
CA GLU H 160 33.60 5.14 17.39
C GLU H 160 34.23 3.84 16.90
N ILE H 161 35.49 3.92 16.51
CA ILE H 161 36.20 2.76 15.98
C ILE H 161 36.62 1.88 17.15
N ILE H 162 36.07 0.67 17.21
CA ILE H 162 36.45 -0.27 18.25
C ILE H 162 37.88 -0.71 17.97
N ASP H 163 38.77 -0.54 18.95
CA ASP H 163 40.17 -0.86 18.74
C ASP H 163 40.43 -2.36 18.65
N LEU H 164 39.42 -3.18 18.94
CA LEU H 164 39.53 -4.61 18.71
C LEU H 164 39.11 -4.89 17.28
N PRO H 165 39.98 -5.39 16.42
CA PRO H 165 39.58 -5.69 15.05
C PRO H 165 39.06 -7.10 14.96
N ILE H 166 38.40 -7.39 13.86
CA ILE H 166 37.97 -8.74 13.57
C ILE H 166 39.08 -9.38 12.76
N LYS H 167 39.69 -10.43 13.30
CA LYS H 167 40.84 -11.05 12.67
C LYS H 167 40.49 -12.40 12.08
N THR H 168 39.22 -12.65 11.82
CA THR H 168 38.78 -13.89 11.21
C THR H 168 37.93 -13.59 9.99
N ASN H 169 37.81 -14.58 9.12
CA ASN H 169 36.96 -14.48 7.96
C ASN H 169 35.67 -15.23 8.21
N PHE H 170 34.85 -15.36 7.18
CA PHE H 170 33.68 -16.22 7.25
C PHE H 170 34.03 -17.67 7.01
N ARG H 171 35.22 -17.97 6.49
CA ARG H 171 35.67 -19.34 6.36
C ARG H 171 36.11 -19.91 7.70
N GLU H 172 36.77 -19.10 8.53
CA GLU H 172 37.25 -19.57 9.82
C GLU H 172 36.15 -19.48 10.87
N GLY H 173 35.30 -18.48 10.78
CA GLY H 173 34.19 -18.35 11.68
C GLY H 173 34.47 -17.30 12.74
N LEU H 174 33.55 -16.37 12.92
CA LEU H 174 33.74 -15.34 13.90
C LEU H 174 33.47 -15.89 15.30
N THR H 175 33.83 -15.10 16.30
CA THR H 175 33.56 -15.43 17.66
C THR H 175 32.29 -14.69 18.10
N VAL H 176 31.91 -14.86 19.36
CA VAL H 176 30.73 -14.17 19.86
C VAL H 176 30.96 -12.67 19.86
N THR H 177 32.18 -12.25 20.19
CA THR H 177 32.46 -10.82 20.25
C THR H 177 32.47 -10.23 18.86
N GLU H 178 33.02 -10.98 17.90
CA GLU H 178 33.07 -10.47 16.55
C GLU H 178 31.71 -10.52 15.92
N TYR H 179 30.86 -11.46 16.33
CA TYR H 179 29.51 -11.47 15.82
C TYR H 179 28.76 -10.24 16.27
N ILE H 180 28.93 -9.82 17.52
CA ILE H 180 28.26 -8.61 17.97
C ILE H 180 28.78 -7.39 17.21
N ILE H 181 30.10 -7.30 17.06
CA ILE H 181 30.68 -6.16 16.37
C ILE H 181 30.23 -6.09 14.91
N SER H 182 30.07 -7.25 14.26
CA SER H 182 29.56 -7.25 12.89
C SER H 182 28.08 -6.91 12.83
N SER H 183 27.30 -7.39 13.80
CA SER H 183 25.87 -7.12 13.80
C SER H 183 25.58 -5.65 13.95
N TYR H 184 26.45 -4.93 14.65
CA TYR H 184 26.31 -3.47 14.70
C TYR H 184 26.13 -2.88 13.31
N GLY H 185 27.14 -3.06 12.45
CA GLY H 185 27.08 -2.50 11.12
C GLY H 185 26.00 -3.11 10.24
N ALA H 186 25.72 -4.40 10.40
CA ALA H 186 24.64 -5.00 9.63
C ALA H 186 23.32 -4.29 9.91
N ARG H 187 23.00 -4.09 11.18
CA ARG H 187 21.76 -3.40 11.52
C ARG H 187 21.78 -1.95 11.04
N LYS H 188 22.94 -1.30 11.16
CA LYS H 188 23.03 0.08 10.69
C LYS H 188 22.66 0.16 9.22
N GLY H 189 23.21 -0.74 8.39
CA GLY H 189 22.87 -0.77 6.99
C GLY H 189 21.40 -1.07 6.73
N LEU H 190 20.84 -2.02 7.49
CA LEU H 190 19.44 -2.37 7.32
C LEU H 190 18.53 -1.19 7.58
N VAL H 191 18.77 -0.48 8.69
CA VAL H 191 17.93 0.65 9.05
C VAL H 191 18.14 1.78 8.06
N ASP H 192 19.38 1.96 7.60
CA ASP H 192 19.66 2.92 6.54
C ASP H 192 18.82 2.67 5.31
N THR H 193 18.79 1.42 4.83
CA THR H 193 17.99 1.14 3.63
C THR H 193 16.50 1.39 3.86
N ALA H 194 16.01 0.97 5.02
CA ALA H 194 14.59 1.14 5.33
C ALA H 194 14.22 2.61 5.34
N LEU H 195 15.09 3.45 5.89
CA LEU H 195 14.74 4.85 6.03
C LEU H 195 15.17 5.66 4.82
N ARG H 196 16.05 5.11 3.98
CA ARG H 196 16.54 5.80 2.80
C ARG H 196 15.53 5.74 1.66
N THR H 197 14.70 4.69 1.63
CA THR H 197 13.85 4.54 0.45
C THR H 197 12.86 5.71 0.34
N ALA H 198 12.30 6.14 1.46
CA ALA H 198 11.35 7.26 1.45
C ALA H 198 12.01 8.56 1.03
N ASP H 199 13.20 8.84 1.55
CA ASP H 199 13.93 10.06 1.15
C ASP H 199 14.26 10.05 -0.33
N SER H 200 14.70 8.91 -0.86
CA SER H 200 15.02 8.84 -2.28
C SER H 200 13.77 9.13 -3.11
N GLY H 201 12.63 8.55 -2.72
CA GLY H 201 11.41 8.80 -3.46
C GLY H 201 10.99 10.25 -3.40
N TYR H 202 11.11 10.86 -2.22
CA TYR H 202 10.77 12.27 -2.07
C TYR H 202 11.67 13.16 -2.92
N LEU H 203 12.97 12.88 -2.95
CA LEU H 203 13.86 13.67 -3.78
C LEU H 203 13.47 13.56 -5.25
N THR H 204 13.17 12.34 -5.70
CA THR H 204 12.80 12.17 -7.10
C THR H 204 11.52 12.93 -7.41
N ARG H 205 10.55 12.90 -6.50
CA ARG H 205 9.32 13.64 -6.73
C ARG H 205 9.55 15.14 -6.82
N ARG H 206 10.35 15.68 -5.89
CA ARG H 206 10.63 17.11 -5.93
C ARG H 206 11.33 17.49 -7.21
N LEU H 207 12.29 16.66 -7.63
CA LEU H 207 13.01 16.92 -8.89
C LEU H 207 12.04 16.90 -10.06
N VAL H 208 11.11 15.96 -10.07
CA VAL H 208 10.16 15.85 -11.17
C VAL H 208 9.30 17.10 -11.24
N ASP H 209 8.83 17.60 -10.09
CA ASP H 209 7.97 18.78 -10.15
C ASP H 209 8.74 20.05 -10.46
N VAL H 210 10.03 20.13 -10.13
CA VAL H 210 10.75 21.36 -10.45
C VAL H 210 10.93 21.50 -11.95
N SER H 211 11.03 20.39 -12.67
CA SER H 211 11.49 20.41 -14.05
C SER H 211 10.58 19.57 -14.93
N GLN H 212 9.28 19.76 -14.75
CA GLN H 212 8.30 19.01 -15.51
C GLN H 212 7.97 19.69 -16.82
N ASP H 213 8.18 21.00 -16.91
CA ASP H 213 7.77 21.78 -18.07
C ASP H 213 8.91 21.93 -19.05
N VAL H 214 10.02 21.25 -18.81
CA VAL H 214 11.17 21.32 -19.70
C VAL H 214 10.91 20.27 -20.77
N ILE H 215 10.35 20.72 -21.88
CA ILE H 215 10.08 19.91 -23.04
C ILE H 215 10.77 20.61 -24.20
N ILE H 216 11.19 19.85 -25.19
CA ILE H 216 11.93 20.45 -26.29
C ILE H 216 10.92 21.03 -27.27
N HIS H 217 10.96 22.34 -27.46
CA HIS H 217 10.02 23.03 -28.33
C HIS H 217 10.68 23.71 -29.50
N GLU H 218 11.95 24.08 -29.38
CA GLU H 218 12.64 24.86 -30.40
C GLU H 218 13.75 24.03 -31.02
N VAL H 219 14.24 24.50 -32.16
CA VAL H 219 15.33 23.86 -32.86
C VAL H 219 16.65 24.54 -32.55
N ASP H 220 16.59 25.85 -32.38
CA ASP H 220 17.77 26.67 -32.16
C ASP H 220 17.29 27.99 -31.59
N CYS H 221 17.95 28.43 -30.53
CA CYS H 221 17.68 29.75 -29.97
C CYS H 221 18.62 30.80 -30.52
N GLY H 222 19.64 30.36 -31.26
CA GLY H 222 20.57 31.25 -31.90
C GLY H 222 21.37 32.07 -30.92
N THR H 223 22.24 31.40 -30.17
CA THR H 223 23.08 32.07 -29.19
C THR H 223 24.53 31.83 -29.54
N SER H 224 25.40 32.36 -28.69
CA SER H 224 26.82 32.13 -28.81
C SER H 224 27.42 31.92 -27.43
N ARG H 225 26.62 31.38 -26.52
CA ARG H 225 27.03 31.17 -25.15
C ARG H 225 26.98 29.68 -24.82
N GLY H 226 27.81 29.28 -23.87
CA GLY H 226 27.87 27.92 -23.41
C GLY H 226 28.87 27.87 -22.30
N LEU H 227 29.11 26.66 -21.79
CA LEU H 227 30.14 26.57 -20.77
C LEU H 227 31.34 25.82 -21.31
N PHE H 228 32.38 25.79 -20.49
CA PHE H 228 33.61 25.13 -20.83
C PHE H 228 33.62 23.79 -20.13
N VAL H 229 33.71 22.72 -20.91
CA VAL H 229 33.76 21.37 -20.40
C VAL H 229 35.22 20.97 -20.35
N GLU H 230 35.65 20.47 -19.20
CA GLU H 230 36.99 19.99 -18.97
C GLU H 230 36.90 18.76 -18.10
N ALA H 231 37.98 17.99 -18.07
CA ALA H 231 37.95 16.78 -17.27
C ALA H 231 37.81 17.11 -15.80
N MET H 232 37.25 16.18 -15.05
CA MET H 232 37.09 16.34 -13.61
C MET H 232 38.25 15.62 -12.95
N THR H 233 39.12 16.40 -12.31
CA THR H 233 40.36 15.88 -11.76
C THR H 233 40.49 16.26 -10.30
N ASP H 234 41.03 15.34 -9.51
CA ASP H 234 41.36 15.62 -8.11
C ASP H 234 42.84 15.95 -7.97
N GLY H 235 43.22 17.06 -8.59
CA GLY H 235 44.59 17.52 -8.56
C GLY H 235 45.48 16.78 -9.52
N ASP H 236 46.31 15.88 -8.99
CA ASP H 236 47.19 15.09 -9.82
C ASP H 236 46.41 14.05 -10.62
N ARG H 237 45.41 13.44 -10.00
CA ARG H 237 44.62 12.38 -10.62
C ARG H 237 43.37 12.97 -11.24
N ILE H 238 42.93 12.35 -12.32
CA ILE H 238 41.66 12.70 -12.96
C ILE H 238 40.61 11.69 -12.55
N LEU H 239 39.38 12.18 -12.38
CA LEU H 239 38.26 11.37 -11.95
C LEU H 239 37.32 11.03 -13.10
N ILE H 240 37.04 11.99 -13.96
CA ILE H 240 36.20 11.79 -15.12
C ILE H 240 36.94 12.39 -16.31
N PRO H 241 37.28 11.61 -17.33
CA PRO H 241 38.03 12.17 -18.46
C PRO H 241 37.15 13.10 -19.28
N ILE H 242 37.81 13.92 -20.10
CA ILE H 242 37.09 14.91 -20.88
C ILE H 242 36.26 14.24 -21.97
N SER H 243 36.70 13.08 -22.47
CA SER H 243 35.96 12.45 -23.55
C SER H 243 34.60 11.94 -23.07
N GLN H 244 34.53 11.47 -21.83
CA GLN H 244 33.26 11.02 -21.29
C GLN H 244 32.33 12.19 -21.00
N ARG H 245 32.89 13.38 -20.80
CA ARG H 245 32.09 14.56 -20.48
C ARG H 245 31.70 15.34 -21.73
N LEU H 246 32.17 14.92 -22.90
CA LEU H 246 32.00 15.68 -24.13
C LEU H 246 31.15 14.92 -25.13
N LEU H 247 30.39 13.93 -24.68
CA LEU H 247 29.65 13.04 -25.56
C LEU H 247 28.19 13.47 -25.61
N GLY H 248 27.70 13.78 -26.80
CA GLY H 248 26.35 14.23 -26.98
C GLY H 248 26.18 15.73 -26.90
N ARG H 249 27.22 16.46 -26.54
CA ARG H 249 27.17 17.90 -26.44
C ARG H 249 27.23 18.52 -27.83
N VAL H 250 26.95 19.81 -27.90
CA VAL H 250 27.01 20.56 -29.14
C VAL H 250 28.00 21.70 -28.95
N THR H 251 28.97 21.80 -29.84
CA THR H 251 30.02 22.80 -29.70
C THR H 251 29.45 24.17 -30.04
N ALA H 252 29.76 25.15 -29.20
CA ALA H 252 29.32 26.52 -29.46
C ALA H 252 30.36 27.33 -30.21
N GLU H 253 31.53 26.77 -30.46
CA GLU H 253 32.58 27.40 -31.23
C GLU H 253 33.47 26.32 -31.80
N ALA H 254 34.04 26.59 -32.97
CA ALA H 254 34.86 25.59 -33.65
C ALA H 254 36.14 25.33 -32.87
N VAL H 255 36.41 24.06 -32.60
CA VAL H 255 37.60 23.67 -31.85
C VAL H 255 38.74 23.44 -32.82
N LEU H 256 39.96 23.64 -32.33
CA LEU H 256 41.16 23.52 -33.15
C LEU H 256 42.23 22.74 -32.39
N ASP H 257 42.95 21.90 -33.10
CA ASP H 257 44.05 21.17 -32.50
C ASP H 257 45.14 22.15 -32.06
N PRO H 258 45.70 21.98 -30.86
CA PRO H 258 46.70 22.93 -30.36
C PRO H 258 48.09 22.71 -30.91
N SER H 259 48.26 21.88 -31.93
CA SER H 259 49.54 21.67 -32.57
C SER H 259 49.65 22.39 -33.90
N THR H 260 48.56 22.52 -34.64
CA THR H 260 48.56 23.18 -35.93
C THR H 260 47.18 23.82 -36.12
N ASP H 261 46.84 24.14 -37.37
CA ASP H 261 45.59 24.82 -37.70
C ASP H 261 44.54 23.85 -38.23
N GLU H 262 44.58 22.60 -37.78
CA GLU H 262 43.61 21.59 -38.20
C GLU H 262 42.35 21.72 -37.35
N VAL H 263 41.22 21.89 -38.01
CA VAL H 263 39.95 22.01 -37.29
C VAL H 263 39.45 20.61 -36.98
N LEU H 264 38.87 20.45 -35.79
CA LEU H 264 38.34 19.17 -35.36
C LEU H 264 36.82 19.16 -35.26
N ALA H 265 36.21 20.33 -35.20
CA ALA H 265 34.77 20.48 -35.13
C ALA H 265 34.43 21.92 -35.47
N GLU H 266 33.32 22.13 -36.15
CA GLU H 266 32.89 23.47 -36.47
C GLU H 266 31.93 23.94 -35.38
N ALA H 267 31.30 25.08 -35.58
CA ALA H 267 30.35 25.58 -34.59
C ALA H 267 29.02 24.87 -34.76
N GLY H 268 28.43 24.43 -33.66
CA GLY H 268 27.19 23.70 -33.75
C GLY H 268 27.33 22.33 -34.37
N GLN H 269 28.04 21.44 -33.69
CA GLN H 269 28.26 20.08 -34.18
C GLN H 269 28.23 19.13 -32.99
N ASP H 270 27.35 18.13 -33.07
CA ASP H 270 27.27 17.15 -32.00
C ASP H 270 28.50 16.26 -32.02
N ILE H 271 28.89 15.81 -30.84
CA ILE H 271 30.11 15.05 -30.66
C ILE H 271 29.74 13.60 -30.41
N ASN H 272 30.28 12.71 -31.22
CA ASN H 272 30.12 11.28 -31.03
C ASN H 272 31.31 10.74 -30.26
N GLU H 273 31.36 9.43 -30.10
CA GLU H 273 32.43 8.83 -29.32
C GLU H 273 33.78 9.04 -30.00
N ASP H 274 33.81 8.92 -31.33
CA ASP H 274 35.05 9.11 -32.07
C ASP H 274 35.62 10.51 -31.91
N LEU H 275 34.77 11.53 -32.04
CA LEU H 275 35.28 12.89 -31.88
C LEU H 275 35.69 13.19 -30.45
N ALA H 276 34.96 12.64 -29.48
CA ALA H 276 35.37 12.83 -28.09
C ALA H 276 36.73 12.19 -27.83
N ASN H 277 36.95 10.99 -28.36
CA ASN H 277 38.24 10.35 -28.19
C ASN H 277 39.35 11.13 -28.91
N ARG H 278 39.06 11.66 -30.10
CA ARG H 278 40.07 12.44 -30.80
C ARG H 278 40.44 13.70 -30.03
N ILE H 279 39.45 14.38 -29.46
CA ILE H 279 39.72 15.58 -28.66
C ILE H 279 40.53 15.20 -27.43
N GLU H 280 40.18 14.12 -26.75
CA GLU H 280 40.94 13.73 -25.57
C GLU H 280 42.37 13.41 -25.97
N LYS H 281 42.54 12.69 -27.08
CA LYS H 281 43.86 12.25 -27.52
C LYS H 281 44.74 13.45 -27.82
N ALA H 282 44.16 14.50 -28.39
CA ALA H 282 44.96 15.64 -28.81
C ALA H 282 45.18 16.63 -27.67
N GLY H 283 44.54 16.40 -26.53
CA GLY H 283 44.74 17.22 -25.35
C GLY H 283 44.27 18.64 -25.46
N ILE H 284 43.00 18.85 -25.86
CA ILE H 284 42.48 20.20 -25.90
C ILE H 284 42.34 20.75 -24.48
N LYS H 285 41.86 19.91 -23.56
CA LYS H 285 41.61 20.17 -22.14
C LYS H 285 40.43 21.09 -21.85
N LYS H 286 39.92 21.81 -22.84
CA LYS H 286 38.75 22.66 -22.63
C LYS H 286 37.96 22.73 -23.92
N VAL H 287 36.66 22.55 -23.86
CA VAL H 287 35.82 22.74 -25.04
C VAL H 287 34.60 23.56 -24.66
N LYS H 288 34.29 24.58 -25.45
CA LYS H 288 33.13 25.41 -25.19
C LYS H 288 31.95 24.78 -25.90
N VAL H 289 30.90 24.48 -25.16
CA VAL H 289 29.74 23.78 -25.70
C VAL H 289 28.48 24.52 -25.31
N ARG H 290 27.43 24.26 -26.09
CA ARG H 290 26.12 24.72 -25.75
C ARG H 290 25.58 23.93 -24.56
N SER H 291 24.55 24.45 -23.96
CA SER H 291 24.07 23.82 -22.74
C SER H 291 22.69 24.33 -22.36
N PRO H 292 21.90 23.55 -21.63
CA PRO H 292 20.66 24.10 -21.07
C PRO H 292 20.91 25.20 -20.07
N LEU H 293 22.13 25.32 -19.55
CA LEU H 293 22.43 26.40 -18.62
C LEU H 293 22.41 27.76 -19.31
N THR H 294 22.79 27.82 -20.59
CA THR H 294 23.02 29.09 -21.25
C THR H 294 22.13 29.32 -22.46
N CYS H 295 21.11 28.50 -22.67
CA CYS H 295 20.25 28.68 -23.82
C CYS H 295 19.13 29.62 -23.44
N GLU H 296 18.86 30.61 -24.30
CA GLU H 296 17.82 31.59 -24.03
C GLU H 296 16.66 31.25 -24.95
N ALA H 297 15.79 30.37 -24.47
CA ALA H 297 14.59 29.98 -25.17
C ALA H 297 13.39 30.36 -24.31
N ALA H 298 12.21 29.95 -24.77
CA ALA H 298 10.97 30.25 -24.06
C ALA H 298 10.75 29.15 -23.03
N ARG H 299 11.11 29.46 -21.78
CA ARG H 299 10.88 28.60 -20.62
C ARG H 299 11.24 27.14 -20.88
N SER H 300 12.26 26.90 -21.69
CA SER H 300 12.73 25.54 -21.96
C SER H 300 14.12 25.62 -22.56
N VAL H 301 14.59 24.48 -23.06
CA VAL H 301 15.81 24.40 -23.82
C VAL H 301 15.44 24.15 -25.27
N CYS H 302 16.41 24.31 -26.17
CA CYS H 302 16.20 24.01 -27.56
C CYS H 302 16.98 22.75 -27.92
N GLN H 303 16.77 22.28 -29.15
CA GLN H 303 17.37 21.01 -29.54
C GLN H 303 18.88 21.14 -29.67
N LYS H 304 19.37 22.29 -30.10
CA LYS H 304 20.81 22.46 -30.26
C LYS H 304 21.51 22.64 -28.92
N CYS H 305 20.87 23.30 -27.96
CA CYS H 305 21.50 23.47 -26.66
C CYS H 305 21.47 22.19 -25.84
N TYR H 306 20.44 21.36 -26.02
CA TYR H 306 20.41 20.09 -25.31
C TYR H 306 21.46 19.14 -25.87
N GLY H 307 21.33 18.79 -27.13
CA GLY H 307 22.28 17.91 -27.77
C GLY H 307 21.70 16.53 -28.03
N TRP H 308 22.43 15.51 -27.61
CA TRP H 308 22.00 14.14 -27.82
C TRP H 308 21.00 13.68 -26.78
N SER H 309 20.19 12.71 -27.17
CA SER H 309 19.44 11.89 -26.23
C SER H 309 20.24 10.62 -26.02
N LEU H 310 20.63 10.35 -24.78
CA LEU H 310 21.65 9.34 -24.55
C LEU H 310 21.14 7.94 -24.79
N ALA H 311 19.82 7.74 -24.75
CA ALA H 311 19.28 6.42 -25.00
C ALA H 311 19.33 6.05 -26.46
N HIS H 312 19.49 7.02 -27.36
CA HIS H 312 19.44 6.76 -28.78
C HIS H 312 20.71 7.13 -29.55
N ALA H 313 21.61 7.91 -28.95
CA ALA H 313 22.83 8.35 -29.63
C ALA H 313 22.47 9.18 -30.86
N GLN H 314 21.59 10.15 -30.66
CA GLN H 314 21.11 11.03 -31.71
C GLN H 314 20.70 12.34 -31.06
N MET H 315 20.49 13.36 -31.88
CA MET H 315 19.96 14.60 -31.36
C MET H 315 18.56 14.38 -30.82
N VAL H 316 18.21 15.12 -29.77
CA VAL H 316 16.93 14.90 -29.13
C VAL H 316 15.83 15.20 -30.13
N ASP H 317 14.73 14.51 -29.97
CA ASP H 317 13.61 14.78 -30.84
C ASP H 317 12.87 16.01 -30.35
N MET H 318 11.90 16.42 -31.15
CA MET H 318 11.08 17.55 -30.79
C MET H 318 10.03 17.10 -29.80
N GLY H 319 9.76 17.93 -28.80
CA GLY H 319 8.76 17.54 -27.84
C GLY H 319 9.13 16.36 -26.99
N GLU H 320 10.36 16.32 -26.48
CA GLU H 320 10.81 15.25 -25.60
C GLU H 320 10.85 15.81 -24.20
N ALA H 321 10.28 15.08 -23.25
CA ALA H 321 10.23 15.59 -21.88
C ALA H 321 11.57 15.25 -21.27
N VAL H 322 12.49 16.19 -21.41
CA VAL H 322 13.85 15.99 -20.92
C VAL H 322 13.94 16.28 -19.45
N GLY H 323 13.01 17.06 -18.91
CA GLY H 323 13.01 17.31 -17.48
C GLY H 323 12.70 16.05 -16.69
N ILE H 324 11.70 15.29 -17.14
CA ILE H 324 11.39 14.04 -16.48
C ILE H 324 12.57 13.09 -16.56
N ILE H 325 13.22 13.03 -17.71
CA ILE H 325 14.38 12.16 -17.87
C ILE H 325 15.50 12.59 -16.94
N ALA H 326 15.74 13.90 -16.84
CA ALA H 326 16.78 14.39 -15.95
C ALA H 326 16.47 14.05 -14.49
N ALA H 327 15.23 14.27 -14.08
CA ALA H 327 14.84 13.96 -12.71
C ALA H 327 14.99 12.47 -12.43
N GLN H 328 14.54 11.63 -13.34
CA GLN H 328 14.64 10.19 -13.16
C GLN H 328 16.10 9.75 -13.13
N SER H 329 16.94 10.34 -13.98
CA SER H 329 18.35 9.99 -14.01
C SER H 329 19.06 10.37 -12.72
N ILE H 330 18.73 11.54 -12.17
CA ILE H 330 19.34 11.92 -10.90
C ILE H 330 18.80 11.07 -9.76
N GLY H 331 17.51 10.74 -9.80
CA GLY H 331 16.90 10.04 -8.68
C GLY H 331 17.09 8.54 -8.66
N GLU H 332 17.37 7.92 -9.80
CA GLU H 332 17.51 6.47 -9.81
C GLU H 332 18.66 5.98 -8.95
N PRO H 333 19.87 6.52 -9.03
CA PRO H 333 20.94 5.99 -8.19
C PRO H 333 20.87 6.56 -6.79
N GLY H 334 19.73 7.16 -6.46
CA GLY H 334 19.57 7.78 -5.16
C GLY H 334 19.62 6.74 -4.06
N THR H 335 19.07 5.56 -4.35
CA THR H 335 19.03 4.49 -3.37
C THR H 335 20.35 3.74 -3.27
N GLN H 336 21.29 4.02 -4.16
CA GLN H 336 22.62 3.43 -4.10
C GLN H 336 23.58 4.26 -3.26
N LEU H 337 23.12 5.40 -2.75
CA LEU H 337 23.96 6.24 -1.91
C LEU H 337 24.05 5.71 -0.49
N VAL H 347 38.90 2.49 10.94
CA VAL H 347 39.76 2.72 9.79
C VAL H 347 40.24 4.17 9.79
N PHE H 348 41.53 4.35 9.52
CA PHE H 348 42.18 5.65 9.56
C PHE H 348 43.27 5.65 8.50
N THR H 349 44.25 6.56 8.64
CA THR H 349 45.27 6.75 7.63
C THR H 349 45.95 5.45 7.23
N GLY H 350 45.69 4.99 6.02
CA GLY H 350 46.29 3.77 5.51
C GLY H 350 47.23 4.03 4.37
N GLU H 351 46.73 3.81 3.14
CA GLU H 351 47.49 4.12 1.93
C GLU H 351 47.23 5.53 1.42
N THR H 352 46.46 6.34 2.16
CA THR H 352 46.35 7.75 1.83
C THR H 352 47.62 8.51 2.11
N ALA H 353 48.50 7.97 2.96
CA ALA H 353 49.87 8.42 3.07
C ALA H 353 50.75 7.44 2.30
N ARG H 354 52.07 7.58 2.43
CA ARG H 354 52.98 6.64 1.80
C ARG H 354 54.22 6.55 2.67
N LEU H 355 54.43 5.38 3.28
CA LEU H 355 55.70 5.14 3.96
C LEU H 355 56.82 4.92 2.95
N LEU H 356 57.97 5.51 3.23
CA LEU H 356 59.17 5.36 2.42
C LEU H 356 60.16 4.52 3.20
N ARG H 357 60.44 3.33 2.69
CA ARG H 357 61.37 2.37 3.29
C ARG H 357 62.53 2.17 2.33
N ALA H 358 63.75 2.32 2.83
CA ALA H 358 64.91 2.13 1.97
C ALA H 358 65.35 0.67 2.01
N PRO H 359 65.37 -0.03 0.87
CA PRO H 359 65.83 -1.42 0.83
C PRO H 359 67.35 -1.53 0.68
N VAL H 360 68.06 -0.73 1.46
CA VAL H 360 69.52 -0.69 1.43
C VAL H 360 70.02 -0.43 2.84
N ALA H 361 71.29 -0.74 3.06
CA ALA H 361 71.93 -0.54 4.35
C ALA H 361 73.07 0.46 4.15
N GLY H 362 72.89 1.66 4.68
CA GLY H 362 73.90 2.69 4.52
C GLY H 362 73.75 3.79 5.53
N THR H 363 74.81 4.59 5.65
CA THR H 363 74.83 5.69 6.60
C THR H 363 73.91 6.81 6.12
N ILE H 364 73.64 7.74 7.04
CA ILE H 364 72.71 8.84 6.80
C ILE H 364 73.50 10.07 6.41
N LYS H 365 73.10 10.71 5.32
CA LYS H 365 73.78 11.92 4.84
C LYS H 365 72.81 13.09 4.78
N LEU H 366 71.83 13.12 5.70
CA LEU H 366 70.86 14.20 5.70
C LEU H 366 71.51 15.54 6.03
N GLY H 367 72.40 15.55 7.02
CA GLY H 367 73.05 16.79 7.40
C GLY H 367 72.06 17.81 7.91
N LYS H 368 72.20 19.04 7.43
CA LYS H 368 71.33 20.16 7.80
C LYS H 368 70.89 20.94 6.57
N LYS H 369 70.48 20.23 5.52
CA LYS H 369 70.07 20.88 4.29
C LYS H 369 68.59 21.26 4.32
N ALA H 370 67.71 20.27 4.47
CA ALA H 370 66.29 20.52 4.56
C ALA H 370 65.94 21.10 5.94
N ARG H 371 64.79 21.75 6.01
CA ARG H 371 64.32 22.35 7.25
C ARG H 371 63.65 21.27 8.09
N THR H 372 64.38 20.72 9.05
CA THR H 372 63.92 19.65 9.92
C THR H 372 63.52 20.26 11.25
N ARG H 373 62.22 20.39 11.49
CA ARG H 373 61.85 20.83 12.83
C ARG H 373 61.37 19.66 13.66
N PRO H 374 61.82 19.50 14.90
CA PRO H 374 61.36 18.37 15.71
C PRO H 374 59.84 18.38 15.84
N TYR H 375 59.26 17.19 15.85
CA TYR H 375 57.82 17.03 15.79
C TYR H 375 57.44 15.72 16.46
N ARG H 376 56.24 15.68 17.02
CA ARG H 376 55.67 14.49 17.63
C ARG H 376 54.52 14.03 16.74
N THR H 377 54.69 12.86 16.14
CA THR H 377 53.75 12.43 15.11
C THR H 377 52.44 12.00 15.74
N ARG H 378 51.52 11.52 14.89
CA ARG H 378 50.21 11.10 15.36
C ARG H 378 50.31 9.92 16.31
N HIS H 379 51.36 9.12 16.17
CA HIS H 379 51.66 8.06 17.13
C HIS H 379 52.52 8.65 18.23
N GLY H 380 53.12 7.81 19.05
CA GLY H 380 53.93 8.33 20.11
C GLY H 380 55.35 8.69 19.75
N GLU H 381 55.76 8.44 18.51
CA GLU H 381 57.14 8.66 18.12
C GLU H 381 57.42 10.13 17.86
N GLU H 382 58.69 10.48 17.90
CA GLU H 382 59.16 11.82 17.56
C GLU H 382 60.03 11.74 16.31
N ALA H 383 59.79 12.65 15.38
CA ALA H 383 60.46 12.66 14.09
C ALA H 383 60.73 14.12 13.73
N LEU H 384 61.05 14.38 12.47
CA LEU H 384 61.31 15.73 12.00
C LEU H 384 60.31 16.09 10.91
N LEU H 385 59.59 17.19 11.11
CA LEU H 385 58.62 17.68 10.15
C LEU H 385 59.34 18.62 9.19
N ALA H 386 59.07 18.46 7.91
CA ALA H 386 59.70 19.21 6.84
C ALA H 386 58.63 19.87 6.00
N GLU H 387 58.84 21.15 5.67
CA GLU H 387 57.97 21.86 4.75
C GLU H 387 58.68 22.28 3.49
N ALA H 388 60.01 22.31 3.49
CA ALA H 388 60.78 22.68 2.31
C ALA H 388 61.00 21.41 1.48
N ASN H 389 60.44 21.39 0.28
CA ASN H 389 60.60 20.24 -0.60
C ASN H 389 62.08 20.08 -0.94
N PHE H 390 62.69 19.00 -0.45
CA PHE H 390 64.11 18.80 -0.65
C PHE H 390 64.36 17.34 -0.97
N ASP H 391 65.32 17.10 -1.85
CA ASP H 391 65.65 15.75 -2.28
C ASP H 391 66.55 15.09 -1.26
N LEU H 392 66.10 13.96 -0.71
CA LEU H 392 66.86 13.30 0.33
C LEU H 392 68.20 12.84 -0.20
N VAL H 393 69.25 13.08 0.58
CA VAL H 393 70.59 12.64 0.26
C VAL H 393 71.04 11.72 1.38
N LEU H 394 71.28 10.46 1.04
CA LEU H 394 71.71 9.48 2.03
C LEU H 394 72.67 8.52 1.37
N GLU H 395 73.70 8.12 2.12
CA GLU H 395 74.68 7.16 1.62
C GLU H 395 74.03 5.78 1.58
N GLY H 396 73.32 5.51 0.50
CA GLY H 396 72.64 4.24 0.35
C GLY H 396 73.56 3.13 -0.11
N LYS H 397 74.60 2.84 0.67
CA LYS H 397 75.58 1.80 0.36
C LYS H 397 76.23 2.14 -0.98
N GLY H 398 76.16 1.26 -1.99
CA GLY H 398 76.77 1.45 -3.29
C GLY H 398 76.65 2.85 -3.86
N ARG H 399 75.43 3.37 -3.92
CA ARG H 399 75.17 4.66 -4.52
C ARG H 399 74.26 5.47 -3.60
N LYS H 400 74.18 6.77 -3.88
CA LYS H 400 73.49 7.70 -3.00
C LYS H 400 71.98 7.59 -3.18
N GLU H 401 71.25 8.48 -2.51
CA GLU H 401 69.79 8.46 -2.47
C GLU H 401 69.25 9.63 -3.27
N THR H 402 68.19 9.38 -4.03
CA THR H 402 67.52 10.40 -4.83
C THR H 402 66.09 10.59 -4.37
N PHE H 403 65.81 10.30 -3.11
CA PHE H 403 64.44 10.36 -2.61
C PHE H 403 63.99 11.81 -2.49
N ALA H 404 62.72 12.06 -2.80
CA ALA H 404 62.15 13.39 -2.80
C ALA H 404 61.08 13.49 -1.73
N ILE H 405 61.23 14.47 -0.84
CA ILE H 405 60.24 14.72 0.20
C ILE H 405 59.19 15.68 -0.37
N LEU H 406 58.08 15.82 0.34
CA LEU H 406 57.03 16.75 -0.03
C LEU H 406 56.84 17.75 1.11
N GLN H 407 56.13 18.83 0.83
CA GLN H 407 55.83 19.80 1.87
C GLN H 407 54.98 19.16 2.95
N GLY H 408 55.37 19.37 4.20
CA GLY H 408 54.64 18.80 5.31
C GLY H 408 54.97 17.36 5.61
N SER H 409 56.08 16.84 5.07
CA SER H 409 56.41 15.44 5.27
C SER H 409 56.98 15.23 6.66
N THR H 410 57.08 13.95 7.05
CA THR H 410 57.59 13.57 8.36
C THR H 410 58.66 12.52 8.16
N ILE H 411 59.90 12.87 8.49
CA ILE H 411 61.03 11.97 8.34
C ILE H 411 61.39 11.39 9.70
N PHE H 412 61.59 10.08 9.75
CA PHE H 412 61.91 9.40 11.01
C PHE H 412 63.41 9.27 11.21
N VAL H 413 64.15 9.15 10.13
CA VAL H 413 65.58 8.88 10.18
C VAL H 413 66.33 10.20 10.20
N GLN H 414 67.19 10.37 11.18
CA GLN H 414 68.06 11.53 11.27
C GLN H 414 69.50 11.12 10.97
N ASP H 415 70.39 12.10 10.93
CA ASP H 415 71.78 11.84 10.57
C ASP H 415 72.49 11.02 11.64
N GLY H 416 73.58 10.37 11.22
CA GLY H 416 74.35 9.54 12.12
C GLY H 416 73.61 8.30 12.58
N ASP H 417 72.92 7.63 11.67
CA ASP H 417 72.20 6.40 11.97
C ASP H 417 72.59 5.32 10.97
N LYS H 418 72.25 4.08 11.32
CA LYS H 418 72.52 2.92 10.47
C LYS H 418 71.19 2.35 10.03
N VAL H 419 70.88 2.51 8.75
CA VAL H 419 69.66 2.00 8.16
C VAL H 419 69.92 0.58 7.70
N ALA H 420 68.93 -0.30 7.87
CA ALA H 420 69.04 -1.69 7.49
C ALA H 420 68.07 -1.98 6.34
N ALA H 421 67.96 -3.26 5.98
CA ALA H 421 67.13 -3.65 4.86
C ALA H 421 65.67 -3.39 5.18
N GLU H 422 65.00 -2.64 4.30
CA GLU H 422 63.58 -2.34 4.44
C GLU H 422 63.26 -1.70 5.80
N ALA H 423 64.15 -0.83 6.26
CA ALA H 423 63.89 -0.08 7.46
C ALA H 423 63.08 1.17 7.14
N ILE H 424 62.20 1.55 8.09
CA ILE H 424 61.33 2.70 7.88
C ILE H 424 62.18 3.96 7.82
N LEU H 425 62.01 4.75 6.77
CA LEU H 425 62.82 5.93 6.56
C LEU H 425 62.03 7.23 6.66
N ALA H 426 60.86 7.31 6.03
CA ALA H 426 60.10 8.56 6.04
C ALA H 426 58.64 8.27 5.77
N GLU H 427 57.83 9.33 5.79
CA GLU H 427 56.42 9.26 5.45
C GLU H 427 56.05 10.49 4.65
N VAL H 428 55.35 10.29 3.52
CA VAL H 428 54.99 11.37 2.61
C VAL H 428 53.48 11.39 2.48
N PRO H 429 52.82 12.53 2.71
CA PRO H 429 51.37 12.60 2.48
C PRO H 429 51.04 12.75 1.00
N VAL H 430 50.11 11.94 0.53
CA VAL H 430 49.66 12.01 -0.85
C VAL H 430 48.54 13.03 -0.95
N SER H 431 48.42 13.69 -2.09
CA SER H 431 47.38 14.69 -2.29
C SER H 431 46.13 14.08 -2.91
N LYS H 440 39.96 19.42 16.30
CA LYS H 440 40.35 19.09 17.66
C LYS H 440 39.35 18.14 18.30
N ALA H 441 39.87 17.08 18.92
CA ALA H 441 39.03 16.12 19.62
C ALA H 441 39.45 16.00 21.07
N THR H 442 38.67 15.25 21.83
CA THR H 442 38.91 15.04 23.25
C THR H 442 38.75 13.56 23.58
N LYS H 443 39.39 13.14 24.66
CA LYS H 443 39.29 11.75 25.10
C LYS H 443 39.53 11.68 26.60
N ASP H 444 38.66 10.97 27.32
CA ASP H 444 38.83 10.81 28.76
C ASP H 444 39.68 9.59 29.07
N VAL H 445 40.69 9.80 29.90
CA VAL H 445 41.56 8.74 30.39
C VAL H 445 41.17 8.48 31.84
N ALA H 446 40.84 7.23 32.15
CA ALA H 446 40.38 6.84 33.47
C ALA H 446 41.28 5.73 34.01
N THR H 447 41.57 5.80 35.30
CA THR H 447 42.51 4.88 35.92
C THR H 447 41.90 3.49 36.05
N ASP H 448 42.78 2.51 36.18
CA ASP H 448 42.40 1.14 36.50
C ASP H 448 43.02 0.68 37.81
N LEU H 449 43.82 1.52 38.46
CA LEU H 449 44.37 1.25 39.77
C LEU H 449 43.82 2.24 40.78
N ALA H 450 43.36 1.73 41.91
CA ALA H 450 42.84 2.55 42.98
C ALA H 450 43.98 2.97 43.89
N GLY H 451 44.12 4.27 44.12
CA GLY H 451 45.21 4.75 44.96
C GLY H 451 45.34 6.25 44.91
N GLU H 452 46.51 6.72 45.34
CA GLU H 452 46.74 8.15 45.47
C GLU H 452 47.39 8.70 44.21
N ILE H 453 46.86 9.80 43.71
CA ILE H 453 47.43 10.48 42.56
C ILE H 453 48.66 11.28 42.98
N ARG H 454 49.67 11.30 42.12
CA ARG H 454 50.90 12.03 42.39
C ARG H 454 51.37 12.67 41.11
N PHE H 455 51.41 14.00 41.07
CA PHE H 455 51.88 14.66 39.87
C PHE H 455 53.38 14.42 39.69
N GLN H 456 53.83 14.54 38.45
CA GLN H 456 55.26 14.56 38.17
C GLN H 456 55.46 15.51 37.01
N ASP H 457 56.01 16.69 37.29
CA ASP H 457 56.29 17.77 36.35
C ASP H 457 55.03 18.42 35.81
N ILE H 458 53.85 17.98 36.21
CA ILE H 458 52.61 18.54 35.71
C ILE H 458 52.39 19.88 36.40
N VAL H 459 52.15 20.92 35.61
CA VAL H 459 51.93 22.25 36.17
C VAL H 459 50.51 22.66 35.82
N PRO H 460 49.55 22.42 36.72
CA PRO H 460 48.17 22.86 36.48
C PRO H 460 48.05 24.36 36.57
N GLU H 461 47.20 24.91 35.72
CA GLU H 461 46.84 26.32 35.73
C GLU H 461 45.33 26.42 35.87
N GLU H 462 44.88 27.23 36.83
CA GLU H 462 43.46 27.37 37.08
C GLU H 462 42.88 28.41 36.12
N LYS H 463 41.93 27.99 35.29
CA LYS H 463 41.18 28.90 34.44
C LYS H 463 39.75 28.92 34.95
N THR H 464 39.33 30.10 35.42
CA THR H 464 38.04 30.26 36.08
C THR H 464 36.99 30.65 35.04
N ASP H 465 35.99 29.79 34.87
CA ASP H 465 34.87 30.10 34.00
C ASP H 465 34.05 31.22 34.64
N ARG H 466 33.25 31.90 33.81
CA ARG H 466 32.49 33.05 34.30
C ARG H 466 31.51 32.67 35.40
N GLN H 467 31.14 31.40 35.51
CA GLN H 467 30.32 30.92 36.63
C GLN H 467 31.16 30.51 37.82
N GLY H 468 32.48 30.62 37.75
CA GLY H 468 33.33 30.17 38.83
C GLY H 468 33.86 28.77 38.68
N ASN H 469 33.71 28.14 37.53
CA ASN H 469 34.19 26.77 37.30
C ASN H 469 35.69 26.81 37.09
N THR H 470 36.43 26.43 38.12
CA THR H 470 37.89 26.38 38.10
C THR H 470 38.35 25.12 37.39
N THR H 471 38.73 25.25 36.12
CA THR H 471 39.20 24.12 35.32
C THR H 471 40.72 24.10 35.38
N ARG H 472 41.28 22.96 35.78
CA ARG H 472 42.73 22.83 35.88
C ARG H 472 43.26 22.30 34.55
N ILE H 473 44.02 23.14 33.86
CA ILE H 473 44.64 22.81 32.59
C ILE H 473 46.15 22.77 32.80
N ALA H 474 46.78 21.71 32.33
CA ALA H 474 48.21 21.54 32.57
C ALA H 474 48.99 22.39 31.58
N GLN H 475 49.81 23.30 32.08
CA GLN H 475 50.69 24.06 31.21
C GLN H 475 51.90 23.24 30.80
N ARG H 476 52.40 22.40 31.68
CA ARG H 476 53.57 21.58 31.42
C ARG H 476 53.13 20.13 31.33
N GLY H 477 53.33 19.52 30.16
CA GLY H 477 52.95 18.13 29.95
C GLY H 477 53.89 17.18 30.68
N GLY H 478 53.36 16.41 31.62
CA GLY H 478 54.16 15.52 32.44
C GLY H 478 53.50 14.17 32.66
N LEU H 479 53.67 13.62 33.86
CA LEU H 479 53.11 12.33 34.20
C LEU H 479 52.16 12.51 35.37
N LEU H 480 51.11 11.73 35.39
CA LEU H 480 50.22 11.60 36.54
C LEU H 480 50.37 10.17 37.05
N TRP H 481 51.16 9.99 38.10
CA TRP H 481 51.31 8.65 38.63
C TRP H 481 50.11 8.32 39.50
N VAL H 482 49.80 7.04 39.59
CA VAL H 482 48.87 6.51 40.58
C VAL H 482 49.68 5.56 41.44
N LEU H 483 49.76 5.85 42.72
CA LEU H 483 50.40 4.96 43.68
C LEU H 483 49.31 4.04 44.25
N ALA H 484 49.48 2.75 44.03
CA ALA H 484 48.42 1.79 44.28
C ALA H 484 48.12 1.68 45.76
N GLY H 485 46.90 1.27 46.06
CA GLY H 485 46.47 1.13 47.44
C GLY H 485 45.04 0.66 47.49
N ASP H 486 44.45 0.77 48.67
CA ASP H 486 43.04 0.49 48.87
C ASP H 486 42.37 1.78 49.31
N VAL H 487 41.46 2.30 48.48
CA VAL H 487 40.82 3.58 48.75
C VAL H 487 39.47 3.31 49.40
N TYR H 488 39.27 3.90 50.57
CA TYR H 488 38.03 3.78 51.33
C TYR H 488 37.24 5.08 51.20
N ASN H 489 35.94 4.95 51.00
CA ASN H 489 35.03 6.09 50.92
C ASN H 489 34.35 6.30 52.26
N LEU H 490 34.34 7.55 52.73
CA LEU H 490 33.77 7.87 54.03
C LEU H 490 32.41 8.54 53.85
N LEU H 491 31.45 8.16 54.69
CA LEU H 491 30.11 8.71 54.64
C LEU H 491 30.12 10.18 55.04
N PRO H 492 29.12 10.96 54.62
CA PRO H 492 29.02 12.34 55.09
C PRO H 492 28.98 12.41 56.61
N GLY H 493 29.78 13.31 57.16
CA GLY H 493 29.87 13.46 58.59
C GLY H 493 30.74 12.43 59.28
N ALA H 494 31.33 11.50 58.53
CA ALA H 494 32.22 10.52 59.12
C ALA H 494 33.55 11.17 59.44
N GLU H 495 34.09 10.86 60.61
CA GLU H 495 35.33 11.46 61.08
C GLU H 495 36.36 10.36 61.27
N PRO H 496 37.49 10.40 60.57
CA PRO H 496 38.49 9.36 60.78
C PRO H 496 39.00 9.39 62.21
N THR H 497 39.27 8.20 62.75
CA THR H 497 39.74 8.07 64.11
C THR H 497 41.25 7.98 64.22
N VAL H 498 41.94 7.91 63.09
CA VAL H 498 43.38 7.68 63.05
C VAL H 498 44.03 8.85 62.33
N LYS H 499 45.35 8.91 62.42
CA LYS H 499 46.11 9.91 61.71
C LYS H 499 46.87 9.24 60.57
N ASN H 500 47.46 10.06 59.70
CA ASN H 500 48.29 9.53 58.64
C ASN H 500 49.42 8.70 59.22
N GLY H 501 49.60 7.50 58.70
CA GLY H 501 50.69 6.65 59.11
C GLY H 501 50.31 5.63 60.16
N ASP H 502 49.16 5.78 60.78
CA ASP H 502 48.69 4.82 61.76
C ASP H 502 48.57 3.44 61.12
N ARG H 503 49.33 2.50 61.64
CA ARG H 503 49.27 1.12 61.17
C ARG H 503 48.11 0.45 61.87
N VAL H 504 47.08 0.11 61.10
CA VAL H 504 45.87 -0.45 61.67
C VAL H 504 45.82 -1.93 61.33
N GLU H 505 44.97 -2.65 62.06
CA GLU H 505 44.70 -4.05 61.81
C GLU H 505 43.31 -4.22 61.23
N VAL H 506 43.02 -5.44 60.80
CA VAL H 506 41.73 -5.74 60.19
C VAL H 506 40.64 -5.62 61.24
N GLY H 507 39.56 -4.93 60.89
CA GLY H 507 38.44 -4.77 61.80
C GLY H 507 38.52 -3.57 62.71
N ASP H 508 39.66 -2.90 62.78
CA ASP H 508 39.79 -1.74 63.65
C ASP H 508 39.02 -0.55 63.11
N VAL H 509 38.64 0.34 64.01
CA VAL H 509 37.81 1.48 63.66
C VAL H 509 38.69 2.50 62.94
N LEU H 510 38.25 2.93 61.77
CA LEU H 510 38.92 4.01 61.06
C LEU H 510 38.18 5.34 61.18
N ALA H 511 36.88 5.34 60.91
CA ALA H 511 36.08 6.55 60.93
C ALA H 511 34.77 6.25 61.67
N GLU H 512 34.15 7.30 62.18
CA GLU H 512 32.94 7.13 62.97
C GLU H 512 31.95 8.23 62.63
N THR H 513 30.67 7.86 62.71
CA THR H 513 29.56 8.80 62.61
C THR H 513 28.80 8.77 63.93
N LYS H 514 28.65 9.94 64.55
CA LYS H 514 28.01 10.04 65.85
C LYS H 514 26.63 10.67 65.69
N LEU H 515 25.62 9.95 66.13
CA LEU H 515 24.25 10.46 66.19
C LEU H 515 23.95 10.86 67.63
N THR H 516 23.47 12.09 67.80
CA THR H 516 23.18 12.66 69.10
C THR H 516 21.72 13.09 69.16
N THR H 517 21.17 13.12 70.37
CA THR H 517 19.81 13.61 70.55
C THR H 517 19.80 15.13 70.52
N GLU H 518 18.92 15.70 69.69
CA GLU H 518 18.89 17.15 69.55
C GLU H 518 18.41 17.82 70.82
N ARG H 519 17.39 17.23 71.47
CA ARG H 519 16.75 17.87 72.61
C ARG H 519 16.69 17.00 73.87
N GLY H 520 17.03 15.73 73.78
CA GLY H 520 17.02 14.89 74.97
C GLY H 520 15.60 14.46 75.30
N GLY H 521 15.52 13.64 76.32
CA GLY H 521 14.25 13.09 76.72
C GLY H 521 14.42 11.66 77.24
N THR H 522 13.40 10.85 77.00
CA THR H 522 13.42 9.45 77.40
C THR H 522 13.65 8.58 76.17
N VAL H 523 14.48 7.55 76.33
CA VAL H 523 14.75 6.62 75.25
C VAL H 523 13.59 5.66 75.10
N ARG H 524 13.22 5.38 73.85
CA ARG H 524 12.25 4.35 73.54
C ARG H 524 12.83 3.47 72.46
N MET H 525 13.03 2.19 72.78
CA MET H 525 13.59 1.25 71.83
C MET H 525 12.44 0.53 71.15
N GLY H 526 12.50 0.44 69.82
CA GLY H 526 11.53 -0.35 69.11
C GLY H 526 11.71 -1.82 69.38
N GLU H 527 10.59 -2.55 69.33
CA GLU H 527 10.64 -3.98 69.60
C GLU H 527 11.41 -4.70 68.50
N ASP H 528 12.01 -5.83 68.85
CA ASP H 528 12.78 -6.63 67.91
C ASP H 528 11.81 -7.36 67.00
N ASN H 529 11.37 -6.66 65.95
CA ASN H 529 10.44 -7.21 64.96
C ASN H 529 11.22 -8.04 63.96
N GLY H 530 11.77 -9.15 64.45
CA GLY H 530 12.56 -10.02 63.63
C GLY H 530 13.95 -9.49 63.32
N SER H 531 14.33 -8.38 63.95
CA SER H 531 15.64 -7.79 63.80
C SER H 531 16.26 -7.60 65.17
N SER H 532 17.50 -8.05 65.33
CA SER H 532 18.21 -7.85 66.59
C SER H 532 18.85 -6.48 66.67
N THR H 533 18.72 -5.67 65.61
CA THR H 533 19.24 -4.32 65.56
C THR H 533 18.07 -3.36 65.41
N HIS H 534 17.91 -2.46 66.37
CA HIS H 534 16.83 -1.47 66.30
C HIS H 534 17.20 -0.43 65.24
N ARG H 535 16.41 -0.38 64.18
CA ARG H 535 16.66 0.58 63.10
C ARG H 535 16.21 2.00 63.45
N GLU H 536 15.43 2.17 64.52
CA GLU H 536 15.02 3.50 64.95
C GLU H 536 14.84 3.49 66.46
N VAL H 537 15.26 4.58 67.09
CA VAL H 537 15.07 4.80 68.51
C VAL H 537 14.38 6.15 68.69
N GLU H 538 13.39 6.18 69.56
CA GLU H 538 12.51 7.34 69.69
C GLU H 538 12.84 8.10 70.97
N ILE H 539 12.55 9.39 70.94
CA ILE H 539 12.79 10.29 72.07
C ILE H 539 11.44 10.76 72.58
N ILE H 540 11.27 10.74 73.89
CA ILE H 540 9.97 10.98 74.48
C ILE H 540 10.05 12.13 75.48
N VAL H 544 6.95 13.77 77.60
CA VAL H 544 6.44 13.46 78.92
C VAL H 544 5.16 12.63 78.78
N VAL H 545 4.70 12.01 79.87
CA VAL H 545 3.58 11.09 79.84
C VAL H 545 2.54 11.50 80.87
N LEU H 546 1.27 11.29 80.54
CA LEU H 546 0.14 11.55 81.43
C LEU H 546 -0.79 10.36 81.35
N ASP H 547 -1.23 9.86 82.51
CA ASP H 547 -1.96 8.60 82.54
C ASP H 547 -3.18 8.57 83.45
N THR H 548 -3.34 9.49 84.40
CA THR H 548 -4.21 9.26 85.55
C THR H 548 -5.69 9.40 85.20
N ALA H 549 -6.13 8.62 84.21
CA ALA H 549 -7.54 8.52 83.87
C ALA H 549 -7.83 7.06 83.52
N THR H 550 -9.00 6.84 82.91
CA THR H 550 -9.32 5.57 82.30
C THR H 550 -9.89 5.85 80.91
N VAL H 551 -9.66 4.92 79.99
CA VAL H 551 -10.15 5.05 78.62
C VAL H 551 -10.71 3.72 78.16
N LYS H 552 -11.86 3.76 77.49
CA LYS H 552 -12.45 2.57 76.90
C LYS H 552 -12.87 2.88 75.46
N ALA H 553 -12.61 1.94 74.55
CA ALA H 553 -12.99 2.10 73.15
C ALA H 553 -14.32 1.40 72.92
N GLU H 554 -15.37 2.18 72.66
CA GLU H 554 -16.70 1.64 72.45
C GLU H 554 -17.10 1.85 70.99
N ALA H 555 -17.80 0.87 70.43
CA ALA H 555 -18.24 0.92 69.05
C ALA H 555 -19.71 1.33 69.02
N SER H 556 -20.01 2.45 68.37
CA SER H 556 -21.37 2.92 68.19
C SER H 556 -21.60 3.17 66.70
N GLN H 557 -22.59 2.50 66.13
CA GLN H 557 -22.92 2.60 64.70
C GLN H 557 -21.68 2.36 63.83
N GLY H 558 -20.88 1.38 64.23
CA GLY H 558 -19.70 1.03 63.47
C GLY H 558 -18.53 1.98 63.65
N ARG H 559 -18.66 2.99 64.50
CA ARG H 559 -17.61 3.97 64.74
C ARG H 559 -16.98 3.70 66.10
N GLU H 560 -15.66 3.58 66.13
CA GLU H 560 -14.95 3.36 67.39
C GLU H 560 -14.68 4.71 68.02
N HIS H 561 -15.44 5.05 69.06
CA HIS H 561 -15.27 6.28 69.79
C HIS H 561 -14.72 5.94 71.16
N TYR H 562 -13.81 6.77 71.65
CA TYR H 562 -13.14 6.50 72.90
C TYR H 562 -13.76 7.34 74.01
N VAL H 563 -14.16 6.68 75.09
CA VAL H 563 -14.75 7.35 76.23
C VAL H 563 -13.70 7.39 77.32
N ILE H 564 -13.37 8.61 77.76
CA ILE H 564 -12.40 8.82 78.82
C ILE H 564 -13.19 9.01 80.10
N GLU H 565 -13.15 8.00 80.96
CA GLU H 565 -13.76 8.06 82.28
C GLU H 565 -12.73 8.54 83.28
N THR H 566 -12.99 9.70 83.87
CA THR H 566 -12.11 10.25 84.88
C THR H 566 -12.30 9.51 86.20
N LYS H 567 -11.35 9.70 87.11
CA LYS H 567 -11.46 9.08 88.42
C LYS H 567 -12.63 9.66 89.23
N GLY H 568 -13.11 10.84 88.86
CA GLY H 568 -14.31 11.41 89.43
C GLY H 568 -15.60 10.96 88.79
N GLY H 569 -15.54 10.11 87.77
CA GLY H 569 -16.72 9.59 87.12
C GLY H 569 -17.19 10.36 85.91
N GLN H 570 -16.53 11.46 85.55
CA GLN H 570 -16.94 12.20 84.37
C GLN H 570 -16.52 11.45 83.11
N ARG H 571 -17.20 11.78 82.00
CA ARG H 571 -16.99 11.08 80.75
C ARG H 571 -16.68 12.08 79.65
N PHE H 572 -15.67 11.75 78.84
CA PHE H 572 -15.26 12.56 77.70
C PHE H 572 -15.31 11.71 76.44
N ASN H 573 -15.54 12.36 75.30
CA ASN H 573 -15.44 11.70 74.00
C ASN H 573 -14.15 12.13 73.31
N LEU H 574 -13.44 11.15 72.76
CA LEU H 574 -12.13 11.41 72.16
C LEU H 574 -12.34 11.84 70.72
N LEU H 575 -12.20 13.13 70.47
CA LEU H 575 -12.40 13.69 69.14
C LEU H 575 -11.24 13.41 68.20
N ALA H 576 -10.08 13.02 68.74
CA ALA H 576 -8.88 12.77 67.97
C ALA H 576 -8.56 11.28 67.96
N ALA H 577 -8.29 10.74 66.78
CA ALA H 577 -8.07 9.31 66.64
C ALA H 577 -6.62 8.96 66.94
N PRO H 578 -6.36 7.72 67.33
CA PRO H 578 -4.97 7.28 67.53
C PRO H 578 -4.13 7.42 66.26
N GLY H 579 -2.88 7.78 66.45
CA GLY H 579 -1.96 8.03 65.36
C GLY H 579 -1.97 9.43 64.80
N THR H 580 -2.76 10.34 65.37
CA THR H 580 -2.89 11.69 64.83
C THR H 580 -1.98 12.63 65.61
N LYS H 581 -1.29 13.51 64.87
CA LYS H 581 -0.43 14.52 65.47
C LYS H 581 -1.15 15.85 65.52
N VAL H 582 -1.22 16.45 66.70
CA VAL H 582 -1.88 17.72 66.91
C VAL H 582 -0.91 18.66 67.61
N THR H 583 -0.95 19.93 67.25
CA THR H 583 -0.12 20.94 67.88
C THR H 583 -0.79 21.47 69.14
N THR H 584 -0.13 22.45 69.77
CA THR H 584 -0.70 23.08 70.95
C THR H 584 -1.97 23.84 70.58
N GLY H 585 -2.98 23.72 71.43
CA GLY H 585 -4.22 24.44 71.28
C GLY H 585 -5.35 23.62 70.67
N HIS H 586 -5.03 22.52 70.01
CA HIS H 586 -6.05 21.72 69.35
C HIS H 586 -6.86 20.92 70.36
N VAL H 587 -8.17 20.83 70.12
CA VAL H 587 -9.05 20.09 71.01
C VAL H 587 -8.78 18.60 70.86
N VAL H 588 -8.61 17.92 71.98
CA VAL H 588 -8.37 16.48 71.98
C VAL H 588 -9.63 15.70 72.36
N ALA H 589 -10.35 16.17 73.37
CA ALA H 589 -11.56 15.50 73.83
C ALA H 589 -12.64 16.54 74.13
N GLU H 590 -13.88 16.09 74.09
CA GLU H 590 -15.05 16.94 74.34
C GLU H 590 -15.83 16.36 75.51
N LEU H 591 -16.21 17.23 76.45
CA LEU H 591 -17.01 16.75 77.57
C LEU H 591 -18.36 16.27 77.04
N ILE H 592 -18.75 15.07 77.45
CA ILE H 592 -20.05 14.52 77.07
C ILE H 592 -21.10 15.14 77.99
N ASP H 593 -21.69 16.25 77.56
CA ASP H 593 -22.59 17.01 78.41
C ASP H 593 -23.89 17.29 77.66
N SER H 594 -24.99 17.33 78.41
CA SER H 594 -26.29 17.67 77.87
C SER H 594 -27.00 18.76 78.64
N ARG H 595 -26.49 19.18 79.80
CA ARG H 595 -27.18 20.20 80.60
C ARG H 595 -27.26 21.52 79.84
N TYR H 596 -26.18 21.90 79.16
CA TYR H 596 -26.11 23.18 78.47
C TYR H 596 -26.58 23.09 77.03
N ARG H 597 -27.43 22.12 76.71
CA ARG H 597 -28.01 21.95 75.38
C ARG H 597 -29.45 22.42 75.37
N THR H 598 -29.73 23.47 74.59
CA THR H 598 -31.09 24.00 74.54
C THR H 598 -31.99 23.11 73.69
N GLN H 599 -33.30 23.34 73.83
CA GLN H 599 -34.28 22.62 73.01
C GLN H 599 -34.48 23.29 71.65
N THR H 600 -34.52 24.62 71.64
CA THR H 600 -34.73 25.40 70.43
C THR H 600 -33.76 26.58 70.45
N GLY H 601 -33.94 27.53 69.55
CA GLY H 601 -33.16 28.74 69.54
C GLY H 601 -33.65 29.72 70.60
N GLY H 602 -33.07 30.91 70.58
CA GLY H 602 -33.52 31.93 71.51
C GLY H 602 -32.50 33.06 71.64
N LEU H 603 -32.55 33.71 72.80
CA LEU H 603 -31.67 34.83 73.14
C LEU H 603 -30.84 34.48 74.37
N LEU H 604 -29.61 35.00 74.41
CA LEU H 604 -28.65 34.68 75.46
C LEU H 604 -28.28 35.94 76.24
N LYS H 605 -28.20 35.82 77.56
CA LYS H 605 -27.81 36.90 78.46
C LYS H 605 -26.75 36.42 79.43
N TYR H 606 -25.82 37.31 79.76
CA TYR H 606 -24.76 36.97 80.71
C TYR H 606 -25.03 37.60 82.07
N SER H 607 -24.55 36.94 83.12
CA SER H 607 -24.62 37.44 84.49
C SER H 607 -23.29 37.10 85.17
N GLY H 608 -22.38 38.07 85.22
CA GLY H 608 -21.09 37.87 85.82
C GLY H 608 -20.14 36.98 85.06
N VAL H 609 -20.60 36.29 84.02
CA VAL H 609 -19.73 35.40 83.26
C VAL H 609 -18.80 36.24 82.40
N GLU H 610 -17.53 35.87 82.39
CA GLU H 610 -16.53 36.61 81.64
C GLU H 610 -15.74 35.65 80.76
N ILE H 611 -15.26 36.19 79.64
CA ILE H 611 -14.58 35.40 78.62
C ILE H 611 -13.30 36.11 78.22
N SER H 612 -12.43 35.36 77.55
CA SER H 612 -11.22 35.93 76.98
C SER H 612 -11.54 36.66 75.69
N LYS H 613 -10.86 37.79 75.47
CA LYS H 613 -11.16 38.68 74.36
C LYS H 613 -10.17 38.49 73.20
N LYS H 614 -9.41 37.40 73.20
CA LYS H 614 -8.37 37.17 72.21
C LYS H 614 -8.99 36.50 70.99
N GLY H 615 -9.02 37.21 69.86
CA GLY H 615 -9.27 36.61 68.57
C GLY H 615 -10.74 36.52 68.20
N ARG H 616 -11.11 37.15 67.10
CA ARG H 616 -12.44 36.95 66.52
C ARG H 616 -12.51 35.67 65.69
N ALA H 617 -11.40 35.27 65.08
CA ALA H 617 -11.38 34.08 64.22
C ALA H 617 -11.72 32.82 65.00
N LYS H 618 -11.47 32.81 66.31
CA LYS H 618 -11.81 31.66 67.16
C LYS H 618 -13.28 31.62 67.52
N ALA H 619 -14.12 32.47 66.93
CA ALA H 619 -15.54 32.47 67.24
C ALA H 619 -16.17 31.12 66.93
N LYS H 620 -15.84 30.54 65.78
CA LYS H 620 -16.32 29.20 65.45
C LYS H 620 -15.87 28.19 66.49
N GLN H 621 -14.73 28.41 67.12
CA GLN H 621 -14.28 27.53 68.19
C GLN H 621 -14.83 27.93 69.54
N GLY H 622 -15.58 29.02 69.62
CA GLY H 622 -16.19 29.45 70.85
C GLY H 622 -15.38 30.51 71.55
N TYR H 623 -15.82 30.85 72.76
CA TYR H 623 -15.20 31.90 73.54
C TYR H 623 -14.75 31.30 74.87
N GLU H 624 -13.44 31.36 75.13
CA GLU H 624 -12.91 30.80 76.35
C GLU H 624 -13.35 31.65 77.53
N VAL H 625 -13.94 31.00 78.52
CA VAL H 625 -14.49 31.72 79.67
C VAL H 625 -13.34 32.05 80.62
N THR H 626 -13.26 33.32 81.01
CA THR H 626 -12.29 33.75 82.01
C THR H 626 -12.87 33.82 83.41
N LYS H 627 -14.19 33.67 83.54
CA LYS H 627 -14.83 33.70 84.85
C LYS H 627 -16.22 33.12 84.71
N GLY H 628 -16.59 32.24 85.63
CA GLY H 628 -17.89 31.63 85.59
C GLY H 628 -18.98 32.59 86.03
N GLY H 629 -20.22 32.17 85.84
CA GLY H 629 -21.35 33.01 86.15
C GLY H 629 -22.69 32.35 85.85
N THR H 630 -23.65 33.13 85.36
CA THR H 630 -24.98 32.62 85.06
C THR H 630 -25.37 33.01 83.63
N LEU H 631 -25.84 32.04 82.87
CA LEU H 631 -26.39 32.28 81.54
C LEU H 631 -27.91 32.30 81.64
N LEU H 632 -28.51 33.34 81.08
CA LEU H 632 -29.96 33.49 81.01
C LEU H 632 -30.39 33.16 79.58
N TRP H 633 -31.27 32.17 79.45
CA TRP H 633 -31.70 31.68 78.16
C TRP H 633 -33.18 31.99 77.95
N ILE H 634 -33.47 32.78 76.91
CA ILE H 634 -34.83 33.18 76.62
C ILE H 634 -35.28 32.40 75.40
N PRO H 635 -36.15 31.41 75.54
CA PRO H 635 -36.47 30.52 74.42
C PRO H 635 -37.23 31.25 73.33
N GLU H 636 -37.12 30.72 72.11
CA GLU H 636 -37.89 31.17 70.97
C GLU H 636 -37.64 30.21 69.82
N GLU H 637 -38.59 30.16 68.89
CA GLU H 637 -38.50 29.33 67.70
C GLU H 637 -38.62 30.21 66.47
N THR H 638 -37.60 30.20 65.63
CA THR H 638 -37.53 31.10 64.48
C THR H 638 -37.48 30.28 63.20
N HIS H 639 -38.46 30.50 62.33
CA HIS H 639 -38.48 29.87 61.01
C HIS H 639 -38.11 30.94 60.01
N GLU H 640 -36.97 30.78 59.37
CA GLU H 640 -36.47 31.76 58.42
C GLU H 640 -36.68 31.24 57.01
N VAL H 641 -37.46 31.96 56.22
CA VAL H 641 -37.88 31.50 54.91
C VAL H 641 -37.90 32.72 53.99
N ASN H 642 -37.96 32.47 52.70
CA ASN H 642 -37.96 33.59 51.78
C ASN H 642 -39.13 33.48 50.80
N LYS H 643 -40.29 33.10 51.32
CA LYS H 643 -41.46 32.66 50.55
C LYS H 643 -42.47 33.79 50.44
N ASP H 644 -43.40 33.65 49.49
CA ASP H 644 -44.32 34.73 49.22
C ASP H 644 -45.38 34.85 50.31
N ILE H 645 -46.04 36.01 50.34
CA ILE H 645 -47.01 36.31 51.39
C ILE H 645 -48.21 35.38 51.33
N SER H 646 -48.76 35.18 50.13
CA SER H 646 -50.06 34.52 50.03
C SER H 646 -50.01 33.06 50.45
N LEU H 647 -48.87 32.57 50.89
CA LEU H 647 -48.77 31.24 51.45
C LEU H 647 -49.03 31.23 52.95
N LEU H 648 -49.23 32.40 53.54
CA LEU H 648 -49.34 32.51 54.99
C LEU H 648 -50.71 32.00 55.44
N ASN H 649 -50.72 31.34 56.60
CA ASN H 649 -51.97 30.85 57.18
C ASN H 649 -52.35 31.54 58.49
N VAL H 650 -51.39 32.10 59.22
CA VAL H 650 -51.61 32.57 60.57
C VAL H 650 -51.46 34.08 60.64
N GLU H 651 -52.20 34.67 61.58
CA GLU H 651 -52.21 36.11 61.76
C GLU H 651 -51.02 36.57 62.59
N ASP H 652 -50.62 37.82 62.36
CA ASP H 652 -49.59 38.44 63.19
C ASP H 652 -50.06 38.54 64.63
N GLY H 653 -49.34 37.86 65.52
CA GLY H 653 -49.65 37.92 66.94
C GLY H 653 -50.68 36.93 67.41
N GLN H 654 -51.11 36.01 66.57
CA GLN H 654 -52.07 34.99 66.99
C GLN H 654 -51.42 34.07 68.03
N LEU H 655 -52.15 33.81 69.11
CA LEU H 655 -51.73 32.82 70.08
C LEU H 655 -52.07 31.43 69.53
N VAL H 656 -51.05 30.60 69.37
CA VAL H 656 -51.17 29.36 68.63
C VAL H 656 -50.74 28.22 69.54
N GLU H 657 -51.04 26.99 69.11
CA GLU H 657 -50.46 25.80 69.69
C GLU H 657 -49.42 25.23 68.75
N ALA H 658 -48.50 24.45 69.29
CA ALA H 658 -47.50 23.81 68.46
C ALA H 658 -48.16 22.79 67.54
N GLY H 659 -47.62 22.68 66.33
CA GLY H 659 -48.09 21.73 65.35
C GLY H 659 -48.91 22.36 64.24
N THR H 660 -49.41 23.56 64.44
CA THR H 660 -50.18 24.25 63.42
C THR H 660 -49.30 24.60 62.23
N GLU H 661 -49.79 24.33 61.02
CA GLU H 661 -49.07 24.67 59.79
C GLU H 661 -49.12 26.17 59.57
N VAL H 662 -48.20 26.88 60.22
CA VAL H 662 -48.21 28.33 60.19
C VAL H 662 -48.01 28.83 58.76
N VAL H 663 -47.07 28.23 58.04
CA VAL H 663 -46.84 28.50 56.62
C VAL H 663 -46.87 27.15 55.91
N LYS H 664 -47.41 27.14 54.69
CA LYS H 664 -47.52 25.92 53.92
C LYS H 664 -46.23 25.13 53.96
N ASP H 665 -46.32 23.90 54.46
CA ASP H 665 -45.20 22.98 54.64
C ASP H 665 -44.26 23.41 55.76
N ILE H 666 -44.73 24.26 56.67
CA ILE H 666 -43.95 24.69 57.82
C ILE H 666 -44.78 24.45 59.06
N PHE H 667 -44.21 23.78 60.05
CA PHE H 667 -44.94 23.38 61.23
C PHE H 667 -44.28 23.95 62.48
N CYS H 668 -45.07 24.64 63.29
CA CYS H 668 -44.56 25.19 64.54
C CYS H 668 -44.24 24.06 65.50
N GLN H 669 -43.27 24.29 66.37
CA GLN H 669 -42.86 23.29 67.34
C GLN H 669 -43.04 23.78 68.77
N THR H 670 -43.40 25.04 68.97
CA THR H 670 -43.53 25.63 70.30
C THR H 670 -44.88 26.31 70.38
N THR H 671 -45.52 26.19 71.54
CA THR H 671 -46.83 26.77 71.77
C THR H 671 -46.66 28.20 72.26
N GLY H 672 -47.00 29.16 71.41
CA GLY H 672 -46.81 30.54 71.79
C GLY H 672 -47.42 31.51 70.81
N ILE H 673 -46.97 32.74 70.89
CA ILE H 673 -47.46 33.81 70.03
C ILE H 673 -46.57 33.86 68.80
N VAL H 674 -47.17 34.06 67.64
CA VAL H 674 -46.47 34.09 66.36
C VAL H 674 -46.31 35.54 65.92
N SER H 675 -45.07 35.95 65.70
CA SER H 675 -44.77 37.27 65.18
C SER H 675 -44.11 37.11 63.82
N VAL H 676 -44.65 37.82 62.83
CA VAL H 676 -44.39 37.56 61.42
C VAL H 676 -43.63 38.73 60.84
N THR H 677 -42.63 38.44 60.01
CA THR H 677 -41.86 39.46 59.33
C THR H 677 -42.03 39.26 57.83
N GLN H 678 -42.41 40.33 57.14
CA GLN H 678 -42.55 40.27 55.70
C GLN H 678 -41.91 41.50 55.09
N ASN H 679 -41.42 41.34 53.87
CA ASN H 679 -40.83 42.44 53.11
C ASN H 679 -41.45 42.42 51.72
N ASN H 680 -42.14 43.50 51.37
CA ASN H 680 -42.76 43.67 50.05
C ASN H 680 -43.42 42.39 49.55
N ASP H 681 -44.41 41.95 50.32
CA ASP H 681 -45.22 40.76 50.01
C ASP H 681 -44.40 39.47 49.97
N ILE H 682 -43.36 39.38 50.80
CA ILE H 682 -42.50 38.21 50.83
C ILE H 682 -42.27 37.84 52.30
N LEU H 683 -42.67 36.65 52.68
CA LEU H 683 -42.48 36.18 54.05
C LEU H 683 -41.00 35.91 54.31
N ARG H 684 -40.45 36.52 55.34
CA ARG H 684 -39.01 36.48 55.60
C ARG H 684 -38.67 35.73 56.88
N GLU H 685 -39.34 36.05 57.99
CA GLU H 685 -38.99 35.46 59.27
C GLU H 685 -40.24 35.33 60.11
N ILE H 686 -40.43 34.16 60.72
CA ILE H 686 -41.57 33.89 61.59
C ILE H 686 -41.03 33.54 62.97
N VAL H 687 -41.67 34.08 64.00
CA VAL H 687 -41.20 33.94 65.37
C VAL H 687 -42.33 33.40 66.24
N ILE H 688 -42.05 32.34 66.98
CA ILE H 688 -43.00 31.77 67.93
C ILE H 688 -42.32 31.75 69.29
N LYS H 689 -42.88 32.45 70.26
CA LYS H 689 -42.24 32.59 71.55
C LYS H 689 -43.16 32.11 72.67
N PRO H 690 -42.73 31.14 73.48
CA PRO H 690 -43.59 30.63 74.55
C PRO H 690 -43.73 31.64 75.69
N GLY H 691 -44.43 31.27 76.74
CA GLY H 691 -44.62 32.14 77.88
C GLY H 691 -46.08 32.56 78.01
N ASP H 692 -46.48 32.89 79.23
CA ASP H 692 -47.86 33.29 79.46
C ASP H 692 -48.14 34.66 78.85
N VAL H 693 -49.33 34.84 78.30
CA VAL H 693 -49.72 36.15 77.81
C VAL H 693 -50.79 36.72 78.72
N HIS H 694 -50.87 38.05 78.75
CA HIS H 694 -51.83 38.70 79.63
C HIS H 694 -52.21 40.05 79.05
N VAL H 695 -53.39 40.53 79.46
CA VAL H 695 -53.93 41.77 78.91
C VAL H 695 -53.15 42.94 79.47
N LEU H 696 -52.89 43.94 78.63
CA LEU H 696 -52.27 45.18 79.09
C LEU H 696 -53.34 46.27 79.17
N ASP H 697 -53.79 46.54 80.39
CA ASP H 697 -54.81 47.55 80.65
C ASP H 697 -54.22 48.92 80.98
N ASP H 698 -53.11 48.96 81.71
CA ASP H 698 -52.53 50.23 82.11
C ASP H 698 -51.38 50.57 81.18
N PRO H 699 -51.45 51.68 80.44
CA PRO H 699 -50.33 52.04 79.56
C PRO H 699 -49.03 52.28 80.30
N ASP H 700 -49.08 52.64 81.57
CA ASP H 700 -47.84 52.91 82.31
C ASP H 700 -47.06 51.64 82.56
N THR H 701 -47.74 50.54 82.90
CA THR H 701 -47.05 49.26 83.04
C THR H 701 -46.44 48.83 81.72
N ALA H 702 -47.15 49.00 80.61
CA ALA H 702 -46.58 48.68 79.31
C ALA H 702 -45.35 49.54 79.02
N ALA H 703 -45.43 50.83 79.36
CA ALA H 703 -44.28 51.70 79.18
C ALA H 703 -43.09 51.23 80.00
N LYS H 704 -43.34 50.67 81.18
CA LYS H 704 -42.25 50.07 81.95
C LYS H 704 -41.64 48.88 81.22
N TYR H 705 -42.49 48.06 80.60
CA TYR H 705 -42.05 46.89 79.84
C TYR H 705 -41.91 47.19 78.35
N ASP H 706 -41.61 48.44 77.99
CA ASP H 706 -41.43 48.80 76.59
C ASP H 706 -40.27 48.04 75.95
N GLU H 707 -39.16 47.91 76.67
CA GLU H 707 -37.97 47.25 76.14
C GLU H 707 -37.85 45.80 76.61
N GLY H 708 -38.82 45.31 77.37
CA GLY H 708 -38.68 44.02 77.99
C GLY H 708 -37.81 44.09 79.22
N ARG H 709 -38.09 43.23 80.20
CA ARG H 709 -37.45 43.30 81.50
C ARG H 709 -37.43 41.90 82.09
N LEU H 710 -36.55 41.71 83.06
CA LEU H 710 -36.54 40.48 83.83
C LEU H 710 -37.38 40.70 85.08
N VAL H 711 -38.09 39.66 85.51
CA VAL H 711 -38.85 39.73 86.75
C VAL H 711 -38.60 38.43 87.50
N ASN H 712 -38.21 38.56 88.76
CA ASN H 712 -37.82 37.41 89.57
C ASN H 712 -39.04 36.63 90.04
N ALA H 713 -38.76 35.50 90.66
CA ALA H 713 -39.82 34.71 91.28
C ALA H 713 -40.47 35.50 92.41
N GLY H 714 -41.79 35.44 92.48
CA GLY H 714 -42.52 36.08 93.56
C GLY H 714 -42.71 37.58 93.40
N GLU H 715 -41.83 38.26 92.67
CA GLU H 715 -41.97 39.69 92.48
C GLU H 715 -43.19 40.01 91.61
N GLU H 716 -43.99 40.95 92.08
CA GLU H 716 -45.24 41.28 91.40
C GLU H 716 -44.94 41.99 90.08
N VAL H 717 -45.29 41.35 88.97
CA VAL H 717 -45.06 41.95 87.66
C VAL H 717 -45.87 43.23 87.51
N PHE H 718 -47.16 43.15 87.82
CA PHE H 718 -48.02 44.32 87.95
C PHE H 718 -49.13 43.94 88.92
N PRO H 719 -49.76 44.95 89.57
CA PRO H 719 -50.75 44.65 90.62
C PRO H 719 -51.73 43.54 90.26
N GLY H 720 -51.71 42.47 91.06
CA GLY H 720 -52.47 41.28 90.77
C GLY H 720 -51.72 40.22 90.00
N LEU H 721 -50.50 40.51 89.56
CA LEU H 721 -49.70 39.58 88.76
C LEU H 721 -48.30 39.47 89.36
N THR H 722 -48.00 38.32 89.93
CA THR H 722 -46.68 38.04 90.49
C THR H 722 -46.08 36.87 89.73
N ALA H 723 -44.83 37.02 89.32
CA ALA H 723 -44.13 35.96 88.61
C ALA H 723 -43.72 34.88 89.60
N GLU H 724 -44.17 33.65 89.36
CA GLU H 724 -43.82 32.55 90.27
C GLU H 724 -42.36 32.17 90.14
N GLN H 725 -41.79 32.29 88.96
CA GLN H 725 -40.35 32.08 88.75
C GLN H 725 -39.84 33.16 87.82
N LEU H 726 -38.51 33.29 87.75
CA LEU H 726 -37.90 34.31 86.91
C LEU H 726 -38.39 34.17 85.47
N VAL H 727 -38.93 35.26 84.94
CA VAL H 727 -39.50 35.30 83.60
C VAL H 727 -39.09 36.60 82.93
N TRP H 728 -39.13 36.59 81.61
CA TRP H 728 -38.86 37.78 80.82
C TRP H 728 -40.18 38.36 80.38
N ALA H 729 -40.48 39.57 80.83
CA ALA H 729 -41.76 40.22 80.56
C ALA H 729 -41.52 41.30 79.52
N GLU H 730 -42.21 41.18 78.38
CA GLU H 730 -42.06 42.13 77.31
C GLU H 730 -43.43 42.46 76.72
N ALA H 731 -43.55 43.67 76.21
CA ALA H 731 -44.82 44.12 75.66
C ALA H 731 -44.82 43.83 74.16
N VAL H 732 -45.85 43.13 73.71
CA VAL H 732 -45.97 42.71 72.31
C VAL H 732 -47.34 43.12 71.78
N ASP H 733 -47.39 43.42 70.49
CA ASP H 733 -48.62 43.87 69.86
C ASP H 733 -49.30 42.67 69.20
N GLY H 734 -50.28 42.10 69.88
CA GLY H 734 -51.08 41.01 69.35
C GLY H 734 -52.26 41.53 68.55
N THR H 735 -53.12 40.58 68.16
CA THR H 735 -54.20 40.87 67.22
C THR H 735 -55.10 42.01 67.70
N ASP H 736 -55.25 42.17 69.02
CA ASP H 736 -56.13 43.18 69.58
C ASP H 736 -55.40 44.37 70.17
N GLY H 737 -54.07 44.38 70.14
CA GLY H 737 -53.33 45.48 70.70
C GLY H 737 -52.28 45.03 71.68
N PRO H 738 -52.04 45.83 72.73
CA PRO H 738 -50.94 45.51 73.64
C PRO H 738 -51.23 44.25 74.43
N LEU H 739 -50.18 43.48 74.70
CA LEU H 739 -50.24 42.32 75.57
C LEU H 739 -48.89 42.18 76.24
N LEU H 740 -48.87 41.56 77.40
CA LEU H 740 -47.64 41.31 78.13
C LEU H 740 -47.32 39.84 78.00
N LEU H 741 -46.08 39.53 77.63
CA LEU H 741 -45.63 38.16 77.44
C LEU H 741 -44.59 37.86 78.52
N LEU H 742 -44.75 36.71 79.17
CA LEU H 742 -43.90 36.23 80.25
C LEU H 742 -43.22 34.97 79.75
N ARG H 743 -42.12 35.16 79.04
CA ARG H 743 -41.39 34.03 78.48
C ARG H 743 -40.55 33.39 79.58
N PRO H 744 -40.55 32.07 79.69
CA PRO H 744 -39.78 31.44 80.78
C PRO H 744 -38.29 31.50 80.58
N VAL H 745 -37.59 32.26 81.42
CA VAL H 745 -36.14 32.40 81.32
C VAL H 745 -35.49 31.24 82.05
N GLN H 746 -34.53 30.59 81.38
CA GLN H 746 -33.76 29.50 81.96
C GLN H 746 -32.45 30.06 82.52
N GLU H 747 -31.95 29.41 83.57
CA GLU H 747 -30.70 29.80 84.21
C GLU H 747 -29.75 28.61 84.18
N LEU H 748 -28.55 28.85 83.65
CA LEU H 748 -27.49 27.85 83.60
C LEU H 748 -26.25 28.40 84.29
N VAL H 749 -25.89 27.83 85.43
CA VAL H 749 -24.76 28.35 86.20
C VAL H 749 -23.50 27.61 85.79
N ILE H 750 -22.45 28.37 85.51
CA ILE H 750 -21.16 27.84 85.07
C ILE H 750 -20.14 28.17 86.15
N PRO H 751 -19.40 27.19 86.66
CA PRO H 751 -18.39 27.49 87.67
C PRO H 751 -17.24 28.30 87.08
N ASP H 752 -16.52 28.99 87.97
CA ASP H 752 -15.43 29.85 87.52
C ASP H 752 -14.34 29.04 86.84
N GLU H 753 -14.03 27.87 87.39
CA GLU H 753 -13.06 26.96 86.81
C GLU H 753 -13.72 25.62 86.52
N PRO H 754 -13.47 25.03 85.36
CA PRO H 754 -14.10 23.75 85.01
C PRO H 754 -13.68 22.68 86.00
N PRO H 755 -14.61 22.11 86.76
CA PRO H 755 -14.28 21.13 87.79
C PRO H 755 -14.07 19.73 87.24
N VAL H 756 -13.28 19.63 86.18
CA VAL H 756 -12.92 18.36 85.55
C VAL H 756 -11.46 18.10 85.86
N PRO H 757 -11.11 16.99 86.52
CA PRO H 757 -9.72 16.78 86.98
C PRO H 757 -8.73 16.67 85.84
N SER H 758 -7.71 17.52 85.87
CA SER H 758 -6.60 17.44 84.95
C SER H 758 -5.70 16.25 85.32
N GLN H 759 -5.01 15.71 84.33
CA GLN H 759 -4.10 14.59 84.54
C GLN H 759 -2.67 15.05 84.32
N ASP H 760 -1.81 14.73 85.29
CA ASP H 760 -0.52 15.39 85.41
C ASP H 760 0.57 14.60 84.70
N SER H 761 1.48 15.33 84.04
CA SER H 761 2.66 14.71 83.47
C SER H 761 3.54 14.15 84.58
N SER H 762 4.19 13.02 84.30
CA SER H 762 4.86 12.24 85.34
C SER H 762 6.38 12.26 85.23
N GLN H 763 6.94 12.87 84.19
CA GLN H 763 8.38 12.83 83.94
C GLN H 763 8.97 14.22 84.05
N GLU H 764 9.99 14.36 84.89
CA GLU H 764 10.62 15.66 85.12
C GLU H 764 11.72 15.95 84.11
N SER H 765 12.30 14.92 83.49
CA SER H 765 13.40 15.12 82.57
C SER H 765 12.99 15.92 81.34
N SER H 766 11.70 16.04 81.06
CA SER H 766 11.20 16.90 80.00
C SER H 766 11.15 18.33 80.54
N SER H 767 12.09 19.17 80.11
CA SER H 767 12.08 20.56 80.53
C SER H 767 10.95 21.37 79.92
N ARG H 768 10.28 20.83 78.91
CA ARG H 768 9.10 21.44 78.30
C ARG H 768 7.94 20.48 78.55
N SER H 769 7.24 20.68 79.66
CA SER H 769 6.17 19.78 80.03
C SER H 769 4.96 19.96 79.11
N ILE H 770 4.27 18.86 78.85
CA ILE H 770 3.06 18.86 78.05
C ILE H 770 1.91 18.35 78.92
N ARG H 771 0.77 19.02 78.82
CA ARG H 771 -0.36 18.71 79.67
C ARG H 771 -1.66 18.96 78.92
N LEU H 772 -2.76 18.51 79.52
CA LEU H 772 -4.11 18.70 78.98
C LEU H 772 -4.83 19.71 79.87
N ARG H 773 -5.11 20.88 79.33
CA ARG H 773 -5.83 21.92 80.06
C ARG H 773 -7.29 21.87 79.65
N ALA H 774 -8.18 21.84 80.65
CA ALA H 774 -9.61 21.82 80.39
C ALA H 774 -10.14 23.24 80.33
N VAL H 775 -10.89 23.55 79.27
CA VAL H 775 -11.39 24.89 79.05
C VAL H 775 -12.89 24.83 78.81
N GLN H 776 -13.56 25.93 79.12
CA GLN H 776 -14.98 26.09 78.89
C GLN H 776 -15.18 27.18 77.84
N ARG H 777 -15.98 26.87 76.82
CA ARG H 777 -16.23 27.80 75.74
C ARG H 777 -17.72 27.99 75.53
N LEU H 778 -18.13 29.25 75.43
CA LEU H 778 -19.50 29.61 75.08
C LEU H 778 -19.51 29.99 73.61
N GLN H 779 -20.37 29.31 72.84
CA GLN H 779 -20.30 29.42 71.40
C GLN H 779 -20.94 30.68 70.86
N PHE H 780 -21.51 31.51 71.73
CA PHE H 780 -22.21 32.71 71.32
C PHE H 780 -21.91 33.86 72.28
N GLN H 781 -21.95 35.08 71.74
CA GLN H 781 -21.60 36.25 72.52
C GLN H 781 -22.78 36.69 73.39
N ASP H 782 -22.53 37.69 74.24
CA ASP H 782 -23.58 38.25 75.07
C ASP H 782 -24.65 38.89 74.21
N GLY H 783 -25.91 38.62 74.54
CA GLY H 783 -27.01 39.22 73.80
C GLY H 783 -27.16 38.73 72.38
N GLU H 784 -26.44 37.68 72.00
CA GLU H 784 -26.49 37.17 70.63
C GLU H 784 -27.85 36.56 70.36
N ARG H 785 -28.62 37.20 69.47
CA ARG H 785 -29.97 36.73 69.16
C ARG H 785 -29.88 35.57 68.17
N ILE H 786 -30.17 34.37 68.66
CA ILE H 786 -29.94 33.14 67.90
C ILE H 786 -31.26 32.68 67.31
N LYS H 787 -31.25 32.33 66.03
CA LYS H 787 -32.43 31.85 65.31
C LYS H 787 -32.15 30.42 64.88
N SER H 788 -32.82 29.47 65.51
CA SER H 788 -32.61 28.06 65.21
C SER H 788 -33.86 27.28 65.59
N VAL H 789 -34.34 26.45 64.67
CA VAL H 789 -35.51 25.63 64.96
C VAL H 789 -35.15 24.53 65.95
N GLU H 790 -33.96 23.95 65.81
CA GLU H 790 -33.53 22.87 66.70
C GLU H 790 -32.60 23.40 67.78
N GLY H 791 -32.36 22.55 68.77
CA GLY H 791 -31.55 22.95 69.90
C GLY H 791 -30.09 23.14 69.56
N VAL H 792 -29.43 23.98 70.35
CA VAL H 792 -28.01 24.27 70.17
C VAL H 792 -27.27 23.88 71.43
N ASP H 793 -25.96 23.66 71.29
CA ASP H 793 -25.09 23.49 72.44
C ASP H 793 -24.48 24.85 72.79
N LEU H 794 -24.68 25.27 74.03
CA LEU H 794 -24.16 26.57 74.48
C LEU H 794 -22.73 26.47 74.99
N LEU H 795 -22.51 25.65 76.01
CA LEU H 795 -21.22 25.53 76.66
C LEU H 795 -20.58 24.21 76.26
N ARG H 796 -19.32 24.28 75.85
CA ARG H 796 -18.52 23.09 75.56
C ARG H 796 -17.31 23.07 76.47
N THR H 797 -17.05 21.94 77.11
CA THR H 797 -15.85 21.76 77.90
C THR H 797 -14.89 20.89 77.10
N GLN H 798 -13.72 21.43 76.80
CA GLN H 798 -12.79 20.80 75.86
C GLN H 798 -11.43 20.62 76.53
N LEU H 799 -10.86 19.43 76.38
CA LEU H 799 -9.46 19.23 76.73
C LEU H 799 -8.60 19.74 75.59
N VAL H 800 -7.55 20.50 75.92
CA VAL H 800 -6.73 21.18 74.95
C VAL H 800 -5.26 20.90 75.29
N LEU H 801 -4.47 20.59 74.28
CA LEU H 801 -3.05 20.34 74.46
C LEU H 801 -2.31 21.65 74.75
N GLU H 802 -1.54 21.66 75.83
CA GLU H 802 -0.76 22.81 76.25
C GLU H 802 0.66 22.37 76.54
N SER H 803 1.62 23.23 76.19
CA SER H 803 3.03 22.96 76.43
C SER H 803 3.71 24.25 76.86
N GLU H 804 4.89 24.11 77.46
CA GLU H 804 5.62 25.26 77.94
C GLU H 804 6.03 26.16 76.78
N GLU H 805 6.27 27.44 77.10
CA GLU H 805 6.63 28.41 76.08
C GLU H 805 7.95 28.02 75.43
N GLY H 806 8.04 28.23 74.12
CA GLY H 806 9.15 27.78 73.32
C GLY H 806 8.94 26.42 72.68
N SER H 807 7.96 25.66 73.17
CA SER H 807 7.60 24.36 72.59
C SER H 807 6.34 24.45 71.76
N SER H 808 5.93 25.66 71.37
CA SER H 808 4.68 25.85 70.62
C SER H 808 4.74 25.15 69.26
N GLN H 809 5.93 25.01 68.68
CA GLN H 809 6.08 24.38 67.38
C GLN H 809 6.12 22.86 67.46
N LEU H 810 6.07 22.30 68.66
CA LEU H 810 6.14 20.85 68.81
C LEU H 810 4.77 20.23 68.54
N SER H 811 4.78 19.09 67.86
CA SER H 811 3.55 18.35 67.55
C SER H 811 3.61 17.01 68.26
N ALA H 812 2.53 16.65 68.94
CA ALA H 812 2.48 15.47 69.78
C ALA H 812 1.58 14.41 69.18
N ASP H 813 2.14 13.22 68.94
CA ASP H 813 1.34 12.05 68.63
C ASP H 813 0.52 11.62 69.82
N ILE H 814 -0.60 10.96 69.53
CA ILE H 814 -1.58 10.55 70.53
C ILE H 814 -1.64 9.02 70.53
N GLU H 815 -1.40 8.42 71.69
CA GLU H 815 -1.24 6.97 71.82
C GLU H 815 -2.05 6.48 73.00
N LEU H 816 -2.25 5.16 73.05
CA LEU H 816 -2.90 4.48 74.16
C LEU H 816 -1.87 3.60 74.88
N LEU H 817 -1.70 3.81 76.18
CA LEU H 817 -0.80 2.99 76.98
C LEU H 817 -1.61 1.99 77.77
N PRO H 818 -1.43 0.68 77.54
CA PRO H 818 -2.05 -0.31 78.43
C PRO H 818 -1.40 -0.23 79.82
N ASP H 819 -2.23 -0.15 80.84
CA ASP H 819 -1.72 -0.03 82.20
C ASP H 819 -0.92 -1.27 82.61
N SER H 820 0.20 -1.05 83.28
CA SER H 820 1.05 -2.16 83.70
C SER H 820 0.33 -3.07 84.68
N LYS H 821 -0.41 -2.50 85.63
CA LYS H 821 -1.12 -3.32 86.60
C LYS H 821 -2.31 -4.02 85.95
N ASP H 822 -3.02 -3.33 85.06
CA ASP H 822 -4.14 -3.92 84.33
C ASP H 822 -3.95 -3.64 82.85
N PRO H 823 -3.51 -4.64 82.07
CA PRO H 823 -3.34 -4.43 80.63
C PRO H 823 -4.61 -4.03 79.91
N GLU H 824 -5.76 -4.49 80.39
CA GLU H 824 -7.03 -4.13 79.76
C GLU H 824 -7.28 -2.63 79.82
N THR H 825 -7.02 -2.02 80.97
CA THR H 825 -7.25 -0.58 81.14
C THR H 825 -6.20 0.20 80.36
N LEU H 826 -6.66 0.98 79.37
CA LEU H 826 -5.80 1.82 78.57
C LEU H 826 -5.89 3.26 79.08
N ARG H 827 -4.83 4.01 78.85
CA ARG H 827 -4.75 5.40 79.29
C ARG H 827 -4.22 6.26 78.15
N LEU H 828 -4.85 7.40 77.93
CA LEU H 828 -4.46 8.28 76.84
C LEU H 828 -3.11 8.90 77.15
N GLN H 829 -2.30 9.10 76.10
CA GLN H 829 -0.95 9.60 76.29
C GLN H 829 -0.54 10.44 75.08
N LEU H 830 0.16 11.53 75.34
CA LEU H 830 0.67 12.40 74.29
C LEU H 830 2.20 12.38 74.33
N VAL H 831 2.81 12.15 73.17
CA VAL H 831 4.26 12.05 73.08
C VAL H 831 4.78 13.05 72.06
N ILE H 832 5.91 13.67 72.35
CA ILE H 832 6.60 14.50 71.36
C ILE H 832 7.73 13.68 70.78
N ILE H 833 7.38 12.56 70.13
CA ILE H 833 8.37 11.60 69.66
C ILE H 833 9.37 12.27 68.73
N GLU H 834 10.65 12.07 69.02
CA GLU H 834 11.67 12.52 68.08
C GLU H 834 12.39 11.29 67.54
N PRO H 835 12.48 11.12 66.23
CA PRO H 835 13.05 9.88 65.70
C PRO H 835 14.55 9.95 65.46
N VAL H 836 15.20 8.81 65.64
CA VAL H 836 16.60 8.62 65.25
C VAL H 836 16.67 7.34 64.44
N VAL H 837 17.10 7.45 63.19
CA VAL H 837 17.08 6.33 62.26
C VAL H 837 18.45 5.67 62.24
N ILE H 838 18.48 4.35 62.41
CA ILE H 838 19.72 3.57 62.37
C ILE H 838 19.80 2.83 61.04
N ARG H 839 20.87 3.08 60.29
CA ARG H 839 21.10 2.38 59.04
C ARG H 839 21.63 0.97 59.32
N ARG H 840 21.25 0.03 58.47
CA ARG H 840 21.76 -1.33 58.61
C ARG H 840 23.23 -1.39 58.25
N ASP H 841 23.93 -2.35 58.87
CA ASP H 841 25.36 -2.48 58.64
C ASP H 841 25.64 -3.02 57.25
N VAL H 842 26.47 -2.31 56.50
CA VAL H 842 26.90 -2.71 55.16
C VAL H 842 28.42 -2.80 55.14
N ALA H 843 28.95 -3.98 54.85
CA ALA H 843 30.38 -4.22 54.76
C ALA H 843 30.87 -4.48 53.35
N SER H 844 30.03 -4.30 52.34
CA SER H 844 30.32 -4.75 50.98
C SER H 844 30.56 -3.54 50.08
N ASP H 845 31.79 -3.06 50.11
CA ASP H 845 32.37 -2.14 49.13
C ASP H 845 31.62 -0.82 49.01
N THR H 846 30.68 -0.53 49.91
CA THR H 846 30.10 0.80 49.95
C THR H 846 31.11 1.81 50.50
N THR H 847 31.51 1.62 51.75
CA THR H 847 32.72 2.25 52.27
C THR H 847 33.92 1.34 52.07
N HIS H 848 33.70 0.15 51.51
CA HIS H 848 34.67 -0.92 51.38
C HIS H 848 35.17 -1.41 52.74
N GLY H 849 34.51 -1.00 53.82
CA GLY H 849 34.80 -1.50 55.15
C GLY H 849 33.50 -1.81 55.85
N SER H 850 33.58 -2.54 56.95
CA SER H 850 32.35 -2.88 57.66
C SER H 850 31.91 -1.74 58.56
N THR H 851 30.72 -1.20 58.29
CA THR H 851 30.14 -0.14 59.12
C THR H 851 29.22 -0.76 60.15
N HIS H 852 29.57 -0.63 61.42
CA HIS H 852 28.80 -1.23 62.51
C HIS H 852 28.35 -0.14 63.47
N THR H 853 27.05 -0.06 63.70
CA THR H 853 26.48 0.99 64.53
C THR H 853 26.13 0.41 65.90
N GLU H 854 26.64 1.03 66.95
CA GLU H 854 26.40 0.63 68.32
C GLU H 854 25.67 1.74 69.06
N LEU H 855 24.62 1.37 69.77
CA LEU H 855 23.88 2.36 70.54
C LEU H 855 24.68 2.75 71.78
N ARG H 856 24.54 4.01 72.16
CA ARG H 856 25.21 4.55 73.35
C ARG H 856 24.29 4.64 74.55
N VAL H 857 23.04 4.21 74.44
CA VAL H 857 22.06 4.33 75.52
C VAL H 857 21.27 3.03 75.61
N LYS H 858 20.31 3.02 76.53
CA LYS H 858 19.43 1.89 76.78
C LYS H 858 17.99 2.38 76.77
N ASP H 859 17.06 1.46 76.53
CA ASP H 859 15.65 1.81 76.48
C ASP H 859 15.19 2.40 77.81
N GLY H 860 14.42 3.48 77.73
CA GLY H 860 13.94 4.13 78.93
C GLY H 860 14.92 5.07 79.58
N GLN H 861 16.13 5.19 79.03
CA GLN H 861 17.13 6.07 79.63
C GLN H 861 16.78 7.53 79.40
N LYS H 862 17.30 8.37 80.28
CA LYS H 862 17.10 9.81 80.21
C LYS H 862 18.35 10.44 79.64
N VAL H 863 18.20 11.21 78.59
CA VAL H 863 19.32 11.79 77.87
C VAL H 863 19.16 13.31 77.84
N LYS H 864 20.26 14.00 78.03
CA LYS H 864 20.29 15.44 77.87
C LYS H 864 20.38 15.77 76.38
N PRO H 865 19.97 16.97 75.99
CA PRO H 865 20.12 17.36 74.59
C PRO H 865 21.58 17.35 74.18
N GLY H 866 21.84 16.88 72.96
CA GLY H 866 23.18 16.78 72.45
C GLY H 866 23.91 15.50 72.81
N ALA H 867 23.37 14.69 73.72
CA ALA H 867 24.02 13.44 74.11
C ALA H 867 24.10 12.49 72.91
N VAL H 868 25.24 11.80 72.81
CA VAL H 868 25.49 10.91 71.68
C VAL H 868 24.57 9.69 71.78
N ILE H 869 23.85 9.42 70.69
CA ILE H 869 22.91 8.30 70.67
C ILE H 869 23.56 7.05 70.10
N ALA H 870 24.15 7.14 68.92
CA ALA H 870 24.70 5.96 68.27
C ALA H 870 26.06 6.29 67.64
N CYS H 871 26.95 5.30 67.62
CA CYS H 871 28.25 5.46 66.99
C CYS H 871 28.40 4.40 65.92
N THR H 872 28.53 4.84 64.67
CA THR H 872 28.80 3.94 63.55
C THR H 872 30.30 3.96 63.26
N GLN H 873 30.93 2.81 63.42
CA GLN H 873 32.37 2.67 63.26
C GLN H 873 32.65 1.90 61.98
N ILE H 874 33.59 2.41 61.17
CA ILE H 874 34.02 1.74 59.95
C ILE H 874 35.28 0.95 60.24
N GLN H 875 35.22 -0.35 59.96
CA GLN H 875 36.29 -1.29 60.23
C GLN H 875 37.02 -1.63 58.94
N CYS H 876 38.35 -1.55 58.98
CA CYS H 876 39.19 -1.72 57.80
C CYS H 876 39.29 -3.18 57.43
N LYS H 877 39.20 -3.46 56.12
CA LYS H 877 39.26 -4.84 55.66
C LYS H 877 40.67 -5.42 55.65
N GLU H 878 41.68 -4.58 55.41
CA GLU H 878 43.05 -5.08 55.27
C GLU H 878 44.01 -4.17 56.02
N ALA H 879 44.90 -4.78 56.80
CA ALA H 879 45.85 -4.00 57.55
C ALA H 879 46.84 -3.31 56.61
N GLY H 880 47.46 -2.25 57.11
CA GLY H 880 48.45 -1.52 56.34
C GLY H 880 48.74 -0.17 56.97
N VAL H 881 48.82 0.86 56.15
CA VAL H 881 49.14 2.21 56.61
C VAL H 881 48.07 3.15 56.07
N VAL H 882 47.62 4.06 56.91
CA VAL H 882 46.57 5.02 56.55
C VAL H 882 47.23 6.29 56.06
N ARG H 883 46.84 6.73 54.86
CA ARG H 883 47.34 7.95 54.26
C ARG H 883 46.21 8.64 53.51
N GLY H 884 46.55 9.74 52.86
CA GLY H 884 45.60 10.47 52.04
C GLY H 884 44.64 11.34 52.81
N ILE H 885 44.70 11.34 54.14
CA ILE H 885 43.81 12.13 54.97
C ILE H 885 44.46 13.50 55.19
N GLN H 886 44.00 14.50 54.45
CA GLN H 886 44.56 15.83 54.56
C GLN H 886 43.90 16.61 55.69
N GLU H 887 44.60 17.65 56.15
CA GLU H 887 44.20 18.41 57.33
C GLU H 887 43.70 19.78 56.92
N GLY H 888 42.56 20.19 57.46
CA GLY H 888 42.16 21.58 57.40
C GLY H 888 40.89 21.85 56.63
N SER H 889 39.82 22.20 57.35
CA SER H 889 38.64 22.89 56.86
C SER H 889 37.79 22.06 55.91
N GLU H 890 38.17 20.82 55.60
CA GLU H 890 37.39 19.99 54.69
C GLU H 890 37.10 18.64 55.31
N ALA H 891 35.90 18.13 55.04
CA ALA H 891 35.48 16.83 55.56
C ALA H 891 36.25 15.70 54.89
N VAL H 892 36.76 14.77 55.69
CA VAL H 892 37.50 13.63 55.19
C VAL H 892 36.50 12.70 54.49
N ARG H 893 36.55 12.64 53.16
CA ARG H 893 35.63 11.81 52.40
C ARG H 893 36.24 10.48 51.96
N ARG H 894 37.55 10.42 51.76
CA ARG H 894 38.22 9.18 51.36
C ARG H 894 39.57 9.08 52.04
N LEU H 895 39.92 7.86 52.43
CA LEU H 895 41.22 7.57 53.01
C LEU H 895 41.88 6.46 52.20
N LEU H 896 43.15 6.21 52.48
CA LEU H 896 43.92 5.22 51.75
C LEU H 896 44.60 4.27 52.72
N VAL H 897 44.56 2.99 52.41
CA VAL H 897 45.27 1.98 53.18
C VAL H 897 46.23 1.27 52.23
N GLU H 898 47.52 1.45 52.48
CA GLU H 898 48.57 0.77 51.74
C GLU H 898 48.84 -0.54 52.46
N ARG H 899 48.68 -1.64 51.77
CA ARG H 899 48.66 -2.93 52.42
C ARG H 899 49.99 -3.65 52.24
N GLU H 900 50.03 -4.90 52.72
CA GLU H 900 51.26 -5.69 52.62
C GLU H 900 51.55 -6.08 51.19
N ARG H 901 50.53 -6.30 50.38
CA ARG H 901 50.72 -6.72 48.99
C ARG H 901 50.91 -5.56 48.03
N ASP H 902 50.93 -4.32 48.51
CA ASP H 902 51.23 -3.16 47.69
C ASP H 902 52.67 -2.72 47.83
N CYS H 903 53.53 -3.61 48.31
CA CYS H 903 54.96 -3.37 48.44
C CYS H 903 55.68 -4.63 48.03
N VAL H 904 56.73 -4.48 47.23
CA VAL H 904 57.51 -5.60 46.72
C VAL H 904 58.98 -5.32 47.00
N THR H 905 59.73 -6.39 47.21
CA THR H 905 61.16 -6.29 47.48
C THR H 905 61.95 -6.91 46.33
N LEU H 906 63.01 -6.22 45.92
CA LEU H 906 63.84 -6.62 44.80
C LEU H 906 65.30 -6.59 45.22
N ASP H 907 66.10 -7.50 44.67
CA ASP H 907 67.49 -7.65 45.07
C ASP H 907 68.37 -6.82 44.13
N LEU H 908 68.76 -5.63 44.58
CA LEU H 908 69.60 -4.73 43.81
C LEU H 908 70.78 -4.26 44.64
N ASP H 909 71.89 -3.99 43.96
CA ASP H 909 73.12 -3.60 44.65
C ASP H 909 73.00 -2.16 45.13
N VAL H 910 73.25 -1.95 46.43
CA VAL H 910 73.21 -0.61 47.00
C VAL H 910 74.37 0.24 46.49
N THR H 911 75.54 -0.39 46.30
CA THR H 911 76.79 0.36 46.16
C THR H 911 76.71 1.35 45.01
N ALA H 912 76.20 0.93 43.86
CA ALA H 912 76.12 1.81 42.71
C ALA H 912 74.74 2.42 42.53
N ALA H 913 73.72 1.90 43.20
CA ALA H 913 72.37 2.44 43.09
C ALA H 913 72.19 3.72 43.89
N THR H 914 73.27 4.31 44.39
CA THR H 914 73.19 5.50 45.24
C THR H 914 72.50 6.68 44.56
N GLN H 915 72.24 6.60 43.25
CA GLN H 915 71.56 7.69 42.55
C GLN H 915 70.08 7.78 42.88
N LEU H 916 69.54 6.82 43.62
CA LEU H 916 68.12 6.74 43.92
C LEU H 916 67.86 7.12 45.38
N GLN H 917 66.67 7.65 45.63
CA GLN H 917 66.29 8.07 46.96
C GLN H 917 64.93 7.47 47.32
N PRO H 918 64.69 7.23 48.60
CA PRO H 918 63.35 6.77 49.04
C PRO H 918 62.27 7.77 48.66
N GLY H 919 61.28 7.29 47.91
CA GLY H 919 60.25 8.11 47.34
C GLY H 919 60.49 8.55 45.90
N SER H 920 61.48 7.99 45.23
CA SER H 920 61.68 8.28 43.82
C SER H 920 60.59 7.58 42.99
N LEU H 921 60.39 8.12 41.78
CA LEU H 921 59.44 7.55 40.83
C LEU H 921 60.21 6.79 39.76
N ILE H 922 60.06 5.46 39.76
CA ILE H 922 60.83 4.58 38.88
C ILE H 922 59.88 4.06 37.81
N VAL H 923 60.15 4.45 36.56
CA VAL H 923 59.46 3.89 35.41
C VAL H 923 60.03 2.51 35.12
N ALA H 924 59.16 1.52 34.99
CA ALA H 924 59.60 0.17 34.73
C ALA H 924 60.35 0.08 33.41
N GLY H 925 61.27 -0.89 33.33
CA GLY H 925 62.11 -1.04 32.17
C GLY H 925 63.25 -0.06 32.07
N THR H 926 63.48 0.75 33.10
CA THR H 926 64.59 1.70 33.10
C THR H 926 65.81 1.06 33.74
N GLN H 927 66.97 1.29 33.12
CA GLN H 927 68.23 0.76 33.66
C GLN H 927 68.55 1.49 34.95
N LEU H 928 68.29 0.83 36.09
CA LEU H 928 68.57 1.45 37.37
C LEU H 928 70.06 1.44 37.69
N VAL H 929 70.73 0.32 37.43
CA VAL H 929 72.17 0.19 37.58
C VAL H 929 72.71 -0.48 36.33
N ASP H 930 74.02 -0.34 36.11
CA ASP H 930 74.67 -1.02 35.00
C ASP H 930 74.34 -2.50 35.03
N GLY H 931 73.65 -2.96 33.99
CA GLY H 931 73.16 -4.32 33.92
C GLY H 931 71.90 -4.58 34.73
N ILE H 932 71.33 -3.58 35.38
CA ILE H 932 70.16 -3.74 36.22
C ILE H 932 69.05 -2.87 35.68
N ILE H 933 67.92 -3.48 35.33
CA ILE H 933 66.82 -2.81 34.67
C ILE H 933 65.56 -2.99 35.50
N ALA H 934 64.78 -1.92 35.63
CA ALA H 934 63.61 -1.92 36.51
C ALA H 934 62.56 -2.91 36.00
N PRO H 935 62.20 -3.91 36.80
CA PRO H 935 61.16 -4.86 36.36
C PRO H 935 59.76 -4.29 36.38
N GLU H 936 59.40 -3.55 37.42
CA GLU H 936 58.06 -2.99 37.57
C GLU H 936 58.14 -1.58 38.11
N SER H 937 57.23 -0.72 37.63
CA SER H 937 57.22 0.64 38.11
C SER H 937 56.70 0.71 39.55
N GLY H 938 57.01 1.81 40.22
CA GLY H 938 56.53 1.99 41.58
C GLY H 938 57.24 3.16 42.23
N GLU H 939 56.88 3.38 43.49
CA GLU H 939 57.51 4.39 44.32
C GLU H 939 58.55 3.74 45.22
N VAL H 940 59.71 4.39 45.34
CA VAL H 940 60.82 3.86 46.13
C VAL H 940 60.50 4.04 47.60
N ARG H 941 60.23 2.94 48.29
CA ARG H 941 59.89 3.01 49.70
C ARG H 941 61.16 3.03 50.57
N ALA H 942 61.97 1.99 50.47
CA ALA H 942 63.18 1.89 51.27
C ALA H 942 64.30 1.26 50.45
N ILE H 943 65.53 1.53 50.86
CA ILE H 943 66.72 0.99 50.22
C ILE H 943 67.51 0.27 51.31
N ALA H 944 67.32 -1.04 51.40
CA ALA H 944 68.02 -1.89 52.35
C ALA H 944 69.29 -2.42 51.70
N PRO H 945 70.27 -2.86 52.49
CA PRO H 945 71.49 -3.41 51.87
C PRO H 945 71.17 -4.63 51.03
N GLY H 946 71.32 -4.48 49.72
CA GLY H 946 71.00 -5.52 48.77
C GLY H 946 69.54 -5.66 48.43
N GLN H 947 68.65 -4.79 48.95
CA GLN H 947 67.23 -4.91 48.69
C GLN H 947 66.59 -3.55 48.49
N LEU H 948 65.45 -3.55 47.81
CA LEU H 948 64.74 -2.34 47.44
C LEU H 948 63.24 -2.57 47.60
N GLN H 949 62.56 -1.61 48.24
CA GLN H 949 61.12 -1.67 48.49
C GLN H 949 60.42 -0.76 47.50
N LEU H 950 59.53 -1.33 46.70
CA LEU H 950 58.75 -0.57 45.72
C LEU H 950 57.27 -0.71 46.07
N ARG H 951 56.62 0.43 46.30
CA ARG H 951 55.16 0.48 46.34
C ARG H 951 54.61 0.58 44.93
N ILE H 952 53.79 -0.40 44.54
CA ILE H 952 53.36 -0.52 43.15
C ILE H 952 52.70 0.77 42.69
N ALA H 953 53.02 1.18 41.47
CA ALA H 953 52.51 2.43 40.93
C ALA H 953 52.44 2.30 39.42
N ARG H 954 51.68 3.21 38.81
CA ARG H 954 51.55 3.20 37.37
C ARG H 954 51.34 4.62 36.87
N PRO H 955 52.08 5.05 35.84
CA PRO H 955 51.96 6.42 35.35
C PRO H 955 50.92 6.54 34.25
N TYR H 956 50.55 7.79 33.97
CA TYR H 956 49.75 8.13 32.79
C TYR H 956 50.31 9.42 32.20
N ARG H 957 50.71 9.37 30.94
CA ARG H 957 51.26 10.55 30.31
C ARG H 957 50.14 11.57 30.15
N VAL H 958 50.46 12.85 30.35
CA VAL H 958 49.52 13.94 30.14
C VAL H 958 50.23 15.03 29.36
N SER H 959 49.62 15.47 28.27
CA SER H 959 50.20 16.48 27.43
C SER H 959 49.66 17.86 27.80
N GLN H 960 50.27 18.88 27.21
CA GLN H 960 49.85 20.25 27.46
C GLN H 960 48.42 20.46 26.99
N GLY H 961 47.66 21.23 27.77
CA GLY H 961 46.31 21.58 27.38
C GLY H 961 45.23 20.63 27.83
N ALA H 962 45.59 19.52 28.47
CA ALA H 962 44.58 18.60 28.96
C ALA H 962 43.80 19.22 30.12
N VAL H 963 42.65 18.63 30.42
CA VAL H 963 41.81 19.06 31.52
C VAL H 963 41.93 18.06 32.65
N LEU H 964 42.24 18.57 33.84
CA LEU H 964 42.54 17.72 34.97
C LEU H 964 41.29 17.60 35.84
N HIS H 965 40.83 16.37 36.03
CA HIS H 965 39.66 16.07 36.82
C HIS H 965 40.01 15.82 38.28
N VAL H 966 41.29 15.82 38.62
CA VAL H 966 41.77 15.38 39.92
C VAL H 966 42.81 16.37 40.43
N GLU H 967 43.28 16.14 41.65
CA GLU H 967 44.23 17.01 42.31
C GLU H 967 45.44 16.21 42.76
N ASP H 968 46.56 16.92 42.94
CA ASP H 968 47.75 16.29 43.50
C ASP H 968 47.43 15.68 44.85
N LYS H 969 47.95 14.48 45.09
CA LYS H 969 47.76 13.74 46.34
C LYS H 969 46.29 13.42 46.60
N GLY H 970 45.45 13.47 45.57
CA GLY H 970 44.08 13.05 45.71
C GLY H 970 43.95 11.56 45.96
N LEU H 971 42.70 11.10 45.92
CA LEU H 971 42.40 9.68 46.04
C LEU H 971 41.36 9.29 45.00
N VAL H 972 41.68 8.28 44.20
CA VAL H 972 40.81 7.82 43.14
C VAL H 972 40.75 6.30 43.19
N GLN H 973 39.58 5.75 42.89
CA GLN H 973 39.40 4.31 42.79
C GLN H 973 39.38 3.88 41.33
N ARG H 974 39.19 2.58 41.14
CA ARG H 974 39.15 2.00 39.81
C ARG H 974 38.06 2.66 38.98
N GLY H 975 38.40 3.03 37.76
CA GLY H 975 37.44 3.54 36.81
C GLY H 975 37.25 5.05 36.83
N ASP H 976 37.77 5.74 37.84
CA ASP H 976 37.58 7.18 37.92
C ASP H 976 38.31 7.89 36.79
N ASN H 977 37.63 8.86 36.18
CA ASN H 977 38.20 9.64 35.09
C ASN H 977 39.39 10.46 35.56
N LEU H 978 40.58 10.15 35.05
CA LEU H 978 41.77 10.89 35.45
C LEU H 978 41.87 12.23 34.73
N VAL H 979 41.85 12.23 33.40
CA VAL H 979 42.12 13.47 32.71
C VAL H 979 41.51 13.45 31.32
N LEU H 980 41.02 14.61 30.88
CA LEU H 980 40.46 14.79 29.55
C LEU H 980 41.55 15.37 28.66
N LEU H 981 42.04 14.55 27.74
CA LEU H 981 43.03 14.97 26.77
C LEU H 981 42.38 15.72 25.62
N VAL H 982 42.96 16.85 25.24
CA VAL H 982 42.48 17.63 24.09
C VAL H 982 43.61 17.62 23.09
N PHE H 983 43.33 17.13 21.89
CA PHE H 983 44.33 17.03 20.84
C PHE H 983 43.69 17.48 19.53
N GLU H 984 44.41 17.24 18.44
CA GLU H 984 43.98 17.67 17.12
C GLU H 984 43.86 16.46 16.21
N ARG H 985 43.13 16.67 15.12
CA ARG H 985 42.93 15.64 14.10
C ARG H 985 42.61 16.34 12.80
N ALA H 986 42.84 15.63 11.70
CA ALA H 986 42.55 16.14 10.37
C ALA H 986 42.29 14.96 9.44
N LYS H 987 41.75 15.27 8.28
CA LYS H 987 41.42 14.26 7.28
C LYS H 987 41.88 14.70 5.89
N GLN H 993 30.30 11.66 1.15
CA GLN H 993 29.03 12.37 1.20
C GLN H 993 27.97 11.60 0.42
N GLY H 994 26.72 11.72 0.85
CA GLY H 994 25.64 10.97 0.24
C GLY H 994 24.38 11.76 -0.02
N LEU H 995 23.24 11.14 0.26
CA LEU H 995 21.95 11.78 -0.01
C LEU H 995 21.76 13.10 0.71
N PRO H 996 22.10 13.25 2.00
CA PRO H 996 21.91 14.56 2.63
C PRO H 996 22.62 15.69 1.90
N ARG H 997 23.84 15.43 1.39
CA ARG H 997 24.53 16.49 0.66
C ARG H 997 23.81 16.85 -0.63
N ILE H 998 23.31 15.86 -1.36
CA ILE H 998 22.61 16.16 -2.60
C ILE H 998 21.32 16.92 -2.32
N GLU H 999 20.58 16.50 -1.30
CA GLU H 999 19.35 17.20 -0.94
C GLU H 999 19.62 18.62 -0.49
N GLU H 1000 20.71 18.82 0.26
CA GLU H 1000 21.06 20.17 0.71
C GLU H 1000 21.48 21.04 -0.46
N LEU H 1001 22.20 20.47 -1.43
CA LEU H 1001 22.63 21.24 -2.59
C LEU H 1001 21.44 21.60 -3.46
N LEU H 1002 20.54 20.65 -3.69
CA LEU H 1002 19.42 20.85 -4.60
C LEU H 1002 18.33 21.72 -3.98
N GLU H 1003 18.27 21.81 -2.65
CA GLU H 1003 17.28 22.64 -1.98
C GLU H 1003 17.84 23.99 -1.60
N ALA H 1004 19.08 24.28 -1.99
CA ALA H 1004 19.73 25.56 -1.71
C ALA H 1004 19.58 25.94 -0.24
N ARG H 1005 19.92 24.99 0.63
CA ARG H 1005 19.92 25.25 2.06
C ARG H 1005 21.27 25.81 2.47
N LYS H 1006 21.28 26.47 3.62
CA LYS H 1006 22.49 27.11 4.11
C LYS H 1006 23.27 26.08 4.92
N PRO H 1007 24.42 25.61 4.46
CA PRO H 1007 25.13 24.56 5.19
C PRO H 1007 25.57 25.06 6.55
N LYS H 1008 25.34 24.23 7.57
CA LYS H 1008 25.66 24.62 8.94
C LYS H 1008 27.09 25.14 9.03
N GLU H 1009 28.06 24.33 8.65
CA GLU H 1009 29.47 24.71 8.75
C GLU H 1009 29.87 25.43 7.47
N ALA H 1010 29.33 26.64 7.33
CA ALA H 1010 29.56 27.39 6.10
C ALA H 1010 30.97 27.95 6.07
N CYS H 1011 31.70 27.66 5.00
CA CYS H 1011 33.01 28.24 4.82
C CYS H 1011 32.93 29.75 4.66
N ILE H 1012 33.95 30.44 5.16
CA ILE H 1012 34.04 31.89 5.03
C ILE H 1012 34.45 32.24 3.60
N LEU H 1013 33.71 33.12 2.97
CA LEU H 1013 33.94 33.49 1.58
C LEU H 1013 34.36 34.95 1.51
N ALA H 1014 35.31 35.24 0.62
CA ALA H 1014 35.80 36.60 0.49
C ALA H 1014 34.81 37.43 -0.33
N ARG H 1015 35.03 38.74 -0.36
CA ARG H 1015 34.19 39.62 -1.16
C ARG H 1015 34.95 40.49 -2.13
N ARG H 1016 36.27 40.38 -2.20
CA ARG H 1016 37.07 41.22 -3.07
C ARG H 1016 38.47 40.64 -3.11
N PRO H 1017 39.22 40.81 -4.19
CA PRO H 1017 40.60 40.33 -4.20
C PRO H 1017 41.46 41.08 -3.20
N GLY H 1018 42.55 40.44 -2.79
CA GLY H 1018 43.43 41.04 -1.83
C GLY H 1018 44.57 40.12 -1.45
N VAL H 1019 45.14 40.39 -0.29
CA VAL H 1019 46.22 39.61 0.28
C VAL H 1019 45.65 38.97 1.54
N ALA H 1020 46.30 37.93 2.05
CA ALA H 1020 45.73 37.18 3.17
C ALA H 1020 46.65 37.22 4.38
N HIS H 1021 46.43 38.22 5.23
CA HIS H 1021 47.15 38.32 6.48
C HIS H 1021 46.46 37.40 7.49
N ILE H 1022 47.18 36.39 7.98
CA ILE H 1022 46.56 35.47 8.93
C ILE H 1022 46.29 36.17 10.25
N ASN H 1023 47.21 37.02 10.69
CA ASN H 1023 47.05 37.86 11.89
C ASN H 1023 46.78 37.01 13.13
N TYR H 1024 47.81 36.25 13.50
CA TYR H 1024 47.77 35.48 14.75
C TYR H 1024 47.85 36.41 15.94
N SER H 1025 46.71 36.79 16.50
CA SER H 1025 46.71 37.77 17.57
C SER H 1025 47.11 37.11 18.90
N ASP H 1026 47.25 37.94 19.94
CA ASP H 1026 47.58 37.43 21.26
C ASP H 1026 46.51 36.47 21.75
N ASP H 1027 45.24 36.83 21.59
CA ASP H 1027 44.13 35.95 21.95
C ASP H 1027 43.78 35.00 20.81
N ASP H 1028 44.73 34.77 19.90
CA ASP H 1028 44.52 33.91 18.74
C ASP H 1028 43.29 34.35 17.96
N ALA H 1029 43.13 35.67 17.84
CA ALA H 1029 42.02 36.26 17.10
C ALA H 1029 42.41 36.28 15.63
N ILE H 1030 42.31 35.11 15.01
CA ILE H 1030 42.69 34.93 13.62
C ILE H 1030 41.62 35.57 12.74
N ASP H 1031 41.96 36.68 12.10
CA ASP H 1031 41.05 37.33 11.18
C ASP H 1031 41.76 37.54 9.85
N ILE H 1032 41.08 37.21 8.76
CA ILE H 1032 41.65 37.32 7.42
C ILE H 1032 41.45 38.74 6.90
N GLN H 1033 42.44 39.60 7.15
CA GLN H 1033 42.38 40.96 6.64
C GLN H 1033 42.99 40.98 5.24
N VAL H 1034 42.22 41.47 4.28
CA VAL H 1034 42.65 41.52 2.88
C VAL H 1034 42.77 42.98 2.46
N ILE H 1035 43.82 43.28 1.71
CA ILE H 1035 44.09 44.64 1.26
C ILE H 1035 43.57 44.78 -0.17
N GLU H 1036 42.67 45.73 -0.38
CA GLU H 1036 42.04 45.87 -1.68
C GLU H 1036 43.05 46.43 -2.69
N ALA H 1037 42.58 46.66 -3.91
CA ALA H 1037 43.41 47.29 -4.92
C ALA H 1037 43.79 48.71 -4.53
N ASP H 1038 42.98 49.35 -3.70
CA ASP H 1038 43.27 50.67 -3.18
C ASP H 1038 43.88 50.65 -1.79
N GLY H 1039 43.67 49.57 -1.04
CA GLY H 1039 44.21 49.49 0.31
C GLY H 1039 43.13 49.43 1.36
N THR H 1040 42.00 48.81 1.03
CA THR H 1040 40.89 48.69 1.96
C THR H 1040 40.89 47.31 2.59
N GLN H 1041 40.84 47.28 3.91
CA GLN H 1041 40.80 46.03 4.64
C GLN H 1041 39.40 45.45 4.67
N ALA H 1042 39.30 44.16 5.00
CA ALA H 1042 38.01 43.49 5.06
C ALA H 1042 37.70 42.95 6.45
N ASP H 1043 38.69 42.44 7.17
CA ASP H 1043 38.53 41.95 8.53
C ASP H 1043 37.51 40.81 8.60
N TYR H 1044 37.87 39.70 7.96
CA TYR H 1044 37.08 38.49 8.06
C TYR H 1044 37.47 37.74 9.33
N PRO H 1045 36.57 37.58 10.29
CA PRO H 1045 36.93 36.82 11.50
C PRO H 1045 36.74 35.34 11.28
N VAL H 1046 37.79 34.56 11.56
CA VAL H 1046 37.68 33.11 11.45
C VAL H 1046 36.74 32.57 12.52
N GLY H 1047 36.89 33.03 13.75
CA GLY H 1047 35.99 32.67 14.80
C GLY H 1047 36.51 31.46 15.55
N PRO H 1048 35.66 30.44 15.70
CA PRO H 1048 36.06 29.26 16.49
C PRO H 1048 37.13 28.45 15.80
N GLY H 1049 37.53 27.34 16.43
CA GLY H 1049 38.58 26.51 15.88
C GLY H 1049 38.14 25.57 14.79
N GLN H 1050 36.85 25.21 14.78
CA GLN H 1050 36.34 24.29 13.78
C GLN H 1050 36.53 24.78 12.35
N PRO H 1051 36.29 26.06 12.00
CA PRO H 1051 36.58 26.48 10.63
C PRO H 1051 38.07 26.56 10.40
N LEU H 1052 38.68 25.42 10.11
CA LEU H 1052 40.11 25.38 9.85
C LEU H 1052 40.45 26.21 8.62
N ILE H 1053 41.55 26.92 8.69
CA ILE H 1053 41.96 27.82 7.62
C ILE H 1053 42.75 27.03 6.59
N ILE H 1054 42.54 27.35 5.32
CA ILE H 1054 43.28 26.70 4.24
C ILE H 1054 43.78 27.76 3.29
N SER H 1055 43.59 29.02 3.66
CA SER H 1055 43.81 30.14 2.76
C SER H 1055 45.15 30.78 3.14
N ASP H 1056 46.15 30.61 2.27
CA ASP H 1056 47.38 31.38 2.39
C ASP H 1056 47.89 31.77 1.01
N GLY H 1057 46.98 31.86 0.04
CA GLY H 1057 47.36 32.08 -1.34
C GLY H 1057 47.98 33.44 -1.57
N GLU H 1058 47.49 34.45 -0.84
CA GLU H 1058 47.85 35.85 -1.05
C GLU H 1058 47.55 36.30 -2.47
N THR H 1059 46.59 35.62 -3.12
CA THR H 1059 46.11 35.98 -4.44
C THR H 1059 44.60 35.82 -4.54
N VAL H 1060 43.88 36.07 -3.45
CA VAL H 1060 42.46 35.76 -3.36
C VAL H 1060 41.70 36.62 -4.35
N ASP H 1061 40.55 36.10 -4.80
CA ASP H 1061 39.65 36.84 -5.68
C ASP H 1061 38.24 36.70 -5.14
N ALA H 1062 37.36 37.56 -5.63
CA ALA H 1062 36.01 37.61 -5.07
C ALA H 1062 35.35 36.24 -5.17
N GLY H 1063 34.77 35.80 -4.06
CA GLY H 1063 34.15 34.51 -4.01
C GLY H 1063 35.04 33.39 -3.50
N GLN H 1064 36.35 33.60 -3.48
CA GLN H 1064 37.27 32.55 -3.06
C GLN H 1064 37.04 32.17 -1.61
N ALA H 1065 37.01 30.87 -1.36
CA ALA H 1065 36.84 30.34 -0.03
C ALA H 1065 38.13 30.53 0.78
N LEU H 1066 37.99 30.46 2.08
CA LEU H 1066 39.09 30.65 3.01
C LEU H 1066 39.25 29.48 3.96
N THR H 1067 38.16 28.86 4.37
CA THR H 1067 38.17 27.86 5.42
C THR H 1067 37.68 26.53 4.83
N ASP H 1068 37.77 25.48 5.63
CA ASP H 1068 37.17 24.20 5.29
C ASP H 1068 35.64 24.24 5.39
N GLY H 1069 34.99 23.44 4.54
CA GLY H 1069 33.55 23.27 4.55
C GLY H 1069 32.83 23.66 3.27
N PRO H 1070 31.53 23.38 3.26
CA PRO H 1070 30.69 23.71 2.10
C PRO H 1070 30.34 25.20 2.04
N ALA H 1071 30.50 25.79 0.87
CA ALA H 1071 30.19 27.20 0.73
C ALA H 1071 28.68 27.39 0.68
N ASN H 1072 28.24 28.56 1.13
CA ASN H 1072 26.83 28.92 1.06
C ASN H 1072 26.55 29.56 -0.30
N PRO H 1073 25.69 28.98 -1.14
CA PRO H 1073 25.48 29.57 -2.46
C PRO H 1073 24.62 30.81 -2.46
N HIS H 1074 23.85 31.06 -1.39
CA HIS H 1074 22.97 32.21 -1.42
C HIS H 1074 23.74 33.50 -1.23
N ASP H 1075 24.80 33.47 -0.44
CA ASP H 1075 25.61 34.67 -0.28
C ASP H 1075 26.73 34.70 -1.30
N LEU H 1076 27.15 33.55 -1.81
CA LEU H 1076 28.08 33.55 -2.93
C LEU H 1076 27.47 34.23 -4.13
N LEU H 1077 26.17 34.00 -4.38
CA LEU H 1077 25.50 34.71 -5.45
C LEU H 1077 25.53 36.21 -5.22
N GLU H 1078 25.26 36.65 -3.99
CA GLU H 1078 25.27 38.07 -3.68
C GLU H 1078 26.66 38.67 -3.85
N ILE H 1079 27.69 37.95 -3.39
CA ILE H 1079 29.07 38.43 -3.54
C ILE H 1079 29.40 38.61 -5.00
N TYR H 1080 29.08 37.60 -5.81
CA TYR H 1080 29.39 37.67 -7.23
C TYR H 1080 28.63 38.82 -7.89
N TYR H 1081 27.37 38.99 -7.54
CA TYR H 1081 26.58 40.07 -8.11
C TYR H 1081 27.15 41.43 -7.73
N ASP H 1082 27.52 41.60 -6.47
CA ASP H 1082 28.07 42.89 -6.04
C ASP H 1082 29.38 43.18 -6.74
N TYR H 1083 30.26 42.19 -6.83
CA TYR H 1083 31.53 42.38 -7.53
C TYR H 1083 31.32 42.72 -8.99
N PHE H 1084 30.46 41.96 -9.67
CA PHE H 1084 30.28 42.14 -11.11
C PHE H 1084 29.52 43.42 -11.44
N ARG H 1085 28.69 43.92 -10.52
CA ARG H 1085 27.92 45.11 -10.82
C ARG H 1085 28.79 46.35 -10.82
N GLU H 1086 30.06 46.20 -10.44
CA GLU H 1086 31.04 47.26 -10.46
C GLU H 1086 32.12 46.95 -11.48
N GLN H 1087 32.82 45.81 -11.34
CA GLN H 1087 33.85 45.43 -12.28
C GLN H 1087 33.37 45.56 -13.72
N LEU H 1088 32.11 45.20 -13.98
CA LEU H 1088 31.49 45.36 -15.28
C LEU H 1088 30.70 46.66 -15.37
N GLY H 1089 29.69 46.82 -14.52
CA GLY H 1089 28.92 48.05 -14.45
C GLY H 1089 27.49 47.94 -14.93
N GLU H 1090 27.16 46.93 -15.73
CA GLU H 1090 25.79 46.71 -16.17
C GLU H 1090 25.15 45.60 -15.34
N ASP H 1091 23.88 45.78 -15.00
CA ASP H 1091 23.20 44.81 -14.16
C ASP H 1091 23.00 43.49 -14.89
N TYR H 1092 22.53 43.54 -16.14
CA TYR H 1092 22.18 42.31 -16.86
C TYR H 1092 23.36 41.36 -16.96
N GLU H 1093 24.52 41.87 -17.39
CA GLU H 1093 25.71 41.04 -17.51
C GLU H 1093 26.23 40.61 -16.14
N ALA H 1094 26.12 41.48 -15.13
CA ALA H 1094 26.54 41.07 -13.80
C ALA H 1094 25.71 39.90 -13.32
N ALA H 1095 24.40 39.96 -13.51
CA ALA H 1095 23.53 38.85 -13.15
C ALA H 1095 23.90 37.60 -13.92
N LEU H 1096 24.13 37.74 -15.23
CA LEU H 1096 24.47 36.57 -16.02
C LEU H 1096 25.76 35.92 -15.53
N GLU H 1097 26.79 36.71 -15.26
CA GLU H 1097 28.05 36.13 -14.83
C GLU H 1097 27.94 35.51 -13.45
N SER H 1098 27.26 36.19 -12.52
CA SER H 1098 27.09 35.63 -11.18
C SER H 1098 26.33 34.31 -11.23
N LEU H 1099 25.24 34.28 -11.99
CA LEU H 1099 24.45 33.06 -12.13
C LEU H 1099 25.27 31.97 -12.77
N ARG H 1100 26.08 32.31 -13.78
CA ARG H 1100 26.91 31.32 -14.44
C ARG H 1100 27.89 30.68 -13.46
N ARG H 1101 28.57 31.50 -12.66
CA ARG H 1101 29.55 30.95 -11.73
C ARG H 1101 28.88 30.08 -10.68
N VAL H 1102 27.76 30.55 -10.13
CA VAL H 1102 27.07 29.75 -9.12
C VAL H 1102 26.55 28.46 -9.73
N GLN H 1103 26.05 28.51 -10.96
CA GLN H 1103 25.56 27.31 -11.63
C GLN H 1103 26.68 26.30 -11.81
N ALA H 1104 27.85 26.76 -12.26
CA ALA H 1104 28.97 25.86 -12.42
C ALA H 1104 29.35 25.23 -11.10
N LEU H 1105 29.37 26.02 -10.03
CA LEU H 1105 29.68 25.48 -8.72
C LEU H 1105 28.68 24.38 -8.33
N LEU H 1106 27.39 24.65 -8.50
CA LEU H 1106 26.36 23.69 -8.10
C LEU H 1106 26.48 22.41 -8.91
N VAL H 1107 26.64 22.53 -10.22
CA VAL H 1107 26.73 21.35 -11.07
C VAL H 1107 27.94 20.51 -10.69
N ASN H 1108 29.09 21.17 -10.51
CA ASN H 1108 30.30 20.44 -10.17
C ASN H 1108 30.16 19.75 -8.82
N GLU H 1109 29.56 20.44 -7.84
CA GLU H 1109 29.41 19.84 -6.52
C GLU H 1109 28.52 18.62 -6.56
N VAL H 1110 27.38 18.71 -7.27
CA VAL H 1110 26.48 17.58 -7.35
C VAL H 1110 27.16 16.41 -8.05
N GLN H 1111 27.86 16.68 -9.15
CA GLN H 1111 28.53 15.62 -9.87
C GLN H 1111 29.61 14.97 -9.04
N SER H 1112 30.35 15.77 -8.26
CA SER H 1112 31.37 15.23 -7.39
C SER H 1112 30.78 14.32 -6.33
N VAL H 1113 29.67 14.74 -5.73
CA VAL H 1113 29.02 13.90 -4.72
C VAL H 1113 28.58 12.59 -5.33
N TYR H 1114 28.03 12.64 -6.54
CA TYR H 1114 27.56 11.42 -7.18
C TYR H 1114 28.73 10.49 -7.52
N GLN H 1115 29.81 11.04 -8.06
CA GLN H 1115 30.95 10.23 -8.45
C GLN H 1115 31.79 9.75 -7.28
N SER H 1116 31.62 10.32 -6.10
CA SER H 1116 32.32 9.81 -4.92
C SER H 1116 31.94 8.36 -4.63
N GLN H 1117 30.67 8.01 -4.77
CA GLN H 1117 30.22 6.63 -4.66
C GLN H 1117 30.39 5.80 -5.91
N GLY H 1118 30.96 6.37 -6.98
CA GLY H 1118 31.15 5.62 -8.21
C GLY H 1118 29.95 5.53 -9.12
N ILE H 1119 29.19 6.61 -9.24
CA ILE H 1119 27.97 6.65 -10.03
C ILE H 1119 28.20 7.68 -11.12
N ASP H 1120 27.77 7.37 -12.34
CA ASP H 1120 27.95 8.30 -13.44
C ASP H 1120 26.61 8.64 -14.06
N ILE H 1121 26.36 9.94 -14.19
CA ILE H 1121 25.20 10.51 -14.87
C ILE H 1121 25.75 11.58 -15.79
N SER H 1122 25.04 11.82 -16.88
CA SER H 1122 25.48 12.90 -17.74
C SER H 1122 25.23 14.23 -17.05
N ASP H 1123 25.91 15.27 -17.54
CA ASP H 1123 25.84 16.57 -16.91
C ASP H 1123 24.67 17.39 -17.40
N LYS H 1124 24.04 16.99 -18.51
CA LYS H 1124 22.86 17.67 -18.99
C LYS H 1124 21.71 17.50 -18.01
N HIS H 1125 21.63 16.32 -17.39
CA HIS H 1125 20.56 16.02 -16.46
C HIS H 1125 20.63 16.93 -15.25
N ILE H 1126 21.84 17.24 -14.80
CA ILE H 1126 22.00 18.15 -13.68
C ILE H 1126 21.86 19.60 -14.14
N GLU H 1127 22.27 19.89 -15.38
CA GLU H 1127 22.16 21.24 -15.89
C GLU H 1127 20.71 21.69 -16.00
N VAL H 1128 19.82 20.78 -16.42
CA VAL H 1128 18.41 21.15 -16.52
C VAL H 1128 17.88 21.56 -15.15
N ILE H 1129 18.24 20.83 -14.10
CA ILE H 1129 17.75 21.14 -12.77
C ILE H 1129 18.36 22.45 -12.27
N VAL H 1130 19.65 22.63 -12.52
CA VAL H 1130 20.29 23.84 -12.02
C VAL H 1130 19.73 25.05 -12.74
N ARG H 1131 19.36 24.91 -14.02
CA ARG H 1131 18.76 26.03 -14.69
C ARG H 1131 17.32 26.24 -14.26
N GLN H 1132 16.68 25.23 -13.69
CA GLN H 1132 15.37 25.48 -13.12
C GLN H 1132 15.49 26.12 -11.74
N MET H 1133 16.68 26.10 -11.15
CA MET H 1133 16.86 26.69 -9.83
C MET H 1133 17.49 28.08 -9.87
N THR H 1134 18.16 28.44 -10.97
CA THR H 1134 18.91 29.68 -11.09
C THR H 1134 18.48 30.46 -12.31
N SER H 1135 17.18 30.67 -12.46
CA SER H 1135 16.67 31.40 -13.61
C SER H 1135 15.72 32.51 -13.18
N LYS H 1136 15.82 32.98 -11.94
CA LYS H 1136 14.88 33.98 -11.46
C LYS H 1136 15.62 35.17 -10.86
N VAL H 1137 14.85 36.22 -10.63
CA VAL H 1137 15.40 37.49 -10.19
C VAL H 1137 14.34 38.17 -9.34
N ARG H 1138 14.81 38.93 -8.36
CA ARG H 1138 13.95 39.69 -7.45
C ARG H 1138 13.99 41.14 -7.88
N ILE H 1139 12.81 41.72 -8.16
CA ILE H 1139 12.75 43.10 -8.61
C ILE H 1139 13.12 43.98 -7.44
N ASP H 1140 14.35 44.43 -7.41
CA ASP H 1140 14.84 45.21 -6.27
C ASP H 1140 14.06 46.51 -6.14
N ASP H 1141 13.97 47.26 -7.23
CA ASP H 1141 13.27 48.54 -7.24
C ASP H 1141 12.79 48.78 -8.67
N GLY H 1142 11.48 48.72 -8.87
CA GLY H 1142 10.95 48.84 -10.20
C GLY H 1142 11.03 50.28 -10.70
N GLY H 1143 11.07 50.42 -12.01
CA GLY H 1143 11.06 51.73 -12.62
C GLY H 1143 9.67 52.03 -13.14
N ASP H 1144 9.55 52.24 -14.44
CA ASP H 1144 8.26 52.44 -15.05
C ASP H 1144 7.59 51.13 -15.40
N THR H 1145 8.18 50.02 -14.95
CA THR H 1145 7.68 48.68 -15.21
C THR H 1145 6.46 48.38 -14.34
N ILE H 1146 5.72 47.34 -14.73
CA ILE H 1146 4.55 46.89 -13.98
C ILE H 1146 5.04 45.91 -12.92
N MET H 1147 6.36 45.81 -12.76
CA MET H 1147 6.98 44.90 -11.80
C MET H 1147 7.13 45.62 -10.47
N LEU H 1148 6.38 45.17 -9.47
CA LEU H 1148 6.56 45.76 -8.15
C LEU H 1148 7.75 45.10 -7.44
N PRO H 1149 8.40 45.81 -6.53
CA PRO H 1149 9.48 45.19 -5.77
C PRO H 1149 8.97 44.02 -4.94
N GLY H 1150 9.83 43.00 -4.81
CA GLY H 1150 9.48 41.81 -4.07
C GLY H 1150 8.99 40.67 -4.93
N GLU H 1151 8.85 40.89 -6.23
CA GLU H 1151 8.35 39.87 -7.15
C GLU H 1151 9.50 39.08 -7.74
N LEU H 1152 9.28 37.78 -7.92
CA LEU H 1152 10.24 36.91 -8.58
C LEU H 1152 9.83 36.78 -10.04
N HIS H 1153 10.75 37.13 -10.94
CA HIS H 1153 10.47 37.06 -12.36
C HIS H 1153 11.66 36.44 -13.08
N GLU H 1154 11.39 35.86 -14.24
CA GLU H 1154 12.47 35.30 -15.04
C GLU H 1154 13.41 36.39 -15.52
N LEU H 1155 14.69 36.05 -15.61
CA LEU H 1155 15.68 37.03 -16.07
C LEU H 1155 15.39 37.47 -17.49
N ARG H 1156 14.99 36.54 -18.35
CA ARG H 1156 14.72 36.89 -19.74
C ARG H 1156 13.56 37.87 -19.86
N GLU H 1157 12.48 37.63 -19.13
CA GLU H 1157 11.34 38.53 -19.19
C GLU H 1157 11.70 39.92 -18.66
N VAL H 1158 12.44 39.97 -17.56
CA VAL H 1158 12.86 41.25 -17.02
C VAL H 1158 13.74 41.99 -18.01
N TYR H 1159 14.67 41.27 -18.65
CA TYR H 1159 15.54 41.90 -19.62
C TYR H 1159 14.76 42.47 -20.79
N ASN H 1160 13.80 41.71 -21.31
CA ASN H 1160 13.02 42.18 -22.44
C ASN H 1160 12.18 43.39 -22.05
N SER H 1161 11.56 43.36 -20.87
CA SER H 1161 10.76 44.48 -20.43
C SER H 1161 11.63 45.72 -20.25
N ASN H 1162 12.79 45.56 -19.63
CA ASN H 1162 13.69 46.69 -19.44
C ASN H 1162 14.15 47.24 -20.79
N ASN H 1163 14.43 46.35 -21.74
CA ASN H 1163 14.85 46.79 -23.06
C ASN H 1163 13.77 47.62 -23.73
N THR H 1164 12.53 47.12 -23.74
CA THR H 1164 11.47 47.88 -24.40
C THR H 1164 11.16 49.17 -23.65
N MET H 1165 11.44 49.18 -22.33
CA MET H 1165 11.13 50.35 -21.54
C MET H 1165 12.15 51.45 -21.81
N ALA H 1166 13.42 51.09 -21.94
CA ALA H 1166 14.37 52.14 -22.26
C ALA H 1166 14.43 52.37 -23.76
N LEU H 1167 13.83 51.47 -24.55
CA LEU H 1167 13.63 51.72 -25.97
C LEU H 1167 12.69 52.89 -26.18
N THR H 1168 11.61 52.95 -25.39
CA THR H 1168 10.76 54.13 -25.51
C THR H 1168 11.31 55.31 -24.74
N GLY H 1169 12.22 55.07 -23.79
CA GLY H 1169 12.90 56.13 -23.06
C GLY H 1169 12.38 56.27 -21.64
N MET H 1170 11.97 55.17 -21.03
CA MET H 1170 11.47 55.20 -19.67
C MET H 1170 12.61 54.87 -18.70
N ALA H 1171 12.26 54.65 -17.43
CA ALA H 1171 13.25 54.35 -16.41
C ALA H 1171 13.23 52.86 -16.14
N PRO H 1172 14.33 52.14 -16.38
CA PRO H 1172 14.31 50.68 -16.21
C PRO H 1172 14.19 50.27 -14.75
N ALA H 1173 14.13 48.97 -14.49
CA ALA H 1173 14.02 48.44 -13.16
C ALA H 1173 15.31 47.76 -12.74
N GLN H 1174 15.53 47.70 -11.43
CA GLN H 1174 16.68 47.02 -10.87
C GLN H 1174 16.26 45.64 -10.36
N PHE H 1175 17.23 44.76 -10.22
CA PHE H 1175 16.91 43.41 -9.79
C PHE H 1175 18.16 42.75 -9.21
N THR H 1176 17.93 41.64 -8.52
CA THR H 1176 19.02 40.89 -7.93
C THR H 1176 18.74 39.43 -8.27
N PRO H 1177 19.70 38.71 -8.85
CA PRO H 1177 19.50 37.29 -9.14
C PRO H 1177 19.29 36.50 -7.87
N VAL H 1178 18.53 35.42 -7.96
CA VAL H 1178 18.30 34.63 -6.76
C VAL H 1178 18.49 33.15 -7.05
N LEU H 1179 18.75 32.43 -5.98
CA LEU H 1179 18.84 30.98 -6.01
C LEU H 1179 17.63 30.47 -5.25
N LEU H 1180 16.85 29.61 -5.88
CA LEU H 1180 15.54 29.27 -5.34
C LEU H 1180 15.58 28.00 -4.51
N GLY H 1181 15.94 26.89 -5.12
CA GLY H 1181 15.78 25.58 -4.51
C GLY H 1181 14.79 24.74 -5.28
N ILE H 1182 14.72 23.48 -4.87
CA ILE H 1182 13.96 22.52 -5.66
C ILE H 1182 12.48 22.56 -5.31
N THR H 1183 12.13 23.03 -4.11
CA THR H 1183 10.75 23.18 -3.70
C THR H 1183 10.25 24.61 -3.85
N LYS H 1184 11.10 25.60 -3.59
CA LYS H 1184 10.67 26.98 -3.74
C LYS H 1184 10.49 27.37 -5.19
N ALA H 1185 11.13 26.67 -6.12
CA ALA H 1185 10.96 26.97 -7.54
C ALA H 1185 9.76 26.24 -8.12
N SER H 1186 9.40 25.10 -7.54
CA SER H 1186 8.23 24.36 -8.00
C SER H 1186 6.93 25.00 -7.55
N LEU H 1187 6.98 25.85 -6.53
CA LEU H 1187 5.80 26.54 -6.04
C LEU H 1187 5.65 27.91 -6.68
N ASN H 1188 6.58 28.30 -7.55
CA ASN H 1188 6.54 29.59 -8.21
C ASN H 1188 6.15 29.44 -9.68
N THR H 1189 5.54 28.33 -10.05
CA THR H 1189 5.11 28.12 -11.41
C THR H 1189 3.91 28.99 -11.74
N ASN H 1190 3.59 29.06 -13.03
CA ASN H 1190 2.50 29.89 -13.50
C ASN H 1190 1.18 29.16 -13.52
N SER H 1191 1.15 27.87 -13.19
CA SER H 1191 -0.07 27.09 -13.15
C SER H 1191 -0.33 26.68 -11.71
N PHE H 1192 -1.50 27.03 -11.19
CA PHE H 1192 -1.82 26.68 -9.81
C PHE H 1192 -2.21 25.23 -9.65
N ILE H 1193 -2.62 24.55 -10.72
CA ILE H 1193 -2.99 23.15 -10.61
C ILE H 1193 -1.76 22.30 -10.34
N SER H 1194 -0.65 22.60 -11.03
CA SER H 1194 0.57 21.86 -10.77
C SER H 1194 1.08 22.11 -9.37
N ALA H 1195 1.01 23.36 -8.91
CA ALA H 1195 1.57 23.68 -7.60
C ALA H 1195 0.68 23.17 -6.48
N ALA H 1196 -0.64 23.22 -6.65
CA ALA H 1196 -1.56 22.76 -5.63
C ALA H 1196 -1.49 21.25 -5.46
N SER H 1197 -1.14 20.54 -6.51
CA SER H 1197 -1.02 19.09 -6.48
C SER H 1197 0.34 18.63 -6.01
N PHE H 1198 1.26 19.56 -5.76
CA PHE H 1198 2.60 19.22 -5.28
C PHE H 1198 2.70 19.29 -3.76
N GLN H 1199 2.46 20.46 -3.19
CA GLN H 1199 2.58 20.66 -1.75
C GLN H 1199 1.72 21.84 -1.37
N GLU H 1200 1.35 21.87 -0.09
CA GLU H 1200 0.65 23.01 0.50
C GLU H 1200 -0.56 23.37 -0.36
N THR H 1201 -1.49 22.42 -0.44
CA THR H 1201 -2.61 22.58 -1.35
C THR H 1201 -3.48 23.75 -0.95
N THR H 1202 -3.75 23.90 0.34
CA THR H 1202 -4.68 24.92 0.78
C THR H 1202 -4.08 26.30 0.62
N ARG H 1203 -2.79 26.46 0.91
CA ARG H 1203 -2.14 27.75 0.73
C ARG H 1203 -2.16 28.17 -0.73
N VAL H 1204 -1.80 27.26 -1.63
CA VAL H 1204 -1.78 27.57 -3.05
C VAL H 1204 -3.18 27.90 -3.54
N LEU H 1205 -4.17 27.12 -3.12
CA LEU H 1205 -5.53 27.35 -3.58
C LEU H 1205 -6.08 28.67 -3.07
N THR H 1206 -5.75 29.03 -1.83
CA THR H 1206 -6.17 30.32 -1.29
C THR H 1206 -5.54 31.46 -2.07
N GLU H 1207 -4.23 31.36 -2.34
CA GLU H 1207 -3.56 32.39 -3.11
C GLU H 1207 -4.14 32.52 -4.50
N ALA H 1208 -4.42 31.38 -5.15
CA ALA H 1208 -5.01 31.40 -6.48
C ALA H 1208 -6.40 32.02 -6.47
N ALA H 1209 -7.19 31.70 -5.44
CA ALA H 1209 -8.52 32.29 -5.34
C ALA H 1209 -8.43 33.80 -5.15
N ILE H 1210 -7.47 34.26 -4.36
CA ILE H 1210 -7.35 35.69 -4.12
C ILE H 1210 -6.89 36.41 -5.39
N GLU H 1211 -5.92 35.85 -6.10
CA GLU H 1211 -5.42 36.49 -7.30
C GLU H 1211 -6.35 36.33 -8.50
N GLY H 1212 -7.33 35.43 -8.43
CA GLY H 1212 -8.17 35.20 -9.59
C GLY H 1212 -7.39 34.56 -10.71
N LYS H 1213 -6.57 33.58 -10.40
CA LYS H 1213 -5.65 33.01 -11.38
C LYS H 1213 -6.39 32.10 -12.33
N SER H 1214 -5.83 31.95 -13.52
CA SER H 1214 -6.37 31.07 -14.53
C SER H 1214 -5.27 30.14 -15.00
N ASP H 1215 -5.61 28.88 -15.26
CA ASP H 1215 -4.63 27.87 -15.64
C ASP H 1215 -4.93 27.42 -17.05
N TRP H 1216 -3.94 27.54 -17.93
CA TRP H 1216 -4.15 27.26 -19.34
C TRP H 1216 -3.68 25.87 -19.75
N LEU H 1217 -3.32 25.02 -18.80
CA LEU H 1217 -3.06 23.60 -19.04
C LEU H 1217 -1.97 23.42 -20.09
N ARG H 1218 -0.76 23.85 -19.75
CA ARG H 1218 0.37 23.73 -20.65
C ARG H 1218 1.50 22.90 -20.05
N GLY H 1219 1.17 21.94 -19.17
CA GLY H 1219 2.17 21.11 -18.55
C GLY H 1219 1.74 19.66 -18.56
N LEU H 1220 2.69 18.78 -18.26
CA LEU H 1220 2.36 17.35 -18.26
C LEU H 1220 1.44 16.99 -17.10
N LYS H 1221 1.68 17.55 -15.91
CA LYS H 1221 0.83 17.25 -14.78
C LYS H 1221 -0.58 17.82 -14.90
N GLU H 1222 -0.86 18.63 -15.89
CA GLU H 1222 -2.21 19.17 -15.95
C GLU H 1222 -3.03 18.61 -17.08
N ASN H 1223 -2.39 18.20 -18.16
CA ASN H 1223 -3.08 17.36 -19.10
C ASN H 1223 -3.22 15.95 -18.55
N VAL H 1224 -2.31 15.56 -17.66
CA VAL H 1224 -2.49 14.29 -16.96
C VAL H 1224 -3.65 14.37 -15.99
N ILE H 1225 -3.78 15.47 -15.24
CA ILE H 1225 -4.88 15.57 -14.29
C ILE H 1225 -6.22 15.66 -15.02
N ILE H 1226 -6.32 16.51 -16.03
CA ILE H 1226 -7.60 16.63 -16.73
C ILE H 1226 -7.85 15.40 -17.61
N GLY H 1227 -6.80 14.85 -18.21
CA GLY H 1227 -6.99 13.70 -19.07
C GLY H 1227 -6.89 13.98 -20.55
N ARG H 1228 -5.93 14.79 -20.93
CA ARG H 1228 -5.67 15.14 -22.32
C ARG H 1228 -4.36 14.52 -22.76
N LEU H 1229 -4.07 14.62 -24.04
CA LEU H 1229 -2.79 14.15 -24.52
C LEU H 1229 -1.71 15.07 -24.01
N ILE H 1230 -0.67 14.52 -23.41
CA ILE H 1230 0.38 15.34 -22.85
C ILE H 1230 1.08 16.02 -24.02
N PRO H 1231 1.60 17.23 -23.84
CA PRO H 1231 2.20 17.96 -24.96
C PRO H 1231 3.62 17.51 -25.26
N ALA H 1232 3.97 16.33 -24.82
CA ALA H 1232 5.30 15.78 -25.04
C ALA H 1232 5.17 14.40 -25.66
N GLY H 1233 6.08 14.10 -26.59
CA GLY H 1233 6.14 12.77 -27.18
C GLY H 1233 5.28 12.68 -28.42
N THR H 1234 4.47 11.61 -28.51
CA THR H 1234 3.59 11.46 -29.65
C THR H 1234 2.40 12.41 -29.60
N GLY H 1235 2.16 13.05 -28.46
CA GLY H 1235 1.10 14.03 -28.32
C GLY H 1235 1.61 15.44 -28.45
N PHE H 1236 2.78 15.60 -29.05
CA PHE H 1236 3.41 16.92 -29.13
C PHE H 1236 2.55 17.89 -29.93
N LYS H 1237 2.03 17.44 -31.06
CA LYS H 1237 1.17 18.30 -31.87
C LYS H 1237 -0.11 17.59 -32.27
N TYR I 86 -5.70 35.33 26.85
CA TYR I 86 -6.09 35.01 25.49
C TYR I 86 -6.05 33.51 25.23
N THR I 87 -6.96 32.78 25.86
CA THR I 87 -7.01 31.33 25.72
C THR I 87 -7.73 30.96 24.42
N GLU I 88 -7.38 29.79 23.89
CA GLU I 88 -8.02 29.29 22.68
C GLU I 88 -9.22 28.38 22.96
N ASP I 89 -9.33 27.84 24.16
CA ASP I 89 -10.46 26.97 24.49
C ASP I 89 -11.78 27.72 24.43
N SER I 90 -12.81 27.07 23.90
CA SER I 90 -14.10 27.74 23.76
C SER I 90 -14.99 27.48 24.96
N ILE I 91 -14.93 26.27 25.52
CA ILE I 91 -15.76 25.94 26.68
C ILE I 91 -15.32 26.76 27.87
N ARG I 92 -14.01 26.87 28.08
CA ARG I 92 -13.50 27.65 29.21
C ARG I 92 -13.90 29.11 29.09
N LEU I 93 -13.88 29.64 27.87
CA LEU I 93 -14.35 31.00 27.65
C LEU I 93 -15.81 31.14 28.01
N TYR I 94 -16.64 30.15 27.63
CA TYR I 94 -18.04 30.22 28.02
C TYR I 94 -18.21 30.14 29.53
N LEU I 95 -17.43 29.30 30.19
CA LEU I 95 -17.51 29.19 31.65
C LEU I 95 -17.10 30.48 32.33
N GLN I 96 -16.07 31.16 31.82
CA GLN I 96 -15.72 32.46 32.35
C GLN I 96 -16.85 33.46 32.15
N GLU I 97 -17.40 33.51 30.94
CA GLU I 97 -18.51 34.43 30.67
C GLU I 97 -19.68 34.16 31.61
N ILE I 98 -19.91 32.90 31.94
CA ILE I 98 -20.95 32.55 32.90
C ILE I 98 -20.60 33.08 34.29
N GLY I 99 -19.35 32.85 34.72
CA GLY I 99 -18.96 33.25 36.06
C GLY I 99 -19.01 34.74 36.32
N ARG I 100 -19.10 35.55 35.28
CA ARG I 100 -19.27 36.99 35.47
C ARG I 100 -20.66 37.36 35.90
N ILE I 101 -21.51 36.43 36.28
CA ILE I 101 -22.89 36.70 36.65
C ILE I 101 -23.15 36.06 38.01
N ARG I 102 -23.68 36.86 38.95
CA ARG I 102 -23.92 36.39 40.29
C ARG I 102 -25.27 35.70 40.42
N LEU I 103 -25.30 34.63 41.20
CA LEU I 103 -26.50 33.84 41.38
C LEU I 103 -27.59 34.68 42.05
N LEU I 104 -28.83 34.45 41.64
CA LEU I 104 -29.98 35.13 42.23
C LEU I 104 -30.26 34.58 43.63
N ARG I 105 -31.03 35.36 44.39
CA ARG I 105 -31.55 34.91 45.67
C ARG I 105 -33.05 34.70 45.53
N ALA I 106 -33.64 34.00 46.50
CA ALA I 106 -35.03 33.58 46.36
C ALA I 106 -35.97 34.79 46.21
N ASP I 107 -35.73 35.83 46.99
CA ASP I 107 -36.52 37.05 46.88
C ASP I 107 -36.34 37.66 45.49
N GLU I 108 -35.11 37.59 44.98
CA GLU I 108 -34.87 38.09 43.63
C GLU I 108 -35.64 37.26 42.63
N GLU I 109 -35.68 35.95 42.83
CA GLU I 109 -36.48 35.10 41.95
C GLU I 109 -37.95 35.48 41.99
N ILE I 110 -38.50 35.72 43.17
CA ILE I 110 -39.91 36.08 43.28
C ILE I 110 -40.18 37.40 42.58
N GLU I 111 -39.29 38.38 42.78
CA GLU I 111 -39.45 39.67 42.14
C GLU I 111 -39.40 39.52 40.64
N LEU I 112 -38.44 38.77 40.13
CA LEU I 112 -38.34 38.65 38.69
C LEU I 112 -39.53 37.88 38.14
N ALA I 113 -40.06 36.93 38.93
CA ALA I 113 -41.18 36.12 38.46
C ALA I 113 -42.40 36.98 38.25
N ARG I 114 -42.61 37.96 39.12
CA ARG I 114 -43.76 38.85 38.94
C ARG I 114 -43.64 39.66 37.65
N GLN I 115 -42.45 40.19 37.37
CA GLN I 115 -42.26 40.95 36.14
C GLN I 115 -42.37 40.05 34.91
N ILE I 116 -41.91 38.81 35.02
CA ILE I 116 -42.04 37.87 33.91
C ILE I 116 -43.51 37.59 33.64
N ALA I 117 -44.31 37.40 34.69
CA ALA I 117 -45.74 37.16 34.47
C ALA I 117 -46.41 38.37 33.83
N ASP I 118 -46.03 39.58 34.26
CA ASP I 118 -46.56 40.77 33.63
C ASP I 118 -46.21 40.82 32.15
N LEU I 119 -44.96 40.50 31.81
CA LEU I 119 -44.54 40.47 30.41
C LEU I 119 -45.33 39.44 29.63
N LEU I 120 -45.55 38.26 30.21
CA LEU I 120 -46.31 37.23 29.52
C LEU I 120 -47.73 37.67 29.22
N ALA I 121 -48.40 38.28 30.21
CA ALA I 121 -49.76 38.74 29.98
C ALA I 121 -49.81 39.82 28.91
N LEU I 122 -48.85 40.74 28.95
CA LEU I 122 -48.79 41.79 27.94
C LEU I 122 -48.57 41.20 26.55
N GLU I 123 -47.71 40.19 26.45
CA GLU I 123 -47.46 39.50 25.19
C GLU I 123 -48.73 38.82 24.68
N ARG I 124 -49.48 38.18 25.58
CA ARG I 124 -50.72 37.54 25.19
C ARG I 124 -51.66 38.57 24.60
N ILE I 125 -51.76 39.73 25.24
CA ILE I 125 -52.64 40.78 24.72
C ILE I 125 -52.19 41.16 23.31
N ARG I 126 -50.91 41.50 23.16
CA ARG I 126 -50.42 41.83 21.82
C ARG I 126 -50.77 40.77 20.79
N ASP I 127 -50.52 39.49 21.11
CA ASP I 127 -50.96 38.38 20.27
C ASP I 127 -52.43 38.47 19.88
N GLU I 128 -53.28 38.88 20.81
CA GLU I 128 -54.68 39.16 20.49
C GLU I 128 -54.82 40.29 19.47
N LEU I 129 -54.01 41.34 19.61
CA LEU I 129 -54.05 42.40 18.62
C LEU I 129 -53.58 41.90 17.26
N LEU I 130 -52.61 41.00 17.25
CA LEU I 130 -52.12 40.41 16.01
C LEU I 130 -53.22 39.60 15.32
N GLU I 131 -54.00 38.87 16.10
CA GLU I 131 -55.15 38.17 15.53
C GLU I 131 -56.20 39.15 15.02
N GLN I 132 -56.40 40.26 15.72
CA GLN I 132 -57.40 41.23 15.28
C GLN I 132 -56.94 42.03 14.07
N LEU I 133 -55.65 42.34 13.97
CA LEU I 133 -55.14 43.21 12.93
C LEU I 133 -54.60 42.44 11.73
N ASP I 134 -54.38 41.14 11.86
CA ASP I 134 -53.65 40.33 10.88
C ASP I 134 -52.29 40.94 10.55
N ARG I 135 -51.76 41.73 11.48
CA ARG I 135 -50.45 42.33 11.34
C ARG I 135 -49.90 42.58 12.74
N LEU I 136 -48.61 42.79 12.82
CA LEU I 136 -47.99 43.18 14.07
C LEU I 136 -48.56 44.53 14.52
N PRO I 137 -49.10 44.62 15.73
CA PRO I 137 -49.57 45.92 16.23
C PRO I 137 -48.38 46.85 16.45
N SER I 138 -48.59 48.12 16.15
CA SER I 138 -47.58 49.12 16.50
C SER I 138 -47.55 49.31 18.01
N ASP I 139 -46.40 49.77 18.51
CA ASP I 139 -46.28 50.10 19.92
C ASP I 139 -47.35 51.06 20.38
N ALA I 140 -47.79 51.97 19.50
CA ALA I 140 -48.84 52.90 19.89
C ALA I 140 -50.18 52.20 19.98
N GLU I 141 -50.47 51.29 19.04
CA GLU I 141 -51.69 50.51 19.10
C GLU I 141 -51.66 49.55 20.28
N TRP I 142 -50.50 48.95 20.54
CA TRP I 142 -50.36 48.07 21.69
C TRP I 142 -50.48 48.85 22.99
N ALA I 143 -49.85 50.02 23.08
CA ALA I 143 -50.02 50.89 24.24
C ALA I 143 -51.47 51.30 24.38
N ALA I 144 -52.12 51.58 23.26
CA ALA I 144 -53.53 51.92 23.28
C ALA I 144 -54.36 50.74 23.77
N ALA I 145 -53.98 49.52 23.39
CA ALA I 145 -54.69 48.36 23.88
C ALA I 145 -54.53 48.15 25.39
N VAL I 146 -53.53 48.77 26.02
CA VAL I 146 -53.37 48.65 27.46
C VAL I 146 -53.80 49.92 28.18
N ASP I 147 -54.38 50.88 27.45
CA ASP I 147 -54.77 52.18 28.02
C ASP I 147 -53.60 52.81 28.77
N SER I 148 -52.39 52.63 28.23
CA SER I 148 -51.17 53.06 28.85
C SER I 148 -50.43 54.08 28.00
N PRO I 149 -49.86 55.12 28.62
CA PRO I 149 -48.99 56.03 27.86
C PRO I 149 -47.85 55.25 27.22
N LEU I 150 -47.55 55.60 25.96
CA LEU I 150 -46.54 54.87 25.20
C LEU I 150 -45.22 54.75 25.97
N ASP I 151 -44.87 55.79 26.73
CA ASP I 151 -43.62 55.73 27.49
C ASP I 151 -43.72 54.72 28.62
N GLU I 152 -44.77 54.83 29.43
CA GLU I 152 -44.95 53.90 30.54
C GLU I 152 -45.00 52.46 30.03
N PHE I 153 -45.82 52.22 29.00
CA PHE I 153 -45.93 50.87 28.44
C PHE I 153 -44.58 50.35 27.98
N ARG I 154 -43.84 51.16 27.21
CA ARG I 154 -42.56 50.69 26.70
C ARG I 154 -41.59 50.38 27.83
N ARG I 155 -41.58 51.22 28.86
CA ARG I 155 -40.68 50.94 29.97
C ARG I 155 -41.08 49.67 30.72
N ARG I 156 -42.38 49.45 30.91
CA ARG I 156 -42.83 48.20 31.52
C ARG I 156 -42.37 47.01 30.70
N LEU I 157 -42.54 47.10 29.38
CA LEU I 157 -42.09 46.04 28.48
C LEU I 157 -40.61 45.78 28.66
N PHE I 158 -39.82 46.85 28.74
CA PHE I 158 -38.38 46.71 28.89
C PHE I 158 -38.06 45.98 30.18
N ARG I 159 -38.63 46.47 31.29
CA ARG I 159 -38.38 45.84 32.60
C ARG I 159 -38.64 44.35 32.52
N GLY I 160 -39.76 43.97 31.88
CA GLY I 160 -40.07 42.55 31.77
C GLY I 160 -39.04 41.78 30.97
N ARG I 161 -38.63 42.35 29.84
CA ARG I 161 -37.59 41.73 29.03
C ARG I 161 -36.33 41.49 29.85
N ARG I 162 -35.87 42.53 30.54
CA ARG I 162 -34.66 42.44 31.34
C ARG I 162 -34.82 41.42 32.47
N ALA I 163 -36.01 41.33 33.06
CA ALA I 163 -36.25 40.39 34.13
C ALA I 163 -36.10 38.95 33.65
N LYS I 164 -36.72 38.63 32.50
CA LYS I 164 -36.59 37.29 31.96
C LYS I 164 -35.14 37.01 31.58
N ASP I 165 -34.47 38.02 31.02
CA ASP I 165 -33.07 37.88 30.64
C ASP I 165 -32.22 37.52 31.84
N LYS I 166 -32.43 38.22 32.96
CA LYS I 166 -31.64 37.95 34.16
C LYS I 166 -31.98 36.59 34.76
N MET I 167 -33.24 36.20 34.72
CA MET I 167 -33.63 34.90 35.26
C MET I 167 -32.92 33.77 34.52
N VAL I 168 -32.84 33.84 33.20
CA VAL I 168 -32.13 32.82 32.44
C VAL I 168 -30.62 32.93 32.66
N GLN I 169 -30.11 34.16 32.66
CA GLN I 169 -28.68 34.41 32.68
C GLN I 169 -28.05 33.91 33.97
N SER I 170 -28.66 34.23 35.11
CA SER I 170 -28.10 33.82 36.39
C SER I 170 -28.25 32.32 36.67
N ASN I 171 -29.01 31.58 35.87
CA ASN I 171 -29.16 30.15 36.07
C ASN I 171 -28.41 29.30 35.06
N LEU I 172 -27.82 29.91 34.05
CA LEU I 172 -26.94 29.12 33.18
C LEU I 172 -25.97 28.21 33.93
N ARG I 173 -25.53 28.60 35.15
CA ARG I 173 -24.65 27.71 35.89
C ARG I 173 -25.36 26.41 36.22
N LEU I 174 -26.64 26.49 36.56
CA LEU I 174 -27.45 25.31 36.80
C LEU I 174 -27.56 24.47 35.54
N VAL I 175 -27.72 25.15 34.41
CA VAL I 175 -27.78 24.44 33.13
C VAL I 175 -26.51 23.63 32.90
N VAL I 176 -25.35 24.24 33.15
CA VAL I 176 -24.09 23.53 32.96
C VAL I 176 -23.97 22.38 33.94
N SER I 177 -24.43 22.59 35.18
CA SER I 177 -24.33 21.56 36.20
C SER I 177 -25.16 20.35 35.83
N ILE I 178 -26.31 20.55 35.19
CA ILE I 178 -27.11 19.40 34.82
C ILE I 178 -26.58 18.79 33.54
N ALA I 179 -26.10 19.62 32.61
CA ALA I 179 -25.69 19.13 31.31
C ALA I 179 -24.39 18.34 31.37
N LYS I 180 -23.61 18.51 32.43
CA LYS I 180 -22.36 17.77 32.51
C LYS I 180 -22.57 16.27 32.74
N LYS I 181 -23.79 15.85 33.05
CA LYS I 181 -24.08 14.47 33.40
C LYS I 181 -24.47 13.62 32.20
N TYR I 182 -24.32 14.14 30.97
CA TYR I 182 -24.56 13.36 29.76
C TYR I 182 -23.50 13.60 28.70
N MET I 183 -22.26 13.88 29.10
CA MET I 183 -21.24 14.27 28.14
C MET I 183 -20.75 13.12 27.27
N ASN I 184 -21.31 11.92 27.38
CA ASN I 184 -20.92 10.81 26.51
C ASN I 184 -22.15 10.04 26.01
N ARG I 185 -23.02 10.73 25.27
CA ARG I 185 -24.23 10.12 24.78
C ARG I 185 -24.53 10.43 23.32
N GLY I 186 -23.75 11.29 22.67
CA GLY I 186 -23.96 11.55 21.25
C GLY I 186 -23.84 13.02 20.95
N LEU I 187 -24.05 13.85 21.97
CA LEU I 187 -23.94 15.30 21.85
C LEU I 187 -22.70 15.77 22.59
N SER I 188 -22.02 16.75 22.01
CA SER I 188 -20.88 17.35 22.67
C SER I 188 -21.34 18.18 23.86
N PHE I 189 -20.40 18.49 24.75
CA PHE I 189 -20.74 19.20 25.97
C PHE I 189 -21.36 20.56 25.65
N GLN I 190 -20.80 21.26 24.68
CA GLN I 190 -21.35 22.54 24.28
C GLN I 190 -22.75 22.42 23.70
N ASP I 191 -23.04 21.33 23.02
CA ASP I 191 -24.40 21.10 22.50
C ASP I 191 -25.37 20.84 23.62
N LEU I 192 -24.95 20.06 24.62
CA LEU I 192 -25.80 19.84 25.78
C LEU I 192 -26.12 21.14 26.47
N ILE I 193 -25.12 22.02 26.62
CA ILE I 193 -25.37 23.30 27.28
C ILE I 193 -26.37 24.13 26.51
N GLN I 194 -26.18 24.24 25.19
CA GLN I 194 -27.09 25.09 24.42
C GLN I 194 -28.49 24.51 24.31
N GLU I 195 -28.63 23.18 24.33
CA GLU I 195 -29.96 22.61 24.31
C GLU I 195 -30.65 22.72 25.67
N GLY I 196 -29.89 22.64 26.76
CA GLY I 196 -30.48 22.85 28.06
C GLY I 196 -30.85 24.30 28.31
N SER I 197 -30.17 25.23 27.63
CA SER I 197 -30.54 26.62 27.74
C SER I 197 -31.98 26.86 27.28
N LEU I 198 -32.40 26.17 26.22
CA LEU I 198 -33.79 26.28 25.77
C LEU I 198 -34.76 25.80 26.84
N GLY I 199 -34.39 24.72 27.54
CA GLY I 199 -35.24 24.26 28.62
C GLY I 199 -35.29 25.24 29.77
N LEU I 200 -34.15 25.87 30.07
CA LEU I 200 -34.13 26.87 31.13
C LEU I 200 -35.01 28.05 30.74
N ILE I 201 -34.97 28.45 29.48
CA ILE I 201 -35.81 29.56 29.02
C ILE I 201 -37.29 29.20 29.18
N ARG I 202 -37.67 27.99 28.80
CA ARG I 202 -39.06 27.59 28.95
C ARG I 202 -39.44 27.53 30.42
N ALA I 203 -38.55 27.02 31.27
CA ALA I 203 -38.83 26.96 32.70
C ALA I 203 -39.03 28.35 33.29
N ALA I 204 -38.18 29.30 32.89
CA ALA I 204 -38.35 30.68 33.33
C ALA I 204 -39.63 31.28 32.79
N GLU I 205 -40.13 30.77 31.67
CA GLU I 205 -41.40 31.24 31.14
C GLU I 205 -42.60 30.62 31.86
N LYS I 206 -42.44 29.48 32.52
CA LYS I 206 -43.55 28.80 33.17
C LYS I 206 -43.39 28.67 34.69
N PHE I 207 -42.49 29.43 35.29
CA PHE I 207 -42.31 29.38 36.73
C PHE I 207 -43.39 30.16 37.45
N ASP I 208 -43.94 29.58 38.52
CA ASP I 208 -44.99 30.21 39.30
C ASP I 208 -44.45 30.52 40.69
N HIS I 209 -44.29 31.80 41.01
CA HIS I 209 -43.84 32.18 42.33
C HIS I 209 -44.87 31.82 43.38
N GLU I 210 -46.16 31.93 43.04
CA GLU I 210 -47.23 31.62 43.98
C GLU I 210 -47.20 30.17 44.43
N LYS I 211 -46.54 29.29 43.69
CA LYS I 211 -46.45 27.90 44.11
C LYS I 211 -45.65 27.79 45.39
N GLY I 212 -44.75 28.73 45.62
CA GLY I 212 -43.94 28.71 46.82
C GLY I 212 -42.87 27.65 46.75
N TYR I 213 -42.10 27.66 45.66
CA TYR I 213 -41.03 26.69 45.50
C TYR I 213 -39.82 27.41 44.91
N LYS I 214 -38.66 26.81 45.12
CA LYS I 214 -37.43 27.36 44.58
C LYS I 214 -37.35 27.12 43.07
N PHE I 215 -36.87 28.13 42.35
CA PHE I 215 -36.76 28.01 40.89
C PHE I 215 -35.82 26.90 40.47
N SER I 216 -34.83 26.58 41.30
CA SER I 216 -33.90 25.50 41.00
C SER I 216 -34.56 24.13 41.01
N THR I 217 -35.77 24.01 41.53
CA THR I 217 -36.48 22.73 41.51
C THR I 217 -37.33 22.60 40.25
N TYR I 218 -38.00 23.67 39.86
CA TYR I 218 -38.81 23.62 38.64
C TYR I 218 -37.93 23.60 37.41
N ALA I 219 -36.87 24.40 37.39
CA ALA I 219 -36.04 24.53 36.19
C ALA I 219 -35.34 23.23 35.85
N THR I 220 -35.03 22.41 36.85
CA THR I 220 -34.30 21.18 36.59
C THR I 220 -35.08 20.26 35.67
N TRP I 221 -36.39 20.17 35.88
CA TRP I 221 -37.21 19.31 35.02
C TRP I 221 -37.12 19.75 33.56
N TRP I 222 -37.27 21.04 33.32
CA TRP I 222 -37.26 21.52 31.94
C TRP I 222 -35.89 21.37 31.31
N ILE I 223 -34.82 21.66 32.07
CA ILE I 223 -33.47 21.50 31.53
C ILE I 223 -33.23 20.05 31.16
N ARG I 224 -33.59 19.14 32.06
CA ARG I 224 -33.36 17.72 31.82
C ARG I 224 -34.17 17.24 30.63
N GLN I 225 -35.42 17.70 30.51
CA GLN I 225 -36.26 17.30 29.40
C GLN I 225 -35.69 17.79 28.07
N ALA I 226 -35.25 19.05 28.04
CA ALA I 226 -34.71 19.59 26.81
C ALA I 226 -33.47 18.84 26.38
N ILE I 227 -32.59 18.52 27.34
CA ILE I 227 -31.37 17.81 26.99
C ILE I 227 -31.69 16.39 26.52
N THR I 228 -32.62 15.71 27.20
CA THR I 228 -32.98 14.35 26.80
C THR I 228 -33.60 14.33 25.41
N ARG I 229 -34.50 15.28 25.13
CA ARG I 229 -35.10 15.35 23.80
C ARG I 229 -34.04 15.66 22.75
N ALA I 230 -33.12 16.56 23.06
CA ALA I 230 -32.06 16.89 22.12
C ALA I 230 -31.22 15.67 21.80
N ILE I 231 -30.87 14.89 22.81
CA ILE I 231 -30.13 13.66 22.57
C ILE I 231 -30.94 12.71 21.70
N ALA I 232 -32.23 12.55 21.99
CA ALA I 232 -33.07 11.68 21.19
C ALA I 232 -33.19 12.15 19.74
N ASP I 233 -33.04 13.44 19.48
CA ASP I 233 -33.29 13.94 18.13
C ASP I 233 -32.05 14.40 17.40
N GLN I 234 -30.87 14.36 18.02
CA GLN I 234 -29.68 14.92 17.39
C GLN I 234 -28.41 14.12 17.64
N SER I 235 -28.51 12.91 18.19
CA SER I 235 -27.30 12.17 18.54
C SER I 235 -26.87 11.22 17.45
N ARG I 236 -27.80 10.77 16.62
CA ARG I 236 -27.52 9.77 15.60
C ARG I 236 -27.68 10.37 14.20
N THR I 237 -26.91 9.81 13.26
CA THR I 237 -27.05 10.18 11.87
C THR I 237 -28.38 9.68 11.30
N ILE I 238 -28.73 8.43 11.58
CA ILE I 238 -30.04 7.90 11.22
C ILE I 238 -30.89 8.07 12.47
N ARG I 239 -31.57 9.19 12.56
CA ARG I 239 -32.28 9.52 13.79
C ARG I 239 -33.41 8.52 14.01
N LEU I 240 -33.56 8.07 15.24
CA LEU I 240 -34.62 7.22 15.73
C LEU I 240 -35.63 8.03 16.52
N PRO I 241 -36.92 7.70 16.43
CA PRO I 241 -37.92 8.44 17.19
C PRO I 241 -37.81 8.14 18.68
N VAL I 242 -38.36 9.06 19.47
CA VAL I 242 -38.24 8.97 20.93
C VAL I 242 -38.87 7.69 21.43
N HIS I 243 -40.00 7.30 20.84
CA HIS I 243 -40.64 6.06 21.24
C HIS I 243 -39.73 4.86 21.01
N LEU I 244 -38.85 4.93 20.02
CA LEU I 244 -37.90 3.84 19.80
C LEU I 244 -36.85 3.78 20.89
N TYR I 245 -36.37 4.94 21.34
CA TYR I 245 -35.44 4.98 22.45
C TYR I 245 -36.09 4.40 23.71
N GLU I 246 -37.35 4.77 23.96
CA GLU I 246 -38.04 4.24 25.12
C GLU I 246 -38.24 2.74 25.00
N THR I 247 -38.54 2.26 23.79
CA THR I 247 -38.68 0.82 23.57
C THR I 247 -37.37 0.08 23.84
N ILE I 248 -36.26 0.63 23.37
CA ILE I 248 -34.97 -0.02 23.58
C ILE I 248 -34.63 -0.04 25.07
N SER I 249 -34.89 1.06 25.77
CA SER I 249 -34.64 1.09 27.20
C SER I 249 -35.48 0.05 27.92
N ARG I 250 -36.76 -0.07 27.56
CA ARG I 250 -37.61 -1.06 28.22
C ARG I 250 -37.16 -2.47 27.90
N ILE I 251 -36.66 -2.70 26.69
CA ILE I 251 -36.15 -4.02 26.34
C ILE I 251 -34.92 -4.35 27.18
N LYS I 252 -34.03 -3.39 27.35
CA LYS I 252 -32.86 -3.62 28.20
C LYS I 252 -33.28 -3.92 29.63
N LYS I 253 -34.21 -3.14 30.16
CA LYS I 253 -34.64 -3.34 31.55
C LYS I 253 -35.29 -4.71 31.72
N THR I 254 -36.14 -5.11 30.78
CA THR I 254 -36.78 -6.43 30.86
C THR I 254 -35.74 -7.53 30.77
N THR I 255 -34.74 -7.37 29.89
CA THR I 255 -33.71 -8.39 29.75
C THR I 255 -32.92 -8.53 31.04
N LYS I 256 -32.55 -7.41 31.66
CA LYS I 256 -31.83 -7.48 32.93
C LYS I 256 -32.69 -8.10 34.02
N LEU I 257 -33.98 -7.76 34.05
CA LEU I 257 -34.87 -8.34 35.06
C LEU I 257 -35.00 -9.85 34.88
N LEU I 258 -35.10 -10.31 33.64
CA LEU I 258 -35.18 -11.75 33.39
C LEU I 258 -33.87 -12.44 33.72
N SER I 259 -32.74 -11.79 33.41
CA SER I 259 -31.45 -12.38 33.75
C SER I 259 -31.30 -12.53 35.26
N GLN I 260 -31.74 -11.53 36.02
CA GLN I 260 -31.72 -11.63 37.47
C GLN I 260 -32.67 -12.71 37.97
N GLU I 261 -33.87 -12.80 37.40
CA GLU I 261 -34.85 -13.77 37.89
C GLU I 261 -34.43 -15.20 37.58
N MET I 262 -34.04 -15.47 36.34
CA MET I 262 -33.69 -16.81 35.89
C MET I 262 -32.23 -17.15 36.12
N GLY I 263 -31.40 -16.18 36.52
CA GLY I 263 -30.00 -16.48 36.77
C GLY I 263 -29.19 -16.82 35.54
N ARG I 264 -29.64 -16.43 34.36
CA ARG I 264 -28.93 -16.74 33.12
C ARG I 264 -29.37 -15.76 32.05
N LYS I 265 -28.61 -15.73 30.96
CA LYS I 265 -28.94 -14.85 29.86
C LYS I 265 -30.23 -15.30 29.18
N PRO I 266 -31.25 -14.44 29.10
CA PRO I 266 -32.52 -14.85 28.49
C PRO I 266 -32.37 -15.07 27.00
N THR I 267 -33.22 -15.93 26.46
CA THR I 267 -33.21 -16.17 25.03
C THR I 267 -34.07 -15.14 24.32
N GLU I 268 -33.98 -15.14 22.99
CA GLU I 268 -34.78 -14.21 22.19
C GLU I 268 -36.27 -14.46 22.37
N GLU I 269 -36.68 -15.72 22.34
CA GLU I 269 -38.10 -16.05 22.49
C GLU I 269 -38.61 -15.65 23.87
N GLU I 270 -37.81 -15.87 24.91
CA GLU I 270 -38.23 -15.50 26.26
C GLU I 270 -38.47 -14.00 26.35
N ILE I 271 -37.54 -13.20 25.83
CA ILE I 271 -37.67 -11.76 25.86
C ILE I 271 -38.88 -11.31 25.04
N ALA I 272 -39.07 -11.92 23.87
CA ALA I 272 -40.20 -11.56 23.03
C ALA I 272 -41.52 -11.86 23.71
N THR I 273 -41.62 -13.00 24.39
CA THR I 273 -42.83 -13.31 25.14
C THR I 273 -43.04 -12.33 26.28
N ARG I 274 -41.99 -12.01 27.02
CA ARG I 274 -42.12 -11.09 28.14
C ARG I 274 -42.52 -9.70 27.66
N MET I 275 -41.98 -9.27 26.52
CA MET I 275 -42.35 -7.98 25.96
C MET I 275 -43.68 -8.03 25.22
N GLU I 276 -44.25 -9.23 25.04
CA GLU I 276 -45.51 -9.41 24.33
C GLU I 276 -45.42 -8.84 22.91
N MET I 277 -44.31 -9.11 22.24
CA MET I 277 -44.10 -8.67 20.88
C MET I 277 -43.42 -9.79 20.09
N THR I 278 -43.63 -9.77 18.77
CA THR I 278 -43.09 -10.81 17.92
C THR I 278 -41.57 -10.73 17.86
N ILE I 279 -40.94 -11.89 17.64
CA ILE I 279 -39.49 -11.96 17.59
C ILE I 279 -38.94 -11.13 16.45
N GLU I 280 -39.68 -11.03 15.35
CA GLU I 280 -39.22 -10.22 14.23
C GLU I 280 -39.15 -8.74 14.61
N LYS I 281 -40.11 -8.26 15.40
CA LYS I 281 -40.04 -6.88 15.87
C LYS I 281 -38.82 -6.66 16.74
N LEU I 282 -38.50 -7.63 17.61
CA LEU I 282 -37.33 -7.51 18.46
C LEU I 282 -36.06 -7.46 17.63
N ARG I 283 -35.95 -8.34 16.64
CA ARG I 283 -34.79 -8.31 15.75
C ARG I 283 -34.71 -7.00 14.97
N PHE I 284 -35.86 -6.46 14.55
CA PHE I 284 -35.88 -5.17 13.85
C PHE I 284 -35.38 -4.05 14.75
N ILE I 285 -35.79 -4.06 16.01
CA ILE I 285 -35.30 -3.08 16.98
C ILE I 285 -33.80 -3.22 17.16
N ALA I 286 -33.32 -4.46 17.30
CA ALA I 286 -31.89 -4.69 17.47
C ALA I 286 -31.09 -4.18 16.28
N LYS I 287 -31.60 -4.41 15.07
CA LYS I 287 -30.91 -3.96 13.86
C LYS I 287 -30.94 -2.44 13.73
N SER I 288 -32.05 -1.80 14.10
CA SER I 288 -32.15 -0.36 13.96
C SER I 288 -31.42 0.40 15.05
N ALA I 289 -31.06 -0.26 16.14
CA ALA I 289 -30.37 0.40 17.23
C ALA I 289 -28.89 0.60 16.94
N GLN I 290 -28.39 0.00 15.88
CA GLN I 290 -26.95 -0.01 15.61
C GLN I 290 -26.48 1.39 15.22
N LEU I 291 -25.23 1.66 15.56
CA LEU I 291 -24.58 2.90 15.15
C LEU I 291 -23.89 2.72 13.80
N PRO I 292 -23.99 3.73 12.94
CA PRO I 292 -23.34 3.64 11.63
C PRO I 292 -21.83 3.74 11.77
N ILE I 293 -21.13 2.81 11.13
CA ILE I 293 -19.68 2.80 11.17
C ILE I 293 -19.16 3.80 10.15
N SER I 294 -18.08 4.50 10.50
CA SER I 294 -17.54 5.48 9.60
C SER I 294 -16.83 4.81 8.42
N LEU I 295 -16.80 5.50 7.29
CA LEU I 295 -16.17 4.95 6.10
C LEU I 295 -14.67 4.80 6.26
N GLU I 296 -14.07 5.51 7.20
CA GLU I 296 -12.62 5.54 7.34
C GLU I 296 -12.16 4.71 8.52
N THR I 297 -12.83 3.61 8.78
CA THR I 297 -12.38 2.71 9.80
C THR I 297 -11.23 1.87 9.24
N PRO I 298 -10.11 1.79 9.94
CA PRO I 298 -9.01 0.95 9.45
C PRO I 298 -9.43 -0.51 9.33
N ILE I 299 -8.93 -1.17 8.31
CA ILE I 299 -9.24 -2.57 8.07
C ILE I 299 -7.97 -3.40 8.17
N SER I 305 -5.05 1.79 5.22
CA SER I 305 -6.22 1.05 4.77
C SER I 305 -7.47 1.52 5.48
N ARG I 306 -8.52 1.80 4.71
CA ARG I 306 -9.78 2.28 5.24
C ARG I 306 -10.91 1.41 4.70
N LEU I 307 -12.03 1.44 5.41
CA LEU I 307 -13.19 0.65 5.00
C LEU I 307 -13.74 1.11 3.67
N GLY I 308 -13.73 2.42 3.42
CA GLY I 308 -14.35 2.95 2.22
C GLY I 308 -13.70 2.52 0.91
N ASP I 309 -12.51 1.92 0.98
CA ASP I 309 -11.83 1.44 -0.22
C ASP I 309 -12.09 -0.03 -0.51
N PHE I 310 -13.00 -0.66 0.23
CA PHE I 310 -13.36 -2.05 0.02
C PHE I 310 -14.82 -2.24 -0.34
N ILE I 311 -15.53 -1.16 -0.65
CA ILE I 311 -16.96 -1.22 -0.93
C ILE I 311 -17.18 -0.93 -2.41
N GLU I 312 -17.92 -1.80 -3.08
CA GLU I 312 -18.11 -1.66 -4.50
C GLU I 312 -19.10 -0.52 -4.75
N ALA I 313 -19.31 -0.18 -6.01
CA ALA I 313 -20.24 0.89 -6.32
C ALA I 313 -21.49 0.33 -6.95
N ASP I 314 -22.61 1.00 -6.71
CA ASP I 314 -23.86 0.61 -7.33
C ASP I 314 -23.86 1.08 -8.78
N GLY I 315 -24.23 0.20 -9.67
CA GLY I 315 -24.25 0.51 -11.08
C GLY I 315 -24.35 -0.78 -11.87
N GLU I 316 -24.39 -0.62 -13.19
CA GLU I 316 -24.37 -1.76 -14.09
C GLU I 316 -22.93 -1.99 -14.53
N THR I 317 -22.42 -3.18 -14.29
CA THR I 317 -21.09 -3.55 -14.72
C THR I 317 -20.95 -3.26 -16.22
N PRO I 318 -19.86 -2.63 -16.67
CA PRO I 318 -19.67 -2.43 -18.11
C PRO I 318 -19.98 -3.67 -18.90
N GLU I 319 -19.65 -4.83 -18.31
CA GLU I 319 -19.94 -6.11 -18.95
C GLU I 319 -21.44 -6.35 -19.09
N ASP I 320 -22.22 -6.00 -18.07
CA ASP I 320 -23.66 -6.27 -18.13
C ASP I 320 -24.40 -5.28 -19.02
N GLU I 321 -23.76 -4.20 -19.45
CA GLU I 321 -24.37 -3.32 -20.43
C GLU I 321 -24.21 -3.83 -21.85
N VAL I 322 -23.30 -4.77 -22.08
CA VAL I 322 -23.01 -5.22 -23.43
C VAL I 322 -23.92 -6.38 -23.81
N ALA I 323 -24.52 -7.04 -22.83
CA ALA I 323 -25.53 -8.05 -23.11
C ALA I 323 -26.91 -7.42 -23.25
N LYS I 324 -26.98 -6.09 -23.20
CA LYS I 324 -28.19 -5.32 -23.42
C LYS I 324 -28.27 -4.84 -24.85
N ASN I 325 -27.22 -4.18 -25.34
CA ASN I 325 -27.20 -3.75 -26.73
C ASN I 325 -27.28 -4.97 -27.63
N LEU I 326 -26.56 -6.03 -27.29
CA LEU I 326 -26.56 -7.25 -28.08
C LEU I 326 -27.96 -7.82 -28.21
N LEU I 327 -28.65 -7.93 -27.08
CA LEU I 327 -29.97 -8.55 -27.06
C LEU I 327 -30.93 -7.85 -28.02
N ARG I 328 -31.14 -6.54 -27.81
CA ARG I 328 -32.09 -5.80 -28.62
C ARG I 328 -31.91 -6.11 -30.11
N GLU I 329 -30.65 -6.16 -30.56
CA GLU I 329 -30.37 -6.42 -31.98
C GLU I 329 -30.97 -7.75 -32.38
N ASP I 330 -30.71 -8.78 -31.56
CA ASP I 330 -31.22 -10.11 -31.87
C ASP I 330 -32.73 -10.06 -31.96
N LEU I 331 -33.36 -9.39 -31.00
CA LEU I 331 -34.81 -9.28 -31.01
C LEU I 331 -35.27 -8.56 -32.27
N GLU I 332 -34.62 -7.43 -32.58
CA GLU I 332 -34.98 -6.64 -33.74
C GLU I 332 -34.91 -7.48 -35.01
N GLY I 333 -33.90 -8.34 -35.11
CA GLY I 333 -33.76 -9.19 -36.28
C GLY I 333 -34.96 -10.09 -36.46
N VAL I 334 -35.36 -10.79 -35.39
CA VAL I 334 -36.49 -11.69 -35.50
C VAL I 334 -37.74 -10.88 -35.75
N LEU I 335 -37.77 -9.63 -35.27
CA LEU I 335 -38.90 -8.75 -35.52
C LEU I 335 -38.98 -8.39 -37.00
N SER I 336 -37.82 -8.25 -37.65
CA SER I 336 -37.82 -7.89 -39.07
C SER I 336 -38.56 -8.95 -39.87
N THR I 337 -38.44 -10.22 -39.46
CA THR I 337 -39.09 -11.31 -40.20
C THR I 337 -40.60 -11.12 -40.22
N LEU I 338 -41.16 -10.54 -39.16
CA LEU I 338 -42.60 -10.37 -39.07
C LEU I 338 -43.05 -9.28 -40.05
N SER I 339 -44.33 -9.30 -40.38
CA SER I 339 -44.87 -8.29 -41.27
C SER I 339 -44.75 -6.91 -40.64
N PRO I 340 -44.58 -5.85 -41.45
CA PRO I 340 -44.39 -4.50 -40.89
C PRO I 340 -45.42 -4.15 -39.85
N ARG I 341 -46.71 -4.31 -40.19
CA ARG I 341 -47.77 -3.98 -39.27
C ARG I 341 -47.62 -4.80 -37.99
N GLU I 342 -47.33 -6.09 -38.14
CA GLU I 342 -47.20 -6.98 -36.99
C GLU I 342 -46.12 -6.48 -36.04
N ARG I 343 -44.93 -6.18 -36.58
CA ARG I 343 -43.83 -5.79 -35.72
C ARG I 343 -44.14 -4.45 -35.04
N ASP I 344 -44.74 -3.52 -35.78
CA ASP I 344 -45.13 -2.26 -35.17
C ASP I 344 -46.05 -2.53 -33.99
N VAL I 345 -47.02 -3.42 -34.20
CA VAL I 345 -47.96 -3.76 -33.15
C VAL I 345 -47.20 -4.24 -31.93
N LEU I 346 -46.28 -5.18 -32.13
CA LEU I 346 -45.54 -5.75 -31.01
C LEU I 346 -44.74 -4.67 -30.28
N ARG I 347 -44.00 -3.86 -31.04
CA ARG I 347 -43.17 -2.83 -30.43
C ARG I 347 -44.02 -1.91 -29.57
N LEU I 348 -45.23 -1.62 -30.02
CA LEU I 348 -46.07 -0.70 -29.28
C LEU I 348 -46.73 -1.39 -28.09
N ARG I 349 -47.02 -2.70 -28.20
CA ARG I 349 -47.71 -3.41 -27.13
C ARG I 349 -46.79 -3.76 -25.97
N TYR I 350 -45.48 -3.62 -26.16
CA TYR I 350 -44.47 -3.89 -25.14
C TYR I 350 -43.63 -2.68 -24.81
N GLY I 351 -43.83 -1.56 -25.51
CA GLY I 351 -43.08 -0.35 -25.24
C GLY I 351 -41.61 -0.44 -25.56
N LEU I 352 -41.24 -1.13 -26.64
CA LEU I 352 -39.83 -1.32 -26.95
C LEU I 352 -39.18 0.00 -27.32
N ASP I 353 -39.97 0.97 -27.78
CA ASP I 353 -39.48 2.28 -28.15
C ASP I 353 -39.56 3.24 -26.98
N ASP I 354 -40.71 3.31 -26.31
CA ASP I 354 -40.93 4.32 -25.30
C ASP I 354 -40.82 3.78 -23.89
N GLY I 355 -40.53 2.49 -23.73
CA GLY I 355 -40.55 1.85 -22.43
C GLY I 355 -41.93 1.70 -21.83
N ARG I 356 -42.94 2.30 -22.43
CA ARG I 356 -44.30 2.28 -21.92
C ARG I 356 -45.13 1.28 -22.70
N MET I 357 -45.67 0.28 -22.01
CA MET I 357 -46.62 -0.60 -22.67
C MET I 357 -47.90 0.17 -22.93
N LYS I 358 -48.37 0.11 -24.18
CA LYS I 358 -49.64 0.70 -24.58
C LYS I 358 -50.74 -0.35 -24.63
N THR I 359 -51.96 0.09 -24.36
CA THR I 359 -53.13 -0.75 -24.48
C THR I 359 -53.43 -0.96 -25.97
N LEU I 360 -54.30 -1.92 -26.22
CA LEU I 360 -55.29 -1.93 -27.29
C LEU I 360 -55.89 -0.62 -27.78
N GLU I 361 -56.59 0.09 -26.91
CA GLU I 361 -57.24 1.35 -27.29
C GLU I 361 -56.29 2.45 -27.76
N GLU I 362 -55.12 2.66 -27.15
CA GLU I 362 -54.24 3.65 -27.78
C GLU I 362 -53.86 3.24 -29.20
N ILE I 363 -53.51 1.98 -29.43
CA ILE I 363 -53.30 1.57 -30.81
C ILE I 363 -54.62 1.52 -31.58
N GLY I 364 -55.74 1.30 -30.89
CA GLY I 364 -57.02 1.35 -31.58
C GLY I 364 -57.28 2.71 -32.19
N GLN I 365 -56.86 3.77 -31.51
CA GLN I 365 -57.00 5.14 -32.01
C GLN I 365 -55.85 5.54 -32.91
N LEU I 366 -54.60 5.29 -32.48
CA LEU I 366 -53.44 5.69 -33.26
C LEU I 366 -53.36 4.92 -34.57
N PHE I 367 -53.56 3.60 -34.52
CA PHE I 367 -53.50 2.84 -35.76
C PHE I 367 -54.81 2.98 -36.53
N ASN I 368 -54.83 2.42 -37.72
CA ASN I 368 -55.99 2.57 -38.59
C ASN I 368 -57.24 1.93 -37.99
N VAL I 369 -57.22 0.60 -37.84
CA VAL I 369 -58.39 -0.08 -37.30
C VAL I 369 -58.44 0.04 -35.78
N THR I 370 -59.61 -0.24 -35.23
CA THR I 370 -59.90 -0.02 -33.83
C THR I 370 -59.50 -1.25 -33.00
N ARG I 371 -59.93 -1.24 -31.74
CA ARG I 371 -59.67 -2.33 -30.81
C ARG I 371 -60.31 -3.63 -31.31
N GLU I 372 -59.83 -4.75 -30.74
CA GLU I 372 -60.23 -6.11 -31.10
C GLU I 372 -59.64 -6.51 -32.45
N ARG I 373 -58.99 -5.57 -33.11
CA ARG I 373 -58.22 -5.86 -34.32
C ARG I 373 -56.75 -6.02 -34.00
N ILE I 374 -56.24 -5.20 -33.10
CA ILE I 374 -54.84 -5.31 -32.68
C ILE I 374 -54.59 -6.62 -31.93
N ARG I 375 -55.59 -7.12 -31.19
CA ARG I 375 -55.40 -8.39 -30.49
C ARG I 375 -55.15 -9.52 -31.47
N GLN I 376 -55.88 -9.52 -32.59
CA GLN I 376 -55.67 -10.54 -33.60
C GLN I 376 -54.28 -10.43 -34.20
N ILE I 377 -53.82 -9.20 -34.45
CA ILE I 377 -52.51 -9.02 -35.01
C ILE I 377 -51.44 -9.51 -34.04
N GLU I 378 -51.62 -9.20 -32.76
CA GLU I 378 -50.65 -9.64 -31.75
C GLU I 378 -50.55 -11.16 -31.72
N ALA I 379 -51.69 -11.84 -31.70
CA ALA I 379 -51.64 -13.30 -31.69
C ALA I 379 -51.05 -13.85 -32.98
N LYS I 380 -51.43 -13.31 -34.13
CA LYS I 380 -50.89 -13.80 -35.39
C LYS I 380 -49.41 -13.50 -35.56
N ALA I 381 -48.88 -12.51 -34.83
CA ALA I 381 -47.44 -12.27 -34.84
C ALA I 381 -46.73 -13.23 -33.90
N LEU I 382 -47.26 -13.38 -32.69
CA LEU I 382 -46.59 -14.24 -31.73
C LEU I 382 -46.55 -15.66 -32.26
N ARG I 383 -47.65 -16.11 -32.86
CA ARG I 383 -47.66 -17.46 -33.39
C ARG I 383 -46.56 -17.64 -34.43
N LYS I 384 -46.24 -16.58 -35.19
CA LYS I 384 -45.11 -16.66 -36.12
C LYS I 384 -43.80 -16.76 -35.36
N LEU I 385 -43.64 -15.97 -34.29
CA LEU I 385 -42.39 -16.02 -33.53
C LEU I 385 -42.26 -17.33 -32.76
N ARG I 386 -43.37 -17.87 -32.26
CA ARG I 386 -43.31 -19.07 -31.42
C ARG I 386 -42.78 -20.28 -32.17
N HIS I 387 -42.73 -20.23 -33.50
CA HIS I 387 -42.20 -21.36 -34.23
C HIS I 387 -40.71 -21.52 -33.92
N PRO I 388 -40.18 -22.75 -34.01
CA PRO I 388 -38.74 -22.94 -33.78
C PRO I 388 -37.88 -22.22 -34.79
N ASN I 389 -38.44 -21.81 -35.92
CA ASN I 389 -37.71 -21.03 -36.89
C ASN I 389 -37.90 -19.54 -36.63
N ARG I 390 -36.89 -18.77 -37.02
CA ARG I 390 -36.86 -17.31 -36.96
C ARG I 390 -36.70 -16.79 -35.53
N ASN I 391 -36.76 -17.67 -34.53
CA ASN I 391 -36.47 -17.25 -33.15
C ASN I 391 -36.02 -18.47 -32.36
N SER I 392 -34.70 -18.66 -32.23
CA SER I 392 -34.21 -19.67 -31.31
C SER I 392 -33.01 -19.25 -30.48
N ILE I 393 -32.32 -18.16 -30.84
CA ILE I 393 -31.22 -17.69 -30.02
C ILE I 393 -31.74 -17.24 -28.67
N LEU I 394 -32.85 -16.50 -28.68
CA LEU I 394 -33.33 -15.87 -27.46
C LEU I 394 -33.71 -16.92 -26.42
N LYS I 395 -33.83 -18.18 -26.84
CA LYS I 395 -34.22 -19.23 -25.91
C LYS I 395 -33.20 -19.33 -24.80
N GLU I 396 -31.93 -19.06 -25.11
CA GLU I 396 -30.89 -19.14 -24.09
C GLU I 396 -30.91 -17.93 -23.15
N TYR I 397 -31.48 -16.81 -23.59
CA TYR I 397 -31.49 -15.65 -22.73
C TYR I 397 -32.33 -15.89 -21.48
N ILE I 398 -33.27 -16.83 -21.54
CA ILE I 398 -34.09 -17.17 -20.39
C ILE I 398 -33.24 -17.87 -19.36
N MET J 1 -34.89 18.16 -67.37
CA MET J 1 -35.82 17.57 -68.33
C MET J 1 -37.24 18.09 -68.12
N LYS J 2 -38.09 17.92 -69.12
CA LYS J 2 -39.51 18.20 -68.95
C LYS J 2 -40.16 17.15 -68.05
N PRO J 3 -40.92 17.56 -67.05
CA PRO J 3 -41.66 16.60 -66.23
C PRO J 3 -42.62 15.74 -67.04
N ARG J 4 -42.63 14.45 -66.73
CA ARG J 4 -43.49 13.48 -67.39
C ARG J 4 -44.75 13.29 -66.57
N ILE J 5 -45.91 13.47 -67.19
CA ILE J 5 -47.19 13.27 -66.52
C ILE J 5 -47.93 12.16 -67.23
N LEU J 6 -48.37 11.16 -66.47
CA LEU J 6 -49.22 10.10 -66.99
C LEU J 6 -50.67 10.36 -66.60
N VAL J 7 -51.53 10.53 -67.60
CA VAL J 7 -52.96 10.69 -67.42
C VAL J 7 -53.63 9.38 -67.77
N ILE J 8 -54.42 8.84 -66.84
CA ILE J 8 -55.10 7.57 -67.05
C ILE J 8 -56.59 7.85 -66.89
N ASP J 9 -57.33 7.83 -68.00
CA ASP J 9 -58.77 8.12 -67.95
C ASP J 9 -59.44 7.51 -69.17
N ASP J 10 -60.57 6.84 -68.96
CA ASP J 10 -61.33 6.25 -70.06
C ASP J 10 -62.20 7.25 -70.81
N ASP J 11 -62.45 8.43 -70.24
CA ASP J 11 -63.16 9.50 -70.96
C ASP J 11 -62.18 10.19 -71.89
N SER J 12 -62.27 9.88 -73.19
CA SER J 12 -61.41 10.51 -74.17
C SER J 12 -61.54 12.04 -74.18
N ALA J 13 -62.70 12.58 -73.83
CA ALA J 13 -62.83 14.03 -73.84
C ALA J 13 -62.11 14.67 -72.67
N ILE J 14 -62.25 14.08 -71.48
CA ILE J 14 -61.49 14.56 -70.32
C ILE J 14 -60.01 14.36 -70.55
N LEU J 15 -59.65 13.17 -71.03
CA LEU J 15 -58.26 12.85 -71.31
C LEU J 15 -57.64 13.87 -72.28
N GLU J 16 -58.38 14.23 -73.33
CA GLU J 16 -57.85 15.21 -74.28
C GLU J 16 -57.77 16.61 -73.69
N LEU J 17 -58.80 17.05 -72.98
CA LEU J 17 -58.75 18.36 -72.35
C LEU J 17 -57.55 18.48 -71.42
N VAL J 18 -57.36 17.48 -70.56
CA VAL J 18 -56.25 17.48 -69.62
C VAL J 18 -54.92 17.49 -70.35
N ALA J 19 -54.78 16.63 -71.37
CA ALA J 19 -53.52 16.54 -72.09
C ALA J 19 -53.17 17.87 -72.73
N VAL J 20 -54.14 18.48 -73.41
CA VAL J 20 -53.90 19.77 -74.04
C VAL J 20 -53.49 20.82 -73.02
N ASN J 21 -54.20 20.88 -71.89
CA ASN J 21 -53.87 21.90 -70.90
C ASN J 21 -52.50 21.69 -70.27
N LEU J 22 -52.11 20.43 -70.03
CA LEU J 22 -50.78 20.18 -69.50
C LEU J 22 -49.70 20.51 -70.52
N GLU J 23 -49.91 20.14 -71.78
CA GLU J 23 -48.94 20.46 -72.81
C GLU J 23 -48.77 21.96 -72.95
N MET J 24 -49.88 22.70 -72.88
CA MET J 24 -49.76 24.16 -72.86
C MET J 24 -48.94 24.62 -71.68
N SER J 25 -48.98 23.89 -70.57
CA SER J 25 -48.13 24.20 -69.42
C SER J 25 -46.71 23.67 -69.56
N GLY J 26 -46.40 22.96 -70.64
CA GLY J 26 -45.04 22.58 -70.93
C GLY J 26 -44.62 21.19 -70.49
N TYR J 27 -45.55 20.36 -70.06
CA TYR J 27 -45.23 19.01 -69.63
C TYR J 27 -45.25 18.03 -70.80
N ASP J 28 -44.54 16.93 -70.63
CA ASP J 28 -44.62 15.78 -71.53
C ASP J 28 -45.73 14.88 -71.02
N VAL J 29 -46.82 14.82 -71.77
CA VAL J 29 -48.02 14.10 -71.35
C VAL J 29 -48.08 12.76 -72.04
N ARG J 30 -48.40 11.73 -71.27
CA ARG J 30 -48.70 10.41 -71.78
C ARG J 30 -50.11 10.06 -71.37
N LYS J 31 -50.82 9.35 -72.24
CA LYS J 31 -52.24 9.08 -72.08
C LYS J 31 -52.45 7.57 -72.05
N ALA J 32 -53.36 7.11 -71.20
CA ALA J 32 -53.78 5.71 -71.20
C ALA J 32 -55.29 5.66 -71.03
N GLU J 33 -55.94 4.84 -71.86
CA GLU J 33 -57.40 4.74 -71.85
C GLU J 33 -57.97 3.65 -70.97
N ASP J 34 -57.15 2.91 -70.22
CA ASP J 34 -57.70 1.86 -69.36
C ASP J 34 -56.69 1.56 -68.26
N GLY J 35 -57.19 0.99 -67.16
CA GLY J 35 -56.34 0.77 -66.00
C GLY J 35 -55.19 -0.18 -66.22
N ILE J 36 -55.35 -1.18 -67.09
CA ILE J 36 -54.25 -2.12 -67.32
C ILE J 36 -53.14 -1.43 -68.12
N LYS J 37 -53.51 -0.75 -69.21
CA LYS J 37 -52.54 0.01 -69.97
C LYS J 37 -51.95 1.12 -69.12
N GLY J 38 -52.77 1.77 -68.31
CA GLY J 38 -52.25 2.78 -67.41
C GLY J 38 -51.20 2.24 -66.45
N GLN J 39 -51.48 1.10 -65.83
CA GLN J 39 -50.51 0.46 -64.94
C GLN J 39 -49.22 0.08 -65.66
N ALA J 40 -49.35 -0.50 -66.85
CA ALA J 40 -48.17 -0.88 -67.61
C ALA J 40 -47.34 0.34 -67.99
N LEU J 41 -48.01 1.42 -68.38
CA LEU J 41 -47.30 2.65 -68.70
C LEU J 41 -46.63 3.25 -67.47
N ALA J 42 -47.29 3.22 -66.32
CA ALA J 42 -46.66 3.70 -65.10
C ALA J 42 -45.40 2.92 -64.76
N VAL J 43 -45.47 1.59 -64.84
CA VAL J 43 -44.27 0.78 -64.56
C VAL J 43 -43.18 1.05 -65.58
N GLN J 44 -43.53 1.17 -66.85
CA GLN J 44 -42.53 1.33 -67.91
C GLN J 44 -41.91 2.72 -67.89
N LEU J 45 -42.71 3.75 -67.65
CA LEU J 45 -42.25 5.12 -67.83
C LEU J 45 -41.79 5.78 -66.54
N VAL J 46 -42.24 5.31 -65.39
CA VAL J 46 -42.01 5.97 -64.10
C VAL J 46 -42.31 7.45 -64.30
N PRO J 47 -43.56 7.82 -64.57
CA PRO J 47 -43.88 9.23 -64.83
C PRO J 47 -43.64 10.08 -63.59
N ASP J 48 -43.53 11.39 -63.82
CA ASP J 48 -43.33 12.30 -62.70
C ASP J 48 -44.63 12.59 -61.96
N LEU J 49 -45.79 12.32 -62.56
CA LEU J 49 -47.07 12.44 -61.88
C LEU J 49 -48.06 11.50 -62.56
N ILE J 50 -48.96 10.91 -61.76
CA ILE J 50 -50.07 10.14 -62.28
C ILE J 50 -51.37 10.83 -61.92
N MET J 51 -52.19 11.08 -62.95
CA MET J 51 -53.59 11.46 -62.79
C MET J 51 -54.45 10.23 -63.07
N LEU J 52 -55.25 9.83 -62.10
CA LEU J 52 -55.93 8.55 -62.15
C LEU J 52 -57.42 8.70 -61.94
N LEU J 54 -61.30 7.38 -61.67
CA LEU J 54 -61.78 6.37 -60.76
C LEU J 54 -62.37 5.12 -61.47
N MET J 55 -63.20 5.33 -62.49
CA MET J 55 -64.05 4.26 -63.03
C MET J 55 -63.48 3.63 -64.30
N LEU J 56 -62.26 3.15 -64.23
CA LEU J 56 -61.65 2.52 -65.40
C LEU J 56 -62.18 1.10 -65.60
N PRO J 57 -62.33 0.66 -66.85
CA PRO J 57 -62.77 -0.72 -67.11
C PRO J 57 -61.76 -1.80 -66.78
N ARG J 58 -62.31 -2.97 -66.43
CA ARG J 58 -61.61 -4.22 -66.09
C ARG J 58 -60.87 -4.12 -64.77
N VAL J 59 -60.33 -2.94 -64.46
CA VAL J 59 -59.63 -2.72 -63.19
C VAL J 59 -60.06 -1.37 -62.64
N ASP J 60 -60.64 -1.39 -61.44
CA ASP J 60 -61.08 -0.16 -60.80
C ASP J 60 -59.88 0.71 -60.47
N GLY J 61 -60.13 2.01 -60.35
CA GLY J 61 -59.05 2.94 -60.06
C GLY J 61 -58.38 2.68 -58.73
N PHE J 62 -59.13 2.16 -57.76
CA PHE J 62 -58.56 1.84 -56.46
C PHE J 62 -57.54 0.71 -56.56
N THR J 63 -57.89 -0.37 -57.26
CA THR J 63 -56.96 -1.46 -57.44
C THR J 63 -55.70 -1.02 -58.18
N VAL J 64 -55.86 -0.16 -59.19
CA VAL J 64 -54.70 0.37 -59.90
C VAL J 64 -53.80 1.14 -58.95
N CYS J 65 -54.38 2.04 -58.17
CA CYS J 65 -53.58 2.83 -57.22
C CYS J 65 -52.89 1.94 -56.21
N GLN J 66 -53.59 0.95 -55.66
CA GLN J 66 -52.97 0.03 -54.71
C GLN J 66 -51.82 -0.74 -55.33
N ARG J 67 -51.97 -1.19 -56.58
CA ARG J 67 -50.88 -1.90 -57.22
C ARG J 67 -49.69 -0.98 -57.48
N LEU J 68 -49.93 0.27 -57.87
CA LEU J 68 -48.84 1.22 -58.02
C LEU J 68 -48.10 1.41 -56.70
N ARG J 69 -48.84 1.49 -55.59
CA ARG J 69 -48.22 1.60 -54.28
C ARG J 69 -47.48 0.33 -53.86
N ARG J 70 -47.81 -0.82 -54.45
CA ARG J 70 -47.15 -2.06 -54.11
C ARG J 70 -45.85 -2.28 -54.86
N ASP J 71 -45.64 -1.61 -55.99
CA ASP J 71 -44.41 -1.74 -56.75
C ASP J 71 -43.39 -0.72 -56.29
N GLU J 72 -42.22 -1.22 -55.90
CA GLU J 72 -41.16 -0.37 -55.37
C GLU J 72 -40.79 0.73 -56.35
N ARG J 73 -40.95 0.49 -57.64
CA ARG J 73 -40.60 1.50 -58.64
C ARG J 73 -41.62 2.62 -58.72
N THR J 74 -42.86 2.35 -58.33
CA THR J 74 -43.95 3.31 -58.44
C THR J 74 -44.52 3.76 -57.10
N ALA J 75 -44.08 3.17 -56.00
CA ALA J 75 -44.66 3.44 -54.69
C ALA J 75 -44.59 4.90 -54.31
N GLU J 76 -43.60 5.63 -54.82
CA GLU J 76 -43.42 7.03 -54.48
C GLU J 76 -44.06 7.97 -55.47
N ILE J 77 -44.57 7.48 -56.58
CA ILE J 77 -45.15 8.38 -57.59
C ILE J 77 -46.42 9.01 -57.02
N PRO J 78 -46.53 10.35 -57.03
CA PRO J 78 -47.75 11.00 -56.56
C PRO J 78 -48.96 10.62 -57.41
N VAL J 79 -50.11 10.45 -56.77
CA VAL J 79 -51.35 10.09 -57.46
C VAL J 79 -52.42 11.15 -57.18
N LEU J 80 -52.82 11.87 -58.21
CA LEU J 80 -53.98 12.76 -58.18
C LEU J 80 -55.18 11.99 -58.71
N MET J 81 -56.11 11.67 -57.84
CA MET J 81 -57.30 10.94 -58.27
C MET J 81 -58.37 11.83 -58.88
N LEU J 82 -58.87 11.43 -60.05
CA LEU J 82 -60.06 12.02 -60.65
C LEU J 82 -61.22 11.11 -60.26
N THR J 83 -62.25 11.70 -59.67
CA THR J 83 -63.34 10.96 -59.08
C THR J 83 -64.66 11.62 -59.44
N ALA J 84 -65.70 10.81 -59.64
CA ALA J 84 -66.96 11.46 -59.92
C ALA J 84 -67.61 11.96 -58.64
N LEU J 85 -66.97 11.75 -57.49
CA LEU J 85 -67.40 12.19 -56.16
C LEU J 85 -68.90 12.21 -55.93
N GLY J 86 -69.46 11.14 -55.36
CA GLY J 86 -70.88 11.18 -55.06
C GLY J 86 -71.32 10.31 -53.90
N GLN J 87 -70.48 9.38 -53.46
CA GLN J 87 -70.87 8.51 -52.36
C GLN J 87 -69.74 8.37 -51.35
N THR J 88 -70.11 8.41 -50.07
CA THR J 88 -69.12 8.32 -49.01
C THR J 88 -68.43 6.97 -49.00
N GLN J 89 -68.97 5.96 -49.68
CA GLN J 89 -68.30 4.66 -49.68
C GLN J 89 -67.10 4.67 -50.59
N ASP J 90 -67.23 5.29 -51.76
CA ASP J 90 -66.06 5.43 -52.61
C ASP J 90 -65.04 6.31 -51.91
N LYS J 91 -65.53 7.25 -51.10
CA LYS J 91 -64.67 8.08 -50.27
C LYS J 91 -63.88 7.21 -49.30
N VAL J 92 -64.58 6.29 -48.63
CA VAL J 92 -64.01 5.43 -47.59
C VAL J 92 -63.00 4.45 -48.17
N GLU J 93 -63.26 3.99 -49.39
CA GLU J 93 -62.34 3.06 -50.01
C GLU J 93 -61.12 3.79 -50.56
N GLY J 94 -61.32 5.01 -51.07
CA GLY J 94 -60.19 5.82 -51.45
C GLY J 94 -59.32 6.22 -50.27
N PHE J 95 -59.95 6.40 -49.10
CA PHE J 95 -59.20 6.66 -47.87
C PHE J 95 -58.20 5.56 -47.52
N ASN J 96 -58.22 4.43 -48.22
CA ASN J 96 -57.24 3.37 -47.99
C ASN J 96 -56.37 3.10 -49.20
N ALA J 97 -56.64 3.74 -50.32
CA ALA J 97 -55.95 3.43 -51.56
C ALA J 97 -54.56 4.02 -51.60
N GLY J 98 -54.30 5.04 -50.82
CA GLY J 98 -53.02 5.68 -50.82
C GLY J 98 -52.96 6.77 -51.85
N ALA J 99 -54.11 7.30 -52.22
CA ALA J 99 -54.15 8.44 -53.09
C ALA J 99 -53.58 9.66 -52.41
N ASP J 100 -52.95 10.50 -53.20
CA ASP J 100 -52.33 11.71 -52.70
C ASP J 100 -53.29 12.88 -52.67
N ASP J 101 -54.21 12.93 -53.63
CA ASP J 101 -55.23 13.97 -53.68
C ASP J 101 -56.43 13.48 -54.48
N TYR J 102 -57.53 14.21 -54.37
CA TYR J 102 -58.72 13.91 -55.15
C TYR J 102 -59.13 15.20 -55.83
N LEU J 103 -59.66 15.07 -57.03
CA LEU J 103 -60.22 16.21 -57.76
C LEU J 103 -61.58 15.80 -58.30
N THR J 104 -62.61 16.55 -57.95
CA THR J 104 -63.98 16.20 -58.35
C THR J 104 -64.26 16.69 -59.76
N LYS J 105 -64.82 15.81 -60.57
CA LYS J 105 -65.30 16.19 -61.89
C LYS J 105 -66.70 16.77 -61.76
N PRO J 106 -67.01 17.88 -62.46
CA PRO J 106 -66.15 18.76 -63.24
C PRO J 106 -65.19 19.61 -62.43
N PHE J 107 -63.98 19.82 -62.94
CA PHE J 107 -62.97 20.62 -62.28
C PHE J 107 -62.64 21.84 -63.12
N GLU J 108 -62.18 22.88 -62.46
CA GLU J 108 -61.61 24.02 -63.16
C GLU J 108 -60.17 23.69 -63.58
N VAL J 109 -59.81 24.10 -64.78
CA VAL J 109 -58.48 23.81 -65.30
C VAL J 109 -57.41 24.41 -64.40
N GLU J 110 -57.67 25.60 -63.88
CA GLU J 110 -56.70 26.25 -63.00
C GLU J 110 -56.47 25.45 -61.73
N GLU J 111 -57.53 24.88 -61.14
CA GLU J 111 -57.35 24.04 -59.97
C GLU J 111 -56.50 22.81 -60.29
N MET J 112 -56.80 22.14 -61.39
CA MET J 112 -55.99 21.01 -61.83
C MET J 112 -54.52 21.41 -61.92
N LEU J 113 -54.25 22.54 -62.57
CA LEU J 113 -52.86 22.97 -62.72
C LEU J 113 -52.22 23.31 -61.38
N ALA J 114 -52.99 23.86 -60.44
CA ALA J 114 -52.46 24.13 -59.12
C ALA J 114 -52.06 22.85 -58.41
N ARG J 115 -52.93 21.84 -58.44
CA ARG J 115 -52.61 20.57 -57.83
C ARG J 115 -51.40 19.93 -58.47
N VAL J 116 -51.32 19.96 -59.79
CA VAL J 116 -50.14 19.44 -60.48
C VAL J 116 -48.88 20.15 -59.98
N ARG J 117 -48.91 21.48 -59.89
CA ARG J 117 -47.75 22.20 -59.40
C ARG J 117 -47.39 21.81 -57.98
N ALA J 118 -48.37 21.69 -57.09
CA ALA J 118 -48.07 21.36 -55.70
C ALA J 118 -47.48 19.96 -55.57
N LEU J 119 -48.05 18.99 -56.28
CA LEU J 119 -47.50 17.63 -56.23
C LEU J 119 -46.08 17.60 -56.78
N LEU J 120 -45.84 18.31 -57.88
CA LEU J 120 -44.51 18.30 -58.45
C LEU J 120 -43.54 19.03 -57.53
N GLN J 121 -43.97 20.11 -56.88
CA GLN J 121 -43.06 20.78 -55.96
C GLN J 121 -42.80 19.92 -54.75
N ARG J 122 -43.63 18.90 -54.52
CA ARG J 122 -43.44 18.05 -53.35
C ARG J 122 -42.48 16.91 -53.66
N THR J 123 -42.58 16.36 -54.89
CA THR J 123 -41.68 15.28 -55.28
C THR J 123 -40.22 15.73 -55.25
N ASP J 124 -39.95 17.00 -55.51
CA ASP J 124 -38.58 17.50 -55.55
C ASP J 124 -38.15 18.05 -54.20
N SER J 133 -37.67 -0.75 -65.76
CA SER J 133 -37.22 -0.09 -66.99
C SER J 133 -37.45 -0.97 -68.21
N GLU J 134 -38.52 -1.78 -68.17
CA GLU J 134 -38.85 -2.71 -69.24
C GLU J 134 -40.09 -2.23 -69.98
N ILE J 135 -40.09 -2.41 -71.30
CA ILE J 135 -41.28 -2.13 -72.12
C ILE J 135 -42.32 -3.20 -71.82
N LEU J 136 -43.38 -2.85 -71.09
CA LEU J 136 -44.45 -3.83 -70.88
C LEU J 136 -45.66 -3.66 -71.78
N SER J 137 -45.76 -2.56 -72.52
CA SER J 137 -46.91 -2.36 -73.41
C SER J 137 -46.46 -1.65 -74.68
N TYR J 138 -46.86 -2.18 -75.83
CA TYR J 138 -46.62 -1.48 -77.09
C TYR J 138 -47.71 -1.89 -78.07
N GLY J 139 -48.41 -0.90 -78.64
CA GLY J 139 -49.45 -1.17 -79.59
C GLY J 139 -50.50 -2.13 -79.06
N PRO J 140 -50.73 -3.24 -79.76
CA PRO J 140 -51.78 -4.16 -79.33
C PRO J 140 -51.44 -5.09 -78.18
N LEU J 141 -50.23 -5.10 -77.62
CA LEU J 141 -49.91 -6.04 -76.56
C LEU J 141 -49.75 -5.20 -75.32
N THR J 142 -50.49 -5.53 -74.26
CA THR J 142 -50.02 -5.57 -72.86
C THR J 142 -49.50 -6.90 -72.35
N LEU J 143 -48.32 -6.90 -71.76
CA LEU J 143 -47.86 -8.11 -71.10
C LEU J 143 -48.32 -8.00 -69.65
N ILE J 144 -48.82 -9.09 -69.09
CA ILE J 144 -49.22 -9.09 -67.68
C ILE J 144 -48.30 -10.06 -66.95
N PRO J 145 -47.20 -9.56 -66.41
CA PRO J 145 -46.22 -10.44 -65.76
C PRO J 145 -46.81 -11.17 -64.57
N GLU J 146 -47.63 -10.48 -63.77
CA GLU J 146 -48.11 -11.06 -62.52
C GLU J 146 -49.00 -12.25 -62.76
N ARG J 147 -49.51 -12.42 -63.98
CA ARG J 147 -50.46 -13.47 -64.29
C ARG J 147 -49.97 -14.35 -65.43
N PHE J 148 -48.77 -14.08 -65.95
CA PHE J 148 -48.25 -14.73 -67.15
C PHE J 148 -49.29 -14.72 -68.25
N GLU J 149 -49.87 -13.56 -68.49
CA GLU J 149 -50.91 -13.45 -69.50
C GLU J 149 -50.54 -12.36 -70.48
N ALA J 150 -51.08 -12.43 -71.69
CA ALA J 150 -50.95 -11.31 -72.59
C ALA J 150 -52.33 -10.80 -72.95
N ILE J 151 -52.52 -9.49 -72.83
CA ILE J 151 -53.59 -8.82 -73.56
C ILE J 151 -53.08 -8.57 -74.96
N TRP J 152 -53.75 -9.18 -75.92
CA TRP J 152 -53.42 -9.05 -77.33
C TRP J 152 -54.62 -8.40 -77.98
N PHE J 153 -54.43 -7.15 -78.41
CA PHE J 153 -55.56 -6.27 -78.69
C PHE J 153 -56.48 -6.27 -77.48
N ASN J 154 -57.65 -6.89 -77.61
CA ASN J 154 -58.63 -6.97 -76.53
C ASN J 154 -58.88 -8.38 -76.03
N ARG J 155 -58.06 -9.36 -76.39
CA ARG J 155 -58.27 -10.73 -75.92
C ARG J 155 -57.17 -11.12 -74.94
N THR J 156 -57.58 -11.84 -73.89
CA THR J 156 -56.64 -12.45 -72.95
C THR J 156 -56.13 -13.79 -73.43
N VAL J 157 -54.81 -13.94 -73.44
CA VAL J 157 -54.15 -15.17 -73.85
C VAL J 157 -53.31 -15.67 -72.69
N LYS J 158 -53.59 -16.88 -72.22
CA LYS J 158 -52.73 -17.49 -71.21
C LYS J 158 -51.45 -18.02 -71.84
N LEU J 159 -50.32 -17.69 -71.23
CA LEU J 159 -49.02 -18.14 -71.70
C LEU J 159 -48.37 -19.01 -70.63
N THR J 160 -47.56 -19.99 -71.06
CA THR J 160 -46.62 -20.63 -70.14
C THR J 160 -45.48 -19.66 -69.78
N HIS J 161 -44.74 -20.03 -68.74
CA HIS J 161 -43.60 -19.21 -68.31
C HIS J 161 -42.56 -19.00 -69.40
N LEU J 162 -42.16 -20.07 -70.10
CA LEU J 162 -41.13 -19.87 -71.12
C LEU J 162 -41.68 -19.13 -72.32
N GLU J 163 -42.93 -19.41 -72.70
CA GLU J 163 -43.56 -18.66 -73.77
C GLU J 163 -43.68 -17.19 -73.40
N PHE J 164 -44.06 -16.90 -72.16
CA PHE J 164 -44.16 -15.51 -71.74
C PHE J 164 -42.80 -14.82 -71.80
N GLU J 165 -41.78 -15.44 -71.21
CA GLU J 165 -40.45 -14.83 -71.21
C GLU J 165 -39.91 -14.65 -72.61
N LEU J 166 -40.19 -15.61 -73.50
CA LEU J 166 -39.79 -15.46 -74.90
C LEU J 166 -40.48 -14.29 -75.55
N LEU J 167 -41.79 -14.18 -75.35
CA LEU J 167 -42.52 -13.06 -75.93
C LEU J 167 -42.04 -11.73 -75.39
N HIS J 168 -41.74 -11.68 -74.09
CA HIS J 168 -41.19 -10.47 -73.50
C HIS J 168 -39.83 -10.13 -74.10
N CYS J 169 -38.95 -11.12 -74.18
CA CYS J 169 -37.66 -10.91 -74.82
C CYS J 169 -37.80 -10.35 -76.23
N LEU J 170 -38.78 -10.84 -76.99
CA LEU J 170 -38.99 -10.29 -78.32
C LEU J 170 -39.56 -8.88 -78.26
N LEU J 171 -40.41 -8.62 -77.27
CA LEU J 171 -41.00 -7.30 -77.13
C LEU J 171 -39.95 -6.26 -76.78
N GLN J 172 -38.99 -6.63 -75.94
CA GLN J 172 -37.88 -5.76 -75.62
C GLN J 172 -37.13 -5.34 -76.88
N ARG J 173 -37.17 -6.15 -77.92
CA ARG J 173 -36.46 -5.86 -79.16
C ARG J 173 -37.43 -5.73 -80.33
N HIS J 174 -38.63 -5.22 -80.05
CA HIS J 174 -39.63 -4.97 -81.08
C HIS J 174 -39.05 -4.25 -82.29
N GLY J 175 -39.37 -4.77 -83.48
CA GLY J 175 -38.90 -4.24 -84.74
C GLY J 175 -37.47 -4.57 -85.11
N GLN J 176 -36.72 -5.23 -84.24
CA GLN J 176 -35.37 -5.68 -84.50
C GLN J 176 -35.35 -7.20 -84.57
N THR J 177 -34.43 -7.74 -85.35
CA THR J 177 -34.28 -9.19 -85.40
C THR J 177 -33.47 -9.66 -84.20
N VAL J 178 -34.03 -10.61 -83.45
CA VAL J 178 -33.37 -11.20 -82.30
C VAL J 178 -32.76 -12.54 -82.67
N ALA J 179 -31.47 -12.71 -82.38
CA ALA J 179 -30.78 -13.94 -82.73
C ALA J 179 -31.17 -15.06 -81.78
N PRO J 180 -31.19 -16.30 -82.27
CA PRO J 180 -31.48 -17.44 -81.36
C PRO J 180 -30.52 -17.54 -80.18
N SER J 181 -29.24 -17.25 -80.40
CA SER J 181 -28.27 -17.29 -79.31
C SER J 181 -28.59 -16.27 -78.24
N GLU J 182 -29.06 -15.09 -78.62
CA GLU J 182 -29.43 -14.11 -77.62
C GLU J 182 -30.62 -14.58 -76.81
N ILE J 183 -31.60 -15.19 -77.47
CA ILE J 183 -32.73 -15.75 -76.76
C ILE J 183 -32.29 -16.83 -75.78
N LEU J 184 -31.43 -17.75 -76.23
CA LEU J 184 -30.93 -18.79 -75.32
C LEU J 184 -30.27 -18.18 -74.09
N LYS J 185 -29.40 -17.19 -74.30
CA LYS J 185 -28.70 -16.59 -73.17
C LYS J 185 -29.64 -15.82 -72.25
N GLU J 186 -30.54 -15.02 -72.81
CA GLU J 186 -31.37 -14.15 -71.99
C GLU J 186 -32.49 -14.92 -71.30
N VAL J 187 -33.22 -15.76 -72.04
CA VAL J 187 -34.36 -16.46 -71.46
C VAL J 187 -33.91 -17.72 -70.72
N TRP J 188 -33.05 -18.50 -71.34
CA TRP J 188 -32.60 -19.76 -70.76
C TRP J 188 -31.25 -19.63 -70.07
N GLY J 189 -30.52 -18.55 -70.30
CA GLY J 189 -29.20 -18.49 -69.72
C GLY J 189 -28.26 -19.53 -70.26
N TYR J 190 -28.59 -20.12 -71.40
CA TYR J 190 -27.78 -21.20 -71.93
C TYR J 190 -26.61 -20.66 -72.73
N ASP J 191 -25.68 -21.56 -73.02
CA ASP J 191 -24.56 -21.23 -73.87
C ASP J 191 -25.07 -20.96 -75.29
N PRO J 192 -24.51 -19.96 -75.97
CA PRO J 192 -24.81 -19.75 -77.38
C PRO J 192 -24.81 -21.01 -78.23
N ASP J 193 -24.04 -22.02 -77.85
CA ASP J 193 -23.91 -23.20 -78.69
C ASP J 193 -24.91 -24.30 -78.36
N ASP J 194 -25.81 -24.10 -77.40
CA ASP J 194 -26.77 -25.17 -77.16
C ASP J 194 -27.78 -25.22 -78.30
N ASP J 195 -28.52 -26.32 -78.37
CA ASP J 195 -29.45 -26.53 -79.46
C ASP J 195 -30.53 -25.45 -79.46
N ILE J 196 -30.58 -24.65 -80.52
CA ILE J 196 -31.59 -23.61 -80.64
C ILE J 196 -32.93 -24.15 -81.10
N GLU J 197 -32.98 -25.42 -81.50
CA GLU J 197 -34.20 -25.99 -82.05
C GLU J 197 -35.35 -25.92 -81.07
N THR J 198 -35.06 -26.04 -79.78
CA THR J 198 -36.11 -25.92 -78.76
C THR J 198 -36.84 -24.59 -78.87
N ILE J 199 -36.09 -23.51 -79.09
CA ILE J 199 -36.71 -22.20 -79.26
C ILE J 199 -37.68 -22.22 -80.41
N ARG J 200 -37.29 -22.83 -81.52
CA ARG J 200 -38.14 -22.86 -82.70
C ARG J 200 -39.49 -23.47 -82.37
N VAL J 201 -39.53 -24.47 -81.48
CA VAL J 201 -40.82 -25.05 -81.11
C VAL J 201 -41.67 -24.01 -80.41
N HIS J 202 -41.13 -23.38 -79.38
CA HIS J 202 -41.95 -22.49 -78.55
C HIS J 202 -42.41 -21.25 -79.31
N ILE J 203 -41.61 -20.76 -80.25
CA ILE J 203 -42.04 -19.66 -81.11
C ILE J 203 -43.35 -19.99 -81.82
N ARG J 204 -43.50 -21.21 -82.31
CA ARG J 204 -44.75 -21.49 -83.01
C ARG J 204 -45.94 -21.43 -82.08
N HIS J 205 -45.77 -21.87 -80.83
CA HIS J 205 -46.87 -21.74 -79.90
C HIS J 205 -47.31 -20.28 -79.78
N LEU J 206 -46.36 -19.35 -79.65
CA LEU J 206 -46.78 -17.95 -79.63
C LEU J 206 -47.59 -17.61 -80.88
N ARG J 207 -47.11 -18.04 -82.05
CA ARG J 207 -47.90 -17.80 -83.26
C ARG J 207 -49.25 -18.48 -83.16
N THR J 208 -49.28 -19.71 -82.63
CA THR J 208 -50.56 -20.38 -82.49
C THR J 208 -51.50 -19.59 -81.61
N LYS J 209 -50.96 -18.92 -80.60
CA LYS J 209 -51.81 -18.12 -79.73
C LYS J 209 -52.07 -16.75 -80.31
N LEU J 210 -51.14 -16.21 -81.08
CA LEU J 210 -51.26 -14.81 -81.43
C LEU J 210 -51.56 -14.54 -82.89
N GLU J 211 -51.08 -15.37 -83.79
CA GLU J 211 -51.37 -15.01 -85.16
C GLU J 211 -52.79 -15.42 -85.57
N PRO J 212 -53.43 -14.63 -86.42
CA PRO J 212 -54.67 -15.09 -87.07
C PRO J 212 -54.49 -16.33 -87.92
N ASP J 213 -53.39 -16.40 -88.66
CA ASP J 213 -53.05 -17.60 -89.42
C ASP J 213 -51.64 -18.06 -89.08
N PRO J 214 -51.49 -19.15 -88.33
CA PRO J 214 -50.15 -19.61 -87.97
C PRO J 214 -49.29 -20.00 -89.15
N ARG J 215 -49.88 -20.32 -90.29
CA ARG J 215 -49.09 -20.67 -91.46
C ARG J 215 -48.58 -19.46 -92.20
N HIS J 216 -49.24 -18.31 -92.05
CA HIS J 216 -48.77 -17.08 -92.68
C HIS J 216 -48.63 -16.01 -91.62
N PRO J 217 -47.66 -16.16 -90.71
CA PRO J 217 -47.56 -15.26 -89.55
C PRO J 217 -47.23 -13.84 -89.99
N ARG J 218 -48.01 -12.89 -89.49
CA ARG J 218 -47.85 -11.48 -89.84
C ARG J 218 -46.97 -10.74 -88.85
N TYR J 219 -47.05 -11.06 -87.56
CA TYR J 219 -46.43 -10.31 -86.47
C TYR J 219 -45.15 -10.96 -85.98
N ILE J 220 -45.13 -12.27 -85.82
CA ILE J 220 -43.93 -12.99 -85.39
C ILE J 220 -43.27 -13.45 -86.69
N LYS J 221 -42.41 -12.61 -87.24
CA LYS J 221 -41.77 -12.89 -88.52
C LYS J 221 -40.49 -13.66 -88.31
N THR J 222 -40.16 -14.53 -89.26
CA THR J 222 -38.87 -15.16 -89.33
C THR J 222 -37.96 -14.41 -90.29
N VAL J 223 -36.80 -13.99 -89.80
CA VAL J 223 -35.76 -13.38 -90.63
C VAL J 223 -34.77 -14.49 -90.93
N TYR J 224 -34.86 -15.05 -92.13
CA TYR J 224 -34.11 -16.24 -92.50
C TYR J 224 -32.62 -16.01 -92.26
N GLY J 225 -32.02 -16.91 -91.50
CA GLY J 225 -30.62 -16.82 -91.14
C GLY J 225 -30.31 -15.89 -89.99
N ALA J 226 -31.29 -15.17 -89.48
CA ALA J 226 -31.06 -14.21 -88.41
C ALA J 226 -31.90 -14.46 -87.16
N GLY J 227 -33.14 -14.90 -87.29
CA GLY J 227 -33.92 -15.20 -86.10
C GLY J 227 -35.37 -14.80 -86.20
N TYR J 228 -35.90 -14.16 -85.17
CA TYR J 228 -37.30 -13.82 -85.12
C TYR J 228 -37.45 -12.34 -84.83
N CYS J 229 -38.52 -11.75 -85.36
CA CYS J 229 -38.77 -10.34 -85.14
C CYS J 229 -40.24 -10.18 -84.82
N LEU J 230 -40.53 -9.43 -83.77
CA LEU J 230 -41.90 -9.03 -83.47
C LEU J 230 -42.11 -7.64 -84.04
N GLU J 231 -42.94 -7.56 -85.07
CA GLU J 231 -43.28 -6.30 -85.71
C GLU J 231 -44.73 -6.01 -85.35
N LEU J 232 -44.94 -4.95 -84.61
CA LEU J 232 -46.27 -4.57 -84.20
C LEU J 232 -46.68 -3.29 -84.90
N PRO J 233 -47.94 -3.20 -85.32
CA PRO J 233 -48.45 -1.97 -85.88
C PRO J 233 -48.50 -0.86 -84.85
N ALA J 234 -48.27 0.37 -85.31
CA ALA J 234 -48.45 1.51 -84.43
C ALA J 234 -49.92 1.63 -84.02
N GLU J 235 -50.14 2.25 -82.87
CA GLU J 235 -51.48 2.40 -82.31
C GLU J 235 -52.46 3.01 -83.31
N THR J 236 -51.96 3.85 -84.22
CA THR J 236 -52.82 4.49 -85.21
C THR J 236 -53.45 3.50 -86.18
N GLU J 237 -52.94 2.27 -86.29
CA GLU J 237 -53.43 1.32 -87.27
C GLU J 237 -54.26 0.20 -86.65
N LEU J 238 -54.47 0.24 -85.33
CA LEU J 238 -55.11 -0.88 -84.61
C LEU J 238 -56.49 -1.18 -85.16
N HIS J 239 -57.21 -0.15 -85.62
CA HIS J 239 -58.58 -0.31 -86.08
C HIS J 239 -58.67 -1.18 -87.33
N GLN J 240 -57.56 -1.37 -88.03
CA GLN J 240 -57.53 -2.17 -89.24
C GLN J 240 -57.18 -3.63 -88.97
N HIS J 241 -56.74 -3.95 -87.76
CA HIS J 241 -56.24 -5.28 -87.42
C HIS J 241 -57.15 -6.05 -86.46
N ALA J 242 -57.99 -5.35 -85.69
CA ALA J 242 -58.86 -6.04 -84.73
C ALA J 242 -59.84 -6.97 -85.42
N ASP J 243 -60.30 -6.61 -86.62
CA ASP J 243 -61.28 -7.45 -87.30
C ASP J 243 -60.68 -8.74 -87.79
N GLN J 244 -59.37 -8.90 -87.64
CA GLN J 244 -58.62 -10.04 -88.15
C GLN J 244 -58.56 -11.16 -87.11
N MET K 1 -43.65 10.02 -31.77
CA MET K 1 -44.39 11.09 -31.11
C MET K 1 -45.69 11.40 -31.84
N LYS K 2 -46.58 12.10 -31.15
CA LYS K 2 -47.78 12.62 -31.80
C LYS K 2 -47.41 13.76 -32.73
N PRO K 3 -47.89 13.75 -33.97
CA PRO K 3 -47.66 14.89 -34.88
C PRO K 3 -48.21 16.18 -34.30
N ARG K 4 -47.45 17.26 -34.43
CA ARG K 4 -47.84 18.56 -33.92
C ARG K 4 -48.51 19.37 -35.02
N ILE K 5 -49.73 19.85 -34.77
CA ILE K 5 -50.45 20.67 -35.73
C ILE K 5 -50.70 22.05 -35.13
N LEU K 6 -50.31 23.08 -35.85
CA LEU K 6 -50.64 24.46 -35.51
C LEU K 6 -51.82 24.91 -36.35
N VAL K 7 -52.93 25.24 -35.71
CA VAL K 7 -54.11 25.77 -36.38
C VAL K 7 -54.15 27.26 -36.13
N ILE K 8 -54.23 28.04 -37.20
CA ILE K 8 -54.26 29.50 -37.10
C ILE K 8 -55.53 29.99 -37.75
N ASP K 9 -56.47 30.46 -36.93
CA ASP K 9 -57.77 30.92 -37.40
C ASP K 9 -58.34 31.88 -36.37
N ASP K 10 -58.89 32.99 -36.84
CA ASP K 10 -59.50 33.98 -35.97
C ASP K 10 -60.92 33.64 -35.53
N ASP K 11 -61.59 32.68 -36.17
CA ASP K 11 -62.89 32.21 -35.69
C ASP K 11 -62.69 31.23 -34.54
N SER K 12 -62.90 31.70 -33.30
CA SER K 12 -62.78 30.83 -32.14
C SER K 12 -63.69 29.60 -32.22
N ALA K 13 -64.84 29.72 -32.87
CA ALA K 13 -65.71 28.55 -32.95
C ALA K 13 -65.17 27.54 -33.96
N ILE K 14 -64.72 28.02 -35.11
CA ILE K 14 -64.07 27.13 -36.08
C ILE K 14 -62.78 26.59 -35.51
N LEU K 15 -61.98 27.47 -34.91
CA LEU K 15 -60.74 27.05 -34.29
C LEU K 15 -60.97 25.97 -33.26
N GLU K 16 -62.01 26.12 -32.46
CA GLU K 16 -62.32 25.12 -31.44
C GLU K 16 -62.80 23.82 -32.07
N LEU K 17 -63.68 23.91 -33.07
CA LEU K 17 -64.13 22.71 -33.77
C LEU K 17 -62.97 21.91 -34.34
N VAL K 18 -62.07 22.60 -35.03
CA VAL K 18 -60.91 21.95 -35.64
C VAL K 18 -60.03 21.34 -34.56
N ALA K 19 -59.76 22.10 -33.50
CA ALA K 19 -58.89 21.61 -32.45
C ALA K 19 -59.45 20.36 -31.82
N VAL K 20 -60.75 20.38 -31.49
CA VAL K 20 -61.39 19.22 -30.89
C VAL K 20 -61.28 18.02 -31.81
N ASN K 21 -61.56 18.22 -33.10
CA ASN K 21 -61.53 17.10 -34.03
C ASN K 21 -60.12 16.54 -34.22
N LEU K 22 -59.11 17.41 -34.24
CA LEU K 22 -57.74 16.95 -34.35
C LEU K 22 -57.26 16.22 -33.09
N GLU K 23 -57.59 16.76 -31.91
CA GLU K 23 -57.22 16.09 -30.68
C GLU K 23 -57.87 14.73 -30.57
N MET K 24 -59.14 14.63 -30.95
CA MET K 24 -59.79 13.32 -31.00
C MET K 24 -59.06 12.39 -31.95
N SER K 25 -58.44 12.92 -32.99
CA SER K 25 -57.61 12.14 -33.89
C SER K 25 -56.21 11.88 -33.37
N GLY K 26 -55.85 12.38 -32.19
CA GLY K 26 -54.60 12.05 -31.56
C GLY K 26 -53.46 13.01 -31.80
N TYR K 27 -53.73 14.17 -32.37
CA TYR K 27 -52.72 15.19 -32.65
C TYR K 27 -52.50 16.11 -31.46
N ASP K 28 -51.32 16.72 -31.42
CA ASP K 28 -51.03 17.81 -30.50
C ASP K 28 -51.41 19.11 -31.18
N VAL K 29 -52.45 19.74 -30.70
CA VAL K 29 -52.99 20.93 -31.34
C VAL K 29 -52.52 22.17 -30.62
N ARG K 30 -52.09 23.15 -31.39
CA ARG K 30 -51.81 24.49 -30.92
C ARG K 30 -52.72 25.43 -31.67
N LYS K 31 -53.19 26.46 -31.00
CA LYS K 31 -54.18 27.35 -31.58
C LYS K 31 -53.59 28.73 -31.58
N ALA K 32 -53.86 29.49 -32.66
CA ALA K 32 -53.46 30.89 -32.69
C ALA K 32 -54.55 31.75 -33.30
N GLU K 33 -54.82 32.87 -32.66
CA GLU K 33 -55.87 33.76 -33.09
C GLU K 33 -55.40 34.86 -34.03
N ASP K 34 -54.12 34.89 -34.40
CA ASP K 34 -53.67 35.93 -35.33
C ASP K 34 -52.38 35.53 -36.01
N GLY K 35 -52.16 36.15 -37.17
CA GLY K 35 -51.01 35.80 -37.98
C GLY K 35 -49.68 36.10 -37.33
N ILE K 36 -49.61 37.13 -36.49
CA ILE K 36 -48.36 37.47 -35.85
C ILE K 36 -48.00 36.44 -34.80
N LYS K 37 -48.95 36.13 -33.92
CA LYS K 37 -48.74 35.07 -32.94
C LYS K 37 -48.56 33.73 -33.61
N GLY K 38 -49.35 33.47 -34.66
CA GLY K 38 -49.18 32.23 -35.41
C GLY K 38 -47.79 32.05 -35.99
N GLN K 39 -47.27 33.08 -36.66
CA GLN K 39 -45.92 32.99 -37.21
C GLN K 39 -44.88 32.78 -36.12
N ALA K 40 -44.98 33.53 -35.02
CA ALA K 40 -44.02 33.35 -33.93
C ALA K 40 -44.10 31.96 -33.34
N LEU K 41 -45.30 31.43 -33.15
CA LEU K 41 -45.49 30.08 -32.63
C LEU K 41 -44.96 29.04 -33.60
N ALA K 42 -45.20 29.23 -34.89
CA ALA K 42 -44.65 28.32 -35.88
C ALA K 42 -43.13 28.27 -35.79
N VAL K 43 -42.51 29.45 -35.68
CA VAL K 43 -41.06 29.53 -35.56
C VAL K 43 -40.58 28.85 -34.28
N GLN K 44 -41.31 29.05 -33.19
CA GLN K 44 -40.90 28.54 -31.89
C GLN K 44 -41.09 27.02 -31.78
N LEU K 45 -42.19 26.49 -32.33
CA LEU K 45 -42.60 25.12 -32.10
C LEU K 45 -42.18 24.16 -33.20
N VAL K 46 -41.93 24.66 -34.40
CA VAL K 46 -41.69 23.86 -35.59
C VAL K 46 -42.78 22.79 -35.66
N PRO K 47 -44.04 23.18 -35.82
CA PRO K 47 -45.12 22.18 -35.85
C PRO K 47 -45.01 21.29 -37.07
N ASP K 48 -45.66 20.12 -37.01
CA ASP K 48 -45.64 19.22 -38.16
C ASP K 48 -46.61 19.62 -39.26
N LEU K 49 -47.61 20.45 -38.98
CA LEU K 49 -48.50 20.97 -40.02
C LEU K 49 -49.08 22.29 -39.58
N ILE K 50 -49.28 23.19 -40.54
CA ILE K 50 -50.01 24.43 -40.29
C ILE K 50 -51.28 24.41 -41.10
N MET K 51 -52.40 24.64 -40.42
CA MET K 51 -53.68 24.96 -41.04
C MET K 51 -53.91 26.44 -40.87
N LEU K 52 -54.07 27.15 -41.97
CA LEU K 52 -54.04 28.60 -41.91
C LEU K 52 -55.27 29.23 -42.52
N LEU K 54 -57.62 32.57 -43.72
CA LEU K 54 -57.32 33.53 -44.77
C LEU K 54 -57.49 34.94 -44.20
N MET K 55 -58.57 35.19 -43.46
CA MET K 55 -59.00 36.55 -43.13
C MET K 55 -58.58 36.98 -41.72
N LEU K 56 -57.30 36.89 -41.43
CA LEU K 56 -56.78 37.32 -40.15
C LEU K 56 -56.65 38.84 -40.15
N PRO K 57 -56.87 39.49 -39.01
CA PRO K 57 -56.67 40.95 -38.95
C PRO K 57 -55.21 41.39 -39.04
N ARG K 58 -55.04 42.60 -39.61
CA ARG K 58 -53.77 43.31 -39.78
C ARG K 58 -52.83 42.68 -40.81
N VAL K 59 -52.84 41.36 -40.90
CA VAL K 59 -51.98 40.62 -41.83
C VAL K 59 -52.80 39.51 -42.48
N ASP K 60 -52.89 39.56 -43.80
CA ASP K 60 -53.60 38.54 -44.56
C ASP K 60 -52.90 37.19 -44.46
N GLY K 61 -53.68 36.13 -44.69
CA GLY K 61 -53.14 34.78 -44.61
C GLY K 61 -52.06 34.49 -45.63
N PHE K 62 -52.14 35.15 -46.79
CA PHE K 62 -51.14 34.98 -47.84
C PHE K 62 -49.78 35.50 -47.40
N THR K 63 -49.76 36.68 -46.79
CA THR K 63 -48.50 37.22 -46.29
C THR K 63 -47.92 36.28 -45.24
N VAL K 64 -48.78 35.71 -44.39
CA VAL K 64 -48.33 34.74 -43.40
C VAL K 64 -47.68 33.54 -44.06
N CYS K 65 -48.35 32.96 -45.05
CA CYS K 65 -47.79 31.81 -45.75
C CYS K 65 -46.46 32.14 -46.41
N GLN K 66 -46.38 33.29 -47.08
CA GLN K 66 -45.13 33.73 -47.69
C GLN K 66 -44.01 33.88 -46.67
N ARG K 67 -44.33 34.43 -45.50
CA ARG K 67 -43.31 34.58 -44.47
C ARG K 67 -42.87 33.23 -43.93
N LEU K 68 -43.80 32.29 -43.74
CA LEU K 68 -43.40 30.94 -43.35
C LEU K 68 -42.48 30.32 -44.38
N ARG K 69 -42.77 30.53 -45.66
CA ARG K 69 -41.90 30.02 -46.71
C ARG K 69 -40.56 30.75 -46.79
N ARG K 70 -40.47 31.98 -46.28
CA ARG K 70 -39.20 32.71 -46.34
C ARG K 70 -38.27 32.39 -45.18
N ASP K 71 -38.78 31.86 -44.08
CA ASP K 71 -37.94 31.50 -42.95
C ASP K 71 -37.49 30.06 -43.14
N GLU K 72 -36.17 29.85 -43.15
CA GLU K 72 -35.62 28.53 -43.39
C GLU K 72 -36.20 27.51 -42.42
N ARG K 73 -36.57 27.94 -41.22
CA ARG K 73 -37.13 27.05 -40.23
C ARG K 73 -38.56 26.66 -40.56
N THR K 74 -39.28 27.48 -41.33
CA THR K 74 -40.67 27.24 -41.67
C THR K 74 -40.86 27.03 -43.16
N ALA K 75 -39.82 27.23 -43.97
CA ALA K 75 -39.98 27.16 -45.41
C ALA K 75 -40.48 25.80 -45.85
N GLU K 76 -40.15 24.75 -45.09
CA GLU K 76 -40.54 23.40 -45.46
C GLU K 76 -41.82 22.93 -44.78
N ILE K 77 -42.35 23.67 -43.81
CA ILE K 77 -43.56 23.21 -43.12
C ILE K 77 -44.74 23.25 -44.08
N PRO K 78 -45.46 22.14 -44.27
CA PRO K 78 -46.63 22.17 -45.15
C PRO K 78 -47.70 23.13 -44.64
N VAL K 79 -48.35 23.84 -45.56
CA VAL K 79 -49.39 24.79 -45.22
C VAL K 79 -50.68 24.38 -45.92
N LEU K 80 -51.68 23.97 -45.15
CA LEU K 80 -53.04 23.74 -45.63
C LEU K 80 -53.85 25.01 -45.39
N MET K 81 -54.18 25.71 -46.47
CA MET K 81 -54.97 26.94 -46.35
C MET K 81 -56.46 26.67 -46.24
N LEU K 82 -57.10 27.31 -45.26
CA LEU K 82 -58.54 27.37 -45.18
C LEU K 82 -58.95 28.69 -45.82
N THR K 83 -59.87 28.62 -46.77
CA THR K 83 -60.22 29.75 -47.60
C THR K 83 -61.73 29.84 -47.73
N ALA K 84 -62.24 31.07 -47.77
CA ALA K 84 -63.68 31.22 -47.95
C ALA K 84 -64.10 31.08 -49.40
N LEU K 85 -63.15 30.84 -50.32
CA LEU K 85 -63.39 30.66 -51.76
C LEU K 85 -64.52 31.50 -52.33
N GLY K 86 -64.23 32.68 -52.84
CA GLY K 86 -65.29 33.45 -53.46
C GLY K 86 -64.85 34.39 -54.55
N GLN K 87 -63.55 34.66 -54.64
CA GLN K 87 -63.05 35.59 -55.62
C GLN K 87 -61.81 35.03 -56.32
N THR K 88 -61.76 35.23 -57.64
CA THR K 88 -60.63 34.72 -58.41
C THR K 88 -59.35 35.38 -58.00
N GLN K 89 -59.43 36.51 -57.28
CA GLN K 89 -58.24 37.21 -56.85
C GLN K 89 -57.62 36.50 -55.65
N ASP K 90 -58.44 36.04 -54.71
CA ASP K 90 -57.86 35.27 -53.61
C ASP K 90 -57.27 33.97 -54.16
N LYS K 91 -57.87 33.44 -55.22
CA LYS K 91 -57.30 32.26 -55.88
C LYS K 91 -55.93 32.58 -56.44
N VAL K 92 -55.82 33.71 -57.14
CA VAL K 92 -54.57 34.10 -57.80
C VAL K 92 -53.49 34.40 -56.77
N GLU K 93 -53.88 34.94 -55.62
CA GLU K 93 -52.88 35.23 -54.60
C GLU K 93 -52.48 33.97 -53.86
N GLY K 94 -53.40 33.03 -53.65
CA GLY K 94 -53.01 31.75 -53.11
C GLY K 94 -52.10 31.00 -54.05
N PHE K 95 -52.32 31.16 -55.37
CA PHE K 95 -51.41 30.62 -56.36
C PHE K 95 -50.00 31.17 -56.23
N ASN K 96 -49.79 32.20 -55.41
CA ASN K 96 -48.47 32.75 -55.15
C ASN K 96 -48.07 32.64 -53.69
N ALA K 97 -48.98 32.18 -52.83
CA ALA K 97 -48.74 32.16 -51.40
C ALA K 97 -47.86 31.00 -50.99
N GLY K 98 -47.81 29.94 -51.79
CA GLY K 98 -47.02 28.80 -51.47
C GLY K 98 -47.81 27.82 -50.65
N ALA K 99 -49.13 27.86 -50.76
CA ALA K 99 -49.95 26.88 -50.10
C ALA K 99 -49.75 25.51 -50.71
N ASP K 100 -49.85 24.50 -49.85
CA ASP K 100 -49.68 23.11 -50.22
C ASP K 100 -50.98 22.47 -50.66
N ASP K 101 -52.09 22.91 -50.07
CA ASP K 101 -53.42 22.43 -50.42
C ASP K 101 -54.43 23.50 -50.08
N TYR K 102 -55.65 23.32 -50.57
CA TYR K 102 -56.71 24.26 -50.27
C TYR K 102 -57.87 23.41 -49.74
N LEU K 103 -58.61 23.94 -48.78
CA LEU K 103 -59.82 23.30 -48.30
C LEU K 103 -60.95 24.32 -48.20
N THR K 104 -62.06 24.06 -48.87
CA THR K 104 -63.15 25.03 -48.88
C THR K 104 -63.99 24.89 -47.63
N LYS K 105 -64.25 26.02 -46.97
CA LYS K 105 -65.17 26.17 -45.85
C LYS K 105 -66.58 26.37 -46.40
N PRO K 106 -67.61 25.73 -45.82
CA PRO K 106 -67.58 24.70 -44.78
C PRO K 106 -67.05 23.39 -45.30
N PHE K 107 -66.30 22.69 -44.47
CA PHE K 107 -65.71 21.41 -44.83
C PHE K 107 -66.25 20.29 -43.96
N GLU K 108 -66.23 19.09 -44.51
CA GLU K 108 -66.49 17.89 -43.74
C GLU K 108 -65.28 17.50 -42.92
N VAL K 109 -65.52 17.08 -41.69
CA VAL K 109 -64.43 16.70 -40.81
C VAL K 109 -63.62 15.57 -41.40
N GLU K 110 -64.29 14.62 -42.06
CA GLU K 110 -63.58 13.50 -42.66
C GLU K 110 -62.65 13.96 -43.79
N GLU K 111 -63.09 14.92 -44.61
CA GLU K 111 -62.22 15.45 -45.66
C GLU K 111 -60.99 16.12 -45.04
N MET K 112 -61.20 16.97 -44.04
CA MET K 112 -60.09 17.59 -43.33
C MET K 112 -59.10 16.54 -42.83
N LEU K 113 -59.60 15.49 -42.18
CA LEU K 113 -58.72 14.47 -41.65
C LEU K 113 -58.01 13.70 -42.75
N ALA K 114 -58.66 13.51 -43.89
CA ALA K 114 -58.00 12.86 -45.02
C ALA K 114 -56.83 13.69 -45.52
N ARG K 115 -57.04 15.00 -45.67
CA ARG K 115 -55.95 15.87 -46.10
C ARG K 115 -54.81 15.86 -45.10
N VAL K 116 -55.13 15.93 -43.80
CA VAL K 116 -54.10 15.85 -42.78
C VAL K 116 -53.30 14.55 -42.90
N ARG K 117 -54.00 13.42 -43.06
CA ARG K 117 -53.31 12.14 -43.20
C ARG K 117 -52.40 12.11 -44.43
N ALA K 118 -52.89 12.62 -45.56
CA ALA K 118 -52.07 12.59 -46.77
C ALA K 118 -50.81 13.46 -46.62
N LEU K 119 -50.97 14.63 -46.02
CA LEU K 119 -49.81 15.48 -45.80
C LEU K 119 -48.82 14.80 -44.87
N LEU K 120 -49.31 14.15 -43.82
CA LEU K 120 -48.37 13.50 -42.91
C LEU K 120 -47.71 12.31 -43.60
N GLN K 121 -48.44 11.58 -44.45
CA GLN K 121 -47.77 10.50 -45.14
C GLN K 121 -46.74 11.04 -46.10
N ARG K 122 -46.84 12.33 -46.44
CA ARG K 122 -45.87 12.90 -47.37
C ARG K 122 -44.63 13.35 -46.62
N THR K 123 -44.82 13.94 -45.43
CA THR K 123 -43.68 14.35 -44.62
C THR K 123 -42.84 13.15 -44.21
N ASP K 124 -43.47 11.98 -44.08
CA ASP K 124 -42.80 10.77 -43.66
C ASP K 124 -42.30 9.98 -44.87
N GLU K 134 -55.68 -2.24 -45.01
CA GLU K 134 -55.90 -3.56 -45.59
C GLU K 134 -57.24 -3.68 -46.30
N ILE K 135 -57.24 -4.41 -47.41
CA ILE K 135 -58.47 -4.71 -48.12
C ILE K 135 -59.30 -5.69 -47.30
N LEU K 136 -60.38 -5.22 -46.67
CA LEU K 136 -61.27 -6.18 -45.99
C LEU K 136 -62.52 -6.51 -46.81
N SER K 137 -62.80 -5.78 -47.88
CA SER K 137 -63.97 -6.02 -48.71
C SER K 137 -63.67 -5.76 -50.18
N TYR K 138 -64.03 -6.68 -51.06
CA TYR K 138 -63.95 -6.44 -52.50
C TYR K 138 -65.00 -7.27 -53.22
N GLY K 139 -65.86 -6.62 -54.01
CA GLY K 139 -66.89 -7.29 -54.76
C GLY K 139 -67.79 -8.15 -53.90
N PRO K 140 -67.53 -9.44 -53.88
CA PRO K 140 -68.51 -10.38 -53.33
C PRO K 140 -67.98 -10.97 -52.05
N LEU K 141 -66.74 -10.60 -51.73
CA LEU K 141 -66.04 -11.14 -50.59
C LEU K 141 -65.91 -10.01 -49.57
N THR K 142 -66.36 -10.26 -48.36
CA THR K 142 -66.09 -9.37 -47.23
C THR K 142 -65.48 -10.19 -46.11
N LEU K 143 -64.35 -9.73 -45.58
CA LEU K 143 -63.75 -10.42 -44.46
C LEU K 143 -64.23 -9.85 -43.13
N ILE K 144 -64.53 -10.77 -42.20
CA ILE K 144 -64.93 -10.43 -40.84
C ILE K 144 -63.85 -10.98 -39.91
N PRO K 145 -62.84 -10.17 -39.59
CA PRO K 145 -61.74 -10.64 -38.76
C PRO K 145 -62.16 -11.11 -37.38
N GLU K 146 -63.08 -10.39 -36.76
CA GLU K 146 -63.41 -10.64 -35.36
C GLU K 146 -64.03 -12.01 -35.15
N ARG K 147 -64.51 -12.63 -36.22
CA ARG K 147 -65.20 -13.89 -36.12
C ARG K 147 -64.55 -14.94 -37.01
N PHE K 148 -63.45 -14.57 -37.66
CA PHE K 148 -62.80 -15.40 -38.68
C PHE K 148 -63.80 -15.92 -39.69
N GLU K 149 -64.61 -15.01 -40.22
CA GLU K 149 -65.65 -15.39 -41.15
C GLU K 149 -65.52 -14.61 -42.45
N ALA K 150 -66.03 -15.19 -43.53
CA ALA K 150 -66.16 -14.49 -44.80
C ALA K 150 -67.61 -14.41 -45.21
N ILE K 151 -68.04 -13.23 -45.63
CA ILE K 151 -69.22 -13.09 -46.45
C ILE K 151 -68.81 -13.42 -47.87
N TRP K 152 -69.38 -14.49 -48.42
CA TRP K 152 -69.10 -14.96 -49.77
C TRP K 152 -70.41 -14.86 -50.53
N PHE K 153 -70.47 -13.91 -51.46
CA PHE K 153 -71.73 -13.45 -52.01
C PHE K 153 -72.68 -13.09 -50.88
N ASN K 154 -73.73 -13.88 -50.70
CA ASN K 154 -74.71 -13.66 -49.64
C ASN K 154 -74.73 -14.76 -48.61
N ARG K 155 -73.75 -15.65 -48.59
CA ARG K 155 -73.68 -16.72 -47.60
C ARG K 155 -72.51 -16.44 -46.65
N THR K 156 -72.72 -16.71 -45.37
CA THR K 156 -71.64 -16.66 -44.40
C THR K 156 -70.88 -17.98 -44.35
N VAL K 157 -69.56 -17.90 -44.47
CA VAL K 157 -68.67 -19.05 -44.45
C VAL K 157 -67.71 -18.92 -43.29
N LYS K 158 -67.74 -19.90 -42.39
CA LYS K 158 -66.78 -19.99 -41.30
C LYS K 158 -65.44 -20.53 -41.81
N LEU K 159 -64.36 -19.86 -41.43
CA LEU K 159 -63.01 -20.27 -41.82
C LEU K 159 -62.22 -20.67 -40.58
N THR K 160 -61.29 -21.60 -40.76
CA THR K 160 -60.26 -21.78 -39.75
C THR K 160 -59.31 -20.58 -39.75
N HIS K 161 -58.53 -20.48 -38.68
CA HIS K 161 -57.55 -19.39 -38.58
C HIS K 161 -56.59 -19.38 -39.78
N LEU K 162 -56.04 -20.55 -40.13
CA LEU K 162 -55.10 -20.58 -41.25
C LEU K 162 -55.82 -20.41 -42.58
N GLU K 163 -57.01 -21.01 -42.73
CA GLU K 163 -57.76 -20.80 -43.95
C GLU K 163 -58.11 -19.33 -44.15
N PHE K 164 -58.52 -18.67 -43.06
CA PHE K 164 -58.83 -17.25 -43.14
C PHE K 164 -57.60 -16.44 -43.51
N GLU K 165 -56.49 -16.68 -42.82
CA GLU K 165 -55.28 -15.92 -43.10
C GLU K 165 -54.79 -16.14 -44.52
N LEU K 166 -54.93 -17.36 -45.03
CA LEU K 166 -54.56 -17.62 -46.42
C LEU K 166 -55.46 -16.84 -47.38
N LEU K 167 -56.77 -16.88 -47.15
CA LEU K 167 -57.67 -16.14 -48.02
C LEU K 167 -57.41 -14.65 -47.95
N HIS K 168 -57.10 -14.14 -46.76
CA HIS K 168 -56.75 -12.73 -46.61
C HIS K 168 -55.47 -12.39 -47.37
N CYS K 169 -54.43 -13.21 -47.22
CA CYS K 169 -53.20 -13.01 -47.97
C CYS K 169 -53.47 -12.96 -49.47
N LEU K 170 -54.35 -13.84 -49.96
CA LEU K 170 -54.66 -13.80 -51.39
C LEU K 170 -55.48 -12.56 -51.75
N LEU K 171 -56.37 -12.15 -50.86
CA LEU K 171 -57.19 -10.97 -51.12
C LEU K 171 -56.34 -9.71 -51.16
N GLN K 172 -55.35 -9.61 -50.28
CA GLN K 172 -54.42 -8.48 -50.31
C GLN K 172 -53.75 -8.33 -51.67
N ARG K 173 -53.59 -9.43 -52.41
CA ARG K 173 -52.94 -9.40 -53.73
C ARG K 173 -53.93 -9.87 -54.79
N HIS K 174 -55.19 -9.55 -54.57
CA HIS K 174 -56.27 -9.88 -55.50
C HIS K 174 -55.90 -9.57 -56.95
N GLY K 175 -56.16 -10.54 -57.82
CA GLY K 175 -55.83 -10.45 -59.23
C GLY K 175 -54.38 -10.69 -59.58
N GLN K 176 -53.51 -10.88 -58.61
CA GLN K 176 -52.11 -11.20 -58.83
C GLN K 176 -51.82 -12.63 -58.37
N THR K 177 -50.84 -13.27 -59.01
CA THR K 177 -50.42 -14.58 -58.57
C THR K 177 -49.46 -14.43 -57.40
N VAL K 178 -49.77 -15.10 -56.29
CA VAL K 178 -48.93 -15.12 -55.10
C VAL K 178 -48.15 -16.43 -55.06
N ALA K 179 -46.84 -16.32 -54.90
CA ALA K 179 -45.99 -17.51 -54.91
C ALA K 179 -46.16 -18.28 -53.60
N PRO K 180 -46.02 -19.61 -53.64
CA PRO K 180 -46.10 -20.38 -52.39
C PRO K 180 -45.13 -19.90 -51.34
N SER K 181 -43.92 -19.51 -51.74
CA SER K 181 -42.96 -18.99 -50.76
C SER K 181 -43.47 -17.73 -50.09
N GLU K 182 -44.16 -16.87 -50.83
CA GLU K 182 -44.72 -15.68 -50.20
C GLU K 182 -45.82 -16.03 -49.22
N ILE K 183 -46.66 -17.01 -49.56
CA ILE K 183 -47.68 -17.45 -48.63
C ILE K 183 -47.05 -18.01 -47.36
N LEU K 184 -46.04 -18.86 -47.52
CA LEU K 184 -45.32 -19.39 -46.36
C LEU K 184 -44.77 -18.27 -45.49
N LYS K 185 -44.15 -17.27 -46.11
CA LYS K 185 -43.55 -16.18 -45.33
C LYS K 185 -44.60 -15.36 -44.61
N GLU K 186 -45.69 -15.01 -45.28
CA GLU K 186 -46.67 -14.12 -44.68
C GLU K 186 -47.54 -14.82 -43.65
N VAL K 187 -48.06 -16.01 -43.97
CA VAL K 187 -48.99 -16.67 -43.07
C VAL K 187 -48.26 -17.45 -41.99
N TRP K 188 -47.26 -18.25 -42.35
CA TRP K 188 -46.58 -19.08 -41.35
C TRP K 188 -45.28 -18.50 -40.83
N GLY K 189 -44.72 -17.48 -41.49
CA GLY K 189 -43.44 -16.97 -41.04
C GLY K 189 -42.29 -17.95 -41.16
N TYR K 190 -42.44 -19.01 -41.94
CA TYR K 190 -41.43 -20.03 -42.07
C TYR K 190 -40.38 -19.62 -43.11
N ASP K 191 -39.29 -20.37 -43.13
CA ASP K 191 -38.30 -20.14 -44.16
C ASP K 191 -38.88 -20.49 -45.53
N PRO K 192 -38.57 -19.68 -46.56
CA PRO K 192 -38.97 -20.00 -47.93
C PRO K 192 -38.76 -21.44 -48.39
N ASP K 193 -37.79 -22.13 -47.80
CA ASP K 193 -37.47 -23.48 -48.24
C ASP K 193 -38.24 -24.55 -47.50
N ASP K 194 -39.12 -24.16 -46.58
CA ASP K 194 -39.90 -25.17 -45.88
C ASP K 194 -40.94 -25.77 -46.82
N ASP K 195 -41.53 -26.89 -46.38
CA ASP K 195 -42.46 -27.65 -47.22
C ASP K 195 -43.70 -26.84 -47.59
N ILE K 196 -43.89 -26.60 -48.90
CA ILE K 196 -45.06 -25.87 -49.38
C ILE K 196 -46.31 -26.73 -49.47
N GLU K 197 -46.19 -28.04 -49.25
CA GLU K 197 -47.33 -28.95 -49.42
C GLU K 197 -48.50 -28.57 -48.53
N THR K 198 -48.23 -28.03 -47.35
CA THR K 198 -49.30 -27.59 -46.47
C THR K 198 -50.20 -26.58 -47.15
N ILE K 199 -49.61 -25.64 -47.89
CA ILE K 199 -50.41 -24.65 -48.60
C ILE K 199 -51.35 -25.34 -49.58
N ARG K 200 -50.84 -26.34 -50.30
CA ARG K 200 -51.66 -27.01 -51.28
C ARG K 200 -52.91 -27.59 -50.65
N VAL K 201 -52.80 -28.09 -49.42
CA VAL K 201 -53.97 -28.61 -48.73
C VAL K 201 -54.98 -27.49 -48.46
N HIS K 202 -54.53 -26.41 -47.83
CA HIS K 202 -55.48 -25.38 -47.39
C HIS K 202 -56.15 -24.64 -48.54
N ILE K 203 -55.45 -24.44 -49.66
CA ILE K 203 -56.10 -23.87 -50.83
C ILE K 203 -57.28 -24.75 -51.23
N ARG K 204 -57.11 -26.06 -51.11
CA ARG K 204 -58.21 -26.94 -51.49
C ARG K 204 -59.42 -26.76 -50.60
N HIS K 205 -59.21 -26.61 -49.30
CA HIS K 205 -60.35 -26.34 -48.45
C HIS K 205 -61.03 -25.05 -48.84
N LEU K 206 -60.25 -23.99 -49.09
CA LEU K 206 -60.89 -22.76 -49.53
C LEU K 206 -61.74 -23.01 -50.76
N ARG K 207 -61.21 -23.75 -51.74
CA ARG K 207 -62.03 -24.04 -52.91
C ARG K 207 -63.28 -24.82 -52.54
N THR K 208 -63.15 -25.80 -51.65
CA THR K 208 -64.32 -26.57 -51.24
C THR K 208 -65.36 -25.68 -50.60
N LYS K 209 -64.91 -24.64 -49.88
CA LYS K 209 -65.88 -23.76 -49.26
C LYS K 209 -66.39 -22.71 -50.22
N LEU K 210 -65.59 -22.27 -51.19
CA LEU K 210 -65.99 -21.08 -51.91
C LEU K 210 -66.39 -21.32 -53.35
N GLU K 211 -65.79 -22.29 -54.02
CA GLU K 211 -66.14 -22.49 -55.42
C GLU K 211 -67.42 -23.31 -55.53
N PRO K 212 -68.24 -23.03 -56.56
CA PRO K 212 -69.35 -23.95 -56.87
C PRO K 212 -68.91 -25.35 -57.22
N ASP K 213 -67.83 -25.53 -57.97
CA ASP K 213 -67.26 -26.85 -58.23
C ASP K 213 -65.78 -26.83 -57.90
N PRO K 214 -65.36 -27.47 -56.81
CA PRO K 214 -63.93 -27.48 -56.45
C PRO K 214 -63.04 -28.12 -57.49
N ARG K 215 -63.57 -28.97 -58.38
CA ARG K 215 -62.72 -29.57 -59.39
C ARG K 215 -62.44 -28.63 -60.54
N HIS K 216 -63.30 -27.65 -60.75
CA HIS K 216 -63.09 -26.63 -61.77
C HIS K 216 -63.13 -25.26 -61.10
N PRO K 217 -62.13 -24.96 -60.27
CA PRO K 217 -62.18 -23.74 -59.47
C PRO K 217 -62.13 -22.52 -60.37
N ARG K 218 -63.07 -21.61 -60.15
CA ARG K 218 -63.18 -20.41 -60.99
C ARG K 218 -62.41 -19.21 -60.44
N TYR K 219 -62.40 -19.01 -59.12
CA TYR K 219 -61.87 -17.81 -58.50
C TYR K 219 -60.48 -18.02 -57.91
N ILE K 220 -60.27 -19.15 -57.22
CA ILE K 220 -58.96 -19.48 -56.65
C ILE K 220 -58.27 -20.36 -57.68
N LYS K 221 -57.55 -19.72 -58.60
CA LYS K 221 -56.91 -20.39 -59.71
C LYS K 221 -55.51 -20.86 -59.33
N THR K 222 -55.10 -21.99 -59.92
CA THR K 222 -53.72 -22.45 -59.85
C THR K 222 -52.98 -22.01 -61.11
N VAL K 223 -51.90 -21.25 -60.94
CA VAL K 223 -51.01 -20.88 -62.02
C VAL K 223 -49.78 -21.78 -61.92
N TYR K 224 -49.73 -22.82 -62.75
CA TYR K 224 -48.65 -23.81 -62.64
C TYR K 224 -47.29 -23.15 -62.73
N GLY K 225 -46.45 -23.44 -61.73
CA GLY K 225 -45.12 -22.86 -61.65
C GLY K 225 -45.07 -21.48 -61.04
N ALA K 226 -46.20 -20.86 -60.75
CA ALA K 226 -46.19 -19.52 -60.20
C ALA K 226 -46.90 -19.42 -58.85
N GLY K 227 -47.99 -20.16 -58.67
CA GLY K 227 -48.66 -20.14 -57.39
C GLY K 227 -50.16 -20.15 -57.53
N TYR K 228 -50.82 -19.30 -56.77
CA TYR K 228 -52.26 -19.23 -56.73
C TYR K 228 -52.67 -17.78 -56.94
N CYS K 229 -53.83 -17.59 -57.56
CA CYS K 229 -54.34 -16.25 -57.82
C CYS K 229 -55.80 -16.23 -57.43
N LEU K 230 -56.20 -15.21 -56.70
CA LEU K 230 -57.62 -14.97 -56.42
C LEU K 230 -58.15 -13.96 -57.41
N GLU K 231 -59.01 -14.43 -58.30
CA GLU K 231 -59.68 -13.58 -59.29
C GLU K 231 -61.15 -13.49 -58.92
N LEU K 232 -61.59 -12.29 -58.56
CA LEU K 232 -62.96 -11.99 -58.16
C LEU K 232 -63.63 -11.12 -59.20
N PRO K 233 -64.91 -11.35 -59.50
CA PRO K 233 -65.63 -10.44 -60.38
C PRO K 233 -65.79 -9.08 -59.73
N ALA K 234 -65.74 -8.05 -60.56
CA ALA K 234 -66.05 -6.70 -60.10
C ALA K 234 -67.51 -6.62 -59.67
N GLU K 235 -67.79 -5.68 -58.76
CA GLU K 235 -69.14 -5.52 -58.22
C GLU K 235 -70.18 -5.38 -59.33
N THR K 236 -69.78 -4.83 -60.46
CA THR K 236 -70.71 -4.67 -61.58
C THR K 236 -71.17 -6.00 -62.16
N GLU K 237 -70.47 -7.10 -61.86
CA GLU K 237 -70.79 -8.39 -62.46
C GLU K 237 -71.46 -9.36 -61.49
N LEU K 238 -71.71 -8.95 -60.25
CA LEU K 238 -72.20 -9.88 -59.23
C LEU K 238 -73.52 -10.52 -59.63
N HIS K 239 -74.37 -9.77 -60.33
CA HIS K 239 -75.70 -10.20 -60.70
C HIS K 239 -75.69 -11.37 -61.68
N GLN K 240 -74.58 -11.59 -62.35
CA GLN K 240 -74.41 -12.67 -63.31
C GLN K 240 -73.85 -13.93 -62.68
N HIS K 241 -73.40 -13.86 -61.44
CA HIS K 241 -72.71 -14.95 -60.80
C HIS K 241 -73.54 -15.60 -59.69
#